data_5EVM
#
_entry.id   5EVM
#
_cell.length_a   355.750
_cell.length_b   355.750
_cell.length_c   168.859
_cell.angle_alpha   90.00
_cell.angle_beta   90.00
_cell.angle_gamma   120.00
#
_symmetry.space_group_name_H-M   'H 3'
#
loop_
_entity.id
_entity.type
_entity.pdbx_description
1 polymer 'Fusion glycoprotein F0'
2 branched alpha-D-mannopyranose-(1-2)-[alpha-D-mannopyranose-(1-6)]beta-D-mannopyranose-(1-4)-2-acetamido-2-deoxy-beta-D-glucopyranose-(1-4)-2-acetamido-2-deoxy-beta-D-glucopyranose
3 branched 2-acetamido-2-deoxy-beta-D-glucopyranose-(1-4)-2-acetamido-2-deoxy-beta-D-glucopyranose
4 branched alpha-D-mannopyranose-(1-4)-2-acetamido-2-deoxy-beta-D-glucopyranose-(1-4)-2-acetamido-2-deoxy-beta-D-glucopyranose
5 branched alpha-D-mannopyranose-(1-3)-[alpha-D-mannopyranose-(1-6)]alpha-D-mannopyranose-(1-4)-2-acetamido-2-deoxy-beta-D-glucopyranose-(1-4)-2-acetamido-2-deoxy-beta-D-glucopyranose
6 branched alpha-D-mannopyranose-(1-2)-[alpha-D-mannopyranose-(1-6)]alpha-D-mannopyranose-(1-4)-2-acetamido-2-deoxy-beta-D-glucopyranose-(1-4)-2-acetamido-2-deoxy-beta-D-glucopyranose
7 branched alpha-D-mannopyranose-(1-6)-alpha-D-mannopyranose-(1-4)-2-acetamido-2-deoxy-beta-D-glucopyranose-(1-4)-2-acetamido-2-deoxy-beta-D-glucopyranose
8 branched alpha-D-mannopyranose-(1-3)-alpha-D-mannopyranose-(1-4)-2-acetamido-2-deoxy-beta-D-glucopyranose-(1-4)-2-acetamido-2-deoxy-beta-D-glucopyranose
9 non-polymer 'MALONATE ION'
#
_entity_poly.entity_id   1
_entity_poly.type   'polypeptide(L)'
_entity_poly.pdbx_seq_one_letter_code
;MVVILDKRCYCNLLILILMISECSVGILHYEKLSKIGLVKGVTRKYKIKSNPLTKDIVIKMIPNVSDMSQCTGSVMENYK
TRLNGILTPIKGALEIYKNNTHDLVGDVRLAGVIMAGVAIGIATAAQITAGVALYEAMKNADNINKLKSSIESTNEAVVK
LQETAEKTVYVLTALQDYINTNLVPTIDKISCKQTELSLDLALSKYLSDLLFVFGPNLQDPVSNSMTIQAISQAFGGNYE
TLLRTLGYATEDFDDLLESDSITGQIIYVDLSSYYIIVRVYFPILTEIQQAYIQELLPVSFNNDDSEWISIVPNFILVRN
TLISNIEIGFCLITKRSVICNQDYATPMTNNMRECLTGSTEKCPRELVVSSHVPRFALSNGVLFANCISVTCQCQTTGRA
ISQSGEQTLLMIDNTTCPTAVLGNVIISLGKYLGSVNYNSEGIAIGPPVFTDKVDISSQISSMNQSLQQSKDYIKEAQRL
LDTVNPSLKLMKQIEDKIEEILSKIYHIENEIARIKKLIGEAPGGIEGR
;
_entity_poly.pdbx_strand_id   A,B,C,D,E,F
#
# COMPACT_ATOMS: atom_id res chain seq x y z
N ILE A 27 21.73 45.15 38.17
CA ILE A 27 21.33 44.82 39.56
C ILE A 27 21.67 43.37 39.85
N LEU A 28 22.65 42.86 39.09
CA LEU A 28 23.13 41.50 39.20
C LEU A 28 24.32 41.53 40.14
N HIS A 29 24.63 40.40 40.77
CA HIS A 29 25.76 40.34 41.69
C HIS A 29 27.01 39.87 40.94
N TYR A 30 27.53 40.75 40.10
CA TYR A 30 28.69 40.45 39.28
C TYR A 30 29.87 39.76 39.98
N GLU A 31 30.16 40.09 41.25
CA GLU A 31 31.30 39.44 41.90
C GLU A 31 31.08 37.95 42.04
N LYS A 32 29.99 37.57 42.69
CA LYS A 32 29.74 36.15 42.85
C LYS A 32 29.64 35.48 41.48
N LEU A 33 28.97 36.15 40.53
CA LEU A 33 28.80 35.58 39.20
C LEU A 33 30.14 35.26 38.54
N SER A 34 31.09 36.19 38.64
CA SER A 34 32.40 35.98 38.04
C SER A 34 33.09 34.76 38.65
N LYS A 35 32.90 34.55 39.95
CA LYS A 35 33.54 33.42 40.61
C LYS A 35 33.09 32.08 40.06
N ILE A 36 32.00 32.06 39.29
CA ILE A 36 31.54 30.81 38.69
C ILE A 36 31.59 30.93 37.17
N GLY A 37 32.61 31.64 36.69
CA GLY A 37 32.81 31.75 35.26
C GLY A 37 31.96 32.66 34.43
N LEU A 38 31.21 33.54 35.06
CA LEU A 38 30.38 34.47 34.31
C LEU A 38 30.93 35.88 34.52
N VAL A 39 31.99 36.19 33.78
CA VAL A 39 32.65 37.48 33.86
C VAL A 39 31.80 38.59 33.28
N LYS A 40 31.78 39.75 33.91
CA LYS A 40 30.97 40.85 33.41
C LYS A 40 31.49 41.43 32.09
N GLY A 41 30.62 41.47 31.08
CA GLY A 41 31.01 41.98 29.79
C GLY A 41 30.45 43.35 29.49
N VAL A 42 30.29 43.66 28.21
CA VAL A 42 29.79 44.95 27.78
C VAL A 42 28.30 45.13 27.99
N THR A 43 27.90 46.33 28.40
CA THR A 43 26.47 46.62 28.62
C THR A 43 25.93 47.42 27.42
N ARG A 44 24.90 46.90 26.76
CA ARG A 44 24.35 47.59 25.60
C ARG A 44 22.93 48.13 25.79
N LYS A 45 22.57 49.11 24.97
CA LYS A 45 21.24 49.72 25.03
C LYS A 45 20.26 48.79 24.30
N TYR A 46 18.96 48.99 24.52
CA TYR A 46 17.94 48.15 23.90
C TYR A 46 17.05 48.99 22.97
N LYS A 47 17.35 48.96 21.67
CA LYS A 47 16.58 49.71 20.68
C LYS A 47 15.63 48.81 19.88
N ILE A 48 14.45 49.34 19.55
CA ILE A 48 13.44 48.61 18.78
C ILE A 48 12.91 49.50 17.66
N LYS A 49 12.44 48.91 16.57
CA LYS A 49 11.95 49.71 15.47
C LYS A 49 10.56 50.27 15.79
N SER A 50 10.16 51.33 15.09
CA SER A 50 8.85 51.97 15.32
C SER A 50 8.55 53.16 14.39
N ASN A 51 7.30 53.62 14.42
CA ASN A 51 6.83 54.77 13.62
C ASN A 51 7.36 54.76 12.20
N PRO A 52 7.02 53.73 11.43
CA PRO A 52 7.49 53.66 10.05
C PRO A 52 6.98 54.81 9.19
N LEU A 53 7.66 55.05 8.08
CA LEU A 53 7.27 56.08 7.13
C LEU A 53 7.27 55.40 5.77
N THR A 54 6.09 55.23 5.19
CA THR A 54 6.00 54.57 3.90
C THR A 54 6.51 55.38 2.72
N LYS A 55 6.72 54.67 1.62
CA LYS A 55 7.18 55.23 0.34
C LYS A 55 6.87 54.09 -0.63
N ASP A 56 6.31 54.39 -1.80
CA ASP A 56 5.95 53.33 -2.73
C ASP A 56 6.76 53.29 -4.01
N ILE A 57 7.07 52.08 -4.47
CA ILE A 57 7.76 51.95 -5.75
C ILE A 57 7.22 50.75 -6.50
N VAL A 58 7.44 50.76 -7.80
CA VAL A 58 6.98 49.71 -8.69
C VAL A 58 8.13 48.86 -9.17
N ILE A 59 7.88 47.56 -9.24
CA ILE A 59 8.87 46.58 -9.70
C ILE A 59 8.24 45.81 -10.88
N LYS A 60 8.74 46.08 -12.08
CA LYS A 60 8.23 45.40 -13.26
C LYS A 60 9.05 44.13 -13.44
N MET A 61 8.38 42.99 -13.35
CA MET A 61 9.06 41.70 -13.48
C MET A 61 9.03 41.10 -14.89
N ILE A 62 9.19 41.96 -15.89
CA ILE A 62 9.21 41.55 -17.29
C ILE A 62 10.05 42.59 -18.02
N PRO A 63 11.22 42.19 -18.51
CA PRO A 63 12.11 43.12 -19.22
C PRO A 63 11.47 43.64 -20.49
N ASN A 64 11.85 44.86 -20.89
CA ASN A 64 11.31 45.42 -22.12
C ASN A 64 12.22 45.00 -23.26
N VAL A 65 11.71 44.17 -24.15
CA VAL A 65 12.48 43.66 -25.27
C VAL A 65 12.12 44.25 -26.62
N SER A 66 11.48 45.41 -26.63
CA SER A 66 11.10 46.05 -27.90
C SER A 66 12.31 46.31 -28.80
N ASP A 67 13.48 46.46 -28.20
CA ASP A 67 14.72 46.71 -28.94
C ASP A 67 15.20 45.51 -29.74
N MET A 68 14.67 44.34 -29.42
CA MET A 68 15.05 43.12 -30.12
C MET A 68 13.85 42.22 -30.37
N SER A 69 12.73 42.87 -30.69
CA SER A 69 11.46 42.22 -30.96
C SER A 69 11.53 41.10 -32.00
N GLN A 70 12.62 41.04 -32.76
CA GLN A 70 12.77 40.01 -33.78
C GLN A 70 13.35 38.71 -33.24
N CYS A 71 14.37 38.81 -32.39
CA CYS A 71 15.00 37.62 -31.83
C CYS A 71 14.33 37.18 -30.53
N THR A 72 13.01 37.30 -30.50
CA THR A 72 12.21 36.91 -29.34
C THR A 72 11.81 35.45 -29.40
N GLY A 73 10.79 35.17 -30.21
CA GLY A 73 10.30 33.81 -30.30
C GLY A 73 9.28 33.59 -29.20
N SER A 74 8.90 32.34 -28.99
CA SER A 74 7.92 32.01 -27.96
C SER A 74 8.37 32.40 -26.56
N VAL A 75 9.67 32.57 -26.37
CA VAL A 75 10.22 32.92 -25.07
C VAL A 75 9.36 33.87 -24.24
N MET A 76 9.20 35.09 -24.71
CA MET A 76 8.41 36.06 -23.96
C MET A 76 6.99 35.63 -23.68
N GLU A 77 6.45 34.78 -24.55
CA GLU A 77 5.07 34.32 -24.37
C GLU A 77 4.95 33.33 -23.22
N ASN A 78 5.82 32.33 -23.22
CA ASN A 78 5.82 31.32 -22.19
C ASN A 78 6.15 31.96 -20.86
N TYR A 79 7.18 32.78 -20.84
CA TYR A 79 7.57 33.46 -19.62
C TYR A 79 6.38 34.18 -18.99
N LYS A 80 5.54 34.78 -19.83
CA LYS A 80 4.36 35.50 -19.34
C LYS A 80 3.38 34.52 -18.68
N THR A 81 3.28 33.33 -19.26
CA THR A 81 2.38 32.32 -18.71
C THR A 81 2.90 31.87 -17.35
N ARG A 82 4.20 31.60 -17.29
CA ARG A 82 4.86 31.15 -16.07
C ARG A 82 4.71 32.15 -14.93
N LEU A 83 5.01 33.41 -15.25
CA LEU A 83 4.93 34.50 -14.28
C LEU A 83 3.49 34.74 -13.82
N ASN A 84 2.55 34.68 -14.76
CA ASN A 84 1.16 34.89 -14.41
C ASN A 84 0.76 33.79 -13.44
N GLY A 85 1.47 32.67 -13.55
CA GLY A 85 1.18 31.54 -12.69
C GLY A 85 1.49 31.84 -11.25
N ILE A 86 2.73 32.27 -11.00
CA ILE A 86 3.16 32.57 -9.63
C ILE A 86 2.65 33.89 -9.08
N LEU A 87 2.19 34.77 -9.96
CA LEU A 87 1.68 36.06 -9.51
C LEU A 87 0.20 36.02 -9.16
N THR A 88 -0.54 35.16 -9.84
CA THR A 88 -1.98 35.03 -9.63
C THR A 88 -2.42 34.80 -8.19
N PRO A 89 -1.85 33.79 -7.52
CA PRO A 89 -2.23 33.52 -6.14
C PRO A 89 -2.01 34.74 -5.25
N ILE A 90 -0.98 35.51 -5.54
CA ILE A 90 -0.68 36.69 -4.74
C ILE A 90 -1.77 37.73 -4.93
N LYS A 91 -2.10 38.02 -6.18
CA LYS A 91 -3.14 39.01 -6.47
C LYS A 91 -4.43 38.56 -5.81
N GLY A 92 -4.69 37.28 -5.90
CA GLY A 92 -5.90 36.75 -5.31
C GLY A 92 -5.97 37.05 -3.84
N ALA A 93 -4.98 36.58 -3.08
CA ALA A 93 -4.93 36.79 -1.64
C ALA A 93 -5.12 38.24 -1.22
N LEU A 94 -4.77 39.17 -2.12
CA LEU A 94 -4.92 40.57 -1.82
C LEU A 94 -6.36 41.03 -1.99
N GLU A 95 -7.05 40.46 -2.97
CA GLU A 95 -8.44 40.82 -3.21
C GLU A 95 -9.33 40.34 -2.09
N ILE A 96 -8.97 39.22 -1.49
CA ILE A 96 -9.74 38.65 -0.39
C ILE A 96 -9.88 39.67 0.73
N TYR A 97 -9.11 40.75 0.62
CA TYR A 97 -9.16 41.81 1.61
C TYR A 97 -9.71 43.10 1.01
N LYS A 98 -9.43 43.34 -0.26
CA LYS A 98 -9.93 44.54 -0.90
C LYS A 98 -11.46 44.48 -1.02
N ASN A 99 -11.99 43.27 -1.13
CA ASN A 99 -13.43 43.11 -1.25
C ASN A 99 -14.15 43.10 0.08
N ASN A 100 -13.46 43.45 1.16
CA ASN A 100 -14.12 43.45 2.46
C ASN A 100 -13.74 44.62 3.32
N THR A 101 -13.33 45.70 2.64
CA THR A 101 -12.95 46.93 3.34
C THR A 101 -13.64 48.11 2.63
N HIS A 102 -14.57 48.74 3.34
CA HIS A 102 -15.33 49.87 2.82
C HIS A 102 -15.10 51.04 3.77
N ASP A 103 -15.25 52.27 3.29
CA ASP A 103 -15.08 53.41 4.20
C ASP A 103 -16.13 53.37 5.28
N LEU A 104 -15.89 54.07 6.38
CA LEU A 104 -16.86 54.06 7.45
C LEU A 104 -17.66 55.35 7.40
N VAL A 105 -18.43 55.55 6.34
CA VAL A 105 -19.22 56.77 6.21
C VAL A 105 -20.41 56.76 7.16
N GLY A 106 -20.54 57.81 7.97
CA GLY A 106 -21.66 57.88 8.88
C GLY A 106 -21.30 58.05 10.34
N ASP A 107 -20.08 58.50 10.62
CA ASP A 107 -19.68 58.72 12.01
C ASP A 107 -18.96 60.04 12.19
N VAL A 108 -19.40 60.76 13.23
CA VAL A 108 -18.88 62.08 13.60
C VAL A 108 -17.57 62.01 14.34
N ARG A 109 -17.48 61.04 15.25
CA ARG A 109 -16.29 60.85 16.08
C ARG A 109 -15.16 60.10 15.33
N LEU A 110 -15.40 58.82 15.04
CA LEU A 110 -14.43 57.95 14.36
C LEU A 110 -14.44 58.05 12.82
N ALA A 111 -13.25 58.02 12.24
CA ALA A 111 -13.09 58.08 10.78
C ALA A 111 -11.94 57.17 10.34
N GLY A 112 -12.25 56.22 9.46
CA GLY A 112 -11.25 55.29 8.97
C GLY A 112 -11.88 54.21 8.09
N VAL A 113 -11.36 52.99 8.20
CA VAL A 113 -11.85 51.86 7.41
C VAL A 113 -12.54 50.83 8.30
N ILE A 114 -13.34 49.97 7.67
CA ILE A 114 -14.04 48.92 8.39
C ILE A 114 -13.92 47.59 7.65
N MET A 115 -13.40 46.58 8.35
CA MET A 115 -13.20 45.23 7.79
C MET A 115 -14.46 44.39 7.92
N ALA A 116 -14.76 43.63 6.88
CA ALA A 116 -15.93 42.76 6.88
C ALA A 116 -15.57 41.49 7.64
N GLY A 117 -15.85 41.46 8.93
CA GLY A 117 -15.52 40.31 9.74
C GLY A 117 -16.05 38.96 9.29
N VAL A 118 -17.35 38.89 9.07
CA VAL A 118 -17.97 37.64 8.65
C VAL A 118 -17.38 37.20 7.33
N ALA A 119 -17.16 38.18 6.44
CA ALA A 119 -16.60 37.90 5.13
C ALA A 119 -15.19 37.33 5.24
N ILE A 120 -14.30 38.06 5.92
CA ILE A 120 -12.94 37.62 6.10
C ILE A 120 -12.86 36.26 6.77
N GLY A 121 -13.82 35.98 7.64
CA GLY A 121 -13.89 34.70 8.33
C GLY A 121 -12.86 34.39 9.39
N ILE A 122 -11.68 33.94 8.97
CA ILE A 122 -10.62 33.63 9.91
C ILE A 122 -9.40 34.44 9.53
N ALA A 123 -8.95 35.25 10.48
CA ALA A 123 -7.78 36.09 10.25
C ALA A 123 -7.04 36.23 11.57
N THR A 124 -5.74 36.46 11.47
CA THR A 124 -4.92 36.60 12.65
C THR A 124 -4.85 38.07 13.01
N ALA A 125 -4.53 38.35 14.27
CA ALA A 125 -4.43 39.73 14.75
C ALA A 125 -3.76 40.62 13.70
N ALA A 126 -2.48 40.33 13.48
CA ALA A 126 -1.63 41.07 12.56
C ALA A 126 -2.09 41.10 11.10
N GLN A 127 -2.59 39.98 10.60
CA GLN A 127 -3.03 39.93 9.22
C GLN A 127 -4.08 41.01 8.94
N ILE A 128 -5.03 41.21 9.85
CA ILE A 128 -6.06 42.22 9.67
C ILE A 128 -5.42 43.61 9.65
N THR A 129 -4.57 43.86 10.64
CA THR A 129 -3.90 45.15 10.72
C THR A 129 -3.16 45.47 9.44
N ALA A 130 -2.67 44.42 8.79
CA ALA A 130 -1.92 44.58 7.54
C ALA A 130 -2.88 44.93 6.42
N GLY A 131 -4.11 44.41 6.54
CA GLY A 131 -5.12 44.68 5.54
C GLY A 131 -5.55 46.13 5.64
N VAL A 132 -5.78 46.58 6.87
CA VAL A 132 -6.17 47.96 7.12
C VAL A 132 -5.11 48.83 6.48
N ALA A 133 -3.86 48.41 6.65
CA ALA A 133 -2.74 49.13 6.09
C ALA A 133 -2.77 49.09 4.57
N LEU A 134 -3.24 47.98 4.01
CA LEU A 134 -3.32 47.83 2.56
C LEU A 134 -4.29 48.81 1.95
N TYR A 135 -5.43 48.96 2.60
CA TYR A 135 -6.47 49.86 2.13
C TYR A 135 -5.96 51.28 1.94
N GLU A 136 -5.27 51.79 2.96
CA GLU A 136 -4.75 53.13 2.91
C GLU A 136 -3.64 53.30 1.89
N ALA A 137 -3.16 52.18 1.38
CA ALA A 137 -2.11 52.21 0.37
C ALA A 137 -2.80 52.31 -0.96
N MET A 138 -3.78 51.44 -1.13
CA MET A 138 -4.56 51.37 -2.34
C MET A 138 -4.85 52.74 -2.90
N LYS A 139 -5.27 53.67 -2.02
CA LYS A 139 -5.59 55.02 -2.47
C LYS A 139 -4.47 55.55 -3.38
N ASN A 140 -3.24 55.54 -2.89
CA ASN A 140 -2.11 56.03 -3.66
C ASN A 140 -1.73 55.04 -4.75
N ALA A 141 -2.15 53.80 -4.57
CA ALA A 141 -1.87 52.74 -5.51
C ALA A 141 -2.48 53.06 -6.86
N ASP A 142 -3.77 53.37 -6.85
CA ASP A 142 -4.51 53.69 -8.07
C ASP A 142 -3.91 54.91 -8.74
N ASN A 143 -3.40 55.82 -7.91
CA ASN A 143 -2.77 57.05 -8.38
C ASN A 143 -1.57 56.67 -9.27
N ILE A 144 -0.84 55.64 -8.86
CA ILE A 144 0.32 55.16 -9.59
C ILE A 144 -0.13 54.43 -10.85
N ASN A 145 -1.08 53.52 -10.69
CA ASN A 145 -1.61 52.73 -11.79
C ASN A 145 -2.01 53.60 -12.99
N LYS A 146 -2.33 54.86 -12.74
CA LYS A 146 -2.72 55.76 -13.81
C LYS A 146 -1.66 55.76 -14.92
N LEU A 147 -0.39 55.62 -14.54
CA LEU A 147 0.69 55.63 -15.52
C LEU A 147 0.97 54.23 -16.03
N LYS A 148 -0.03 53.36 -15.97
CA LYS A 148 0.16 51.97 -16.40
C LYS A 148 0.93 51.84 -17.71
N SER A 149 0.45 52.53 -18.74
CA SER A 149 1.10 52.49 -20.05
C SER A 149 2.54 53.00 -19.94
N SER A 150 2.72 54.05 -19.13
CA SER A 150 4.04 54.64 -18.93
C SER A 150 5.00 53.66 -18.27
N ILE A 151 4.46 52.75 -17.46
CA ILE A 151 5.29 51.76 -16.77
C ILE A 151 5.80 50.75 -17.77
N GLU A 152 4.92 50.27 -18.65
CA GLU A 152 5.33 49.27 -19.64
C GLU A 152 6.37 49.86 -20.55
N SER A 153 6.28 51.16 -20.77
CA SER A 153 7.21 51.88 -21.63
C SER A 153 8.65 51.77 -21.16
N THR A 154 8.84 51.81 -19.85
CA THR A 154 10.17 51.69 -19.25
C THR A 154 11.03 50.77 -20.10
N ASN A 155 12.29 51.16 -20.31
CA ASN A 155 13.18 50.32 -21.10
C ASN A 155 14.58 50.37 -20.46
N GLU A 156 14.62 50.91 -19.25
CA GLU A 156 15.86 51.03 -18.50
C GLU A 156 15.76 50.32 -17.13
N ALA A 157 16.91 50.04 -16.54
CA ALA A 157 16.96 49.38 -15.23
C ALA A 157 16.11 50.14 -14.24
N VAL A 158 16.55 51.36 -13.93
CA VAL A 158 15.85 52.21 -13.01
C VAL A 158 15.32 53.37 -13.82
N VAL A 159 14.03 53.65 -13.70
CA VAL A 159 13.40 54.74 -14.42
C VAL A 159 12.52 55.58 -13.49
N LYS A 160 12.49 56.89 -13.71
CA LYS A 160 11.69 57.76 -12.87
C LYS A 160 10.43 58.26 -13.57
N LEU A 161 9.29 58.15 -12.87
CA LEU A 161 8.00 58.60 -13.40
C LEU A 161 7.37 59.76 -12.60
N GLN A 162 6.39 60.42 -13.23
CA GLN A 162 5.65 61.56 -12.66
C GLN A 162 4.28 61.21 -12.06
N GLU A 163 4.23 60.96 -10.75
CA GLU A 163 2.97 60.60 -10.06
C GLU A 163 1.87 61.66 -10.08
N THR A 164 2.21 62.86 -9.60
CA THR A 164 1.27 63.98 -9.54
C THR A 164 2.00 65.34 -9.66
N ALA A 165 3.03 65.39 -10.50
CA ALA A 165 3.85 66.60 -10.71
C ALA A 165 4.93 66.71 -9.63
N GLU A 166 4.54 67.08 -8.40
CA GLU A 166 5.47 67.22 -7.24
C GLU A 166 5.86 65.87 -6.62
N LYS A 167 4.91 64.93 -6.66
CA LYS A 167 5.10 63.58 -6.11
C LYS A 167 5.53 62.69 -7.28
N THR A 168 6.50 61.81 -7.02
CA THR A 168 6.96 60.92 -8.08
C THR A 168 7.07 59.49 -7.59
N VAL A 169 7.05 58.57 -8.55
CA VAL A 169 7.19 57.17 -8.26
C VAL A 169 8.20 56.61 -9.25
N TYR A 170 8.92 55.61 -8.77
CA TYR A 170 9.97 54.96 -9.50
C TYR A 170 9.60 53.57 -10.01
N VAL A 171 10.27 53.13 -11.07
CA VAL A 171 10.02 51.81 -11.65
C VAL A 171 11.26 50.98 -12.01
N LEU A 172 11.55 49.97 -11.19
CA LEU A 172 12.67 49.07 -11.38
C LEU A 172 12.24 47.93 -12.28
N THR A 173 13.03 47.65 -13.31
CA THR A 173 12.68 46.56 -14.23
C THR A 173 13.69 45.41 -14.20
N ALA A 174 13.16 44.21 -14.01
CA ALA A 174 13.98 43.02 -13.91
C ALA A 174 14.68 42.64 -15.19
N LEU A 175 15.87 42.07 -15.05
CA LEU A 175 16.66 41.63 -16.19
C LEU A 175 16.80 42.67 -17.28
N GLN A 176 16.55 43.94 -16.96
CA GLN A 176 16.65 44.97 -17.97
C GLN A 176 18.11 45.22 -18.28
N ASP A 177 18.91 45.37 -17.24
CA ASP A 177 20.33 45.63 -17.43
C ASP A 177 20.96 44.61 -18.37
N TYR A 178 20.39 43.41 -18.42
CA TYR A 178 20.92 42.35 -19.29
C TYR A 178 20.54 42.63 -20.74
N ILE A 179 19.25 42.73 -20.98
CA ILE A 179 18.71 43.02 -22.30
C ILE A 179 19.46 44.15 -22.98
N ASN A 180 19.77 45.19 -22.20
CA ASN A 180 20.46 46.36 -22.73
C ASN A 180 21.96 46.25 -22.87
N THR A 181 22.66 45.87 -21.81
CA THR A 181 24.11 45.78 -21.85
C THR A 181 24.57 44.57 -22.65
N ASN A 182 23.92 43.42 -22.48
CA ASN A 182 24.39 42.25 -23.20
C ASN A 182 23.72 41.56 -24.38
N LEU A 183 22.40 41.66 -24.47
CA LEU A 183 21.69 41.01 -25.57
C LEU A 183 21.64 41.92 -26.79
N VAL A 184 21.30 43.18 -26.59
CA VAL A 184 21.22 44.16 -27.68
C VAL A 184 22.59 44.37 -28.35
N PRO A 185 23.63 44.71 -27.55
CA PRO A 185 25.00 44.94 -28.05
C PRO A 185 25.65 43.79 -28.83
N THR A 186 24.95 42.65 -28.90
CA THR A 186 25.46 41.50 -29.63
C THR A 186 24.28 40.89 -30.34
N ILE A 187 23.39 41.73 -30.87
CA ILE A 187 22.20 41.27 -31.56
C ILE A 187 22.57 40.56 -32.85
N ASP A 188 23.69 40.97 -33.44
CA ASP A 188 24.17 40.36 -34.66
C ASP A 188 25.48 39.66 -34.44
N LYS A 189 26.21 40.09 -33.42
CA LYS A 189 27.50 39.49 -33.10
C LYS A 189 27.37 37.96 -32.97
N ILE A 190 26.19 37.49 -32.59
CA ILE A 190 25.93 36.05 -32.45
C ILE A 190 24.96 35.54 -33.51
N SER A 191 23.66 35.53 -33.20
CA SER A 191 22.66 35.10 -34.16
C SER A 191 21.33 35.61 -33.67
N CYS A 192 20.25 34.97 -34.08
CA CYS A 192 18.92 35.39 -33.65
C CYS A 192 18.32 34.21 -32.91
N LYS A 193 18.88 33.03 -33.16
CA LYS A 193 18.42 31.83 -32.49
C LYS A 193 19.14 31.77 -31.14
N GLN A 194 20.31 32.39 -31.07
CA GLN A 194 21.11 32.43 -29.85
C GLN A 194 20.69 33.62 -29.00
N THR A 195 20.42 34.75 -29.64
CA THR A 195 19.96 35.91 -28.90
C THR A 195 18.66 35.54 -28.22
N GLU A 196 18.01 34.51 -28.76
CA GLU A 196 16.76 34.02 -28.20
C GLU A 196 17.03 33.03 -27.06
N LEU A 197 17.93 32.08 -27.29
CA LEU A 197 18.29 31.09 -26.28
C LEU A 197 18.77 31.76 -25.00
N SER A 198 19.70 32.70 -25.13
CA SER A 198 20.24 33.40 -23.97
C SER A 198 19.22 34.20 -23.20
N LEU A 199 18.19 34.69 -23.88
CA LEU A 199 17.15 35.44 -23.20
C LEU A 199 16.26 34.49 -22.44
N ASP A 200 16.09 33.29 -22.97
CA ASP A 200 15.27 32.31 -22.27
C ASP A 200 15.93 31.92 -20.96
N LEU A 201 17.23 31.66 -21.01
CA LEU A 201 17.96 31.29 -19.81
C LEU A 201 17.87 32.39 -18.75
N ALA A 202 18.25 33.62 -19.10
CA ALA A 202 18.20 34.70 -18.12
C ALA A 202 16.82 34.82 -17.47
N LEU A 203 15.76 34.50 -18.21
CA LEU A 203 14.41 34.56 -17.65
C LEU A 203 14.14 33.39 -16.72
N SER A 204 14.53 32.19 -17.16
CA SER A 204 14.34 30.98 -16.37
C SER A 204 15.13 31.06 -15.06
N LYS A 205 16.35 31.57 -15.13
CA LYS A 205 17.17 31.69 -13.94
C LYS A 205 16.54 32.68 -12.98
N TYR A 206 16.09 33.82 -13.51
CA TYR A 206 15.44 34.83 -12.68
C TYR A 206 14.26 34.21 -11.95
N LEU A 207 13.49 33.39 -12.66
CA LEU A 207 12.35 32.73 -12.03
C LEU A 207 12.83 31.76 -10.97
N SER A 208 13.93 31.07 -11.25
CA SER A 208 14.49 30.12 -10.30
C SER A 208 14.80 30.76 -8.94
N ASP A 209 15.31 31.98 -8.96
CA ASP A 209 15.65 32.68 -7.72
C ASP A 209 14.43 33.39 -7.16
N LEU A 210 13.57 33.86 -8.06
CA LEU A 210 12.36 34.56 -7.67
C LEU A 210 11.38 33.67 -6.88
N LEU A 211 11.42 32.36 -7.10
CA LEU A 211 10.50 31.44 -6.42
C LEU A 211 10.72 31.28 -4.93
N PHE A 212 11.96 31.43 -4.51
CA PHE A 212 12.28 31.27 -3.11
C PHE A 212 11.44 32.21 -2.26
N VAL A 213 11.07 33.35 -2.82
CA VAL A 213 10.32 34.32 -2.06
C VAL A 213 8.86 34.55 -2.46
N PHE A 214 8.59 34.49 -3.76
CA PHE A 214 7.23 34.70 -4.26
C PHE A 214 6.53 33.40 -4.64
N GLY A 215 7.23 32.28 -4.42
CA GLY A 215 6.69 30.97 -4.72
C GLY A 215 5.52 30.65 -3.82
N PRO A 216 5.19 29.37 -3.61
CA PRO A 216 4.05 29.08 -2.74
C PRO A 216 4.42 29.45 -1.32
N ASN A 217 5.70 29.72 -1.14
CA ASN A 217 6.23 30.12 0.15
C ASN A 217 5.41 31.29 0.69
N LEU A 218 5.21 32.27 -0.18
CA LEU A 218 4.47 33.49 0.14
C LEU A 218 2.98 33.19 0.30
N GLN A 219 2.62 32.51 1.38
CA GLN A 219 1.22 32.17 1.66
C GLN A 219 0.36 33.37 2.06
N ASP A 220 0.90 34.24 2.89
CA ASP A 220 0.17 35.43 3.35
C ASP A 220 0.86 36.73 2.88
N PRO A 221 0.36 37.31 1.77
CA PRO A 221 0.89 38.55 1.19
C PRO A 221 0.25 39.76 1.83
N VAL A 222 -0.75 39.49 2.67
CA VAL A 222 -1.43 40.55 3.35
C VAL A 222 -0.52 41.17 4.39
N SER A 223 0.12 40.35 5.23
CA SER A 223 1.05 40.88 6.24
C SER A 223 2.17 41.78 5.65
N ASN A 224 2.80 42.60 6.48
CA ASN A 224 3.86 43.46 5.98
C ASN A 224 5.13 43.30 6.79
N SER A 225 5.40 42.07 7.19
CA SER A 225 6.58 41.76 7.98
C SER A 225 7.68 41.15 7.11
N MET A 226 7.57 41.34 5.81
CA MET A 226 8.56 40.79 4.92
C MET A 226 9.76 41.70 4.72
N THR A 227 10.94 41.14 4.92
CA THR A 227 12.16 41.92 4.77
C THR A 227 12.23 42.54 3.38
N ILE A 228 12.86 43.72 3.27
CA ILE A 228 13.01 44.41 1.98
C ILE A 228 13.97 43.67 1.08
N GLN A 229 14.96 43.01 1.69
CA GLN A 229 15.94 42.24 0.94
C GLN A 229 15.23 41.05 0.28
N ALA A 230 14.21 40.55 0.96
CA ALA A 230 13.47 39.42 0.43
C ALA A 230 12.72 39.89 -0.81
N ILE A 231 12.00 40.99 -0.68
CA ILE A 231 11.23 41.53 -1.79
C ILE A 231 12.11 41.88 -2.96
N SER A 232 13.29 42.42 -2.68
CA SER A 232 14.21 42.81 -3.74
C SER A 232 14.64 41.66 -4.65
N GLN A 233 14.21 40.44 -4.33
CA GLN A 233 14.55 39.30 -5.18
C GLN A 233 13.88 39.47 -6.53
N ALA A 234 12.78 40.22 -6.53
CA ALA A 234 12.04 40.50 -7.73
C ALA A 234 12.89 41.39 -8.61
N PHE A 235 13.86 42.06 -8.00
CA PHE A 235 14.74 42.93 -8.75
C PHE A 235 16.19 42.41 -8.70
N GLY A 236 16.35 41.09 -8.66
CA GLY A 236 17.68 40.50 -8.64
C GLY A 236 18.45 40.70 -7.34
N GLY A 237 17.70 40.92 -6.26
CA GLY A 237 18.30 41.09 -4.95
C GLY A 237 19.15 42.32 -4.80
N ASN A 238 19.01 43.26 -5.73
CA ASN A 238 19.78 44.49 -5.65
C ASN A 238 19.03 45.45 -4.76
N TYR A 239 18.84 45.06 -3.50
CA TYR A 239 18.12 45.91 -2.56
C TYR A 239 18.83 47.23 -2.30
N GLU A 240 20.12 47.31 -2.67
CA GLU A 240 20.86 48.56 -2.48
C GLU A 240 20.25 49.62 -3.41
N THR A 241 20.20 49.31 -4.70
CA THR A 241 19.63 50.23 -5.69
C THR A 241 18.17 50.54 -5.32
N LEU A 242 17.41 49.53 -4.95
CA LEU A 242 16.00 49.74 -4.59
C LEU A 242 15.83 50.73 -3.46
N LEU A 243 16.78 50.73 -2.53
CA LEU A 243 16.73 51.64 -1.39
C LEU A 243 17.36 52.99 -1.76
N ARG A 244 18.58 52.97 -2.28
CA ARG A 244 19.25 54.21 -2.69
C ARG A 244 18.27 55.03 -3.54
N THR A 245 17.66 54.37 -4.52
CA THR A 245 16.72 55.00 -5.43
C THR A 245 15.42 55.37 -4.77
N LEU A 246 15.28 55.07 -3.49
CA LEU A 246 14.04 55.37 -2.80
C LEU A 246 14.17 56.48 -1.77
N GLY A 247 15.40 56.78 -1.37
CA GLY A 247 15.65 57.81 -0.38
C GLY A 247 15.56 57.31 1.04
N TYR A 248 16.70 57.22 1.71
CA TYR A 248 16.71 56.76 3.08
C TYR A 248 17.38 57.71 4.07
N ALA A 249 16.81 57.78 5.28
CA ALA A 249 17.31 58.65 6.35
C ALA A 249 18.73 58.23 6.72
N THR A 250 19.58 59.21 7.01
CA THR A 250 20.97 58.94 7.35
C THR A 250 21.11 58.01 8.58
N GLU A 251 20.34 58.31 9.62
CA GLU A 251 20.39 57.59 10.88
C GLU A 251 19.94 56.14 11.05
N ASP A 252 20.79 55.36 11.72
CA ASP A 252 20.59 53.93 12.02
C ASP A 252 20.15 53.18 10.76
N PHE A 253 20.65 53.56 9.59
CA PHE A 253 20.22 52.91 8.36
C PHE A 253 20.71 51.49 8.16
N ASP A 254 22.02 51.25 8.21
CA ASP A 254 22.52 49.87 8.06
C ASP A 254 22.04 49.02 9.24
N ASP A 255 22.01 49.62 10.43
CA ASP A 255 21.57 48.93 11.64
C ASP A 255 20.10 48.55 11.51
N LEU A 256 19.36 49.28 10.68
CA LEU A 256 17.96 48.99 10.46
C LEU A 256 17.82 47.88 9.42
N LEU A 257 18.77 47.81 8.49
CA LEU A 257 18.74 46.79 7.47
C LEU A 257 19.03 45.43 8.06
N GLU A 258 20.16 45.34 8.75
CA GLU A 258 20.59 44.10 9.38
C GLU A 258 19.66 43.59 10.46
N SER A 259 18.96 44.50 11.14
CA SER A 259 18.07 44.10 12.22
C SER A 259 16.71 43.72 11.65
N ASP A 260 16.64 43.63 10.33
CA ASP A 260 15.40 43.28 9.64
C ASP A 260 14.24 44.11 10.15
N SER A 261 14.30 45.40 9.85
CA SER A 261 13.26 46.33 10.27
C SER A 261 12.69 47.04 9.06
N ILE A 262 13.49 47.10 8.01
CA ILE A 262 13.04 47.73 6.78
C ILE A 262 12.23 46.70 6.00
N THR A 263 10.94 46.63 6.30
CA THR A 263 10.05 45.67 5.67
C THR A 263 9.36 46.27 4.43
N GLY A 264 8.65 45.41 3.71
CA GLY A 264 7.91 45.83 2.54
C GLY A 264 6.57 45.11 2.46
N GLN A 265 5.64 45.63 1.67
CA GLN A 265 4.35 44.97 1.54
C GLN A 265 3.80 45.11 0.13
N ILE A 266 3.28 44.00 -0.41
CA ILE A 266 2.71 44.02 -1.75
C ILE A 266 1.37 44.75 -1.67
N ILE A 267 1.24 45.80 -2.48
CA ILE A 267 0.03 46.61 -2.51
C ILE A 267 -0.86 46.22 -3.68
N TYR A 268 -0.25 46.09 -4.85
CA TYR A 268 -0.99 45.76 -6.07
C TYR A 268 -0.20 44.85 -7.03
N VAL A 269 -0.93 44.02 -7.78
CA VAL A 269 -0.34 43.09 -8.73
C VAL A 269 -1.05 43.18 -10.07
N ASP A 270 -0.33 43.62 -11.10
CA ASP A 270 -0.91 43.76 -12.45
C ASP A 270 -0.53 42.56 -13.30
N LEU A 271 -1.50 41.66 -13.52
CA LEU A 271 -1.29 40.45 -14.31
C LEU A 271 -1.23 40.66 -15.83
N SER A 272 -1.38 41.92 -16.25
CA SER A 272 -1.32 42.27 -17.68
C SER A 272 0.09 42.71 -18.02
N SER A 273 0.50 43.81 -17.39
CA SER A 273 1.80 44.39 -17.62
C SER A 273 2.92 43.70 -16.82
N TYR A 274 2.53 42.96 -15.79
CA TYR A 274 3.47 42.22 -14.96
C TYR A 274 4.42 43.07 -14.14
N TYR A 275 3.85 43.81 -13.20
CA TYR A 275 4.61 44.65 -12.30
C TYR A 275 3.83 44.68 -11.00
N ILE A 276 4.49 45.00 -9.91
CA ILE A 276 3.83 45.05 -8.61
C ILE A 276 4.20 46.35 -7.92
N ILE A 277 3.33 46.80 -7.01
CA ILE A 277 3.60 48.01 -6.27
C ILE A 277 3.86 47.65 -4.81
N VAL A 278 5.08 47.85 -4.34
CA VAL A 278 5.43 47.53 -2.95
C VAL A 278 5.55 48.80 -2.13
N ARG A 279 5.07 48.72 -0.89
CA ARG A 279 5.14 49.85 0.01
C ARG A 279 6.23 49.55 1.03
N VAL A 280 7.34 50.25 0.92
CA VAL A 280 8.46 50.07 1.82
C VAL A 280 8.25 50.83 3.14
N TYR A 281 8.34 50.13 4.26
CA TYR A 281 8.18 50.78 5.56
C TYR A 281 9.56 51.07 6.17
N PHE A 282 9.87 52.35 6.44
CA PHE A 282 11.14 52.74 7.06
C PHE A 282 10.90 53.17 8.52
N PRO A 283 11.12 52.27 9.49
CA PRO A 283 10.90 52.67 10.89
C PRO A 283 12.09 53.40 11.50
N ILE A 284 11.90 53.94 12.69
CA ILE A 284 12.97 54.63 13.37
C ILE A 284 13.20 53.91 14.70
N LEU A 285 14.45 53.63 15.01
CA LEU A 285 14.74 52.94 16.25
C LEU A 285 14.43 53.83 17.44
N THR A 286 13.88 53.22 18.48
CA THR A 286 13.52 53.93 19.69
C THR A 286 13.99 53.16 20.92
N GLU A 287 15.14 53.56 21.48
CA GLU A 287 15.67 52.87 22.64
C GLU A 287 14.75 52.99 23.83
N ILE A 288 14.17 51.87 24.20
CA ILE A 288 13.26 51.83 25.31
C ILE A 288 13.99 52.17 26.62
N GLN A 289 13.53 53.23 27.30
CA GLN A 289 14.12 53.73 28.56
C GLN A 289 14.28 52.69 29.67
N GLN A 290 15.00 53.07 30.73
CA GLN A 290 15.20 52.20 31.91
C GLN A 290 15.56 50.78 31.56
N ALA A 291 16.28 50.57 30.47
CA ALA A 291 16.56 49.21 30.09
C ALA A 291 17.88 49.00 29.38
N TYR A 292 18.60 47.98 29.82
CA TYR A 292 19.89 47.66 29.22
C TYR A 292 20.02 46.15 29.08
N ILE A 293 20.94 45.72 28.22
CA ILE A 293 21.16 44.30 28.03
C ILE A 293 22.60 43.99 28.39
N GLN A 294 22.77 43.42 29.58
CA GLN A 294 24.07 43.07 30.10
C GLN A 294 24.52 41.75 29.50
N GLU A 295 25.76 41.69 29.07
CA GLU A 295 26.29 40.45 28.51
C GLU A 295 27.27 39.87 29.50
N LEU A 296 27.29 38.55 29.61
CA LEU A 296 28.22 37.89 30.50
C LEU A 296 29.19 37.12 29.59
N LEU A 297 30.47 37.13 29.96
CA LEU A 297 31.50 36.42 29.20
C LEU A 297 31.78 35.13 29.95
N PRO A 298 31.53 33.99 29.30
CA PRO A 298 31.76 32.72 29.96
C PRO A 298 33.25 32.39 30.07
N VAL A 299 33.63 31.82 31.20
CA VAL A 299 35.01 31.44 31.46
C VAL A 299 35.03 30.15 32.24
N SER A 300 35.69 29.15 31.68
CA SER A 300 35.80 27.84 32.32
C SER A 300 36.36 27.97 33.73
N PHE A 301 35.67 27.40 34.72
CA PHE A 301 36.16 27.50 36.08
C PHE A 301 36.40 26.13 36.66
N ASN A 302 37.39 26.03 37.53
CA ASN A 302 37.71 24.77 38.15
C ASN A 302 37.08 24.57 39.51
N ASN A 303 36.54 23.39 39.75
CA ASN A 303 35.96 23.11 41.03
C ASN A 303 36.32 21.84 41.77
N ASP A 304 36.05 20.70 41.17
CA ASP A 304 36.33 19.45 41.84
C ASP A 304 37.72 19.20 41.34
N ASP A 305 37.81 18.67 40.12
CA ASP A 305 39.09 18.38 39.52
C ASP A 305 38.88 18.37 38.05
N SER A 306 37.73 18.93 37.70
CA SER A 306 37.32 19.02 36.32
C SER A 306 37.02 20.48 36.05
N GLU A 307 37.01 20.86 34.76
CA GLU A 307 36.69 22.23 34.38
C GLU A 307 35.16 22.29 34.33
N TRP A 308 34.60 23.49 34.49
CA TRP A 308 33.15 23.63 34.45
C TRP A 308 32.73 24.94 33.79
N ILE A 309 31.46 25.00 33.38
CA ILE A 309 30.93 26.19 32.78
C ILE A 309 29.56 26.38 33.36
N SER A 310 29.29 27.58 33.86
CA SER A 310 27.99 27.88 34.44
C SER A 310 26.99 27.97 33.31
N ILE A 311 25.84 27.36 33.50
CA ILE A 311 24.78 27.39 32.50
C ILE A 311 23.78 28.47 32.90
N VAL A 312 24.09 29.69 32.48
CA VAL A 312 23.28 30.85 32.78
C VAL A 312 23.21 31.74 31.57
N PRO A 313 22.11 32.47 31.42
CA PRO A 313 22.00 33.34 30.25
C PRO A 313 23.22 34.19 29.98
N ASN A 314 23.65 34.24 28.73
CA ASN A 314 24.80 35.04 28.35
C ASN A 314 24.42 36.49 28.11
N PHE A 315 23.13 36.73 27.97
CA PHE A 315 22.59 38.07 27.77
C PHE A 315 21.40 38.22 28.70
N ILE A 316 21.33 39.34 29.39
CA ILE A 316 20.24 39.56 30.31
C ILE A 316 19.60 40.91 30.06
N LEU A 317 18.28 40.92 30.03
CA LEU A 317 17.54 42.15 29.81
C LEU A 317 17.04 42.68 31.13
N VAL A 318 17.41 43.92 31.45
CA VAL A 318 16.96 44.52 32.68
C VAL A 318 16.22 45.82 32.37
N ARG A 319 14.98 45.87 32.85
CA ARG A 319 14.13 47.04 32.68
C ARG A 319 13.69 47.45 34.08
N ASN A 320 14.25 48.57 34.55
CA ASN A 320 13.95 49.09 35.86
C ASN A 320 14.61 48.15 36.85
N THR A 321 13.84 47.18 37.31
CA THR A 321 14.38 46.23 38.27
C THR A 321 13.93 44.85 37.90
N LEU A 322 13.38 44.72 36.70
CA LEU A 322 12.93 43.42 36.25
C LEU A 322 13.95 42.72 35.37
N ILE A 323 14.39 41.56 35.83
CA ILE A 323 15.36 40.79 35.10
C ILE A 323 14.60 39.74 34.32
N SER A 324 14.83 39.71 33.01
CA SER A 324 14.17 38.76 32.14
C SER A 324 15.08 38.30 31.02
N ASN A 325 14.80 37.12 30.48
CA ASN A 325 15.57 36.55 29.38
C ASN A 325 15.23 37.32 28.12
N ILE A 326 15.99 37.11 27.06
CA ILE A 326 15.71 37.78 25.79
C ILE A 326 16.24 36.92 24.67
N GLU A 327 15.42 36.74 23.64
CA GLU A 327 15.82 35.94 22.50
C GLU A 327 16.65 36.79 21.58
N ILE A 328 17.77 37.26 22.12
CA ILE A 328 18.70 38.12 21.41
C ILE A 328 19.16 37.51 20.09
N GLY A 329 18.75 36.26 19.83
CA GLY A 329 19.13 35.62 18.59
C GLY A 329 18.57 36.41 17.43
N PHE A 330 17.28 36.74 17.50
CA PHE A 330 16.61 37.47 16.44
C PHE A 330 16.91 38.95 16.37
N CYS A 331 17.96 39.38 17.05
CA CYS A 331 18.30 40.80 17.02
C CYS A 331 19.67 41.04 16.43
N LEU A 332 20.00 42.32 16.28
CA LEU A 332 21.30 42.71 15.74
C LEU A 332 22.09 43.25 16.90
N ILE A 333 23.26 42.67 17.15
CA ILE A 333 24.08 43.13 18.25
C ILE A 333 25.25 43.96 17.76
N THR A 334 25.28 45.22 18.16
CA THR A 334 26.37 46.10 17.76
C THR A 334 27.19 46.32 19.03
N LYS A 335 28.26 47.09 18.93
CA LYS A 335 29.07 47.31 20.11
C LYS A 335 28.34 48.16 21.15
N ARG A 336 27.50 49.07 20.67
CA ARG A 336 26.79 49.97 21.58
C ARG A 336 25.39 49.60 22.05
N SER A 337 24.67 48.81 21.26
CA SER A 337 23.33 48.42 21.62
C SER A 337 22.75 47.23 20.85
N VAL A 338 21.65 46.70 21.35
CA VAL A 338 20.97 45.56 20.75
C VAL A 338 19.73 46.08 20.04
N ILE A 339 19.74 45.99 18.71
CA ILE A 339 18.63 46.48 17.90
C ILE A 339 17.72 45.36 17.43
N CYS A 340 16.45 45.40 17.82
CA CYS A 340 15.51 44.36 17.41
C CYS A 340 14.32 44.91 16.66
N ASN A 341 13.78 44.10 15.77
CA ASN A 341 12.62 44.48 14.97
C ASN A 341 11.31 44.38 15.77
N GLN A 342 11.41 44.06 17.07
CA GLN A 342 10.26 43.96 17.96
C GLN A 342 10.73 43.49 19.32
N ASP A 343 9.93 43.76 20.36
CA ASP A 343 10.32 43.34 21.69
C ASP A 343 10.51 41.83 21.67
N TYR A 344 11.63 41.35 22.18
CA TYR A 344 11.90 39.92 22.20
C TYR A 344 12.14 39.39 23.60
N ALA A 345 11.64 40.10 24.61
CA ALA A 345 11.82 39.66 25.99
C ALA A 345 10.97 38.43 26.27
N THR A 346 11.47 37.58 27.15
CA THR A 346 10.77 36.37 27.53
C THR A 346 10.96 36.19 29.01
N PRO A 347 10.08 35.44 29.65
CA PRO A 347 10.13 35.17 31.09
C PRO A 347 11.38 34.42 31.52
N MET A 348 11.62 34.42 32.84
CA MET A 348 12.77 33.73 33.39
C MET A 348 12.40 32.98 34.66
N THR A 349 12.97 31.79 34.85
CA THR A 349 12.71 30.98 36.03
C THR A 349 12.91 31.87 37.22
N ASN A 350 12.38 31.48 38.37
CA ASN A 350 12.60 32.31 39.52
C ASN A 350 14.00 32.04 40.04
N ASN A 351 14.35 30.76 40.14
CA ASN A 351 15.67 30.39 40.62
C ASN A 351 16.76 31.04 39.79
N MET A 352 16.58 31.03 38.48
CA MET A 352 17.59 31.60 37.60
C MET A 352 17.76 33.09 37.90
N ARG A 353 16.70 33.75 38.32
CA ARG A 353 16.81 35.18 38.63
C ARG A 353 17.58 35.34 39.93
N GLU A 354 17.35 34.44 40.88
CA GLU A 354 18.04 34.50 42.15
C GLU A 354 19.52 34.27 41.95
N CYS A 355 19.84 33.22 41.17
CA CYS A 355 21.23 32.91 40.89
C CYS A 355 21.94 34.14 40.37
N LEU A 356 21.36 34.81 39.37
CA LEU A 356 21.95 36.00 38.80
C LEU A 356 22.15 37.15 39.80
N THR A 357 21.55 37.04 40.98
CA THR A 357 21.66 38.11 41.98
C THR A 357 22.50 37.80 43.19
N GLY A 358 22.73 36.51 43.45
CA GLY A 358 23.53 36.15 44.60
C GLY A 358 23.45 34.72 45.05
N SER A 359 22.38 34.03 44.66
CA SER A 359 22.18 32.64 45.04
C SER A 359 22.95 31.75 44.06
N THR A 360 24.28 31.77 44.15
CA THR A 360 25.11 30.98 43.24
C THR A 360 24.93 29.48 43.34
N GLU A 361 24.37 28.98 44.44
CA GLU A 361 24.15 27.53 44.56
C GLU A 361 22.98 27.12 43.69
N LYS A 362 22.30 28.11 43.14
CA LYS A 362 21.15 27.86 42.29
C LYS A 362 21.54 28.04 40.83
N CYS A 363 22.84 28.17 40.56
CA CYS A 363 23.30 28.31 39.19
C CYS A 363 23.85 26.98 38.70
N PRO A 364 23.21 26.37 37.70
CA PRO A 364 23.69 25.09 37.19
C PRO A 364 25.07 25.25 36.58
N ARG A 365 25.72 24.12 36.34
CA ARG A 365 27.04 24.10 35.73
C ARG A 365 27.14 22.77 35.03
N GLU A 366 27.78 22.75 33.86
CA GLU A 366 27.93 21.52 33.09
C GLU A 366 29.40 21.19 32.95
N LEU A 367 29.70 19.91 32.96
CA LEU A 367 31.08 19.48 32.86
C LEU A 367 31.69 19.89 31.52
N VAL A 368 32.96 20.28 31.53
CA VAL A 368 33.66 20.68 30.31
C VAL A 368 34.56 19.55 29.87
N VAL A 369 34.43 19.12 28.63
CA VAL A 369 35.23 18.02 28.14
C VAL A 369 35.82 18.31 26.77
N SER A 370 35.95 19.59 26.45
CA SER A 370 36.50 19.95 25.17
C SER A 370 37.75 20.79 25.29
N SER A 371 38.71 20.54 24.41
CA SER A 371 39.98 21.27 24.40
C SER A 371 39.72 22.76 24.33
N HIS A 372 39.02 23.20 23.30
CA HIS A 372 38.70 24.62 23.16
C HIS A 372 37.52 24.98 24.09
N VAL A 373 37.71 25.98 24.95
CA VAL A 373 36.71 26.49 25.91
C VAL A 373 37.39 27.68 26.55
N PRO A 374 36.73 28.85 26.60
CA PRO A 374 37.29 30.07 27.18
C PRO A 374 37.89 29.80 28.57
N ARG A 375 39.15 30.22 28.75
CA ARG A 375 39.86 30.01 30.00
C ARG A 375 40.02 31.28 30.84
N PHE A 376 39.84 32.44 30.22
CA PHE A 376 39.95 33.70 30.93
C PHE A 376 39.29 34.84 30.18
N ALA A 377 38.95 35.91 30.88
CA ALA A 377 38.32 37.05 30.25
C ALA A 377 38.76 38.33 30.92
N LEU A 378 38.73 39.43 30.18
CA LEU A 378 39.15 40.73 30.69
C LEU A 378 37.94 41.60 30.92
N SER A 379 37.66 41.89 32.17
CA SER A 379 36.51 42.71 32.52
C SER A 379 36.94 43.97 33.24
N ASN A 380 36.92 45.08 32.51
CA ASN A 380 37.32 46.36 33.08
C ASN A 380 38.76 46.27 33.60
N GLY A 381 39.72 46.18 32.68
CA GLY A 381 41.13 46.10 33.05
C GLY A 381 41.56 44.94 33.93
N VAL A 382 40.63 44.26 34.59
CA VAL A 382 40.95 43.13 35.46
C VAL A 382 40.82 41.79 34.74
N LEU A 383 41.62 40.82 35.16
CA LEU A 383 41.61 39.48 34.57
C LEU A 383 40.88 38.47 35.46
N PHE A 384 40.25 37.50 34.81
CA PHE A 384 39.54 36.44 35.52
C PHE A 384 39.94 35.19 34.77
N ALA A 385 40.75 34.35 35.42
CA ALA A 385 41.25 33.15 34.78
C ALA A 385 41.31 31.87 35.60
N ASN A 386 41.35 30.74 34.91
CA ASN A 386 41.45 29.43 35.53
C ASN A 386 42.91 29.08 35.42
N CYS A 387 43.71 29.66 36.29
CA CYS A 387 45.15 29.44 36.27
C CYS A 387 45.60 28.01 36.59
N ILE A 388 44.64 27.12 36.77
CA ILE A 388 44.97 25.73 37.04
C ILE A 388 45.13 25.02 35.71
N SER A 389 44.49 25.54 34.66
CA SER A 389 44.58 24.93 33.34
C SER A 389 45.27 25.81 32.30
N VAL A 390 45.70 26.99 32.76
CA VAL A 390 46.45 27.93 31.91
C VAL A 390 47.59 28.56 32.71
N THR A 391 48.79 28.41 32.18
CA THR A 391 50.00 28.93 32.81
C THR A 391 49.95 30.42 33.13
N CYS A 392 49.76 30.76 34.41
CA CYS A 392 49.73 32.16 34.81
C CYS A 392 50.94 32.59 35.61
N GLN A 393 51.61 33.66 35.16
CA GLN A 393 52.73 34.21 35.88
C GLN A 393 52.83 35.72 35.73
N CYS A 394 53.21 36.37 36.83
CA CYS A 394 53.36 37.82 36.88
C CYS A 394 54.73 38.23 36.41
N GLN A 395 54.81 38.92 35.27
CA GLN A 395 56.12 39.30 34.75
C GLN A 395 56.76 40.49 35.46
N THR A 396 55.95 41.39 35.99
CA THR A 396 56.50 42.54 36.68
C THR A 396 57.11 42.11 38.02
N THR A 397 57.16 40.81 38.28
CA THR A 397 57.73 40.35 39.52
C THR A 397 58.44 39.01 39.39
N GLY A 398 58.25 38.32 38.28
CA GLY A 398 58.88 37.02 38.12
C GLY A 398 58.23 35.90 38.94
N ARG A 399 57.27 36.26 39.79
CA ARG A 399 56.55 35.27 40.62
C ARG A 399 55.51 34.56 39.76
N ALA A 400 55.49 33.23 39.79
CA ALA A 400 54.51 32.50 39.01
C ALA A 400 53.16 32.54 39.73
N ILE A 401 52.16 33.20 39.13
CA ILE A 401 50.80 33.34 39.69
C ILE A 401 50.13 31.97 39.84
N SER A 402 49.90 31.53 41.07
CA SER A 402 49.30 30.22 41.25
C SER A 402 47.92 30.07 41.89
N GLN A 403 47.15 29.14 41.32
CA GLN A 403 45.79 28.84 41.75
C GLN A 403 45.69 27.53 42.53
N SER A 404 45.08 27.64 43.70
CA SER A 404 44.86 26.52 44.62
C SER A 404 43.76 25.57 44.17
N GLY A 405 43.71 24.40 44.80
CA GLY A 405 42.68 23.43 44.46
C GLY A 405 41.28 23.91 44.79
N GLU A 406 41.15 24.57 45.94
CA GLU A 406 39.87 25.10 46.43
C GLU A 406 39.35 26.28 45.63
N GLN A 407 40.19 26.81 44.74
CA GLN A 407 39.83 27.97 43.96
C GLN A 407 39.11 27.69 42.64
N THR A 408 38.07 28.48 42.36
CA THR A 408 37.35 28.31 41.11
C THR A 408 38.04 29.11 40.00
N LEU A 409 38.24 30.40 40.24
CA LEU A 409 38.90 31.27 39.29
C LEU A 409 39.96 32.05 40.03
N LEU A 410 40.57 33.00 39.35
CA LEU A 410 41.54 33.87 39.98
C LEU A 410 41.23 35.27 39.52
N MET A 411 41.60 36.24 40.33
CA MET A 411 41.34 37.62 40.01
C MET A 411 42.67 38.33 39.97
N ILE A 412 43.25 38.35 38.79
CA ILE A 412 44.54 38.96 38.59
C ILE A 412 44.44 40.45 38.28
N ASP A 413 44.83 41.31 39.21
CA ASP A 413 44.78 42.76 39.00
C ASP A 413 46.04 43.46 39.51
N ASN A 414 45.99 44.80 39.55
CA ASN A 414 47.10 45.64 40.01
C ASN A 414 47.62 45.30 41.39
N THR A 415 46.70 45.17 42.34
CA THR A 415 47.05 44.83 43.72
C THR A 415 48.12 43.72 43.76
N THR A 416 47.90 42.63 43.03
CA THR A 416 48.82 41.48 43.03
C THR A 416 49.82 41.45 41.89
N CYS A 417 49.40 41.95 40.75
CA CYS A 417 50.28 41.91 39.61
C CYS A 417 50.02 43.07 38.64
N PRO A 418 50.97 44.00 38.51
CA PRO A 418 50.67 45.09 37.58
C PRO A 418 50.58 44.63 36.13
N THR A 419 51.44 43.71 35.73
CA THR A 419 51.44 43.20 34.37
C THR A 419 51.69 41.71 34.34
N ALA A 420 50.64 40.92 34.16
CA ALA A 420 50.77 39.46 34.13
C ALA A 420 50.87 38.86 32.73
N VAL A 421 51.18 37.57 32.69
CA VAL A 421 51.31 36.84 31.44
C VAL A 421 50.66 35.48 31.48
N LEU A 422 49.58 35.33 30.72
CA LEU A 422 48.83 34.09 30.61
C LEU A 422 49.31 33.38 29.36
N GLY A 423 49.97 32.25 29.56
CA GLY A 423 50.48 31.50 28.43
C GLY A 423 51.53 32.35 27.74
N ASN A 424 51.22 32.76 26.50
CA ASN A 424 52.14 33.60 25.73
C ASN A 424 51.55 35.00 25.55
N VAL A 425 50.40 35.27 26.16
CA VAL A 425 49.76 36.57 26.04
C VAL A 425 50.27 37.49 27.14
N ILE A 426 50.31 38.80 26.90
CA ILE A 426 50.84 39.66 27.93
C ILE A 426 50.01 40.91 28.07
N ILE A 427 49.18 41.01 29.08
CA ILE A 427 48.38 42.23 29.21
C ILE A 427 48.69 42.90 30.53
N SER A 428 48.60 44.24 30.53
CA SER A 428 48.84 45.04 31.72
C SER A 428 47.50 45.25 32.41
N LEU A 429 47.38 44.85 33.66
CA LEU A 429 46.13 44.98 34.38
C LEU A 429 45.88 46.31 35.06
N GLY A 430 44.70 46.43 35.62
CA GLY A 430 44.29 47.62 36.34
C GLY A 430 43.90 47.22 37.75
N LYS A 431 43.21 48.09 38.48
CA LYS A 431 42.81 47.81 39.87
C LYS A 431 41.37 47.32 40.01
N TYR A 432 41.21 46.14 40.59
CA TYR A 432 39.87 45.59 40.80
C TYR A 432 39.16 46.52 41.78
N LEU A 433 37.86 46.72 41.59
CA LEU A 433 37.12 47.62 42.47
C LEU A 433 36.19 46.94 43.47
N GLY A 434 36.33 45.64 43.66
CA GLY A 434 35.46 44.95 44.58
C GLY A 434 36.17 44.45 45.81
N SER A 435 35.60 43.47 46.49
CA SER A 435 36.20 42.90 47.71
C SER A 435 37.68 42.64 47.46
N VAL A 436 38.55 43.17 48.33
CA VAL A 436 39.97 43.00 48.12
C VAL A 436 40.46 41.59 48.44
N ASN A 437 39.54 40.72 48.84
CA ASN A 437 39.89 39.35 49.18
C ASN A 437 39.09 38.39 48.31
N TYR A 438 38.78 38.84 47.09
CA TYR A 438 38.03 38.05 46.13
C TYR A 438 38.63 36.64 46.02
N ASN A 439 39.96 36.55 45.97
CA ASN A 439 40.63 35.26 45.82
C ASN A 439 40.77 34.40 47.06
N SER A 440 40.27 34.88 48.18
CA SER A 440 40.34 34.12 49.42
C SER A 440 38.95 34.13 50.03
N GLU A 441 37.98 34.59 49.23
CA GLU A 441 36.59 34.66 49.62
C GLU A 441 35.87 33.31 49.50
N GLY A 442 35.74 32.79 48.29
CA GLY A 442 35.06 31.52 48.13
C GLY A 442 33.62 31.70 47.69
N ILE A 443 32.95 30.63 47.27
CA ILE A 443 31.58 30.72 46.80
C ILE A 443 30.89 29.38 46.74
N ALA A 444 29.60 29.36 47.02
CA ALA A 444 28.83 28.12 47.01
C ALA A 444 28.49 27.73 45.57
N ILE A 445 29.00 26.57 45.15
CA ILE A 445 28.76 26.07 43.80
C ILE A 445 27.37 25.47 43.60
N GLY A 446 26.86 25.60 42.38
CA GLY A 446 25.55 25.07 42.08
C GLY A 446 25.57 23.60 41.69
N PRO A 447 24.40 23.01 41.39
CA PRO A 447 24.29 21.60 41.01
C PRO A 447 24.69 21.41 39.56
N PRO A 448 25.28 20.26 39.24
CA PRO A 448 25.70 19.99 37.86
C PRO A 448 24.53 19.48 37.02
N VAL A 449 24.59 19.70 35.71
CA VAL A 449 23.54 19.26 34.79
C VAL A 449 24.11 18.99 33.42
N PHE A 450 23.31 18.33 32.58
CA PHE A 450 23.70 18.01 31.23
C PHE A 450 22.66 18.58 30.29
N THR A 451 23.09 19.33 29.28
CA THR A 451 22.17 19.94 28.36
C THR A 451 22.01 19.30 26.99
N ASP A 452 22.73 18.22 26.74
CA ASP A 452 22.60 17.55 25.46
C ASP A 452 21.11 17.23 25.26
N LYS A 453 20.54 17.62 24.12
CA LYS A 453 19.14 17.39 23.84
C LYS A 453 18.74 15.96 24.08
N VAL A 454 19.65 15.03 23.81
CA VAL A 454 19.38 13.61 24.02
C VAL A 454 19.30 13.30 25.51
N ASP A 455 20.17 13.94 26.28
CA ASP A 455 20.22 13.73 27.71
C ASP A 455 19.04 14.39 28.44
N ILE A 456 18.52 15.46 27.89
CA ILE A 456 17.39 16.08 28.55
C ILE A 456 16.22 15.13 28.53
N SER A 457 16.17 14.26 27.53
CA SER A 457 15.08 13.29 27.43
C SER A 457 15.39 12.17 28.42
N SER A 458 16.66 11.82 28.50
CA SER A 458 17.10 10.76 29.42
C SER A 458 16.84 11.18 30.86
N GLN A 459 17.17 12.43 31.18
CA GLN A 459 16.97 12.93 32.53
C GLN A 459 15.50 13.09 32.87
N ILE A 460 14.68 13.51 31.90
CA ILE A 460 13.27 13.65 32.18
C ILE A 460 12.70 12.28 32.45
N SER A 461 13.13 11.30 31.67
CA SER A 461 12.67 9.92 31.84
C SER A 461 13.20 9.34 33.13
N SER A 462 14.49 9.54 33.36
CA SER A 462 15.13 9.05 34.57
C SER A 462 14.43 9.60 35.81
N MET A 463 14.16 10.90 35.82
CA MET A 463 13.52 11.52 36.95
C MET A 463 12.14 11.02 37.22
N ASN A 464 11.37 10.81 36.17
CA ASN A 464 10.03 10.33 36.36
C ASN A 464 10.03 8.91 36.90
N GLN A 465 11.09 8.16 36.59
CA GLN A 465 11.23 6.79 37.09
C GLN A 465 11.26 6.87 38.60
N SER A 466 12.28 7.56 39.09
CA SER A 466 12.47 7.77 40.52
C SER A 466 11.19 8.31 41.15
N LEU A 467 10.55 9.27 40.49
CA LEU A 467 9.32 9.86 41.01
C LEU A 467 8.18 8.86 41.16
N GLN A 468 8.03 7.95 40.19
CA GLN A 468 6.96 6.95 40.27
C GLN A 468 7.24 5.99 41.42
N GLN A 469 8.52 5.65 41.60
CA GLN A 469 8.92 4.74 42.66
C GLN A 469 8.70 5.33 44.05
N SER A 470 9.02 6.61 44.21
CA SER A 470 8.85 7.27 45.50
C SER A 470 7.38 7.56 45.80
N LYS A 471 6.54 7.54 44.77
CA LYS A 471 5.12 7.78 44.97
C LYS A 471 4.44 6.46 45.37
N ASP A 472 5.18 5.36 45.20
CA ASP A 472 4.70 4.02 45.57
C ASP A 472 5.13 3.67 46.99
N TYR A 473 6.23 4.28 47.43
CA TYR A 473 6.75 4.07 48.79
C TYR A 473 5.90 4.96 49.71
N ILE A 474 5.44 6.10 49.16
CA ILE A 474 4.60 7.03 49.91
C ILE A 474 3.15 6.50 49.89
N LYS A 475 2.82 5.72 48.86
CA LYS A 475 1.48 5.13 48.73
C LYS A 475 1.34 3.82 49.52
N GLU A 476 2.42 3.03 49.58
CA GLU A 476 2.43 1.75 50.31
C GLU A 476 2.59 1.99 51.81
N ALA A 477 3.41 2.99 52.17
CA ALA A 477 3.64 3.37 53.56
C ALA A 477 2.38 4.07 54.13
N GLN A 478 1.79 4.96 53.34
CA GLN A 478 0.56 5.67 53.74
C GLN A 478 -0.65 4.75 53.97
N ARG A 479 -0.71 3.65 53.21
CA ARG A 479 -1.80 2.65 53.32
C ARG A 479 -1.51 1.73 54.51
N LEU A 480 -0.23 1.34 54.68
CA LEU A 480 0.21 0.50 55.79
C LEU A 480 0.17 1.23 57.16
N LEU A 481 0.54 2.52 57.17
CA LEU A 481 0.52 3.33 58.39
C LEU A 481 -0.83 3.85 58.92
N ASP A 482 -1.65 4.43 58.04
CA ASP A 482 -2.97 4.94 58.44
C ASP A 482 -4.03 4.82 57.36
N ILE B 27 33.80 0.43 22.72
CA ILE B 27 33.63 -0.26 24.04
C ILE B 27 32.14 -0.27 24.39
N LEU B 28 31.32 -0.18 23.36
CA LEU B 28 29.87 -0.18 23.50
C LEU B 28 29.41 -1.62 23.36
N HIS B 29 28.23 -1.94 23.87
CA HIS B 29 27.71 -3.29 23.77
C HIS B 29 26.81 -3.41 22.54
N TYR B 30 27.43 -3.39 21.36
CA TYR B 30 26.71 -3.44 20.11
C TYR B 30 25.61 -4.49 19.98
N GLU B 31 25.78 -5.67 20.56
CA GLU B 31 24.72 -6.68 20.41
C GLU B 31 23.45 -6.22 21.08
N LYS B 32 23.50 -5.88 22.36
CA LYS B 32 22.29 -5.42 23.03
C LYS B 32 21.74 -4.17 22.34
N LEU B 33 22.62 -3.25 21.95
CA LEU B 33 22.19 -2.02 21.30
C LEU B 33 21.39 -2.30 20.03
N SER B 34 21.86 -3.22 19.22
CA SER B 34 21.15 -3.55 17.98
C SER B 34 19.76 -4.09 18.28
N LYS B 35 19.61 -4.85 19.35
CA LYS B 35 18.30 -5.40 19.70
C LYS B 35 17.26 -4.33 19.98
N ILE B 36 17.69 -3.10 20.20
CA ILE B 36 16.74 -2.02 20.44
C ILE B 36 16.85 -0.97 19.33
N GLY B 37 17.10 -1.44 18.12
CA GLY B 37 17.14 -0.56 16.97
C GLY B 37 18.35 0.31 16.71
N LEU B 38 19.46 0.05 17.40
CA LEU B 38 20.67 0.84 17.18
C LEU B 38 21.73 -0.07 16.57
N VAL B 39 21.60 -0.29 15.28
CA VAL B 39 22.52 -1.12 14.51
C VAL B 39 23.89 -0.47 14.39
N LYS B 40 24.96 -1.25 14.52
CA LYS B 40 26.30 -0.69 14.42
C LYS B 40 26.65 -0.22 13.01
N GLY B 41 27.04 1.04 12.87
CA GLY B 41 27.39 1.58 11.58
C GLY B 41 28.88 1.74 11.38
N VAL B 42 29.25 2.69 10.52
CA VAL B 42 30.64 2.94 10.22
C VAL B 42 31.40 3.68 11.33
N THR B 43 32.66 3.30 11.53
CA THR B 43 33.49 3.94 12.55
C THR B 43 34.45 4.91 11.87
N ARG B 44 34.41 6.18 12.25
CA ARG B 44 35.28 7.17 11.62
C ARG B 44 36.34 7.77 12.56
N LYS B 45 37.39 8.35 11.98
CA LYS B 45 38.46 8.97 12.77
C LYS B 45 38.01 10.35 13.18
N TYR B 46 38.70 10.94 14.14
CA TYR B 46 38.35 12.28 14.63
C TYR B 46 39.50 13.27 14.37
N LYS B 47 39.38 14.03 13.28
CA LYS B 47 40.40 15.01 12.90
C LYS B 47 39.98 16.44 13.22
N ILE B 48 40.94 17.25 13.66
CA ILE B 48 40.70 18.65 14.01
C ILE B 48 41.75 19.55 13.34
N LYS B 49 41.41 20.80 13.04
CA LYS B 49 42.37 21.69 12.39
C LYS B 49 43.40 22.14 13.40
N SER B 50 44.55 22.61 12.90
CA SER B 50 45.65 23.09 13.76
C SER B 50 46.88 23.59 13.00
N ASN B 51 47.80 24.23 13.75
CA ASN B 51 49.05 24.75 13.20
C ASN B 51 48.85 25.46 11.86
N PRO B 52 48.06 26.53 11.86
CA PRO B 52 47.83 27.26 10.61
C PRO B 52 49.11 27.89 10.07
N LEU B 53 49.10 28.20 8.77
CA LEU B 53 50.22 28.85 8.09
C LEU B 53 49.65 30.04 7.34
N THR B 54 49.96 31.24 7.79
CA THR B 54 49.42 32.43 7.16
C THR B 54 49.98 32.75 5.79
N LYS B 55 49.27 33.62 5.09
CA LYS B 55 49.61 34.09 3.75
C LYS B 55 48.71 35.32 3.60
N ASP B 56 49.25 36.41 3.09
CA ASP B 56 48.42 37.62 2.98
C ASP B 56 48.08 38.06 1.58
N ILE B 57 46.85 38.55 1.39
CA ILE B 57 46.48 39.08 0.08
C ILE B 57 45.63 40.32 0.26
N VAL B 58 45.58 41.12 -0.80
CA VAL B 58 44.82 42.36 -0.82
C VAL B 58 43.58 42.23 -1.68
N ILE B 59 42.48 42.81 -1.21
CA ILE B 59 41.22 42.79 -1.93
C ILE B 59 40.79 44.24 -2.10
N LYS B 60 40.84 44.72 -3.35
CA LYS B 60 40.44 46.10 -3.63
C LYS B 60 38.95 46.10 -3.95
N MET B 61 38.16 46.78 -3.14
CA MET B 61 36.72 46.81 -3.33
C MET B 61 36.22 48.00 -4.10
N ILE B 62 36.97 48.38 -5.13
CA ILE B 62 36.61 49.50 -6.00
C ILE B 62 37.26 49.20 -7.36
N PRO B 63 36.45 48.93 -8.38
CA PRO B 63 36.97 48.63 -9.73
C PRO B 63 37.73 49.81 -10.32
N ASN B 64 38.70 49.51 -11.18
CA ASN B 64 39.44 50.58 -11.81
C ASN B 64 38.72 50.96 -13.10
N VAL B 65 38.17 52.18 -13.12
CA VAL B 65 37.42 52.65 -14.26
C VAL B 65 38.13 53.70 -15.12
N SER B 66 39.45 53.76 -15.03
CA SER B 66 40.21 54.73 -15.82
C SER B 66 39.99 54.57 -17.34
N ASP B 67 39.65 53.35 -17.75
CA ASP B 67 39.41 53.04 -19.16
C ASP B 67 38.15 53.66 -19.70
N MET B 68 37.27 54.10 -18.81
CA MET B 68 36.01 54.73 -19.21
C MET B 68 35.66 55.91 -18.31
N SER B 69 36.71 56.65 -17.96
CA SER B 69 36.62 57.83 -17.11
C SER B 69 35.58 58.85 -17.57
N GLN B 70 35.13 58.75 -18.81
CA GLN B 70 34.14 59.70 -19.34
C GLN B 70 32.69 59.32 -18.99
N CYS B 71 32.37 58.03 -19.12
CA CYS B 71 31.01 57.56 -18.84
C CYS B 71 30.87 57.17 -17.37
N THR B 72 31.48 57.95 -16.49
CA THR B 72 31.41 57.70 -15.06
C THR B 72 30.24 58.43 -14.42
N GLY B 73 30.39 59.72 -14.22
CA GLY B 73 29.33 60.48 -13.59
C GLY B 73 29.51 60.38 -12.08
N SER B 74 28.51 60.81 -11.34
CA SER B 74 28.56 60.78 -9.89
C SER B 74 28.71 59.37 -9.33
N VAL B 75 28.36 58.36 -10.13
CA VAL B 75 28.44 56.97 -9.70
C VAL B 75 29.64 56.63 -8.80
N MET B 76 30.84 56.72 -9.35
CA MET B 76 32.03 56.42 -8.58
C MET B 76 32.18 57.22 -7.30
N GLU B 77 31.64 58.43 -7.29
CA GLU B 77 31.74 59.30 -6.11
C GLU B 77 30.86 58.83 -4.98
N ASN B 78 29.59 58.57 -5.29
CA ASN B 78 28.63 58.10 -4.31
C ASN B 78 29.06 56.75 -3.78
N TYR B 79 29.43 55.85 -4.68
CA TYR B 79 29.88 54.53 -4.30
C TYR B 79 31.00 54.62 -3.27
N LYS B 80 31.90 55.58 -3.45
CA LYS B 80 33.00 55.75 -2.51
C LYS B 80 32.48 56.17 -1.14
N THR B 81 31.43 56.99 -1.12
CA THR B 81 30.84 57.45 0.13
C THR B 81 30.19 56.28 0.85
N ARG B 82 29.44 55.50 0.09
CA ARG B 82 28.74 54.33 0.60
C ARG B 82 29.71 53.33 1.22
N LEU B 83 30.73 52.97 0.45
CA LEU B 83 31.75 52.00 0.88
C LEU B 83 32.52 52.51 2.08
N ASN B 84 32.87 53.79 2.09
CA ASN B 84 33.59 54.36 3.21
C ASN B 84 32.71 54.24 4.43
N GLY B 85 31.41 54.20 4.19
CA GLY B 85 30.48 54.07 5.28
C GLY B 85 30.59 52.73 5.99
N ILE B 86 30.52 51.66 5.21
CA ILE B 86 30.58 50.32 5.77
C ILE B 86 31.98 49.86 6.13
N LEU B 87 32.99 50.52 5.58
CA LEU B 87 34.38 50.15 5.88
C LEU B 87 34.91 50.84 7.13
N THR B 88 34.42 52.04 7.41
CA THR B 88 34.87 52.82 8.56
C THR B 88 34.79 52.12 9.92
N PRO B 89 33.63 51.56 10.26
CA PRO B 89 33.51 50.88 11.55
C PRO B 89 34.53 49.75 11.69
N ILE B 90 34.82 49.07 10.59
CA ILE B 90 35.77 47.98 10.60
C ILE B 90 37.19 48.49 10.90
N LYS B 91 37.61 49.54 10.19
CA LYS B 91 38.93 50.12 10.41
C LYS B 91 39.02 50.59 11.86
N GLY B 92 37.93 51.19 12.34
CA GLY B 92 37.90 51.67 13.70
C GLY B 92 38.17 50.55 14.67
N ALA B 93 37.32 49.52 14.66
CA ALA B 93 37.47 48.39 15.56
C ALA B 93 38.88 47.80 15.58
N LEU B 94 39.61 47.95 14.47
CA LEU B 94 40.96 47.41 14.39
C LEU B 94 41.96 48.30 15.11
N GLU B 95 41.73 49.61 15.06
CA GLU B 95 42.61 50.56 15.74
C GLU B 95 42.49 50.45 17.25
N ILE B 96 41.30 50.11 17.73
CA ILE B 96 41.06 49.94 19.16
C ILE B 96 42.04 48.94 19.72
N TYR B 97 42.72 48.21 18.85
CA TYR B 97 43.69 47.23 19.27
C TYR B 97 45.12 47.63 18.88
N LYS B 98 45.25 48.31 17.75
CA LYS B 98 46.56 48.75 17.31
C LYS B 98 47.10 49.81 18.25
N ASN B 99 46.20 50.56 18.89
CA ASN B 99 46.63 51.60 19.82
C ASN B 99 46.87 51.08 21.23
N ASN B 100 46.91 49.78 21.41
CA ASN B 100 47.14 49.25 22.74
C ASN B 100 48.05 48.04 22.74
N THR B 101 48.90 47.95 21.72
CA THR B 101 49.87 46.88 21.59
C THR B 101 51.24 47.48 21.26
N HIS B 102 52.16 47.39 22.20
CA HIS B 102 53.51 47.92 22.03
C HIS B 102 54.45 46.75 22.18
N ASP B 103 55.57 46.74 21.49
CA ASP B 103 56.46 45.61 21.70
C ASP B 103 56.90 45.67 23.15
N LEU B 104 57.11 44.51 23.76
CA LEU B 104 57.53 44.44 25.15
C LEU B 104 59.06 44.50 25.16
N VAL B 105 59.61 45.54 24.53
CA VAL B 105 61.07 45.73 24.44
C VAL B 105 61.69 46.01 25.81
N GLY B 106 62.79 45.30 26.10
CA GLY B 106 63.48 45.50 27.36
C GLY B 106 63.54 44.29 28.29
N ASP B 107 62.64 43.33 28.10
CA ASP B 107 62.64 42.14 28.94
C ASP B 107 63.48 41.08 28.30
N VAL B 108 64.64 40.79 28.89
CA VAL B 108 65.54 39.81 28.33
C VAL B 108 65.06 38.38 28.56
N ARG B 109 63.98 38.22 29.33
CA ARG B 109 63.43 36.89 29.63
C ARG B 109 62.02 36.60 29.10
N LEU B 110 61.55 37.42 28.15
CA LEU B 110 60.21 37.24 27.56
C LEU B 110 60.18 38.19 26.38
N ALA B 111 59.82 37.67 25.23
CA ALA B 111 59.77 38.48 24.03
C ALA B 111 58.35 38.49 23.49
N GLY B 112 58.00 39.57 22.80
CA GLY B 112 56.69 39.63 22.22
C GLY B 112 55.99 40.95 22.30
N VAL B 113 54.66 40.88 22.36
CA VAL B 113 53.82 42.07 22.44
C VAL B 113 53.12 42.15 23.80
N ILE B 114 52.65 43.34 24.15
CA ILE B 114 51.96 43.52 25.41
C ILE B 114 50.68 44.35 25.20
N MET B 115 49.54 43.78 25.59
CA MET B 115 48.23 44.43 25.44
C MET B 115 47.94 45.36 26.61
N ALA B 116 47.35 46.51 26.30
CA ALA B 116 47.01 47.48 27.32
C ALA B 116 45.69 47.06 27.94
N GLY B 117 45.76 46.30 29.03
CA GLY B 117 44.56 45.82 29.68
C GLY B 117 43.52 46.86 30.09
N VAL B 118 43.96 47.86 30.84
CA VAL B 118 43.07 48.90 31.32
C VAL B 118 42.43 49.62 30.13
N ALA B 119 43.25 49.85 29.11
CA ALA B 119 42.78 50.51 27.89
C ALA B 119 41.71 49.69 27.19
N ILE B 120 42.05 48.44 26.85
CA ILE B 120 41.11 47.56 26.18
C ILE B 120 39.82 47.41 26.98
N GLY B 121 39.93 47.45 28.31
CA GLY B 121 38.77 47.35 29.17
C GLY B 121 38.14 45.97 29.25
N ILE B 122 37.17 45.70 28.39
CA ILE B 122 36.51 44.41 28.36
C ILE B 122 36.80 43.68 27.06
N ALA B 123 37.38 42.49 27.18
CA ALA B 123 37.68 41.69 26.01
C ALA B 123 37.51 40.23 26.38
N THR B 124 37.24 39.42 25.37
CA THR B 124 37.03 38.00 25.59
C THR B 124 38.36 37.29 25.39
N ALA B 125 38.50 36.11 25.96
CA ALA B 125 39.73 35.32 25.85
C ALA B 125 40.28 35.41 24.44
N ALA B 126 39.54 34.83 23.51
CA ALA B 126 39.92 34.77 22.11
C ALA B 126 40.13 36.10 21.41
N GLN B 127 39.29 37.10 21.71
CA GLN B 127 39.41 38.40 21.07
C GLN B 127 40.81 38.97 21.27
N ILE B 128 41.35 38.84 22.49
CA ILE B 128 42.69 39.36 22.77
C ILE B 128 43.73 38.60 21.96
N THR B 129 43.63 37.27 21.97
CA THR B 129 44.56 36.43 21.22
C THR B 129 44.56 36.79 19.76
N ALA B 130 43.41 37.24 19.27
CA ALA B 130 43.26 37.64 17.88
C ALA B 130 43.95 38.99 17.66
N GLY B 131 43.95 39.82 18.69
CA GLY B 131 44.60 41.11 18.61
C GLY B 131 46.10 40.92 18.57
N VAL B 132 46.60 40.04 19.44
CA VAL B 132 48.02 39.75 19.50
C VAL B 132 48.42 39.28 18.10
N ALA B 133 47.56 38.48 17.50
CA ALA B 133 47.80 37.97 16.16
C ALA B 133 47.80 39.10 15.14
N LEU B 134 46.95 40.11 15.38
CA LEU B 134 46.85 41.26 14.47
C LEU B 134 48.15 42.05 14.45
N TYR B 135 48.73 42.28 15.62
CA TYR B 135 49.96 43.02 15.73
C TYR B 135 51.05 42.45 14.85
N GLU B 136 51.16 41.12 14.86
CA GLU B 136 52.16 40.40 14.08
C GLU B 136 51.99 40.56 12.59
N ALA B 137 50.77 40.82 12.15
CA ALA B 137 50.53 41.00 10.72
C ALA B 137 50.88 42.44 10.34
N MET B 138 50.78 43.35 11.32
CA MET B 138 51.07 44.77 11.09
C MET B 138 52.42 44.95 10.44
N LYS B 139 53.37 44.11 10.84
CA LYS B 139 54.71 44.15 10.29
C LYS B 139 54.60 43.98 8.77
N ASN B 140 54.19 42.80 8.30
CA ASN B 140 54.06 42.59 6.86
C ASN B 140 52.95 43.45 6.26
N ALA B 141 52.12 44.05 7.11
CA ALA B 141 51.03 44.88 6.60
C ALA B 141 51.59 46.15 6.00
N ASP B 142 52.38 46.87 6.79
CA ASP B 142 52.98 48.13 6.36
C ASP B 142 53.89 47.90 5.17
N ASN B 143 54.52 46.73 5.17
CA ASN B 143 55.41 46.33 4.10
C ASN B 143 54.63 46.32 2.77
N ILE B 144 53.39 45.84 2.84
CA ILE B 144 52.50 45.77 1.68
C ILE B 144 52.01 47.16 1.32
N ASN B 145 51.54 47.90 2.32
CA ASN B 145 51.04 49.26 2.11
C ASN B 145 52.02 50.14 1.32
N LYS B 146 53.31 49.81 1.37
CA LYS B 146 54.29 50.59 0.64
C LYS B 146 53.92 50.71 -0.83
N LEU B 147 53.31 49.69 -1.39
CA LEU B 147 52.90 49.70 -2.79
C LEU B 147 51.50 50.28 -2.95
N LYS B 148 51.07 51.11 -2.02
CA LYS B 148 49.74 51.69 -2.06
C LYS B 148 49.35 52.20 -3.44
N SER B 149 50.18 53.05 -4.03
CA SER B 149 49.92 53.58 -5.35
C SER B 149 49.84 52.45 -6.38
N SER B 150 50.72 51.47 -6.24
CA SER B 150 50.76 50.32 -7.15
C SER B 150 49.47 49.50 -7.08
N ILE B 151 48.82 49.51 -5.92
CA ILE B 151 47.58 48.77 -5.74
C ILE B 151 46.45 49.44 -6.50
N GLU B 152 46.36 50.76 -6.39
CA GLU B 152 45.31 51.51 -7.06
C GLU B 152 45.47 51.32 -8.56
N SER B 153 46.72 51.20 -8.99
CA SER B 153 47.04 51.02 -10.41
C SER B 153 46.37 49.80 -11.01
N THR B 154 46.31 48.73 -10.25
CA THR B 154 45.69 47.48 -10.69
C THR B 154 44.52 47.82 -11.62
N ASN B 155 44.40 47.06 -12.70
CA ASN B 155 43.30 47.28 -13.63
C ASN B 155 42.81 45.93 -14.15
N GLU B 156 43.27 44.87 -13.49
CA GLU B 156 42.89 43.52 -13.83
C GLU B 156 42.29 42.76 -12.63
N ALA B 157 41.53 41.72 -12.92
CA ALA B 157 40.89 40.91 -11.89
C ALA B 157 41.87 40.48 -10.81
N VAL B 158 42.86 39.72 -11.24
CA VAL B 158 43.89 39.23 -10.34
C VAL B 158 45.18 39.83 -10.86
N VAL B 159 45.93 40.49 -9.98
CA VAL B 159 47.19 41.11 -10.36
C VAL B 159 48.29 40.77 -9.35
N LYS B 160 49.50 40.55 -9.83
CA LYS B 160 50.61 40.23 -8.94
C LYS B 160 51.51 41.45 -8.79
N LEU B 161 51.52 42.06 -7.60
CA LEU B 161 52.38 43.22 -7.41
C LEU B 161 53.66 42.72 -6.78
N GLN B 162 54.69 42.59 -7.61
CA GLN B 162 56.01 42.13 -7.16
C GLN B 162 56.38 43.05 -5.98
N GLU B 163 56.46 42.46 -4.79
CA GLU B 163 56.77 43.20 -3.55
C GLU B 163 58.24 43.38 -3.09
N THR B 164 58.93 42.28 -2.75
CA THR B 164 60.33 42.37 -2.29
C THR B 164 61.13 41.51 -3.29
N ALA B 165 62.25 40.94 -2.83
CA ALA B 165 63.10 40.09 -3.66
C ALA B 165 62.27 39.03 -4.40
N GLU B 166 61.75 38.07 -3.63
CA GLU B 166 60.93 37.01 -4.19
C GLU B 166 59.54 37.10 -3.53
N LYS B 167 59.47 37.72 -2.35
CA LYS B 167 58.22 37.88 -1.60
C LYS B 167 57.26 38.86 -2.28
N THR B 168 56.30 38.32 -3.02
CA THR B 168 55.30 39.12 -3.72
C THR B 168 54.05 39.25 -2.87
N VAL B 169 53.08 40.00 -3.39
CA VAL B 169 51.80 40.19 -2.71
C VAL B 169 50.80 40.26 -3.85
N TYR B 170 49.65 39.64 -3.67
CA TYR B 170 48.62 39.64 -4.70
C TYR B 170 47.48 40.62 -4.45
N VAL B 171 46.84 41.09 -5.52
CA VAL B 171 45.73 42.04 -5.40
C VAL B 171 44.50 41.75 -6.28
N LEU B 172 43.45 41.25 -5.63
CA LEU B 172 42.17 40.92 -6.27
C LEU B 172 41.30 42.16 -6.31
N THR B 173 40.76 42.49 -7.48
CA THR B 173 39.90 43.67 -7.59
C THR B 173 38.46 43.32 -7.95
N ALA B 174 37.55 43.84 -7.13
CA ALA B 174 36.12 43.60 -7.29
C ALA B 174 35.54 44.20 -8.54
N LEU B 175 34.55 43.53 -9.09
CA LEU B 175 33.86 43.96 -10.29
C LEU B 175 34.79 44.38 -11.41
N GLN B 176 36.05 43.95 -11.35
CA GLN B 176 36.98 44.32 -12.41
C GLN B 176 36.66 43.55 -13.67
N ASP B 177 36.47 42.24 -13.53
CA ASP B 177 36.17 41.42 -14.69
C ASP B 177 35.00 42.00 -15.49
N TYR B 178 34.12 42.72 -14.82
CA TYR B 178 32.95 43.31 -15.49
C TYR B 178 33.38 44.52 -16.31
N ILE B 179 33.97 45.47 -15.63
CA ILE B 179 34.45 46.70 -16.25
C ILE B 179 35.24 46.40 -17.53
N ASN B 180 36.06 45.35 -17.47
CA ASN B 180 36.88 44.98 -18.61
C ASN B 180 36.21 44.17 -19.70
N THR B 181 35.56 43.07 -19.33
CA THR B 181 34.92 42.20 -20.32
C THR B 181 33.63 42.81 -20.85
N ASN B 182 32.84 43.45 -19.99
CA ASN B 182 31.58 43.99 -20.48
C ASN B 182 31.22 45.46 -20.65
N LEU B 183 31.82 46.33 -19.85
CA LEU B 183 31.52 47.76 -19.96
C LEU B 183 32.38 48.44 -21.02
N VAL B 184 33.69 48.15 -20.99
CA VAL B 184 34.63 48.72 -21.96
C VAL B 184 34.33 48.26 -23.41
N PRO B 185 34.22 46.95 -23.65
CA PRO B 185 33.93 46.37 -24.98
C PRO B 185 32.62 46.85 -25.63
N THR B 186 31.85 47.65 -24.91
CA THR B 186 30.60 48.19 -25.44
C THR B 186 30.48 49.62 -24.94
N ILE B 187 31.61 50.31 -24.94
CA ILE B 187 31.66 51.71 -24.49
C ILE B 187 30.86 52.59 -25.44
N ASP B 188 30.85 52.21 -26.72
CA ASP B 188 30.13 52.96 -27.73
C ASP B 188 28.97 52.16 -28.27
N LYS B 189 29.06 50.84 -28.17
CA LYS B 189 28.02 49.96 -28.67
C LYS B 189 26.66 50.36 -28.07
N ILE B 190 26.67 50.98 -26.89
CA ILE B 190 25.43 51.43 -26.24
C ILE B 190 25.36 52.95 -26.18
N SER B 191 25.84 53.55 -25.10
CA SER B 191 25.84 54.99 -24.97
C SER B 191 26.81 55.33 -23.86
N CYS B 192 26.64 56.48 -23.24
CA CYS B 192 27.52 56.90 -22.16
C CYS B 192 26.64 57.07 -20.93
N LYS B 193 25.35 57.22 -21.17
CA LYS B 193 24.41 57.36 -20.07
C LYS B 193 24.08 55.95 -19.59
N GLN B 194 24.19 55.01 -20.52
CA GLN B 194 23.91 53.60 -20.23
C GLN B 194 25.15 52.93 -19.68
N THR B 195 26.31 53.24 -20.24
CA THR B 195 27.54 52.64 -19.75
C THR B 195 27.66 53.09 -18.30
N GLU B 196 26.96 54.17 -17.96
CA GLU B 196 26.98 54.69 -16.60
C GLU B 196 25.95 53.97 -15.73
N LEU B 197 24.74 53.84 -16.26
CA LEU B 197 23.68 53.16 -15.52
C LEU B 197 24.09 51.74 -15.14
N SER B 198 24.60 50.98 -16.10
CA SER B 198 25.01 49.60 -15.86
C SER B 198 26.13 49.46 -14.86
N LEU B 199 26.99 50.47 -14.77
CA LEU B 199 28.08 50.43 -13.81
C LEU B 199 27.53 50.72 -12.41
N ASP B 200 26.48 51.54 -12.34
CA ASP B 200 25.90 51.83 -11.04
C ASP B 200 25.27 50.55 -10.48
N LEU B 201 24.54 49.83 -11.33
CA LEU B 201 23.90 48.60 -10.90
C LEU B 201 24.93 47.59 -10.41
N ALA B 202 25.92 47.26 -11.23
CA ALA B 202 26.91 46.29 -10.82
C ALA B 202 27.54 46.65 -9.46
N LEU B 203 27.66 47.94 -9.17
CA LEU B 203 28.22 48.37 -7.90
C LEU B 203 27.23 48.20 -6.76
N SER B 204 25.99 48.61 -7.00
CA SER B 204 24.92 48.49 -6.01
C SER B 204 24.67 47.02 -5.65
N LYS B 205 24.68 46.15 -6.66
CA LYS B 205 24.46 44.72 -6.44
C LYS B 205 25.61 44.16 -5.61
N TYR B 206 26.84 44.51 -5.99
CA TYR B 206 28.00 44.04 -5.25
C TYR B 206 27.88 44.44 -3.79
N LEU B 207 27.43 45.65 -3.53
CA LEU B 207 27.25 46.10 -2.16
C LEU B 207 26.15 45.29 -1.48
N SER B 208 25.09 44.99 -2.23
CA SER B 208 23.98 44.22 -1.69
C SER B 208 24.43 42.86 -1.14
N ASP B 209 25.37 42.21 -1.83
CA ASP B 209 25.84 40.90 -1.39
C ASP B 209 26.96 41.05 -0.36
N LEU B 210 27.73 42.12 -0.53
CA LEU B 210 28.85 42.42 0.35
C LEU B 210 28.37 42.78 1.76
N LEU B 211 27.21 43.41 1.84
CA LEU B 211 26.65 43.85 3.12
C LEU B 211 26.34 42.74 4.10
N PHE B 212 25.97 41.57 3.59
CA PHE B 212 25.66 40.47 4.47
C PHE B 212 26.86 40.05 5.30
N VAL B 213 28.07 40.41 4.88
CA VAL B 213 29.27 40.02 5.61
C VAL B 213 30.08 41.13 6.27
N PHE B 214 30.16 42.29 5.64
CA PHE B 214 30.94 43.39 6.20
C PHE B 214 30.07 44.50 6.82
N GLY B 215 28.76 44.31 6.77
CA GLY B 215 27.84 45.28 7.32
C GLY B 215 27.88 45.30 8.84
N PRO B 216 26.86 45.88 9.47
CA PRO B 216 26.73 46.00 10.94
C PRO B 216 26.87 44.64 11.58
N ASN B 217 26.77 43.63 10.73
CA ASN B 217 26.87 42.26 11.14
C ASN B 217 28.28 41.98 11.70
N LEU B 218 29.29 42.45 10.97
CA LEU B 218 30.69 42.26 11.35
C LEU B 218 31.05 43.14 12.53
N GLN B 219 30.46 42.84 13.68
CA GLN B 219 30.70 43.63 14.88
C GLN B 219 32.13 43.53 15.42
N ASP B 220 32.71 42.33 15.41
CA ASP B 220 34.08 42.12 15.91
C ASP B 220 35.00 41.65 14.78
N PRO B 221 35.78 42.58 14.20
CA PRO B 221 36.71 42.30 13.11
C PRO B 221 38.06 41.91 13.66
N VAL B 222 38.19 42.02 14.97
CA VAL B 222 39.41 41.67 15.63
C VAL B 222 39.61 40.15 15.58
N SER B 223 38.59 39.38 15.94
CA SER B 223 38.68 37.91 15.88
C SER B 223 39.08 37.37 14.50
N ASN B 224 39.59 36.14 14.44
CA ASN B 224 39.98 35.59 13.14
C ASN B 224 39.32 34.25 12.89
N SER B 225 38.07 34.14 13.32
CA SER B 225 37.29 32.92 13.17
C SER B 225 36.34 33.03 12.01
N MET B 226 36.60 33.96 11.10
CA MET B 226 35.73 34.14 9.97
C MET B 226 36.10 33.26 8.80
N THR B 227 35.13 32.52 8.30
CA THR B 227 35.37 31.64 7.18
C THR B 227 35.94 32.40 6.00
N ILE B 228 36.78 31.75 5.19
CA ILE B 228 37.39 32.40 4.02
C ILE B 228 36.35 32.66 2.93
N GLN B 229 35.35 31.77 2.86
CA GLN B 229 34.28 31.91 1.88
C GLN B 229 33.47 33.16 2.23
N ALA B 230 33.40 33.48 3.51
CA ALA B 230 32.66 34.66 3.94
C ALA B 230 33.39 35.90 3.46
N ILE B 231 34.70 35.94 3.74
CA ILE B 231 35.53 37.07 3.34
C ILE B 231 35.53 37.24 1.83
N SER B 232 35.59 36.13 1.10
CA SER B 232 35.61 36.20 -0.35
C SER B 232 34.40 36.91 -0.96
N GLN B 233 33.42 37.31 -0.13
CA GLN B 233 32.26 38.03 -0.64
C GLN B 233 32.71 39.39 -1.17
N ALA B 234 33.84 39.86 -0.65
CA ALA B 234 34.41 41.12 -1.06
C ALA B 234 34.93 40.95 -2.47
N PHE B 235 35.14 39.70 -2.88
CA PHE B 235 35.62 39.44 -4.22
C PHE B 235 34.58 38.64 -5.01
N GLY B 236 33.30 38.89 -4.77
CA GLY B 236 32.26 38.19 -5.49
C GLY B 236 32.09 36.73 -5.13
N GLY B 237 32.56 36.36 -3.94
CA GLY B 237 32.44 34.99 -3.49
C GLY B 237 33.26 33.99 -4.28
N ASN B 238 34.21 34.47 -5.07
CA ASN B 238 35.03 33.58 -5.85
C ASN B 238 36.18 33.14 -4.97
N TYR B 239 35.85 32.47 -3.87
CA TYR B 239 36.89 32.02 -2.97
C TYR B 239 37.82 30.98 -3.62
N GLU B 240 37.42 30.43 -4.77
CA GLU B 240 38.28 29.45 -5.45
C GLU B 240 39.51 30.20 -5.97
N THR B 241 39.28 31.25 -6.75
CA THR B 241 40.37 32.04 -7.28
C THR B 241 41.22 32.60 -6.14
N LEU B 242 40.58 33.13 -5.09
CA LEU B 242 41.32 33.70 -3.96
C LEU B 242 42.30 32.71 -3.34
N LEU B 243 41.99 31.42 -3.44
CA LEU B 243 42.86 30.42 -2.87
C LEU B 243 43.87 29.90 -3.89
N ARG B 244 43.42 29.49 -5.08
CA ARG B 244 44.36 28.99 -6.10
C ARG B 244 45.48 30.03 -6.25
N THR B 245 45.08 31.30 -6.37
CA THR B 245 46.01 32.41 -6.53
C THR B 245 47.00 32.52 -5.37
N LEU B 246 46.71 31.83 -4.27
CA LEU B 246 47.57 31.83 -3.11
C LEU B 246 48.36 30.54 -2.98
N GLY B 247 47.94 29.51 -3.70
CA GLY B 247 48.63 28.23 -3.62
C GLY B 247 48.18 27.34 -2.48
N TYR B 248 47.31 26.40 -2.80
CA TYR B 248 46.84 25.47 -1.79
C TYR B 248 47.64 24.20 -2.03
N ALA B 249 48.79 24.14 -1.39
CA ALA B 249 49.68 22.99 -1.50
C ALA B 249 49.15 21.91 -0.55
N THR B 250 47.89 21.51 -0.71
CA THR B 250 47.33 20.47 0.17
C THR B 250 46.34 19.51 -0.47
N GLU B 251 46.19 18.38 0.21
CA GLU B 251 45.28 17.31 -0.15
C GLU B 251 43.93 17.49 0.52
N ASP B 252 43.98 17.75 1.84
CA ASP B 252 42.78 17.96 2.64
C ASP B 252 42.19 19.31 2.27
N PHE B 253 42.61 19.86 1.14
CA PHE B 253 42.14 21.16 0.71
C PHE B 253 40.63 21.31 0.71
N ASP B 254 39.92 20.37 0.07
CA ASP B 254 38.48 20.49 0.06
C ASP B 254 37.87 20.16 1.42
N ASP B 255 38.42 19.14 2.07
CA ASP B 255 37.94 18.74 3.38
C ASP B 255 38.17 19.86 4.40
N LEU B 256 39.16 20.72 4.12
CA LEU B 256 39.46 21.83 5.01
C LEU B 256 38.52 22.98 4.71
N LEU B 257 38.09 23.09 3.46
CA LEU B 257 37.18 24.15 3.06
C LEU B 257 35.81 23.91 3.66
N GLU B 258 35.27 22.73 3.38
CA GLU B 258 33.94 22.35 3.87
C GLU B 258 33.83 22.27 5.38
N SER B 259 34.92 21.94 6.05
CA SER B 259 34.90 21.83 7.49
C SER B 259 35.09 23.20 8.13
N ASP B 260 35.05 24.24 7.30
CA ASP B 260 35.23 25.59 7.79
C ASP B 260 36.46 25.71 8.68
N SER B 261 37.62 25.53 8.08
CA SER B 261 38.88 25.62 8.81
C SER B 261 39.77 26.67 8.18
N ILE B 262 39.55 26.92 6.90
CA ILE B 262 40.33 27.93 6.19
C ILE B 262 39.73 29.28 6.51
N THR B 263 40.17 29.87 7.62
CA THR B 263 39.66 31.16 8.05
C THR B 263 40.48 32.33 7.53
N GLY B 264 39.98 33.54 7.76
CA GLY B 264 40.69 34.72 7.32
C GLY B 264 40.55 35.82 8.37
N GLN B 265 41.42 36.83 8.31
CA GLN B 265 41.33 37.91 9.28
C GLN B 265 41.70 39.26 8.66
N ILE B 266 40.89 40.29 8.93
CA ILE B 266 41.15 41.62 8.39
C ILE B 266 42.35 42.18 9.16
N ILE B 267 43.38 42.57 8.41
CA ILE B 267 44.62 43.11 8.98
C ILE B 267 44.62 44.63 8.90
N TYR B 268 44.28 45.14 7.72
CA TYR B 268 44.28 46.57 7.47
C TYR B 268 43.14 47.04 6.55
N VAL B 269 42.69 48.27 6.76
CA VAL B 269 41.62 48.86 5.97
C VAL B 269 42.02 50.27 5.53
N ASP B 270 42.14 50.46 4.21
CA ASP B 270 42.53 51.77 3.66
C ASP B 270 41.29 52.51 3.15
N LEU B 271 40.86 53.52 3.92
CA LEU B 271 39.68 54.30 3.57
C LEU B 271 39.87 55.30 2.43
N SER B 272 41.08 55.36 1.89
CA SER B 272 41.41 56.26 0.79
C SER B 272 41.26 55.51 -0.51
N SER B 273 42.09 54.50 -0.68
CA SER B 273 42.12 53.69 -1.88
C SER B 273 41.04 52.62 -1.91
N TYR B 274 40.49 52.32 -0.73
CA TYR B 274 39.43 51.33 -0.60
C TYR B 274 39.83 49.90 -0.93
N TYR B 275 40.73 49.36 -0.10
CA TYR B 275 41.18 47.99 -0.23
C TYR B 275 41.49 47.51 1.18
N ILE B 276 41.48 46.20 1.38
CA ILE B 276 41.77 45.65 2.70
C ILE B 276 42.79 44.54 2.56
N ILE B 277 43.54 44.29 3.63
CA ILE B 277 44.55 43.24 3.60
C ILE B 277 44.08 42.12 4.52
N VAL B 278 43.79 40.95 3.95
CA VAL B 278 43.34 39.82 4.77
C VAL B 278 44.43 38.78 4.88
N ARG B 279 44.52 38.20 6.06
CA ARG B 279 45.51 37.18 6.32
C ARG B 279 44.80 35.84 6.38
N VAL B 280 45.00 35.03 5.35
CA VAL B 280 44.38 33.72 5.27
C VAL B 280 45.14 32.68 6.08
N TYR B 281 44.44 31.99 6.98
CA TYR B 281 45.07 30.96 7.78
C TYR B 281 44.77 29.60 7.14
N PHE B 282 45.76 28.95 6.55
CA PHE B 282 45.56 27.61 5.96
C PHE B 282 46.01 26.67 7.07
N PRO B 283 45.09 25.89 7.67
CA PRO B 283 45.65 25.02 8.72
C PRO B 283 45.83 23.61 8.18
N ILE B 284 46.03 22.66 9.08
CA ILE B 284 46.18 21.29 8.65
C ILE B 284 45.42 20.39 9.61
N LEU B 285 44.92 19.27 9.09
CA LEU B 285 44.19 18.32 9.92
C LEU B 285 45.15 17.45 10.69
N THR B 286 44.70 16.87 11.78
CA THR B 286 45.53 15.99 12.58
C THR B 286 44.55 15.12 13.34
N GLU B 287 44.71 13.82 13.23
CA GLU B 287 43.79 12.91 13.89
C GLU B 287 44.12 12.60 15.32
N ILE B 288 43.21 12.96 16.21
CA ILE B 288 43.41 12.71 17.62
C ILE B 288 43.74 11.25 17.87
N GLN B 289 44.86 11.01 18.54
CA GLN B 289 45.30 9.66 18.86
C GLN B 289 44.24 8.92 19.65
N GLN B 290 44.17 7.61 19.46
CA GLN B 290 43.20 6.76 20.18
C GLN B 290 41.81 7.38 20.39
N ALA B 291 41.15 7.72 19.30
CA ALA B 291 39.80 8.28 19.34
C ALA B 291 39.08 8.02 18.03
N TYR B 292 37.83 7.56 18.14
CA TYR B 292 37.03 7.29 16.97
C TYR B 292 35.60 7.77 17.21
N ILE B 293 34.84 7.93 16.14
CA ILE B 293 33.46 8.37 16.26
C ILE B 293 32.57 7.30 15.64
N GLN B 294 31.97 6.50 16.51
CA GLN B 294 31.11 5.42 16.11
C GLN B 294 29.74 5.97 15.77
N GLU B 295 29.18 5.52 14.65
CA GLU B 295 27.84 5.97 14.27
C GLU B 295 26.87 4.82 14.47
N LEU B 296 25.67 5.13 14.93
CA LEU B 296 24.66 4.10 15.10
C LEU B 296 23.56 4.38 14.05
N LEU B 297 23.06 3.32 13.43
CA LEU B 297 22.00 3.43 12.42
C LEU B 297 20.69 3.12 13.10
N PRO B 298 19.78 4.09 13.18
CA PRO B 298 18.50 3.85 13.85
C PRO B 298 17.60 2.94 13.04
N VAL B 299 16.90 2.06 13.74
CA VAL B 299 15.97 1.13 13.11
C VAL B 299 14.76 0.93 14.00
N SER B 300 13.59 1.24 13.48
CA SER B 300 12.34 1.11 14.21
C SER B 300 12.20 -0.30 14.77
N PHE B 301 11.96 -0.41 16.07
CA PHE B 301 11.80 -1.73 16.66
C PHE B 301 10.44 -1.90 17.29
N ASN B 302 9.93 -3.12 17.26
CA ASN B 302 8.61 -3.39 17.82
C ASN B 302 8.67 -3.93 19.23
N ASN B 303 7.81 -3.39 20.08
CA ASN B 303 7.76 -3.87 21.44
C ASN B 303 6.46 -4.24 22.08
N ASP B 304 5.54 -3.29 22.16
CA ASP B 304 4.29 -3.59 22.81
C ASP B 304 3.49 -4.03 21.60
N ASP B 305 3.00 -3.05 20.85
CA ASP B 305 2.22 -3.33 19.66
C ASP B 305 2.33 -2.12 18.80
N SER B 306 3.32 -1.32 19.15
CA SER B 306 3.61 -0.10 18.45
C SER B 306 5.07 -0.15 18.06
N GLU B 307 5.45 0.68 17.08
CA GLU B 307 6.83 0.74 16.65
C GLU B 307 7.51 1.69 17.60
N TRP B 308 8.82 1.56 17.75
CA TRP B 308 9.57 2.44 18.64
C TRP B 308 10.95 2.80 18.09
N ILE B 309 11.53 3.87 18.62
CA ILE B 309 12.84 4.28 18.21
C ILE B 309 13.57 4.66 19.47
N SER B 310 14.75 4.09 19.65
CA SER B 310 15.55 4.40 20.82
C SER B 310 16.06 5.82 20.69
N ILE B 311 15.98 6.58 21.77
CA ILE B 311 16.48 7.94 21.77
C ILE B 311 17.88 7.94 22.39
N VAL B 312 18.87 7.66 21.56
CA VAL B 312 20.26 7.58 21.98
C VAL B 312 21.12 8.26 20.93
N PRO B 313 22.24 8.86 21.35
CA PRO B 313 23.10 9.53 20.37
C PRO B 313 23.37 8.69 19.12
N ASN B 314 23.28 9.32 17.96
CA ASN B 314 23.54 8.62 16.69
C ASN B 314 25.02 8.59 16.36
N PHE B 315 25.79 9.42 17.06
CA PHE B 315 27.23 9.49 16.88
C PHE B 315 27.83 9.53 18.26
N ILE B 316 28.86 8.73 18.48
CA ILE B 316 29.49 8.69 19.78
C ILE B 316 30.99 8.86 19.65
N LEU B 317 31.56 9.70 20.50
CA LEU B 317 32.98 9.95 20.48
C LEU B 317 33.64 9.15 21.58
N VAL B 318 34.61 8.32 21.20
CA VAL B 318 35.31 7.53 22.19
C VAL B 318 36.78 7.84 22.10
N ARG B 319 37.36 8.25 23.23
CA ARG B 319 38.77 8.55 23.35
C ARG B 319 39.32 7.70 24.49
N ASN B 320 40.08 6.67 24.11
CA ASN B 320 40.66 5.73 25.07
C ASN B 320 39.52 4.88 25.59
N THR B 321 38.92 5.32 26.68
CA THR B 321 37.83 4.58 27.26
C THR B 321 36.75 5.55 27.70
N LEU B 322 36.90 6.80 27.27
CA LEU B 322 35.92 7.80 27.62
C LEU B 322 34.87 8.00 26.53
N ILE B 323 33.62 7.73 26.89
CA ILE B 323 32.52 7.89 25.97
C ILE B 323 31.89 9.24 26.22
N SER B 324 31.80 10.05 25.18
CA SER B 324 31.23 11.38 25.30
C SER B 324 30.45 11.76 24.06
N ASN B 325 29.53 12.70 24.22
CA ASN B 325 28.72 13.17 23.11
C ASN B 325 29.59 14.07 22.25
N ILE B 326 29.11 14.42 21.06
CA ILE B 326 29.85 15.31 20.18
C ILE B 326 28.88 16.06 19.31
N GLU B 327 29.07 17.36 19.19
CA GLU B 327 28.18 18.18 18.37
C GLU B 327 28.62 18.07 16.94
N ILE B 328 28.59 16.84 16.44
CA ILE B 328 28.99 16.52 15.09
C ILE B 328 28.27 17.38 14.05
N GLY B 329 27.33 18.20 14.51
CA GLY B 329 26.63 19.06 13.58
C GLY B 329 27.60 20.01 12.92
N PHE B 330 28.44 20.65 13.73
CA PHE B 330 29.41 21.61 13.24
C PHE B 330 30.63 21.02 12.58
N CYS B 331 30.58 19.76 12.20
CA CYS B 331 31.73 19.16 11.55
C CYS B 331 31.39 18.67 10.17
N LEU B 332 32.41 18.18 9.48
CA LEU B 332 32.23 17.64 8.14
C LEU B 332 32.35 16.15 8.26
N ILE B 333 31.35 15.42 7.80
CA ILE B 333 31.43 13.97 7.89
C ILE B 333 31.70 13.36 6.53
N THR B 334 32.83 12.67 6.41
CA THR B 334 33.18 12.02 5.18
C THR B 334 33.02 10.54 5.45
N LYS B 335 33.27 9.70 4.44
CA LYS B 335 33.10 8.28 4.67
C LYS B 335 34.14 7.70 5.63
N ARG B 336 35.34 8.26 5.67
CA ARG B 336 36.36 7.68 6.55
C ARG B 336 36.65 8.37 7.87
N SER B 337 36.24 9.63 8.01
CA SER B 337 36.48 10.36 9.25
C SER B 337 35.64 11.64 9.44
N VAL B 338 35.60 12.12 10.69
CA VAL B 338 34.85 13.32 11.05
C VAL B 338 35.85 14.45 11.22
N ILE B 339 35.78 15.43 10.34
CA ILE B 339 36.71 16.56 10.38
C ILE B 339 36.05 17.80 10.98
N CYS B 340 36.61 18.29 12.08
CA CYS B 340 36.06 19.48 12.74
C CYS B 340 37.06 20.61 12.85
N ASN B 341 36.57 21.84 12.81
CA ASN B 341 37.43 23.01 12.93
C ASN B 341 37.85 23.28 14.37
N GLN B 342 37.49 22.37 15.28
CA GLN B 342 37.84 22.47 16.70
C GLN B 342 37.19 21.33 17.45
N ASP B 343 37.72 21.00 18.63
CA ASP B 343 37.16 19.90 19.42
C ASP B 343 35.72 20.25 19.73
N TYR B 344 34.81 19.32 19.47
CA TYR B 344 33.40 19.59 19.71
C TYR B 344 32.77 18.59 20.67
N ALA B 345 33.61 17.98 21.48
CA ALA B 345 33.10 16.99 22.42
C ALA B 345 32.30 17.69 23.51
N THR B 346 31.31 16.99 24.03
CA THR B 346 30.49 17.53 25.10
C THR B 346 30.19 16.38 26.06
N PRO B 347 29.86 16.69 27.30
CA PRO B 347 29.55 15.70 28.34
C PRO B 347 28.35 14.83 28.02
N MET B 348 28.20 13.74 28.77
CA MET B 348 27.10 12.84 28.56
C MET B 348 26.56 12.37 29.90
N THR B 349 25.25 12.21 29.99
CA THR B 349 24.58 11.75 31.22
C THR B 349 25.28 10.49 31.66
N ASN B 350 25.12 10.13 32.91
CA ASN B 350 25.77 8.92 33.32
C ASN B 350 24.94 7.74 32.84
N ASN B 351 23.63 7.84 33.02
CA ASN B 351 22.72 6.78 32.58
C ASN B 351 22.90 6.51 31.09
N MET B 352 22.98 7.57 30.31
CA MET B 352 23.12 7.41 28.88
C MET B 352 24.39 6.63 28.55
N ARG B 353 25.44 6.80 29.34
CA ARG B 353 26.68 6.08 29.09
C ARG B 353 26.48 4.61 29.43
N GLU B 354 25.73 4.34 30.49
CA GLU B 354 25.47 2.96 30.89
C GLU B 354 24.65 2.27 29.83
N CYS B 355 23.61 2.95 29.38
CA CYS B 355 22.75 2.38 28.35
C CYS B 355 23.59 1.92 27.17
N LEU B 356 24.46 2.80 26.70
CA LEU B 356 25.33 2.49 25.56
C LEU B 356 26.25 1.31 25.79
N THR B 357 26.40 0.86 27.02
CA THR B 357 27.30 -0.25 27.31
C THR B 357 26.64 -1.56 27.71
N GLY B 358 25.36 -1.50 28.10
CA GLY B 358 24.67 -2.72 28.47
C GLY B 358 23.38 -2.58 29.25
N SER B 359 23.20 -1.42 29.87
CA SER B 359 22.01 -1.15 30.66
C SER B 359 20.89 -0.67 29.73
N THR B 360 20.37 -1.55 28.90
CA THR B 360 19.34 -1.16 27.95
C THR B 360 18.04 -0.67 28.56
N GLU B 361 17.80 -0.96 29.83
CA GLU B 361 16.57 -0.49 30.47
C GLU B 361 16.69 0.98 30.78
N LYS B 362 17.89 1.52 30.57
CA LYS B 362 18.14 2.92 30.81
C LYS B 362 18.18 3.68 29.49
N CYS B 363 17.77 3.04 28.39
CA CYS B 363 17.74 3.71 27.09
C CYS B 363 16.33 4.10 26.76
N PRO B 364 16.06 5.41 26.68
CA PRO B 364 14.71 5.86 26.36
C PRO B 364 14.29 5.39 24.98
N ARG B 365 13.00 5.50 24.70
CA ARG B 365 12.45 5.12 23.41
C ARG B 365 11.19 5.97 23.22
N GLU B 366 10.95 6.42 22.00
CA GLU B 366 9.78 7.25 21.73
C GLU B 366 8.89 6.54 20.76
N LEU B 367 7.59 6.72 20.91
CA LEU B 367 6.64 6.08 20.05
C LEU B 367 6.80 6.54 18.60
N VAL B 368 6.63 5.62 17.65
CA VAL B 368 6.74 5.95 16.22
C VAL B 368 5.34 6.05 15.64
N VAL B 369 5.03 7.17 15.00
CA VAL B 369 3.70 7.32 14.44
C VAL B 369 3.76 7.85 13.03
N SER B 370 4.89 7.63 12.37
CA SER B 370 5.02 8.12 11.01
C SER B 370 5.26 6.99 10.04
N SER B 371 4.66 7.12 8.86
CA SER B 371 4.80 6.10 7.82
C SER B 371 6.29 5.85 7.52
N HIS B 372 7.05 6.93 7.38
CA HIS B 372 8.47 6.84 7.04
C HIS B 372 9.39 6.87 8.24
N VAL B 373 10.18 5.82 8.42
CA VAL B 373 11.14 5.71 9.51
C VAL B 373 11.78 4.38 9.19
N PRO B 374 13.11 4.32 9.26
CA PRO B 374 13.95 3.15 8.98
C PRO B 374 13.39 1.87 9.58
N ARG B 375 13.25 0.84 8.76
CA ARG B 375 12.70 -0.44 9.21
C ARG B 375 13.76 -1.52 9.37
N PHE B 376 14.89 -1.36 8.70
CA PHE B 376 15.96 -2.34 8.76
C PHE B 376 17.29 -1.74 8.40
N ALA B 377 18.37 -2.40 8.81
CA ALA B 377 19.70 -1.93 8.50
C ALA B 377 20.63 -3.11 8.30
N LEU B 378 21.67 -2.90 7.50
CA LEU B 378 22.64 -3.95 7.20
C LEU B 378 23.92 -3.65 7.95
N SER B 379 24.27 -4.50 8.91
CA SER B 379 25.48 -4.32 9.70
C SER B 379 26.41 -5.50 9.56
N ASN B 380 27.47 -5.32 8.78
CA ASN B 380 28.41 -6.39 8.56
C ASN B 380 27.70 -7.61 7.96
N GLY B 381 27.25 -7.49 6.71
CA GLY B 381 26.58 -8.59 6.04
C GLY B 381 25.31 -9.12 6.66
N VAL B 382 25.05 -8.81 7.92
CA VAL B 382 23.85 -9.28 8.59
C VAL B 382 22.72 -8.25 8.55
N LEU B 383 21.48 -8.72 8.58
CA LEU B 383 20.31 -7.87 8.55
C LEU B 383 19.66 -7.74 9.92
N PHE B 384 19.10 -6.58 10.18
CA PHE B 384 18.40 -6.31 11.43
C PHE B 384 17.12 -5.62 10.99
N ALA B 385 15.99 -6.32 11.13
CA ALA B 385 14.73 -5.76 10.67
C ALA B 385 13.54 -5.96 11.56
N ASN B 386 12.57 -5.07 11.37
CA ASN B 386 11.34 -5.09 12.11
C ASN B 386 10.50 -5.82 11.08
N CYS B 387 10.44 -7.14 11.18
CA CYS B 387 9.66 -7.89 10.22
C CYS B 387 8.21 -7.95 10.69
N ILE B 388 7.82 -6.96 11.49
CA ILE B 388 6.48 -6.82 12.03
C ILE B 388 5.85 -5.67 11.24
N SER B 389 6.66 -4.64 10.96
CA SER B 389 6.23 -3.46 10.24
C SER B 389 6.69 -3.43 8.79
N VAL B 390 7.38 -4.49 8.38
CA VAL B 390 7.86 -4.68 7.00
C VAL B 390 7.69 -6.17 6.75
N THR B 391 7.52 -6.57 5.49
CA THR B 391 7.36 -7.98 5.22
C THR B 391 8.66 -8.60 4.67
N CYS B 392 9.25 -9.46 5.51
CA CYS B 392 10.50 -10.14 5.23
C CYS B 392 10.27 -11.58 4.80
N GLN B 393 10.66 -11.92 3.58
CA GLN B 393 10.50 -13.29 3.14
C GLN B 393 11.83 -13.85 2.69
N CYS B 394 11.92 -15.17 2.70
CA CYS B 394 13.14 -15.81 2.27
C CYS B 394 13.03 -16.27 0.85
N GLN B 395 13.68 -15.52 -0.02
CA GLN B 395 13.66 -15.78 -1.44
C GLN B 395 14.04 -17.21 -1.86
N THR B 396 15.03 -17.81 -1.20
CA THR B 396 15.43 -19.14 -1.61
C THR B 396 14.42 -20.22 -1.26
N THR B 397 13.92 -20.17 -0.04
CA THR B 397 12.96 -21.16 0.42
C THR B 397 11.52 -20.78 0.08
N GLY B 398 11.30 -19.49 -0.12
CA GLY B 398 9.97 -18.97 -0.44
C GLY B 398 9.16 -18.55 0.79
N ARG B 399 9.55 -19.11 1.93
CA ARG B 399 8.89 -18.87 3.20
C ARG B 399 8.89 -17.44 3.64
N ALA B 400 8.04 -17.17 4.62
CA ALA B 400 7.89 -15.86 5.18
C ALA B 400 8.66 -15.90 6.48
N ILE B 401 9.62 -14.99 6.60
CA ILE B 401 10.45 -14.86 7.81
C ILE B 401 9.63 -14.01 8.73
N SER B 402 8.83 -14.62 9.60
CA SER B 402 7.98 -13.83 10.48
C SER B 402 8.58 -13.59 11.85
N GLN B 403 8.19 -12.45 12.45
CA GLN B 403 8.65 -11.98 13.75
C GLN B 403 7.67 -12.16 14.90
N SER B 404 8.16 -12.80 15.96
CA SER B 404 7.34 -13.03 17.15
C SER B 404 6.86 -11.73 17.76
N GLY B 405 5.85 -11.84 18.62
CA GLY B 405 5.32 -10.68 19.29
C GLY B 405 6.21 -10.15 20.39
N GLU B 406 6.96 -11.05 21.02
CA GLU B 406 7.82 -10.67 22.11
C GLU B 406 9.25 -10.48 21.64
N GLN B 407 9.41 -10.08 20.39
CA GLN B 407 10.72 -9.82 19.87
C GLN B 407 10.68 -8.38 19.44
N THR B 408 11.84 -7.74 19.43
CA THR B 408 11.94 -6.34 19.04
C THR B 408 12.37 -6.23 17.57
N LEU B 409 13.43 -6.94 17.21
CA LEU B 409 13.95 -6.97 15.84
C LEU B 409 14.19 -8.41 15.46
N LEU B 410 14.78 -8.60 14.31
CA LEU B 410 15.13 -9.94 13.89
C LEU B 410 16.54 -9.86 13.36
N MET B 411 17.25 -10.97 13.39
CA MET B 411 18.61 -11.00 12.90
C MET B 411 18.67 -12.04 11.82
N ILE B 412 18.42 -11.59 10.60
CA ILE B 412 18.42 -12.48 9.45
C ILE B 412 19.81 -12.67 8.85
N ASP B 413 20.40 -13.85 9.02
CA ASP B 413 21.73 -14.12 8.46
C ASP B 413 21.79 -15.47 7.72
N ASN B 414 22.97 -15.85 7.23
CA ASN B 414 23.14 -17.11 6.52
C ASN B 414 22.23 -18.17 7.06
N THR B 415 22.50 -18.56 8.30
CA THR B 415 21.74 -19.60 8.97
C THR B 415 20.20 -19.59 8.83
N THR B 416 19.60 -18.41 8.82
CA THR B 416 18.14 -18.25 8.69
C THR B 416 17.68 -18.19 7.25
N CYS B 417 18.20 -17.19 6.54
CA CYS B 417 17.86 -17.00 5.16
C CYS B 417 19.09 -16.57 4.37
N PRO B 418 19.51 -17.40 3.40
CA PRO B 418 20.69 -17.12 2.57
C PRO B 418 20.56 -15.89 1.67
N THR B 419 19.34 -15.59 1.26
CA THR B 419 19.08 -14.44 0.39
C THR B 419 17.64 -14.00 0.63
N ALA B 420 17.47 -12.94 1.43
CA ALA B 420 16.14 -12.46 1.78
C ALA B 420 15.55 -11.38 0.90
N VAL B 421 14.25 -11.12 1.11
CA VAL B 421 13.52 -10.12 0.37
C VAL B 421 12.77 -9.15 1.30
N LEU B 422 13.35 -7.98 1.56
CA LEU B 422 12.71 -6.99 2.41
C LEU B 422 11.96 -5.99 1.58
N GLY B 423 10.87 -6.44 0.99
CA GLY B 423 10.07 -5.55 0.16
C GLY B 423 10.50 -5.52 -1.30
N ASN B 424 11.08 -4.40 -1.71
CA ASN B 424 11.50 -4.26 -3.08
C ASN B 424 13.00 -4.54 -3.18
N VAL B 425 13.53 -5.14 -2.13
CA VAL B 425 14.95 -5.43 -2.11
C VAL B 425 15.23 -6.88 -1.85
N ILE B 426 16.28 -7.39 -2.49
CA ILE B 426 16.71 -8.77 -2.34
C ILE B 426 18.19 -8.75 -2.05
N ILE B 427 18.60 -9.02 -0.82
CA ILE B 427 20.03 -9.01 -0.56
C ILE B 427 20.49 -10.35 -0.04
N SER B 428 21.73 -10.70 -0.36
CA SER B 428 22.32 -11.96 0.07
C SER B 428 23.06 -11.67 1.37
N LEU B 429 22.73 -12.41 2.42
CA LEU B 429 23.33 -12.19 3.72
C LEU B 429 24.62 -12.94 3.98
N GLY B 430 25.22 -12.64 5.12
CA GLY B 430 26.45 -13.27 5.54
C GLY B 430 26.22 -13.94 6.89
N LYS B 431 27.29 -14.32 7.59
CA LYS B 431 27.15 -15.00 8.88
C LYS B 431 27.31 -14.06 10.08
N TYR B 432 26.29 -14.00 10.93
CA TYR B 432 26.35 -13.15 12.13
C TYR B 432 27.46 -13.70 13.01
N LEU B 433 28.19 -12.82 13.68
CA LEU B 433 29.30 -13.26 14.53
C LEU B 433 29.05 -13.20 16.04
N GLY B 434 27.80 -13.00 16.44
CA GLY B 434 27.49 -12.91 17.85
C GLY B 434 26.73 -14.10 18.37
N SER B 435 26.04 -13.94 19.51
CA SER B 435 25.27 -15.02 20.11
C SER B 435 24.44 -15.70 19.03
N VAL B 436 24.52 -17.02 18.92
CA VAL B 436 23.78 -17.70 17.87
C VAL B 436 22.30 -17.79 18.16
N ASN B 437 21.87 -17.26 19.30
CA ASN B 437 20.47 -17.30 19.68
C ASN B 437 19.92 -15.89 19.85
N TYR B 438 20.53 -14.94 19.17
CA TYR B 438 20.13 -13.53 19.21
C TYR B 438 18.61 -13.40 19.13
N ASN B 439 17.98 -14.16 18.24
CA ASN B 439 16.55 -14.08 18.06
C ASN B 439 15.67 -14.79 19.07
N SER B 440 16.30 -15.44 20.04
CA SER B 440 15.54 -16.14 21.07
C SER B 440 16.09 -15.72 22.41
N GLU B 441 16.93 -14.69 22.36
CA GLU B 441 17.59 -14.11 23.54
C GLU B 441 16.67 -13.17 24.32
N GLY B 442 16.28 -12.06 23.73
CA GLY B 442 15.42 -11.15 24.45
C GLY B 442 16.21 -10.00 25.03
N ILE B 443 15.53 -8.96 25.50
CA ILE B 443 16.21 -7.79 26.05
C ILE B 443 15.27 -6.90 26.85
N ALA B 444 15.79 -6.31 27.92
CA ALA B 444 14.99 -5.44 28.77
C ALA B 444 14.81 -4.07 28.13
N ILE B 445 13.56 -3.72 27.82
CA ILE B 445 13.24 -2.44 27.20
C ILE B 445 13.31 -1.26 28.16
N GLY B 446 13.65 -0.09 27.63
CA GLY B 446 13.72 1.10 28.46
C GLY B 446 12.38 1.81 28.57
N PRO B 447 12.35 2.92 29.29
CA PRO B 447 11.13 3.72 29.49
C PRO B 447 10.82 4.57 28.30
N PRO B 448 9.53 4.80 28.02
CA PRO B 448 9.15 5.63 26.88
C PRO B 448 9.18 7.10 27.22
N VAL B 449 9.40 7.94 26.21
CA VAL B 449 9.44 9.39 26.39
C VAL B 449 8.99 10.10 25.15
N PHE B 450 8.77 11.41 25.30
CA PHE B 450 8.35 12.24 24.18
C PHE B 450 9.31 13.41 24.06
N THR B 451 9.83 13.64 22.86
CA THR B 451 10.80 14.69 22.67
C THR B 451 10.32 15.96 22.03
N ASP B 452 9.05 16.03 21.68
CA ASP B 452 8.52 17.24 21.08
C ASP B 452 8.84 18.40 22.03
N LYS B 453 9.35 19.51 21.51
CA LYS B 453 9.69 20.65 22.36
C LYS B 453 8.54 21.04 23.29
N VAL B 454 7.36 21.18 22.72
CA VAL B 454 6.17 21.58 23.46
C VAL B 454 5.88 20.62 24.61
N ASP B 455 6.07 19.34 24.35
CA ASP B 455 5.81 18.30 25.34
C ASP B 455 6.85 18.25 26.44
N ILE B 456 8.06 18.69 26.16
CA ILE B 456 9.07 18.69 27.19
C ILE B 456 8.69 19.71 28.27
N SER B 457 7.95 20.74 27.86
CA SER B 457 7.50 21.74 28.83
C SER B 457 6.32 21.14 29.59
N SER B 458 5.47 20.42 28.86
CA SER B 458 4.30 19.78 29.46
C SER B 458 4.74 18.75 30.47
N GLN B 459 5.72 17.93 30.11
CA GLN B 459 6.21 16.90 31.00
C GLN B 459 6.93 17.48 32.20
N ILE B 460 7.66 18.58 32.01
CA ILE B 460 8.36 19.17 33.15
C ILE B 460 7.33 19.74 34.09
N SER B 461 6.29 20.35 33.55
CA SER B 461 5.22 20.91 34.36
C SER B 461 4.42 19.78 35.01
N SER B 462 4.08 18.78 34.22
CA SER B 462 3.32 17.64 34.72
C SER B 462 4.05 16.97 35.87
N MET B 463 5.34 16.74 35.70
CA MET B 463 6.14 16.09 36.73
C MET B 463 6.21 16.87 38.02
N ASN B 464 6.39 18.17 37.92
CA ASN B 464 6.48 18.99 39.11
C ASN B 464 5.16 18.99 39.85
N GLN B 465 4.07 18.81 39.12
CA GLN B 465 2.75 18.76 39.72
C GLN B 465 2.76 17.59 40.68
N SER B 466 2.96 16.40 40.11
CA SER B 466 3.00 15.17 40.87
C SER B 466 3.99 15.31 42.02
N LEU B 467 5.14 15.91 41.77
CA LEU B 467 6.16 16.07 42.81
C LEU B 467 5.70 16.96 43.97
N GLN B 468 4.97 18.03 43.69
CA GLN B 468 4.47 18.90 44.76
C GLN B 468 3.45 18.17 45.61
N GLN B 469 2.61 17.39 44.94
CA GLN B 469 1.56 16.62 45.62
C GLN B 469 2.15 15.53 46.52
N SER B 470 3.18 14.83 46.05
CA SER B 470 3.80 13.79 46.85
C SER B 470 4.65 14.35 47.97
N LYS B 471 5.00 15.63 47.87
CA LYS B 471 5.79 16.26 48.91
C LYS B 471 4.82 16.59 50.06
N ASP B 472 3.56 16.86 49.68
CA ASP B 472 2.49 17.16 50.64
C ASP B 472 1.95 15.95 51.40
N TYR B 473 2.03 14.78 50.77
CA TYR B 473 1.60 13.52 51.38
C TYR B 473 2.72 13.08 52.33
N ILE B 474 3.96 13.42 51.96
CA ILE B 474 5.11 13.10 52.79
C ILE B 474 5.14 14.11 53.96
N LYS B 475 4.73 15.36 53.68
CA LYS B 475 4.69 16.42 54.69
C LYS B 475 3.54 16.19 55.70
N GLU B 476 2.33 15.94 55.19
CA GLU B 476 1.15 15.68 56.02
C GLU B 476 1.14 14.35 56.78
N ALA B 477 1.90 13.37 56.27
CA ALA B 477 2.01 12.05 56.90
C ALA B 477 3.21 12.05 57.86
N GLN B 478 4.18 12.95 57.63
CA GLN B 478 5.33 13.07 58.51
C GLN B 478 4.92 13.84 59.76
N ARG B 479 4.09 14.87 59.58
CA ARG B 479 3.54 15.68 60.68
C ARG B 479 2.55 14.90 61.54
N LEU B 480 1.70 14.12 60.88
CA LEU B 480 0.70 13.29 61.56
C LEU B 480 1.32 12.06 62.27
N LEU B 481 2.37 11.48 61.69
CA LEU B 481 3.06 10.33 62.28
C LEU B 481 4.08 10.56 63.40
N ASP B 482 4.92 11.58 63.26
CA ASP B 482 5.93 11.90 64.29
C ASP B 482 6.29 13.38 64.35
N ILE C 27 -11.68 17.02 16.32
CA ILE C 27 -12.28 16.37 17.52
C ILE C 27 -11.71 17.04 18.77
N LEU C 28 -11.29 18.29 18.58
CA LEU C 28 -10.71 19.11 19.63
C LEU C 28 -11.85 19.94 20.23
N HIS C 29 -11.71 20.37 21.47
CA HIS C 29 -12.74 21.17 22.11
C HIS C 29 -12.45 22.64 21.90
N TYR C 30 -12.66 23.10 20.67
CA TYR C 30 -12.39 24.48 20.31
C TYR C 30 -12.89 25.58 21.23
N GLU C 31 -14.06 25.39 21.87
CA GLU C 31 -14.55 26.45 22.75
C GLU C 31 -13.63 26.64 23.94
N LYS C 32 -13.40 25.58 24.70
CA LYS C 32 -12.51 25.70 25.83
C LYS C 32 -11.13 26.18 25.38
N LEU C 33 -10.63 25.64 24.28
CA LEU C 33 -9.30 26.03 23.79
C LEU C 33 -9.21 27.53 23.52
N SER C 34 -10.24 28.10 22.89
CA SER C 34 -10.23 29.52 22.60
C SER C 34 -10.16 30.36 23.89
N LYS C 35 -10.82 29.88 24.95
CA LYS C 35 -10.81 30.62 26.22
C LYS C 35 -9.42 30.74 26.82
N ILE C 36 -8.46 29.97 26.34
CA ILE C 36 -7.09 30.08 26.84
C ILE C 36 -6.15 30.52 25.72
N GLY C 37 -6.66 31.37 24.83
CA GLY C 37 -5.85 31.93 23.77
C GLY C 37 -5.54 31.11 22.53
N LEU C 38 -6.20 29.97 22.34
CA LEU C 38 -5.96 29.15 21.17
C LEU C 38 -7.21 29.18 20.28
N VAL C 39 -7.35 30.28 19.54
CA VAL C 39 -8.48 30.48 18.64
C VAL C 39 -8.41 29.52 17.45
N LYS C 40 -9.55 28.97 17.04
CA LYS C 40 -9.54 28.06 15.91
C LYS C 40 -9.22 28.74 14.57
N GLY C 41 -8.20 28.22 13.89
CA GLY C 41 -7.81 28.80 12.60
C GLY C 41 -8.24 27.95 11.42
N VAL C 42 -7.50 28.05 10.32
CA VAL C 42 -7.82 27.32 9.11
C VAL C 42 -7.50 25.83 9.17
N THR C 43 -8.34 25.00 8.57
CA THR C 43 -8.11 23.56 8.55
C THR C 43 -7.60 23.16 7.17
N ARG C 44 -6.42 22.56 7.11
CA ARG C 44 -5.83 22.17 5.82
C ARG C 44 -5.73 20.68 5.60
N LYS C 45 -5.64 20.26 4.32
CA LYS C 45 -5.52 18.85 3.98
C LYS C 45 -4.06 18.42 4.17
N TYR C 46 -3.82 17.11 4.22
CA TYR C 46 -2.46 16.63 4.42
C TYR C 46 -2.01 15.83 3.21
N LYS C 47 -1.21 16.45 2.34
CA LYS C 47 -0.71 15.80 1.13
C LYS C 47 0.76 15.40 1.24
N ILE C 48 1.14 14.27 0.65
CA ILE C 48 2.51 13.78 0.69
C ILE C 48 2.90 13.34 -0.71
N LYS C 49 4.19 13.39 -1.03
CA LYS C 49 4.64 12.99 -2.36
C LYS C 49 4.60 11.48 -2.51
N SER C 50 4.58 11.00 -3.75
CA SER C 50 4.55 9.56 -4.02
C SER C 50 4.56 9.19 -5.51
N ASN C 51 4.75 7.90 -5.77
CA ASN C 51 4.75 7.36 -7.12
C ASN C 51 5.53 8.23 -8.09
N PRO C 52 6.83 8.39 -7.87
CA PRO C 52 7.62 9.22 -8.78
C PRO C 52 7.72 8.64 -10.20
N LEU C 53 8.02 9.51 -11.16
CA LEU C 53 8.17 9.10 -12.55
C LEU C 53 9.51 9.66 -13.00
N THR C 54 10.48 8.80 -13.22
CA THR C 54 11.80 9.25 -13.63
C THR C 54 11.88 9.79 -15.04
N LYS C 55 13.00 10.48 -15.32
CA LYS C 55 13.31 11.09 -16.62
C LYS C 55 14.79 11.41 -16.44
N ASP C 56 15.61 11.14 -17.46
CA ASP C 56 17.04 11.40 -17.31
C ASP C 56 17.59 12.51 -18.16
N ILE C 57 18.54 13.27 -17.62
CA ILE C 57 19.21 14.30 -18.41
C ILE C 57 20.68 14.35 -18.04
N VAL C 58 21.46 14.91 -18.95
CA VAL C 58 22.90 15.04 -18.80
C VAL C 58 23.29 16.48 -18.52
N ILE C 59 24.26 16.66 -17.62
CA ILE C 59 24.76 17.98 -17.27
C ILE C 59 26.26 17.94 -17.49
N LYS C 60 26.72 18.66 -18.52
CA LYS C 60 28.15 18.72 -18.83
C LYS C 60 28.72 19.89 -18.05
N MET C 61 29.65 19.60 -17.15
CA MET C 61 30.25 20.63 -16.32
C MET C 61 31.58 21.17 -16.84
N ILE C 62 31.66 21.34 -18.16
CA ILE C 62 32.85 21.88 -18.82
C ILE C 62 32.35 22.52 -20.12
N PRO C 63 32.43 23.86 -20.19
CA PRO C 63 31.98 24.58 -21.37
C PRO C 63 32.76 24.19 -22.62
N ASN C 64 32.13 24.30 -23.79
CA ASN C 64 32.84 23.99 -25.03
C ASN C 64 33.49 25.27 -25.54
N VAL C 65 34.82 25.27 -25.52
CA VAL C 65 35.59 26.43 -25.93
C VAL C 65 36.28 26.30 -27.29
N SER C 66 35.82 25.37 -28.12
CA SER C 66 36.43 25.19 -29.45
C SER C 66 36.39 26.47 -30.30
N ASP C 67 35.41 27.33 -30.01
CA ASP C 67 35.25 28.60 -30.74
C ASP C 67 36.38 29.57 -30.46
N MET C 68 37.04 29.39 -29.33
CA MET C 68 38.15 30.27 -28.96
C MET C 68 39.37 29.50 -28.45
N SER C 69 39.62 28.37 -29.11
CA SER C 69 40.73 27.48 -28.78
C SER C 69 42.09 28.16 -28.68
N GLN C 70 42.20 29.37 -29.21
CA GLN C 70 43.47 30.09 -29.15
C GLN C 70 43.68 30.85 -27.85
N CYS C 71 42.64 31.54 -27.37
CA CYS C 71 42.73 32.31 -26.13
C CYS C 71 42.40 31.46 -24.91
N THR C 72 42.85 30.21 -24.93
CA THR C 72 42.63 29.28 -23.83
C THR C 72 43.74 29.35 -22.80
N GLY C 73 44.86 28.73 -23.12
CA GLY C 73 45.96 28.71 -22.19
C GLY C 73 45.77 27.54 -21.25
N SER C 74 46.56 27.51 -20.18
CA SER C 74 46.47 26.43 -19.21
C SER C 74 45.11 26.35 -18.53
N VAL C 75 44.34 27.44 -18.57
CA VAL C 75 43.02 27.47 -17.94
C VAL C 75 42.22 26.18 -18.03
N MET C 76 41.83 25.79 -19.23
CA MET C 76 41.06 24.58 -19.42
C MET C 76 41.72 23.33 -18.86
N GLU C 77 43.04 23.31 -18.84
CA GLU C 77 43.77 22.14 -18.33
C GLU C 77 43.67 22.01 -16.82
N ASN C 78 43.92 23.12 -16.12
CA ASN C 78 43.86 23.14 -14.67
C ASN C 78 42.44 22.88 -14.23
N TYR C 79 41.49 23.58 -14.86
CA TYR C 79 40.09 23.40 -14.52
C TYR C 79 39.71 21.91 -14.57
N LYS C 80 40.22 21.20 -15.57
CA LYS C 80 39.92 19.77 -15.71
C LYS C 80 40.49 18.98 -14.52
N THR C 81 41.66 19.39 -14.04
CA THR C 81 42.29 18.70 -12.91
C THR C 81 41.44 18.94 -11.67
N ARG C 82 41.04 20.20 -11.48
CA ARG C 82 40.25 20.62 -10.33
C ARG C 82 38.94 19.85 -10.27
N LEU C 83 38.22 19.87 -11.40
CA LEU C 83 36.93 19.21 -11.53
C LEU C 83 37.03 17.70 -11.35
N ASN C 84 38.09 17.11 -11.92
CA ASN C 84 38.30 15.68 -11.79
C ASN C 84 38.51 15.37 -10.31
N GLY C 85 38.98 16.37 -9.59
CA GLY C 85 39.22 16.22 -8.17
C GLY C 85 37.93 16.03 -7.40
N ILE C 86 36.99 16.95 -7.57
CA ILE C 86 35.72 16.89 -6.88
C ILE C 86 34.72 15.87 -7.45
N LEU C 87 34.95 15.44 -8.68
CA LEU C 87 34.06 14.46 -9.32
C LEU C 87 34.45 13.02 -9.02
N THR C 88 35.74 12.79 -8.82
CA THR C 88 36.25 11.44 -8.54
C THR C 88 35.60 10.71 -7.35
N PRO C 89 35.55 11.35 -6.16
CA PRO C 89 34.93 10.70 -5.01
C PRO C 89 33.49 10.28 -5.30
N ILE C 90 32.78 11.10 -6.07
CA ILE C 90 31.39 10.80 -6.40
C ILE C 90 31.32 9.55 -7.27
N LYS C 91 32.12 9.51 -8.33
CA LYS C 91 32.13 8.34 -9.23
C LYS C 91 32.48 7.10 -8.43
N GLY C 92 33.45 7.26 -7.53
CA GLY C 92 33.85 6.14 -6.71
C GLY C 92 32.70 5.59 -5.91
N ALA C 93 32.08 6.44 -5.08
CA ALA C 93 30.96 6.04 -4.24
C ALA C 93 29.86 5.33 -5.00
N LEU C 94 29.76 5.61 -6.30
CA LEU C 94 28.74 4.97 -7.13
C LEU C 94 29.15 3.56 -7.55
N GLU C 95 30.44 3.36 -7.78
CA GLU C 95 30.92 2.03 -8.16
C GLU C 95 30.84 1.05 -7.01
N ILE C 96 31.02 1.54 -5.79
CA ILE C 96 30.94 0.70 -4.60
C ILE C 96 29.60 -0.04 -4.59
N TYR C 97 28.68 0.39 -5.44
CA TYR C 97 27.38 -0.24 -5.52
C TYR C 97 27.19 -0.95 -6.84
N LYS C 98 27.77 -0.41 -7.90
CA LYS C 98 27.66 -1.03 -9.21
C LYS C 98 28.40 -2.37 -9.21
N ASN C 99 29.42 -2.49 -8.38
CA ASN C 99 30.19 -3.73 -8.30
C ASN C 99 29.60 -4.73 -7.35
N ASN C 100 28.38 -4.50 -6.89
CA ASN C 100 27.76 -5.45 -5.97
C ASN C 100 26.29 -5.69 -6.26
N THR C 101 25.92 -5.46 -7.51
CA THR C 101 24.55 -5.67 -7.93
C THR C 101 24.56 -6.45 -9.25
N HIS C 102 24.08 -7.70 -9.18
CA HIS C 102 24.03 -8.58 -10.34
C HIS C 102 22.58 -8.92 -10.62
N ASP C 103 22.27 -9.07 -11.91
CA ASP C 103 20.91 -9.38 -12.36
C ASP C 103 20.84 -10.88 -12.66
N LEU C 104 19.76 -11.49 -12.17
CA LEU C 104 19.48 -12.92 -12.36
C LEU C 104 18.02 -13.18 -11.98
N VAL C 105 17.28 -13.73 -12.92
CA VAL C 105 15.86 -14.06 -12.74
C VAL C 105 15.13 -13.01 -11.89
N GLY C 112 14.39 -9.54 -10.67
CA GLY C 112 14.96 -8.26 -10.29
C GLY C 112 16.47 -8.30 -10.07
N VAL C 113 16.96 -7.50 -9.13
CA VAL C 113 18.39 -7.44 -8.83
C VAL C 113 18.68 -8.02 -7.45
N ILE C 114 19.95 -8.34 -7.19
CA ILE C 114 20.31 -8.87 -5.89
C ILE C 114 21.58 -8.19 -5.40
N MET C 115 21.50 -7.60 -4.20
CA MET C 115 22.64 -6.90 -3.59
C MET C 115 23.54 -7.84 -2.84
N ALA C 116 24.85 -7.61 -2.95
CA ALA C 116 25.82 -8.45 -2.26
C ALA C 116 25.95 -7.96 -0.82
N GLY C 117 25.18 -8.57 0.06
CA GLY C 117 25.19 -8.16 1.46
C GLY C 117 26.54 -8.14 2.14
N VAL C 118 27.23 -9.26 2.10
CA VAL C 118 28.53 -9.37 2.75
C VAL C 118 29.48 -8.35 2.17
N ALA C 119 29.42 -8.17 0.86
CA ALA C 119 30.27 -7.23 0.17
C ALA C 119 30.00 -5.81 0.62
N ILE C 120 28.74 -5.38 0.52
CA ILE C 120 28.34 -4.04 0.92
C ILE C 120 28.69 -3.78 2.38
N GLY C 121 28.62 -4.82 3.20
CA GLY C 121 28.95 -4.70 4.61
C GLY C 121 27.97 -3.93 5.45
N ILE C 122 28.17 -2.63 5.58
CA ILE C 122 27.26 -1.79 6.35
C ILE C 122 26.54 -0.80 5.46
N ALA C 123 25.21 -0.86 5.47
CA ALA C 123 24.41 0.04 4.67
C ALA C 123 23.13 0.33 5.42
N THR C 124 22.55 1.48 5.14
CA THR C 124 21.33 1.88 5.79
C THR C 124 20.16 1.44 4.96
N ALA C 125 19.00 1.33 5.58
CA ALA C 125 17.79 0.90 4.88
C ALA C 125 17.71 1.55 3.51
N ALA C 126 17.54 2.87 3.53
CA ALA C 126 17.39 3.66 2.31
C ALA C 126 18.56 3.62 1.33
N GLN C 127 19.78 3.59 1.84
CA GLN C 127 20.95 3.57 0.96
C GLN C 127 20.90 2.38 0.01
N ILE C 128 20.50 1.22 0.50
CA ILE C 128 20.41 0.03 -0.34
C ILE C 128 19.33 0.23 -1.39
N THR C 129 18.16 0.69 -0.96
CA THR C 129 17.06 0.92 -1.88
C THR C 129 17.46 1.88 -2.99
N ALA C 130 18.36 2.78 -2.67
CA ALA C 130 18.84 3.76 -3.64
C ALA C 130 19.77 3.08 -4.61
N GLY C 131 20.49 2.07 -4.12
CA GLY C 131 21.41 1.32 -4.95
C GLY C 131 20.62 0.48 -5.94
N VAL C 132 19.58 -0.18 -5.44
CA VAL C 132 18.74 -1.00 -6.29
C VAL C 132 18.23 -0.10 -7.40
N ALA C 133 17.89 1.13 -7.02
CA ALA C 133 17.39 2.11 -7.98
C ALA C 133 18.47 2.49 -8.96
N LEU C 134 19.72 2.53 -8.50
CA LEU C 134 20.84 2.89 -9.35
C LEU C 134 21.03 1.87 -10.45
N TYR C 135 20.94 0.58 -10.09
CA TYR C 135 21.11 -0.49 -11.04
C TYR C 135 20.18 -0.37 -12.25
N GLU C 136 18.90 -0.12 -12.01
CA GLU C 136 17.97 0.00 -13.13
C GLU C 136 18.31 1.22 -13.96
N ALA C 137 18.75 2.29 -13.33
CA ALA C 137 19.09 3.49 -14.08
C ALA C 137 20.22 3.10 -15.03
N MET C 138 21.18 2.34 -14.49
CA MET C 138 22.34 1.87 -15.25
C MET C 138 21.97 1.50 -16.66
N LYS C 139 20.97 0.65 -16.79
CA LYS C 139 20.50 0.22 -18.10
C LYS C 139 20.46 1.45 -19.02
N ASN C 140 19.57 2.40 -18.73
CA ASN C 140 19.45 3.60 -19.56
C ASN C 140 20.66 4.50 -19.51
N ALA C 141 21.59 4.22 -18.60
CA ALA C 141 22.78 5.04 -18.47
C ALA C 141 23.74 4.78 -19.61
N ASP C 142 24.09 3.51 -19.78
CA ASP C 142 25.01 3.09 -20.83
C ASP C 142 24.45 3.43 -22.18
N ASN C 143 23.13 3.35 -22.28
CA ASN C 143 22.43 3.67 -23.52
C ASN C 143 22.75 5.12 -23.90
N ILE C 144 22.81 5.99 -22.89
CA ILE C 144 23.09 7.41 -23.08
C ILE C 144 24.55 7.60 -23.40
N ASN C 145 25.42 6.97 -22.61
CA ASN C 145 26.86 7.06 -22.80
C ASN C 145 27.29 6.77 -24.23
N LYS C 146 26.48 6.02 -24.96
CA LYS C 146 26.82 5.70 -26.35
C LYS C 146 27.08 6.97 -27.15
N LEU C 147 26.38 8.04 -26.84
CA LEU C 147 26.57 9.29 -27.56
C LEU C 147 27.65 10.15 -26.90
N LYS C 148 28.57 9.50 -26.19
CA LYS C 148 29.64 10.23 -25.48
C LYS C 148 30.27 11.34 -26.32
N SER C 149 30.71 11.00 -27.52
CA SER C 149 31.33 11.97 -28.41
C SER C 149 30.32 13.07 -28.76
N SER C 150 29.07 12.68 -28.97
CA SER C 150 28.01 13.63 -29.31
C SER C 150 27.75 14.62 -28.18
N ILE C 151 28.01 14.19 -26.95
CA ILE C 151 27.81 15.05 -25.79
C ILE C 151 28.89 16.14 -25.74
N GLU C 152 30.14 15.75 -25.97
CA GLU C 152 31.23 16.70 -25.93
C GLU C 152 31.02 17.73 -27.02
N SER C 153 30.43 17.29 -28.12
CA SER C 153 30.15 18.15 -29.27
C SER C 153 29.28 19.36 -28.91
N THR C 154 28.31 19.14 -28.02
CA THR C 154 27.42 20.20 -27.58
C THR C 154 28.18 21.51 -27.55
N ASN C 155 27.55 22.58 -28.00
CA ASN C 155 28.20 23.88 -27.99
C ASN C 155 27.15 24.94 -27.62
N GLU C 156 25.99 24.46 -27.19
CA GLU C 156 24.90 25.35 -26.79
C GLU C 156 24.39 25.03 -25.38
N ALA C 157 23.80 26.05 -24.74
CA ALA C 157 23.26 25.92 -23.40
C ALA C 157 22.46 24.65 -23.17
N VAL C 158 21.40 24.52 -23.93
CA VAL C 158 20.52 23.37 -23.85
C VAL C 158 20.57 22.75 -25.24
N VAL C 159 20.89 21.46 -25.31
CA VAL C 159 20.97 20.76 -26.59
C VAL C 159 20.22 19.43 -26.52
N LYS C 160 19.56 19.04 -27.62
CA LYS C 160 18.82 17.79 -27.66
C LYS C 160 19.55 16.76 -28.52
N LEU C 161 19.90 15.59 -27.98
CA LEU C 161 20.60 14.62 -28.83
C LEU C 161 19.75 13.47 -29.34
N GLN C 162 19.08 13.70 -30.47
CA GLN C 162 18.24 12.69 -31.10
C GLN C 162 18.82 12.14 -32.41
N GLU C 163 20.14 11.93 -32.41
CA GLU C 163 20.87 11.41 -33.57
C GLU C 163 20.62 9.90 -33.64
N THR C 164 19.78 9.42 -32.73
CA THR C 164 19.39 8.01 -32.64
C THR C 164 17.91 7.84 -33.03
N ALA C 165 17.35 6.65 -32.76
CA ALA C 165 15.94 6.35 -33.10
C ALA C 165 14.83 7.15 -32.40
N GLU C 166 14.68 6.95 -31.10
CA GLU C 166 13.66 7.66 -30.31
C GLU C 166 14.38 8.13 -29.04
N LYS C 167 15.66 7.77 -28.92
CA LYS C 167 16.51 8.15 -27.77
C LYS C 167 17.04 9.59 -27.88
N THR C 168 16.20 10.53 -27.45
CA THR C 168 16.50 11.96 -27.47
C THR C 168 16.91 12.49 -26.07
N VAL C 169 18.11 12.13 -25.62
CA VAL C 169 18.63 12.55 -24.30
C VAL C 169 19.07 14.03 -24.25
N TYR C 170 18.52 14.81 -23.33
CA TYR C 170 18.92 16.23 -23.25
C TYR C 170 20.26 16.46 -22.58
N VAL C 171 20.97 17.51 -23.01
CA VAL C 171 22.28 17.84 -22.45
C VAL C 171 22.51 19.32 -22.14
N LEU C 172 22.48 19.65 -20.85
CA LEU C 172 22.70 21.00 -20.35
C LEU C 172 24.19 21.21 -20.14
N THR C 173 24.73 22.31 -20.66
CA THR C 173 26.15 22.57 -20.50
C THR C 173 26.42 23.82 -19.67
N ALA C 174 27.26 23.66 -18.65
CA ALA C 174 27.60 24.73 -17.73
C ALA C 174 28.42 25.85 -18.36
N LEU C 175 28.18 27.06 -17.87
CA LEU C 175 28.89 28.24 -18.36
C LEU C 175 28.91 28.36 -19.88
N GLN C 176 28.02 27.65 -20.56
CA GLN C 176 28.01 27.73 -22.01
C GLN C 176 27.43 29.07 -22.44
N ASP C 177 26.32 29.46 -21.83
CA ASP C 177 25.70 30.72 -22.20
C ASP C 177 26.70 31.88 -22.13
N TYR C 178 27.72 31.72 -21.28
CA TYR C 178 28.74 32.77 -21.13
C TYR C 178 29.67 32.75 -22.31
N ILE C 179 30.32 31.61 -22.51
CA ILE C 179 31.26 31.42 -23.62
C ILE C 179 30.67 31.94 -24.93
N ASN C 180 29.39 31.71 -25.15
CA ASN C 180 28.72 32.13 -26.38
C ASN C 180 28.27 33.58 -26.45
N THR C 181 27.52 34.02 -25.44
CA THR C 181 26.99 35.39 -25.43
C THR C 181 28.08 36.41 -25.12
N ASN C 182 28.97 36.10 -24.18
CA ASN C 182 29.98 37.08 -23.83
C ASN C 182 31.48 37.02 -24.13
N LEU C 183 32.02 35.81 -24.22
CA LEU C 183 33.44 35.66 -24.50
C LEU C 183 33.73 35.69 -25.99
N VAL C 184 32.94 34.94 -26.77
CA VAL C 184 33.10 34.90 -28.22
C VAL C 184 32.82 36.27 -28.88
N PRO C 185 31.66 36.90 -28.59
CA PRO C 185 31.28 38.21 -29.14
C PRO C 185 32.24 39.36 -28.85
N THR C 186 33.28 39.10 -28.06
CA THR C 186 34.28 40.11 -27.75
C THR C 186 35.63 39.41 -27.76
N ILE C 187 35.82 38.51 -28.71
CA ILE C 187 37.08 37.76 -28.82
C ILE C 187 38.21 38.69 -29.21
N ASP C 188 37.88 39.75 -29.95
CA ASP C 188 38.89 40.70 -30.36
C ASP C 188 38.63 42.05 -29.72
N LYS C 189 37.38 42.29 -29.35
CA LYS C 189 37.01 43.56 -28.72
C LYS C 189 37.91 43.86 -27.52
N ILE C 190 38.45 42.82 -26.89
CA ILE C 190 39.34 42.98 -25.74
C ILE C 190 40.77 42.54 -26.08
N SER C 191 41.10 41.28 -25.83
CA SER C 191 42.43 40.77 -26.15
C SER C 191 42.34 39.27 -26.17
N CYS C 192 43.46 38.60 -25.94
CA CYS C 192 43.48 37.16 -25.92
C CYS C 192 43.97 36.75 -24.54
N LYS C 193 44.62 37.68 -23.87
CA LYS C 193 45.10 37.42 -22.52
C LYS C 193 43.94 37.70 -21.57
N GLN C 194 43.03 38.58 -22.00
CA GLN C 194 41.86 38.94 -21.21
C GLN C 194 40.73 37.95 -21.48
N THR C 195 40.55 37.55 -22.73
CA THR C 195 39.51 36.58 -23.05
C THR C 195 39.86 35.31 -22.26
N GLU C 196 41.12 35.20 -21.88
CA GLU C 196 41.57 34.05 -21.12
C GLU C 196 41.31 34.27 -19.63
N LEU C 197 41.68 35.45 -19.13
CA LEU C 197 41.48 35.77 -17.73
C LEU C 197 40.00 35.64 -17.34
N SER C 198 39.12 36.25 -18.13
CA SER C 198 37.69 36.22 -17.85
C SER C 198 37.11 34.80 -17.87
N LEU C 199 37.67 33.91 -18.68
CA LEU C 199 37.17 32.54 -18.72
C LEU C 199 37.64 31.79 -17.49
N ASP C 200 38.80 32.17 -16.96
CA ASP C 200 39.29 31.50 -15.77
C ASP C 200 38.38 31.86 -14.61
N LEU C 201 38.03 33.13 -14.49
CA LEU C 201 37.15 33.56 -13.42
C LEU C 201 35.80 32.86 -13.46
N ALA C 202 35.12 32.93 -14.59
CA ALA C 202 33.81 32.28 -14.70
C ALA C 202 33.87 30.81 -14.31
N LEU C 203 35.01 30.15 -14.54
CA LEU C 203 35.16 28.74 -14.19
C LEU C 203 35.40 28.58 -12.69
N SER C 204 36.27 29.42 -12.14
CA SER C 204 36.58 29.39 -10.71
C SER C 204 35.31 29.72 -9.88
N LYS C 205 34.53 30.70 -10.33
CA LYS C 205 33.31 31.07 -9.63
C LYS C 205 32.32 29.91 -9.65
N TYR C 206 32.14 29.31 -10.83
CA TYR C 206 31.24 28.18 -10.98
C TYR C 206 31.63 27.08 -10.02
N LEU C 207 32.92 26.83 -9.88
CA LEU C 207 33.38 25.81 -8.97
C LEU C 207 33.08 26.24 -7.53
N SER C 208 33.23 27.53 -7.24
CA SER C 208 32.98 28.05 -5.90
C SER C 208 31.55 27.76 -5.45
N ASP C 209 30.59 27.86 -6.36
CA ASP C 209 29.19 27.60 -6.03
C ASP C 209 28.85 26.11 -6.13
N LEU C 210 29.50 25.45 -7.06
CA LEU C 210 29.31 24.04 -7.30
C LEU C 210 29.81 23.21 -6.11
N LEU C 211 30.85 23.74 -5.44
CA LEU C 211 31.46 23.03 -4.33
C LEU C 211 30.52 22.81 -3.16
N PHE C 212 29.70 23.81 -2.89
CA PHE C 212 28.77 23.69 -1.77
C PHE C 212 27.95 22.43 -1.83
N VAL C 213 27.45 22.09 -3.03
CA VAL C 213 26.62 20.91 -3.22
C VAL C 213 27.43 19.63 -3.45
N PHE C 214 28.42 19.69 -4.33
CA PHE C 214 29.23 18.52 -4.66
C PHE C 214 30.58 18.37 -3.96
N GLY C 215 30.85 19.20 -2.95
CA GLY C 215 32.09 19.12 -2.22
C GLY C 215 32.20 17.83 -1.42
N PRO C 216 32.95 17.81 -0.32
CA PRO C 216 33.03 16.55 0.43
C PRO C 216 31.72 16.43 1.17
N ASN C 217 30.88 17.44 0.98
CA ASN C 217 29.59 17.48 1.61
C ASN C 217 28.71 16.37 1.04
N LEU C 218 28.91 16.06 -0.24
CA LEU C 218 28.15 15.01 -0.92
C LEU C 218 28.83 13.68 -0.58
N GLN C 219 28.74 13.31 0.69
CA GLN C 219 29.34 12.07 1.19
C GLN C 219 28.66 10.82 0.62
N ASP C 220 27.33 10.79 0.56
CA ASP C 220 26.60 9.64 0.04
C ASP C 220 25.82 10.00 -1.23
N PRO C 221 26.39 9.69 -2.40
CA PRO C 221 25.79 9.96 -3.72
C PRO C 221 24.88 8.83 -4.14
N VAL C 222 24.93 7.76 -3.36
CA VAL C 222 24.10 6.61 -3.64
C VAL C 222 22.64 6.97 -3.39
N SER C 223 22.32 7.55 -2.23
CA SER C 223 20.95 7.95 -1.92
C SER C 223 20.30 8.85 -2.99
N ASN C 224 18.97 8.93 -3.03
CA ASN C 224 18.31 9.76 -4.01
C ASN C 224 17.33 10.74 -3.39
N SER C 225 17.71 11.23 -2.22
CA SER C 225 16.90 12.17 -1.47
C SER C 225 17.40 13.61 -1.67
N MET C 226 18.18 13.84 -2.71
CA MET C 226 18.72 15.16 -2.95
C MET C 226 17.78 16.03 -3.75
N THR C 227 17.48 17.22 -3.25
CA THR C 227 16.59 18.13 -3.94
C THR C 227 17.09 18.41 -5.35
N ILE C 228 16.18 18.64 -6.30
CA ILE C 228 16.56 18.92 -7.69
C ILE C 228 17.21 20.28 -7.79
N GLN C 229 16.79 21.21 -6.92
CA GLN C 229 17.36 22.55 -6.92
C GLN C 229 18.82 22.45 -6.50
N ALA C 230 19.12 21.50 -5.64
CA ALA C 230 20.50 21.33 -5.18
C ALA C 230 21.35 20.85 -6.36
N ILE C 231 20.88 19.82 -7.04
CA ILE C 231 21.60 19.27 -8.18
C ILE C 231 21.79 20.33 -9.25
N SER C 232 20.76 21.15 -9.48
CA SER C 232 20.85 22.17 -10.51
C SER C 232 21.98 23.17 -10.31
N GLN C 233 22.70 23.05 -9.20
CA GLN C 233 23.82 23.95 -8.98
C GLN C 233 24.87 23.67 -10.03
N ALA C 234 24.87 22.44 -10.54
CA ALA C 234 25.82 22.03 -11.55
C ALA C 234 25.49 22.79 -12.83
N PHE C 235 24.27 23.30 -12.91
CA PHE C 235 23.86 24.04 -14.09
C PHE C 235 23.54 25.49 -13.71
N GLY C 236 24.27 26.03 -12.73
CA GLY C 236 24.05 27.41 -12.33
C GLY C 236 22.76 27.67 -11.58
N GLY C 237 22.22 26.62 -10.97
CA GLY C 237 20.99 26.75 -10.21
C GLY C 237 19.77 27.10 -11.03
N ASN C 238 19.85 26.93 -12.34
CA ASN C 238 18.72 27.24 -13.19
C ASN C 238 17.85 26.01 -13.25
N TYR C 239 17.35 25.59 -12.10
CA TYR C 239 16.50 24.39 -12.05
C TYR C 239 15.21 24.58 -12.84
N GLU C 240 14.85 25.81 -13.20
CA GLU C 240 13.63 26.04 -13.98
C GLU C 240 13.86 25.46 -15.36
N THR C 241 14.93 25.88 -16.02
CA THR C 241 15.25 25.36 -17.34
C THR C 241 15.42 23.85 -17.29
N LEU C 242 16.12 23.34 -16.27
CA LEU C 242 16.35 21.92 -16.15
C LEU C 242 15.07 21.09 -16.09
N LEU C 243 14.01 21.63 -15.50
CA LEU C 243 12.78 20.86 -15.43
C LEU C 243 11.91 21.03 -16.67
N ARG C 244 11.83 22.25 -17.19
CA ARG C 244 11.01 22.53 -18.35
C ARG C 244 11.55 21.83 -19.58
N THR C 245 12.88 21.72 -19.65
CA THR C 245 13.56 21.02 -20.73
C THR C 245 12.93 19.65 -20.80
N LEU C 246 13.10 18.92 -19.69
CA LEU C 246 12.56 17.57 -19.53
C LEU C 246 11.07 17.48 -19.80
N GLY C 247 10.42 18.63 -19.88
CA GLY C 247 9.01 18.68 -20.19
C GLY C 247 8.02 18.28 -19.10
N TYR C 248 8.17 18.80 -17.90
CA TYR C 248 7.21 18.49 -16.85
C TYR C 248 6.23 19.64 -16.73
N ALA C 249 5.00 19.36 -16.34
CA ALA C 249 4.03 20.43 -16.20
C ALA C 249 2.83 19.91 -15.46
N THR C 250 2.53 20.53 -14.33
CA THR C 250 1.40 20.13 -13.51
C THR C 250 0.92 21.29 -12.68
N GLU C 251 -0.37 21.31 -12.38
CA GLU C 251 -0.95 22.37 -11.56
C GLU C 251 -0.29 22.44 -10.19
N ASP C 252 0.63 21.51 -9.93
CA ASP C 252 1.35 21.46 -8.66
C ASP C 252 2.85 21.50 -8.95
N PHE C 253 3.21 22.07 -10.10
CA PHE C 253 4.62 22.13 -10.46
C PHE C 253 5.40 22.89 -9.42
N ASP C 254 4.76 23.88 -8.81
CA ASP C 254 5.44 24.71 -7.84
C ASP C 254 5.34 24.19 -6.44
N ASP C 255 4.17 23.68 -6.07
CA ASP C 255 3.98 23.13 -4.73
C ASP C 255 4.89 21.94 -4.52
N LEU C 256 5.28 21.28 -5.60
CA LEU C 256 6.17 20.14 -5.53
C LEU C 256 7.61 20.60 -5.41
N LEU C 257 7.90 21.74 -6.01
CA LEU C 257 9.25 22.28 -5.95
C LEU C 257 9.57 22.77 -4.56
N GLU C 258 8.71 23.64 -4.03
CA GLU C 258 8.87 24.22 -2.70
C GLU C 258 8.80 23.22 -1.56
N SER C 259 8.05 22.14 -1.74
CA SER C 259 7.93 21.14 -0.71
C SER C 259 9.09 20.16 -0.78
N ASP C 260 10.07 20.48 -1.62
CA ASP C 260 11.24 19.62 -1.80
C ASP C 260 10.83 18.18 -2.04
N SER C 261 10.23 17.94 -3.20
CA SER C 261 9.79 16.61 -3.56
C SER C 261 10.42 16.20 -4.88
N ILE C 262 10.77 17.21 -5.68
CA ILE C 262 11.39 16.95 -6.95
C ILE C 262 12.85 16.69 -6.69
N THR C 263 13.19 15.43 -6.42
CA THR C 263 14.57 15.07 -6.13
C THR C 263 15.31 14.60 -7.37
N GLY C 264 16.62 14.41 -7.21
CA GLY C 264 17.45 13.94 -8.31
C GLY C 264 18.51 12.97 -7.80
N GLN C 265 19.09 12.17 -8.70
CA GLN C 265 20.10 11.22 -8.28
C GLN C 265 21.19 11.06 -9.33
N ILE C 266 22.45 11.06 -8.89
CA ILE C 266 23.57 10.89 -9.80
C ILE C 266 23.59 9.44 -10.25
N ILE C 267 23.54 9.22 -11.56
CA ILE C 267 23.54 7.88 -12.15
C ILE C 267 24.92 7.51 -12.63
N TYR C 268 25.56 8.43 -13.35
CA TYR C 268 26.89 8.19 -13.91
C TYR C 268 27.77 9.43 -13.90
N VAL C 269 29.09 9.21 -13.80
CA VAL C 269 30.08 10.29 -13.78
C VAL C 269 31.21 9.95 -14.75
N ASP C 270 31.39 10.78 -15.78
CA ASP C 270 32.44 10.58 -16.78
C ASP C 270 33.61 11.50 -16.48
N LEU C 271 34.69 10.92 -15.96
CA LEU C 271 35.90 11.68 -15.61
C LEU C 271 36.77 12.08 -16.80
N SER C 272 36.34 11.72 -18.00
CA SER C 272 37.06 12.07 -19.23
C SER C 272 36.46 13.32 -19.83
N SER C 273 35.20 13.22 -20.22
CA SER C 273 34.47 14.31 -20.83
C SER C 273 33.92 15.31 -19.82
N TYR C 274 33.84 14.88 -18.56
CA TYR C 274 33.35 15.73 -17.48
C TYR C 274 31.89 16.13 -17.58
N TYR C 275 31.01 15.14 -17.46
CA TYR C 275 29.58 15.36 -17.49
C TYR C 275 29.01 14.27 -16.59
N ILE C 276 27.79 14.49 -16.08
CA ILE C 276 27.14 13.51 -15.22
C ILE C 276 25.72 13.29 -15.71
N ILE C 277 25.17 12.13 -15.41
CA ILE C 277 23.81 11.81 -15.82
C ILE C 277 22.95 11.75 -14.56
N VAL C 278 22.00 12.68 -14.43
CA VAL C 278 21.12 12.71 -13.26
C VAL C 278 19.74 12.23 -13.64
N ARG C 279 19.13 11.48 -12.73
CA ARG C 279 17.79 10.96 -12.95
C ARG C 279 16.85 11.75 -12.06
N VAL C 280 16.04 12.60 -12.67
CA VAL C 280 15.11 13.42 -11.95
C VAL C 280 13.86 12.65 -11.60
N TYR C 281 13.49 12.63 -10.32
CA TYR C 281 12.27 11.94 -9.88
C TYR C 281 11.16 12.97 -9.69
N PHE C 282 10.10 12.87 -10.47
CA PHE C 282 9.02 13.84 -10.34
C PHE C 282 7.82 13.09 -9.79
N PRO C 283 7.37 13.45 -8.58
CA PRO C 283 6.21 12.79 -7.98
C PRO C 283 4.90 13.48 -8.17
N ILE C 284 3.90 12.93 -7.49
CA ILE C 284 2.56 13.46 -7.52
C ILE C 284 2.30 13.84 -6.06
N LEU C 285 1.30 14.67 -5.82
CA LEU C 285 0.94 15.05 -4.47
C LEU C 285 -0.41 14.43 -4.20
N THR C 286 -0.45 13.43 -3.31
CA THR C 286 -1.72 12.77 -2.96
C THR C 286 -2.07 13.04 -1.52
N GLU C 287 -3.35 13.24 -1.25
CA GLU C 287 -3.81 13.56 0.09
C GLU C 287 -4.23 12.40 0.93
N ILE C 288 -3.61 12.31 2.10
CA ILE C 288 -3.90 11.26 3.06
C ILE C 288 -5.36 11.36 3.45
N GLN C 289 -6.08 10.26 3.29
CA GLN C 289 -7.49 10.22 3.60
C GLN C 289 -7.78 10.39 5.08
N GLN C 290 -8.99 10.83 5.41
CA GLN C 290 -9.38 11.03 6.80
C GLN C 290 -8.27 11.69 7.61
N ALA C 291 -7.72 12.80 7.10
CA ALA C 291 -6.68 13.48 7.83
C ALA C 291 -6.59 14.94 7.49
N TYR C 292 -6.53 15.77 8.53
CA TYR C 292 -6.45 17.21 8.36
C TYR C 292 -5.45 17.78 9.35
N ILE C 293 -4.98 18.99 9.08
CA ILE C 293 -4.05 19.66 9.98
C ILE C 293 -4.67 20.98 10.45
N GLN C 294 -5.20 20.94 11.66
CA GLN C 294 -5.85 22.09 12.25
C GLN C 294 -4.81 23.03 12.81
N GLU C 295 -4.97 24.32 12.53
CA GLU C 295 -4.05 25.32 13.05
C GLU C 295 -4.73 26.10 14.16
N LEU C 296 -4.00 26.44 15.20
CA LEU C 296 -4.57 27.23 16.27
C LEU C 296 -3.86 28.59 16.21
N LEU C 297 -4.63 29.66 16.42
CA LEU C 297 -4.09 31.01 16.40
C LEU C 297 -3.88 31.44 17.85
N PRO C 298 -2.64 31.70 18.25
CA PRO C 298 -2.38 32.09 19.63
C PRO C 298 -2.85 33.50 19.92
N VAL C 299 -3.42 33.68 21.11
CA VAL C 299 -3.89 34.97 21.56
C VAL C 299 -3.63 35.13 23.04
N SER C 300 -2.89 36.18 23.38
CA SER C 300 -2.55 36.47 24.77
C SER C 300 -3.80 36.52 25.62
N PHE C 301 -3.82 35.76 26.70
CA PHE C 301 -4.99 35.81 27.56
C PHE C 301 -4.63 36.24 28.96
N ASN C 302 -5.54 36.96 29.62
CA ASN C 302 -5.30 37.45 30.97
C ASN C 302 -5.85 36.53 32.05
N ASN C 303 -5.05 36.30 33.07
CA ASN C 303 -5.52 35.48 34.17
C ASN C 303 -5.38 35.95 35.59
N ASP C 304 -4.15 36.19 36.03
CA ASP C 304 -3.95 36.61 37.40
C ASP C 304 -4.01 38.10 37.22
N ASP C 305 -2.90 38.67 36.77
CA ASP C 305 -2.83 40.10 36.53
C ASP C 305 -1.75 40.33 35.54
N SER C 306 -1.38 39.23 34.91
CA SER C 306 -0.34 39.21 33.90
C SER C 306 -0.94 38.58 32.65
N GLU C 307 -0.32 38.86 31.50
CA GLU C 307 -0.77 38.28 30.25
C GLU C 307 -0.17 36.89 30.20
N TRP C 308 -0.80 35.99 29.46
CA TRP C 308 -0.31 34.62 29.34
C TRP C 308 -0.49 34.05 27.92
N ILE C 309 0.27 33.00 27.62
CA ILE C 309 0.14 32.34 26.33
C ILE C 309 0.17 30.86 26.62
N SER C 310 -0.82 30.15 26.09
CA SER C 310 -0.87 28.71 26.29
C SER C 310 0.22 28.08 25.46
N ILE C 311 0.95 27.15 26.05
CA ILE C 311 2.00 26.44 25.36
C ILE C 311 1.45 25.12 24.86
N VAL C 312 0.84 25.19 23.67
CA VAL C 312 0.23 24.03 23.03
C VAL C 312 0.53 24.07 21.55
N PRO C 313 0.64 22.90 20.91
CA PRO C 313 0.93 22.87 19.49
C PRO C 313 0.09 23.83 18.67
N ASN C 314 0.72 24.56 17.76
CA ASN C 314 0.01 25.49 16.91
C ASN C 314 -0.58 24.82 15.70
N PHE C 315 -0.13 23.60 15.43
CA PHE C 315 -0.62 22.81 14.33
C PHE C 315 -0.85 21.41 14.86
N ILE C 316 -1.99 20.84 14.54
CA ILE C 316 -2.29 19.51 15.01
C ILE C 316 -2.71 18.62 13.87
N LEU C 317 -2.19 17.40 13.86
CA LEU C 317 -2.50 16.44 12.81
C LEU C 317 -3.53 15.47 13.33
N VAL C 318 -4.64 15.35 12.62
CA VAL C 318 -5.67 14.43 13.04
C VAL C 318 -5.96 13.48 11.91
N ARG C 319 -5.83 12.18 12.19
CA ARG C 319 -6.10 11.10 11.23
C ARG C 319 -7.11 10.18 11.88
N ASN C 320 -8.34 10.27 11.38
CA ASN C 320 -9.44 9.48 11.90
C ASN C 320 -9.79 10.07 13.26
N THR C 321 -9.19 9.51 14.29
CA THR C 321 -9.46 10.00 15.62
C THR C 321 -8.17 10.09 16.38
N LEU C 322 -7.07 9.94 15.67
CA LEU C 322 -5.78 10.02 16.32
C LEU C 322 -5.17 11.41 16.22
N ILE C 323 -4.93 12.01 17.38
CA ILE C 323 -4.33 13.33 17.45
C ILE C 323 -2.85 13.15 17.68
N SER C 324 -2.05 13.75 16.82
CA SER C 324 -0.60 13.64 16.90
C SER C 324 0.08 14.92 16.48
N ASN C 325 1.29 15.13 16.95
CA ASN C 325 2.08 16.31 16.62
C ASN C 325 2.58 16.13 15.20
N ILE C 326 3.12 17.20 14.63
CA ILE C 326 3.66 17.12 13.27
C ILE C 326 4.75 18.16 13.13
N GLU C 327 5.89 17.76 12.56
CA GLU C 327 6.99 18.68 12.38
C GLU C 327 6.76 19.48 11.13
N ILE C 328 5.65 20.20 11.13
CA ILE C 328 5.23 21.02 10.02
C ILE C 328 6.33 21.98 9.56
N GLY C 329 7.42 22.02 10.31
CA GLY C 329 8.50 22.89 9.92
C GLY C 329 9.01 22.48 8.55
N PHE C 330 9.27 21.19 8.37
CA PHE C 330 9.81 20.67 7.11
C PHE C 330 8.81 20.56 5.99
N CYS C 331 7.66 21.22 6.13
CA CYS C 331 6.67 21.15 5.07
C CYS C 331 6.37 22.51 4.49
N LEU C 332 5.56 22.50 3.43
CA LEU C 332 5.15 23.72 2.76
C LEU C 332 3.72 23.98 3.15
N ILE C 333 3.46 25.14 3.72
CA ILE C 333 2.11 25.44 4.13
C ILE C 333 1.47 26.42 3.16
N THR C 334 0.40 25.98 2.50
CA THR C 334 -0.34 26.84 1.57
C THR C 334 -1.65 27.18 2.27
N LYS C 335 -2.50 27.96 1.62
CA LYS C 335 -3.74 28.32 2.28
C LYS C 335 -4.70 27.14 2.40
N ARG C 336 -4.63 26.20 1.48
CA ARG C 336 -5.57 25.10 1.54
C ARG C 336 -5.05 23.79 2.12
N SER C 337 -3.74 23.56 2.07
CA SER C 337 -3.20 22.31 2.60
C SER C 337 -1.71 22.33 2.95
N VAL C 338 -1.29 21.33 3.72
CA VAL C 338 0.10 21.20 4.15
C VAL C 338 0.75 20.13 3.29
N ILE C 339 1.71 20.53 2.46
CA ILE C 339 2.38 19.61 1.57
C ILE C 339 3.76 19.22 2.08
N CYS C 340 3.96 17.93 2.35
CA CYS C 340 5.26 17.45 2.85
C CYS C 340 5.89 16.40 1.95
N ASN C 341 7.22 16.39 1.94
CA ASN C 341 7.98 15.44 1.14
C ASN C 341 8.02 14.05 1.77
N GLN C 342 7.30 13.88 2.87
CA GLN C 342 7.23 12.59 3.58
C GLN C 342 6.41 12.76 4.85
N ASP C 343 5.86 11.68 5.39
CA ASP C 343 5.06 11.79 6.59
C ASP C 343 5.95 12.38 7.67
N TYR C 344 5.46 13.40 8.37
CA TYR C 344 6.23 14.04 9.41
C TYR C 344 5.53 14.02 10.75
N ALA C 345 4.60 13.10 10.93
CA ALA C 345 3.86 13.01 12.18
C ALA C 345 4.78 12.52 13.28
N THR C 346 4.52 12.97 14.50
CA THR C 346 5.30 12.56 15.66
C THR C 346 4.33 12.38 16.82
N PRO C 347 4.71 11.58 17.81
CA PRO C 347 3.89 11.30 18.97
C PRO C 347 3.58 12.54 19.80
N MET C 348 2.61 12.39 20.69
CA MET C 348 2.20 13.48 21.56
C MET C 348 1.95 12.99 22.98
N THR C 349 2.32 13.80 23.96
CA THR C 349 2.11 13.45 25.37
C THR C 349 0.68 13.04 25.52
N ASN C 350 0.36 12.34 26.59
CA ASN C 350 -1.02 11.98 26.77
C ASN C 350 -1.78 13.18 27.31
N ASN C 351 -1.19 13.85 28.29
CA ASN C 351 -1.81 15.03 28.88
C ASN C 351 -2.07 16.07 27.82
N MET C 352 -1.11 16.29 26.95
CA MET C 352 -1.27 17.29 25.91
C MET C 352 -2.46 16.97 25.02
N ARG C 353 -2.74 15.68 24.82
CA ARG C 353 -3.87 15.28 24.00
C ARG C 353 -5.16 15.58 24.75
N GLU C 354 -5.16 15.35 26.06
CA GLU C 354 -6.33 15.62 26.89
C GLU C 354 -6.61 17.09 26.89
N CYS C 355 -5.55 17.87 27.11
CA CYS C 355 -5.68 19.31 27.13
C CYS C 355 -6.45 19.76 25.88
N LEU C 356 -5.95 19.35 24.71
CA LEU C 356 -6.55 19.72 23.44
C LEU C 356 -8.01 19.31 23.27
N THR C 357 -8.50 18.44 24.15
CA THR C 357 -9.88 17.98 24.04
C THR C 357 -10.85 18.51 25.09
N GLY C 358 -10.30 19.01 26.20
CA GLY C 358 -11.17 19.53 27.24
C GLY C 358 -10.55 19.73 28.60
N SER C 359 -9.46 19.01 28.87
CA SER C 359 -8.77 19.11 30.15
C SER C 359 -7.87 20.36 30.13
N THR C 360 -8.46 21.55 30.14
CA THR C 360 -7.68 22.78 30.08
C THR C 360 -6.73 22.99 31.24
N GLU C 361 -6.95 22.32 32.36
CA GLU C 361 -6.05 22.50 33.50
C GLU C 361 -4.75 21.78 33.24
N LYS C 362 -4.70 21.01 32.15
CA LYS C 362 -3.51 20.27 31.78
C LYS C 362 -2.78 20.99 30.66
N CYS C 363 -3.19 22.23 30.42
CA CYS C 363 -2.61 23.03 29.36
C CYS C 363 -1.64 24.05 29.93
N PRO C 364 -0.34 23.87 29.70
CA PRO C 364 0.62 24.84 30.25
C PRO C 364 0.39 26.23 29.70
N ARG C 365 0.99 27.22 30.36
CA ARG C 365 0.91 28.62 29.96
C ARG C 365 2.16 29.29 30.45
N GLU C 366 2.70 30.21 29.66
CA GLU C 366 3.93 30.89 30.05
C GLU C 366 3.64 32.37 30.16
N LEU C 367 4.31 33.01 31.10
CA LEU C 367 4.12 34.42 31.32
C LEU C 367 4.53 35.25 30.11
N VAL C 368 3.77 36.29 29.82
CA VAL C 368 4.07 37.17 28.68
C VAL C 368 4.71 38.43 29.20
N VAL C 369 5.87 38.80 28.66
CA VAL C 369 6.56 39.98 29.13
C VAL C 369 7.07 40.80 27.97
N SER C 370 6.44 40.66 26.82
CA SER C 370 6.88 41.42 25.68
C SER C 370 5.78 42.30 25.15
N SER C 371 6.15 43.50 24.70
CA SER C 371 5.18 44.44 24.14
C SER C 371 4.40 43.75 23.02
N HIS C 372 5.13 43.04 22.16
CA HIS C 372 4.54 42.35 21.02
C HIS C 372 4.10 40.90 21.24
N VAL C 373 2.79 40.68 21.17
CA VAL C 373 2.21 39.35 21.33
C VAL C 373 0.78 39.46 20.83
N PRO C 374 0.30 38.45 20.10
CA PRO C 374 -1.06 38.47 19.60
C PRO C 374 -2.08 38.75 20.72
N ARG C 375 -2.94 39.75 20.52
CA ARG C 375 -3.93 40.13 21.52
C ARG C 375 -5.36 39.72 21.16
N PHE C 376 -5.59 39.40 19.90
CA PHE C 376 -6.92 38.98 19.47
C PHE C 376 -6.86 38.24 18.13
N ALA C 377 -7.89 37.47 17.84
CA ALA C 377 -7.94 36.72 16.59
C ALA C 377 -9.37 36.61 16.11
N LEU C 378 -9.54 36.50 14.80
CA LEU C 378 -10.86 36.40 14.19
C LEU C 378 -11.12 34.98 13.73
N SER C 379 -12.04 34.30 14.40
CA SER C 379 -12.37 32.93 14.05
C SER C 379 -13.81 32.80 13.60
N ASN C 380 -14.02 32.69 12.29
CA ASN C 380 -15.36 32.55 11.76
C ASN C 380 -16.20 33.76 12.14
N GLY C 381 -15.87 34.92 11.56
CA GLY C 381 -16.60 36.14 11.85
C GLY C 381 -16.62 36.64 13.29
N VAL C 382 -16.29 35.77 14.26
CA VAL C 382 -16.29 36.16 15.66
C VAL C 382 -14.91 36.60 16.16
N LEU C 383 -14.89 37.50 17.13
CA LEU C 383 -13.65 38.01 17.71
C LEU C 383 -13.33 37.37 19.05
N PHE C 384 -12.05 37.20 19.33
CA PHE C 384 -11.59 36.63 20.60
C PHE C 384 -10.45 37.54 21.00
N ALA C 385 -10.67 38.33 22.05
CA ALA C 385 -9.65 39.28 22.47
C ALA C 385 -9.44 39.44 23.95
N ASN C 386 -8.22 39.87 24.28
CA ASN C 386 -7.79 40.13 25.64
C ASN C 386 -7.86 41.65 25.71
N CYS C 387 -9.02 42.14 26.13
CA CYS C 387 -9.29 43.57 26.25
C CYS C 387 -8.46 44.17 27.37
N ILE C 388 -8.30 43.42 28.45
CA ILE C 388 -7.50 43.89 29.56
C ILE C 388 -6.15 44.36 29.03
N SER C 389 -5.82 44.02 27.78
CA SER C 389 -4.55 44.42 27.16
C SER C 389 -4.68 45.07 25.78
N VAL C 390 -5.91 45.42 25.40
CA VAL C 390 -6.16 46.09 24.12
C VAL C 390 -7.41 46.95 24.22
N THR C 391 -7.50 48.00 23.41
CA THR C 391 -8.67 48.86 23.46
C THR C 391 -9.86 48.26 22.70
N CYS C 392 -10.80 47.72 23.47
CA CYS C 392 -12.00 47.11 22.89
C CYS C 392 -13.21 48.01 23.04
N GLN C 393 -13.57 48.72 21.98
CA GLN C 393 -14.75 49.57 22.07
C GLN C 393 -15.74 49.22 20.97
N CYS C 394 -17.02 49.40 21.26
CA CYS C 394 -18.04 49.06 20.29
C CYS C 394 -18.50 50.22 19.45
N GLN C 395 -17.91 50.34 18.26
CA GLN C 395 -18.22 51.43 17.34
C GLN C 395 -19.71 51.65 17.13
N THR C 396 -20.47 50.56 17.08
CA THR C 396 -21.91 50.70 16.88
C THR C 396 -22.54 51.43 18.05
N THR C 397 -22.48 50.83 19.23
CA THR C 397 -23.07 51.42 20.44
C THR C 397 -22.25 52.61 20.98
N GLY C 398 -21.25 53.06 20.22
CA GLY C 398 -20.42 54.18 20.64
C GLY C 398 -19.68 53.93 21.96
N ARG C 399 -20.22 52.99 22.74
CA ARG C 399 -19.69 52.60 24.04
C ARG C 399 -18.38 51.85 23.91
N ALA C 400 -17.89 51.33 25.03
CA ALA C 400 -16.65 50.58 25.01
C ALA C 400 -16.81 49.24 25.72
N ILE C 401 -16.18 48.22 25.14
CA ILE C 401 -16.24 46.85 25.66
C ILE C 401 -15.27 46.65 26.80
N SER C 402 -15.81 46.26 27.95
CA SER C 402 -14.98 46.07 29.14
C SER C 402 -14.84 44.61 29.55
N GLN C 403 -13.64 44.28 30.04
CA GLN C 403 -13.36 42.92 30.43
C GLN C 403 -13.14 42.74 31.93
N SER C 404 -13.91 41.83 32.52
CA SER C 404 -13.78 41.55 33.94
C SER C 404 -12.39 41.00 34.21
N GLY C 405 -11.94 41.14 35.44
CA GLY C 405 -10.63 40.65 35.80
C GLY C 405 -10.65 39.14 35.87
N GLU C 406 -11.85 38.60 36.01
CA GLU C 406 -12.04 37.16 36.11
C GLU C 406 -12.14 36.50 34.76
N GLN C 407 -12.13 37.31 33.70
CA GLN C 407 -12.29 36.78 32.36
C GLN C 407 -10.92 36.70 31.69
N THR C 408 -10.65 35.56 31.04
CA THR C 408 -9.39 35.34 30.34
C THR C 408 -9.41 36.08 29.01
N LEU C 409 -10.45 35.86 28.22
CA LEU C 409 -10.60 36.53 26.93
C LEU C 409 -12.00 37.08 26.86
N LEU C 410 -12.35 37.60 25.70
CA LEU C 410 -13.71 38.08 25.49
C LEU C 410 -14.16 37.54 24.15
N MET C 411 -15.46 37.40 23.98
CA MET C 411 -16.00 36.89 22.73
C MET C 411 -16.94 37.95 22.19
N ILE C 412 -16.37 38.83 21.39
CA ILE C 412 -17.13 39.91 20.81
C ILE C 412 -17.79 39.52 19.50
N ASP C 413 -19.11 39.36 19.52
CA ASP C 413 -19.83 39.01 18.30
C ASP C 413 -21.05 39.87 18.04
N ASN C 414 -21.71 39.55 16.93
CA ASN C 414 -22.91 40.20 16.44
C ASN C 414 -23.78 40.67 17.59
N THR C 415 -24.26 39.73 18.37
CA THR C 415 -25.11 40.04 19.52
C THR C 415 -24.53 41.15 20.41
N THR C 416 -23.44 40.86 21.13
CA THR C 416 -22.81 41.87 22.01
C THR C 416 -22.57 43.20 21.32
N CYS C 417 -21.81 43.14 20.25
CA CYS C 417 -21.45 44.32 19.51
C CYS C 417 -21.33 44.10 18.01
N PRO C 418 -22.27 44.65 17.22
CA PRO C 418 -22.27 44.50 15.76
C PRO C 418 -21.02 44.93 15.01
N THR C 419 -20.36 45.98 15.46
CA THR C 419 -19.17 46.43 14.77
C THR C 419 -18.15 46.96 15.74
N ALA C 420 -17.35 46.06 16.31
CA ALA C 420 -16.31 46.42 17.29
C ALA C 420 -15.07 47.13 16.71
N VAL C 421 -14.33 47.78 17.61
CA VAL C 421 -13.09 48.47 17.28
C VAL C 421 -11.95 48.05 18.23
N LEU C 422 -11.32 46.93 17.93
CA LEU C 422 -10.22 46.43 18.73
C LEU C 422 -9.04 47.20 18.24
N GLY C 423 -8.42 47.91 19.16
CA GLY C 423 -7.27 48.70 18.82
C GLY C 423 -7.61 49.72 17.74
N ASN C 424 -6.79 49.72 16.69
CA ASN C 424 -6.93 50.63 15.56
C ASN C 424 -7.88 50.10 14.44
N VAL C 425 -8.24 48.83 14.49
CA VAL C 425 -9.10 48.30 13.44
C VAL C 425 -10.55 48.40 13.82
N ILE C 426 -11.38 48.38 12.79
CA ILE C 426 -12.82 48.42 12.95
C ILE C 426 -13.37 47.28 12.13
N ILE C 427 -13.81 46.20 12.76
CA ILE C 427 -14.35 45.09 11.97
C ILE C 427 -15.78 44.80 12.38
N SER C 428 -16.57 44.38 11.40
CA SER C 428 -17.97 44.04 11.63
C SER C 428 -18.03 42.56 11.95
N LEU C 429 -18.59 42.21 13.09
CA LEU C 429 -18.66 40.82 13.50
C LEU C 429 -19.86 40.03 12.99
N GLY C 430 -19.87 38.74 13.32
CA GLY C 430 -20.94 37.86 12.93
C GLY C 430 -21.49 37.22 14.20
N LYS C 431 -22.26 36.15 14.06
CA LYS C 431 -22.85 35.46 15.21
C LYS C 431 -22.08 34.25 15.69
N TYR C 432 -21.69 34.24 16.95
CA TYR C 432 -20.96 33.09 17.50
C TYR C 432 -21.91 31.92 17.51
N LEU C 433 -21.42 30.72 17.25
CA LEU C 433 -22.27 29.55 17.18
C LEU C 433 -22.15 28.61 18.36
N GLY C 434 -21.50 29.04 19.44
CA GLY C 434 -21.35 28.16 20.58
C GLY C 434 -22.17 28.59 21.78
N SER C 435 -21.79 28.16 22.97
CA SER C 435 -22.50 28.52 24.20
C SER C 435 -22.76 30.01 24.20
N VAL C 436 -24.01 30.41 24.41
CA VAL C 436 -24.33 31.84 24.39
C VAL C 436 -23.86 32.60 25.63
N ASN C 437 -23.23 31.87 26.54
CA ASN C 437 -22.73 32.47 27.77
C ASN C 437 -21.22 32.27 27.89
N TYR C 438 -20.56 32.16 26.74
CA TYR C 438 -19.12 31.97 26.67
C TYR C 438 -18.39 32.92 27.62
N ASN C 439 -18.82 34.19 27.63
CA ASN C 439 -18.20 35.20 28.46
C ASN C 439 -18.55 35.23 29.93
N SER C 440 -19.42 34.32 30.35
CA SER C 440 -19.82 34.24 31.76
C SER C 440 -19.67 32.80 32.19
N GLU C 441 -19.04 32.01 31.31
CA GLU C 441 -18.81 30.59 31.53
C GLU C 441 -17.61 30.32 32.45
N GLY C 442 -16.42 30.69 32.01
CA GLY C 442 -15.24 30.46 32.84
C GLY C 442 -14.49 29.20 32.41
N ILE C 443 -13.28 29.02 32.92
CA ILE C 443 -12.48 27.86 32.54
C ILE C 443 -11.34 27.61 33.50
N ALA C 444 -11.01 26.34 33.73
CA ALA C 444 -9.92 25.97 34.64
C ALA C 444 -8.57 26.17 33.95
N ILE C 445 -7.77 27.07 34.49
CA ILE C 445 -6.45 27.36 33.93
C ILE C 445 -5.42 26.29 34.26
N GLY C 446 -4.46 26.14 33.35
CA GLY C 446 -3.41 25.17 33.54
C GLY C 446 -2.22 25.71 34.34
N PRO C 447 -1.20 24.87 34.58
CA PRO C 447 -0.02 25.27 35.33
C PRO C 447 0.92 26.11 34.49
N PRO C 448 1.63 27.05 35.12
CA PRO C 448 2.57 27.90 34.38
C PRO C 448 3.92 27.20 34.23
N VAL C 449 4.64 27.55 33.17
CA VAL C 449 5.94 26.98 32.89
C VAL C 449 6.81 27.95 32.13
N PHE C 450 8.09 27.63 32.06
CA PHE C 450 9.06 28.44 31.35
C PHE C 450 9.75 27.59 30.30
N THR C 451 9.80 28.08 29.06
CA THR C 451 10.40 27.32 27.99
C THR C 451 11.79 27.73 27.54
N ASP C 452 12.35 28.75 28.16
CA ASP C 452 13.70 29.18 27.80
C ASP C 452 14.64 27.99 27.94
N LYS C 453 15.49 27.77 26.95
CA LYS C 453 16.43 26.66 26.95
C LYS C 453 17.28 26.55 28.21
N VAL C 454 17.81 27.69 28.66
CA VAL C 454 18.65 27.74 29.85
C VAL C 454 17.86 27.36 31.08
N ASP C 455 16.63 27.84 31.13
CA ASP C 455 15.75 27.57 32.26
C ASP C 455 15.28 26.14 32.31
N ILE C 456 15.16 25.49 31.17
CA ILE C 456 14.71 24.11 31.18
C ILE C 456 15.76 23.25 31.88
N SER C 457 17.02 23.68 31.84
CA SER C 457 18.09 22.94 32.51
C SER C 457 18.00 23.27 34.00
N SER C 458 17.70 24.53 34.28
CA SER C 458 17.56 25.01 35.65
C SER C 458 16.40 24.30 36.34
N GLN C 459 15.29 24.20 35.64
CA GLN C 459 14.11 23.55 36.20
C GLN C 459 14.32 22.05 36.34
N ILE C 460 15.04 21.43 35.41
CA ILE C 460 15.23 20.00 35.54
C ILE C 460 16.12 19.75 36.73
N SER C 461 17.12 20.60 36.90
CA SER C 461 18.04 20.48 38.03
C SER C 461 17.33 20.82 39.33
N SER C 462 16.59 21.92 39.32
CA SER C 462 15.83 22.35 40.48
C SER C 462 14.88 21.25 40.95
N MET C 463 14.14 20.67 40.02
CA MET C 463 13.20 19.63 40.35
C MET C 463 13.83 18.39 40.94
N ASN C 464 14.97 17.98 40.39
CA ASN C 464 15.63 16.80 40.89
C ASN C 464 16.14 17.05 42.30
N GLN C 465 16.44 18.31 42.60
CA GLN C 465 16.91 18.67 43.93
C GLN C 465 15.80 18.29 44.91
N SER C 466 14.66 18.95 44.72
CA SER C 466 13.49 18.74 45.54
C SER C 466 13.17 17.25 45.61
N LEU C 467 13.26 16.56 44.47
CA LEU C 467 12.96 15.13 44.42
C LEU C 467 13.91 14.28 45.28
N GLN C 468 15.20 14.63 45.29
CA GLN C 468 16.16 13.87 46.11
C GLN C 468 15.87 14.10 47.59
N GLN C 469 15.52 15.34 47.92
CA GLN C 469 15.21 15.68 49.30
C GLN C 469 13.96 14.98 49.82
N SER C 470 12.92 14.90 48.99
CA SER C 470 11.68 14.26 49.39
C SER C 470 11.81 12.75 49.43
N LYS C 471 12.83 12.22 48.76
CA LYS C 471 13.04 10.77 48.75
C LYS C 471 13.83 10.40 50.00
N ASP C 472 14.39 11.42 50.67
CA ASP C 472 15.15 11.24 51.90
C ASP C 472 14.24 11.38 53.12
N TYR C 473 13.15 12.14 52.96
CA TYR C 473 12.17 12.33 54.01
C TYR C 473 11.34 11.05 54.02
N ILE C 474 11.04 10.53 52.83
CA ILE C 474 10.30 9.29 52.69
C ILE C 474 11.16 8.07 53.09
N LYS C 475 12.48 8.21 52.97
CA LYS C 475 13.43 7.15 53.34
C LYS C 475 13.77 7.17 54.84
N GLU C 476 13.84 8.36 55.44
CA GLU C 476 14.14 8.54 56.87
C GLU C 476 12.87 8.26 57.71
N ALA C 477 11.71 8.67 57.21
CA ALA C 477 10.43 8.46 57.88
C ALA C 477 9.97 6.98 57.76
N GLN C 478 10.28 6.35 56.62
CA GLN C 478 9.95 4.93 56.40
C GLN C 478 10.78 4.02 57.31
N ARG C 479 12.07 4.37 57.50
CA ARG C 479 13.00 3.61 58.37
C ARG C 479 12.78 3.88 59.87
N LEU C 480 12.23 5.05 60.20
CA LEU C 480 11.93 5.44 61.59
C LEU C 480 10.54 4.90 61.99
N LEU C 481 9.60 4.87 61.03
CA LEU C 481 8.25 4.36 61.27
C LEU C 481 8.08 2.83 61.30
N ASP C 482 8.55 2.14 60.26
CA ASP C 482 8.46 0.67 60.20
C ASP C 482 9.66 -0.03 59.58
N ILE D 27 -52.06 -35.60 -4.91
CA ILE D 27 -53.25 -34.76 -4.56
C ILE D 27 -53.15 -33.44 -5.31
N LEU D 28 -52.43 -33.47 -6.43
CA LEU D 28 -52.22 -32.32 -7.29
C LEU D 28 -53.29 -32.38 -8.36
N HIS D 29 -53.61 -31.23 -8.97
CA HIS D 29 -54.62 -31.19 -10.02
C HIS D 29 -53.94 -31.33 -11.38
N TYR D 30 -53.48 -32.53 -11.66
CA TYR D 30 -52.77 -32.82 -12.90
C TYR D 30 -53.39 -32.29 -14.19
N GLU D 31 -54.72 -32.30 -14.32
CA GLU D 31 -55.31 -31.81 -15.57
C GLU D 31 -55.01 -30.33 -15.78
N LYS D 32 -55.37 -29.49 -14.84
CA LYS D 32 -55.08 -28.08 -14.98
C LYS D 32 -53.58 -27.85 -15.14
N LEU D 33 -52.78 -28.58 -14.37
CA LEU D 33 -51.33 -28.42 -14.43
C LEU D 33 -50.80 -28.68 -15.82
N SER D 34 -51.27 -29.75 -16.45
CA SER D 34 -50.80 -30.08 -17.79
C SER D 34 -51.15 -28.96 -18.79
N LYS D 35 -52.30 -28.32 -18.62
CA LYS D 35 -52.70 -27.25 -19.53
C LYS D 35 -51.74 -26.08 -19.52
N ILE D 36 -50.87 -26.00 -18.52
CA ILE D 36 -49.90 -24.92 -18.48
C ILE D 36 -48.49 -25.47 -18.58
N GLY D 37 -48.35 -26.55 -19.36
CA GLY D 37 -47.06 -27.15 -19.60
C GLY D 37 -46.40 -28.03 -18.54
N LEU D 38 -47.13 -28.45 -17.51
CA LEU D 38 -46.57 -29.31 -16.48
C LEU D 38 -47.23 -30.66 -16.58
N VAL D 39 -46.77 -31.44 -17.55
CA VAL D 39 -47.29 -32.80 -17.81
C VAL D 39 -46.91 -33.75 -16.68
N LYS D 40 -47.84 -34.61 -16.27
CA LYS D 40 -47.54 -35.56 -15.19
C LYS D 40 -46.52 -36.62 -15.59
N GLY D 41 -45.44 -36.70 -14.81
CA GLY D 41 -44.41 -37.68 -15.11
C GLY D 41 -44.46 -38.89 -14.20
N VAL D 42 -43.30 -39.51 -13.99
CA VAL D 42 -43.20 -40.71 -13.15
C VAL D 42 -43.25 -40.39 -11.67
N THR D 43 -43.91 -41.27 -10.91
CA THR D 43 -44.01 -41.08 -9.47
C THR D 43 -43.04 -42.03 -8.78
N ARG D 44 -42.12 -41.49 -7.97
CA ARG D 44 -41.14 -42.34 -7.30
C ARG D 44 -41.30 -42.41 -5.78
N LYS D 45 -40.73 -43.45 -5.17
CA LYS D 45 -40.76 -43.62 -3.70
C LYS D 45 -39.69 -42.75 -3.08
N TYR D 46 -39.79 -42.50 -1.78
CA TYR D 46 -38.80 -41.65 -1.08
C TYR D 46 -38.04 -42.45 -0.03
N LYS D 47 -36.84 -42.91 -0.39
CA LYS D 47 -36.01 -43.71 0.52
C LYS D 47 -34.88 -42.88 1.12
N ILE D 48 -34.55 -43.14 2.39
CA ILE D 48 -33.48 -42.44 3.10
C ILE D 48 -32.58 -43.46 3.80
N LYS D 49 -31.31 -43.12 4.03
CA LYS D 49 -30.41 -44.06 4.70
C LYS D 49 -30.69 -44.12 6.19
N SER D 50 -30.26 -45.19 6.84
CA SER D 50 -30.49 -45.34 8.29
C SER D 50 -29.91 -46.63 8.88
N ASN D 51 -29.91 -46.71 10.21
CA ASN D 51 -29.41 -47.87 10.95
C ASN D 51 -28.12 -48.44 10.37
N PRO D 52 -27.05 -47.64 10.38
CA PRO D 52 -25.79 -48.12 9.84
C PRO D 52 -25.20 -49.27 10.64
N LEU D 53 -24.31 -50.05 10.01
CA LEU D 53 -23.64 -51.17 10.66
C LEU D 53 -22.15 -50.97 10.40
N THR D 54 -21.41 -50.67 11.44
CA THR D 54 -19.99 -50.43 11.27
C THR D 54 -19.15 -51.66 10.96
N LYS D 55 -17.93 -51.40 10.50
CA LYS D 55 -16.93 -52.41 10.15
C LYS D 55 -15.65 -51.59 10.07
N ASP D 56 -14.56 -52.07 10.64
CA ASP D 56 -13.33 -51.28 10.63
C ASP D 56 -12.20 -51.83 9.77
N ILE D 57 -11.47 -50.94 9.10
CA ILE D 57 -10.31 -51.39 8.34
C ILE D 57 -9.19 -50.37 8.48
N VAL D 58 -7.97 -50.83 8.20
CA VAL D 58 -6.77 -50.02 8.29
C VAL D 58 -6.23 -49.69 6.91
N ILE D 59 -5.76 -48.46 6.76
CA ILE D 59 -5.19 -47.99 5.51
C ILE D 59 -3.80 -47.47 5.84
N LYS D 60 -2.78 -48.18 5.37
CA LYS D 60 -1.39 -47.78 5.61
C LYS D 60 -0.99 -46.90 4.44
N MET D 61 -0.66 -45.65 4.74
CA MET D 61 -0.28 -44.69 3.70
C MET D 61 1.21 -44.57 3.49
N ILE D 62 1.91 -45.70 3.56
CA ILE D 62 3.36 -45.75 3.34
C ILE D 62 3.66 -47.14 2.84
N PRO D 63 4.08 -47.26 1.56
CA PRO D 63 4.39 -48.55 0.97
C PRO D 63 5.53 -49.26 1.67
N ASN D 64 5.54 -50.58 1.65
CA ASN D 64 6.62 -51.31 2.28
C ASN D 64 7.70 -51.52 1.21
N VAL D 65 8.85 -50.89 1.43
CA VAL D 65 9.96 -50.96 0.49
C VAL D 65 11.14 -51.82 0.93
N SER D 66 10.91 -52.72 1.88
CA SER D 66 11.99 -53.58 2.37
C SER D 66 12.63 -54.41 1.25
N ASP D 67 11.84 -54.69 0.21
CA ASP D 67 12.31 -55.48 -0.93
C ASP D 67 13.32 -54.74 -1.79
N MET D 68 13.44 -53.43 -1.59
CA MET D 68 14.38 -52.62 -2.35
C MET D 68 15.03 -51.57 -1.48
N SER D 69 15.30 -51.96 -0.23
CA SER D 69 15.91 -51.10 0.76
C SER D 69 17.20 -50.41 0.31
N GLN D 70 17.80 -50.88 -0.78
CA GLN D 70 19.03 -50.28 -1.27
C GLN D 70 18.80 -49.07 -2.17
N CYS D 71 17.83 -49.18 -3.08
CA CYS D 71 17.55 -48.07 -4.00
C CYS D 71 16.52 -47.10 -3.42
N THR D 72 16.61 -46.85 -2.12
CA THR D 72 15.72 -45.94 -1.43
C THR D 72 16.23 -44.53 -1.46
N GLY D 73 17.20 -44.24 -0.61
CA GLY D 73 17.73 -42.90 -0.57
C GLY D 73 16.89 -42.10 0.40
N SER D 74 17.07 -40.78 0.39
CA SER D 74 16.33 -39.92 1.27
C SER D 74 14.82 -39.97 1.03
N VAL D 75 14.44 -40.42 -0.16
CA VAL D 75 13.02 -40.48 -0.52
C VAL D 75 12.09 -40.86 0.62
N MET D 76 12.22 -42.08 1.13
CA MET D 76 11.35 -42.53 2.20
C MET D 76 11.38 -41.66 3.45
N GLU D 77 12.51 -41.01 3.69
CA GLU D 77 12.64 -40.17 4.87
C GLU D 77 11.84 -38.90 4.75
N ASN D 78 12.02 -38.21 3.62
CA ASN D 78 11.31 -36.97 3.37
C ASN D 78 9.81 -37.23 3.31
N TYR D 79 9.43 -38.26 2.58
CA TYR D 79 8.03 -38.61 2.45
C TYR D 79 7.41 -38.77 3.83
N LYS D 80 8.15 -39.36 4.77
CA LYS D 80 7.63 -39.54 6.11
C LYS D 80 7.41 -38.20 6.79
N THR D 81 8.29 -37.24 6.53
CA THR D 81 8.16 -35.92 7.11
C THR D 81 6.92 -35.24 6.55
N ARG D 82 6.78 -35.30 5.24
CA ARG D 82 5.66 -34.69 4.53
C ARG D 82 4.33 -35.22 5.02
N LEU D 83 4.23 -36.54 5.08
CA LEU D 83 3.01 -37.23 5.52
C LEU D 83 2.70 -36.95 6.98
N ASN D 84 3.73 -36.91 7.81
CA ASN D 84 3.53 -36.63 9.23
C ASN D 84 2.98 -35.23 9.32
N GLY D 85 3.29 -34.43 8.32
CA GLY D 85 2.82 -33.05 8.30
C GLY D 85 1.31 -32.96 8.17
N ILE D 86 0.78 -33.62 7.14
CA ILE D 86 -0.65 -33.60 6.87
C ILE D 86 -1.47 -34.51 7.76
N LEU D 87 -0.82 -35.47 8.41
CA LEU D 87 -1.54 -36.38 9.30
C LEU D 87 -1.64 -35.84 10.73
N THR D 88 -0.67 -35.05 11.15
CA THR D 88 -0.65 -34.49 12.50
C THR D 88 -1.90 -33.72 12.91
N PRO D 89 -2.33 -32.75 12.10
CA PRO D 89 -3.53 -31.98 12.45
C PRO D 89 -4.73 -32.87 12.65
N ILE D 90 -4.81 -33.94 11.87
CA ILE D 90 -5.93 -34.88 11.97
C ILE D 90 -5.89 -35.61 13.31
N LYS D 91 -4.73 -36.15 13.66
CA LYS D 91 -4.59 -36.87 14.92
C LYS D 91 -4.92 -35.92 16.04
N GLY D 92 -4.46 -34.69 15.91
CA GLY D 92 -4.72 -33.71 16.93
C GLY D 92 -6.20 -33.51 17.16
N ALA D 93 -6.91 -33.13 16.11
CA ALA D 93 -8.35 -32.89 16.20
C ALA D 93 -9.12 -34.05 16.82
N LEU D 94 -8.58 -35.25 16.73
CA LEU D 94 -9.24 -36.42 17.30
C LEU D 94 -9.00 -36.52 18.80
N GLU D 95 -7.82 -36.11 19.25
CA GLU D 95 -7.50 -36.15 20.67
C GLU D 95 -8.34 -35.13 21.43
N ILE D 96 -8.64 -34.01 20.79
CA ILE D 96 -9.43 -32.95 21.40
C ILE D 96 -10.75 -33.52 21.88
N TYR D 97 -11.04 -34.74 21.46
CA TYR D 97 -12.27 -35.39 21.87
C TYR D 97 -11.99 -36.60 22.75
N LYS D 98 -10.87 -37.27 22.49
CA LYS D 98 -10.53 -38.44 23.29
C LYS D 98 -10.20 -38.01 24.71
N ASN D 99 -9.69 -36.80 24.87
CA ASN D 99 -9.33 -36.30 26.18
C ASN D 99 -10.51 -35.67 26.93
N ASN D 100 -11.73 -35.87 26.44
CA ASN D 100 -12.87 -35.30 27.13
C ASN D 100 -14.07 -36.23 27.13
N THR D 101 -13.78 -37.52 27.04
CA THR D 101 -14.82 -38.55 27.06
C THR D 101 -14.39 -39.65 28.05
N HIS D 102 -15.12 -39.76 29.15
CA HIS D 102 -14.84 -40.76 30.18
C HIS D 102 -16.10 -41.61 30.34
N ASP D 103 -15.95 -42.87 30.74
CA ASP D 103 -17.13 -43.72 30.93
C ASP D 103 -17.99 -43.17 32.07
N LEU D 104 -19.28 -42.97 31.81
CA LEU D 104 -20.19 -42.44 32.82
C LEU D 104 -20.50 -43.43 33.92
N VAL D 105 -19.71 -43.38 35.00
CA VAL D 105 -19.84 -44.28 36.16
C VAL D 105 -20.70 -43.74 37.30
N GLY D 106 -21.64 -44.56 37.79
CA GLY D 106 -22.47 -44.13 38.90
C GLY D 106 -23.96 -44.07 38.65
N ASP D 107 -24.36 -43.99 37.39
CA ASP D 107 -25.78 -43.92 37.05
C ASP D 107 -26.40 -45.32 37.08
N VAL D 108 -27.58 -45.43 37.68
CA VAL D 108 -28.28 -46.72 37.80
C VAL D 108 -28.96 -47.22 36.51
N ARG D 109 -29.23 -46.34 35.56
CA ARG D 109 -29.86 -46.78 34.30
C ARG D 109 -29.06 -46.51 33.02
N LEU D 110 -28.43 -45.33 32.91
CA LEU D 110 -27.62 -44.97 31.74
C LEU D 110 -26.12 -45.26 32.03
N ALA D 111 -25.51 -46.20 31.28
CA ALA D 111 -24.09 -46.51 31.49
C ALA D 111 -23.28 -46.29 30.19
N GLY D 112 -23.47 -45.13 29.57
CA GLY D 112 -22.81 -44.75 28.33
C GLY D 112 -21.59 -43.86 28.54
N VAL D 113 -21.43 -42.85 27.68
CA VAL D 113 -20.30 -41.95 27.76
C VAL D 113 -20.72 -40.52 28.13
N ILE D 114 -19.76 -39.72 28.59
CA ILE D 114 -20.05 -38.34 28.97
C ILE D 114 -18.99 -37.39 28.39
N MET D 115 -19.44 -36.41 27.61
CA MET D 115 -18.55 -35.43 26.99
C MET D 115 -18.25 -34.27 27.91
N ALA D 116 -17.01 -33.82 27.90
CA ALA D 116 -16.60 -32.71 28.73
C ALA D 116 -17.00 -31.41 28.03
N GLY D 117 -18.18 -30.92 28.36
CA GLY D 117 -18.67 -29.71 27.73
C GLY D 117 -17.77 -28.49 27.79
N VAL D 118 -17.36 -28.11 29.00
CA VAL D 118 -16.51 -26.94 29.17
C VAL D 118 -15.21 -27.12 28.40
N ALA D 119 -14.70 -28.34 28.42
CA ALA D 119 -13.46 -28.67 27.73
C ALA D 119 -13.62 -28.51 26.24
N ILE D 120 -14.60 -29.21 25.67
CA ILE D 120 -14.86 -29.14 24.25
C ILE D 120 -15.11 -27.70 23.80
N GLY D 121 -15.71 -26.90 24.68
CA GLY D 121 -15.97 -25.50 24.37
C GLY D 121 -17.07 -25.25 23.35
N ILE D 122 -16.70 -25.15 22.08
CA ILE D 122 -17.68 -24.93 21.02
C ILE D 122 -17.76 -26.13 20.09
N ALA D 123 -18.95 -26.70 19.97
CA ALA D 123 -19.14 -27.86 19.11
C ALA D 123 -20.52 -27.77 18.52
N THR D 124 -20.70 -28.40 17.37
CA THR D 124 -21.97 -28.37 16.69
C THR D 124 -22.74 -29.61 17.10
N ALA D 125 -24.06 -29.54 16.95
CA ALA D 125 -24.92 -30.66 17.32
C ALA D 125 -24.29 -31.99 16.90
N ALA D 126 -24.19 -32.17 15.59
CA ALA D 126 -23.65 -33.38 14.97
C ALA D 126 -22.21 -33.73 15.33
N GLN D 127 -21.34 -32.74 15.43
CA GLN D 127 -19.95 -33.01 15.76
C GLN D 127 -19.82 -33.79 17.06
N ILE D 128 -20.60 -33.42 18.08
CA ILE D 128 -20.57 -34.11 19.37
C ILE D 128 -21.05 -35.54 19.19
N THR D 129 -22.18 -35.71 18.53
CA THR D 129 -22.73 -37.04 18.31
C THR D 129 -21.72 -37.93 17.61
N ALA D 130 -20.87 -37.32 16.78
CA ALA D 130 -19.86 -38.06 16.04
C ALA D 130 -18.74 -38.46 16.99
N GLY D 131 -18.51 -37.62 18.00
CA GLY D 131 -17.49 -37.89 18.99
C GLY D 131 -17.93 -39.04 19.87
N VAL D 132 -19.21 -38.99 20.28
CA VAL D 132 -19.77 -40.05 21.11
C VAL D 132 -19.59 -41.34 20.33
N ALA D 133 -19.81 -41.27 19.02
CA ALA D 133 -19.65 -42.43 18.15
C ALA D 133 -18.20 -42.87 18.07
N LEU D 134 -17.28 -41.90 18.16
CA LEU D 134 -15.86 -42.20 18.09
C LEU D 134 -15.41 -43.01 19.30
N TYR D 135 -15.89 -42.62 20.48
CA TYR D 135 -15.53 -43.31 21.70
C TYR D 135 -15.79 -44.81 21.62
N GLU D 136 -16.91 -45.20 21.03
CA GLU D 136 -17.23 -46.62 20.92
C GLU D 136 -16.34 -47.30 19.88
N ALA D 137 -15.84 -46.52 18.93
CA ALA D 137 -14.97 -47.07 17.91
C ALA D 137 -13.66 -47.50 18.55
N MET D 138 -13.13 -46.60 19.37
CA MET D 138 -11.88 -46.85 20.09
C MET D 138 -11.74 -48.27 20.62
N LYS D 139 -12.77 -48.74 21.33
CA LYS D 139 -12.79 -50.09 21.89
C LYS D 139 -12.20 -51.08 20.91
N ASN D 140 -12.77 -51.11 19.71
CA ASN D 140 -12.28 -52.02 18.69
C ASN D 140 -11.02 -51.48 18.03
N ALA D 141 -10.79 -50.19 18.21
CA ALA D 141 -9.63 -49.54 17.62
C ALA D 141 -8.34 -50.06 18.24
N ASP D 142 -8.28 -50.00 19.57
CA ASP D 142 -7.11 -50.45 20.32
C ASP D 142 -6.88 -51.92 20.09
N ASN D 143 -7.98 -52.64 19.91
CA ASN D 143 -7.94 -54.06 19.66
C ASN D 143 -7.15 -54.31 18.37
N ILE D 144 -7.34 -53.43 17.38
CA ILE D 144 -6.66 -53.52 16.09
C ILE D 144 -5.21 -53.09 16.26
N ASN D 145 -5.01 -51.96 16.91
CA ASN D 145 -3.68 -51.43 17.14
C ASN D 145 -2.72 -52.47 17.71
N LYS D 146 -3.26 -53.47 18.40
CA LYS D 146 -2.42 -54.51 18.98
C LYS D 146 -1.48 -55.12 17.94
N LEU D 147 -1.96 -55.23 16.71
CA LEU D 147 -1.15 -55.80 15.64
C LEU D 147 -0.32 -54.73 14.93
N LYS D 148 -0.03 -53.65 15.64
CA LYS D 148 0.74 -52.55 15.05
C LYS D 148 1.93 -53.01 14.22
N SER D 149 2.78 -53.83 14.83
CA SER D 149 3.96 -54.35 14.14
C SER D 149 3.54 -55.17 12.93
N SER D 150 2.47 -55.95 13.09
CA SER D 150 1.96 -56.78 12.02
C SER D 150 1.48 -55.95 10.83
N ILE D 151 1.01 -54.74 11.10
CA ILE D 151 0.52 -53.85 10.05
C ILE D 151 1.68 -53.34 9.22
N GLU D 152 2.75 -52.93 9.89
CA GLU D 152 3.90 -52.41 9.17
C GLU D 152 4.48 -53.49 8.30
N SER D 153 4.36 -54.72 8.78
CA SER D 153 4.88 -55.88 8.06
C SER D 153 4.28 -56.02 6.65
N THR D 154 2.99 -55.73 6.54
CA THR D 154 2.31 -55.81 5.27
C THR D 154 3.26 -55.46 4.15
N ASN D 155 3.19 -56.20 3.05
CA ASN D 155 4.05 -55.92 1.92
C ASN D 155 3.27 -56.15 0.64
N GLU D 156 1.95 -56.30 0.80
CA GLU D 156 1.06 -56.53 -0.33
C GLU D 156 -0.11 -55.53 -0.35
N ALA D 157 -0.65 -55.29 -1.55
CA ALA D 157 -1.76 -54.38 -1.73
C ALA D 157 -2.87 -54.52 -0.71
N VAL D 158 -3.44 -55.71 -0.67
CA VAL D 158 -4.52 -56.01 0.26
C VAL D 158 -3.98 -57.17 1.07
N VAL D 159 -4.01 -57.03 2.39
CA VAL D 159 -3.53 -58.09 3.28
C VAL D 159 -4.53 -58.35 4.40
N LYS D 160 -4.67 -59.61 4.78
CA LYS D 160 -5.60 -59.95 5.85
C LYS D 160 -4.90 -60.28 7.15
N LEU D 161 -5.27 -59.58 8.21
CA LEU D 161 -4.71 -59.85 9.53
C LEU D 161 -5.86 -60.39 10.34
N GLN D 162 -5.98 -61.71 10.37
CA GLN D 162 -7.05 -62.35 11.14
C GLN D 162 -6.45 -62.93 12.40
N GLU D 163 -6.65 -62.23 13.51
CA GLU D 163 -6.11 -62.66 14.79
C GLU D 163 -6.72 -63.96 15.31
N THR D 164 -8.02 -63.96 15.62
CA THR D 164 -8.67 -65.16 16.15
C THR D 164 -9.75 -65.81 15.29
N ALA D 165 -9.82 -65.45 14.01
CA ALA D 165 -10.80 -66.02 13.09
C ALA D 165 -12.28 -65.72 13.41
N GLU D 166 -12.52 -65.06 14.54
CA GLU D 166 -13.87 -64.66 14.98
C GLU D 166 -13.92 -63.14 14.76
N LYS D 167 -12.73 -62.59 14.50
CA LYS D 167 -12.53 -61.16 14.26
C LYS D 167 -11.40 -60.98 13.24
N THR D 168 -11.73 -60.30 12.15
CA THR D 168 -10.78 -60.00 11.08
C THR D 168 -10.48 -58.52 11.10
N VAL D 169 -9.42 -58.13 10.41
CA VAL D 169 -9.03 -56.73 10.29
C VAL D 169 -8.19 -56.69 9.05
N TYR D 170 -8.68 -55.98 8.05
CA TYR D 170 -7.98 -55.86 6.79
C TYR D 170 -7.05 -54.65 6.71
N VAL D 171 -6.00 -54.75 5.90
CA VAL D 171 -5.05 -53.67 5.73
C VAL D 171 -4.63 -53.36 4.29
N LEU D 172 -5.17 -52.25 3.77
CA LEU D 172 -4.89 -51.79 2.42
C LEU D 172 -3.65 -50.91 2.46
N THR D 173 -2.68 -51.17 1.58
CA THR D 173 -1.46 -50.37 1.57
C THR D 173 -1.28 -49.58 0.27
N ALA D 174 -1.07 -48.28 0.42
CA ALA D 174 -0.93 -47.38 -0.70
C ALA D 174 0.32 -47.61 -1.54
N LEU D 175 0.20 -47.36 -2.83
CA LEU D 175 1.30 -47.52 -3.75
C LEU D 175 2.02 -48.84 -3.62
N GLN D 176 1.38 -49.84 -3.01
CA GLN D 176 2.05 -51.12 -2.87
C GLN D 176 2.08 -51.83 -4.19
N ASP D 177 0.94 -51.87 -4.88
CA ASP D 177 0.87 -52.53 -6.16
C ASP D 177 1.97 -52.04 -7.10
N TYR D 178 2.43 -50.81 -6.90
CA TYR D 178 3.49 -50.26 -7.74
C TYR D 178 4.84 -50.84 -7.36
N ILE D 179 5.20 -50.67 -6.09
CA ILE D 179 6.46 -51.20 -5.57
C ILE D 179 6.68 -52.66 -5.99
N ASN D 180 5.61 -53.46 -5.95
CA ASN D 180 5.68 -54.87 -6.29
C ASN D 180 5.67 -55.22 -7.77
N THR D 181 4.66 -54.73 -8.50
CA THR D 181 4.54 -55.04 -9.93
C THR D 181 5.59 -54.29 -10.75
N ASN D 182 5.85 -53.03 -10.45
CA ASN D 182 6.80 -52.30 -11.27
C ASN D 182 8.20 -51.85 -10.88
N LEU D 183 8.42 -51.61 -9.58
CA LEU D 183 9.73 -51.17 -9.14
C LEU D 183 10.65 -52.36 -8.90
N VAL D 184 10.15 -53.37 -8.19
CA VAL D 184 10.93 -54.58 -7.88
C VAL D 184 11.32 -55.34 -9.15
N PRO D 185 10.34 -55.67 -10.01
CA PRO D 185 10.58 -56.41 -11.27
C PRO D 185 11.55 -55.76 -12.25
N THR D 186 12.02 -54.57 -11.92
CA THR D 186 12.98 -53.87 -12.76
C THR D 186 13.98 -53.20 -11.84
N ILE D 187 14.35 -53.91 -10.78
CA ILE D 187 15.30 -53.37 -9.81
C ILE D 187 16.68 -53.22 -10.45
N ASP D 188 16.97 -54.09 -11.41
CA ASP D 188 18.26 -54.03 -12.09
C ASP D 188 18.07 -53.67 -13.55
N LYS D 189 16.89 -53.94 -14.07
CA LYS D 189 16.60 -53.64 -15.46
C LYS D 189 16.92 -52.17 -15.78
N ILE D 190 16.84 -51.31 -14.77
CA ILE D 190 17.13 -49.89 -14.94
C ILE D 190 18.41 -49.48 -14.20
N SER D 191 18.28 -49.05 -12.95
CA SER D 191 19.44 -48.66 -12.16
C SER D 191 19.00 -48.62 -10.72
N CYS D 192 19.72 -47.88 -9.89
CA CYS D 192 19.37 -47.77 -8.48
C CYS D 192 19.06 -46.30 -8.23
N LYS D 193 19.56 -45.45 -9.12
CA LYS D 193 19.32 -44.02 -9.00
C LYS D 193 17.96 -43.74 -9.63
N GLN D 194 17.58 -44.61 -10.58
CA GLN D 194 16.31 -44.49 -11.27
C GLN D 194 15.22 -45.20 -10.50
N THR D 195 15.55 -46.36 -9.93
CA THR D 195 14.56 -47.08 -9.14
C THR D 195 14.20 -46.17 -7.97
N GLU D 196 15.10 -45.22 -7.67
CA GLU D 196 14.86 -44.28 -6.60
C GLU D 196 14.02 -43.11 -7.09
N LEU D 197 14.39 -42.56 -8.24
CA LEU D 197 13.66 -41.43 -8.81
C LEU D 197 12.19 -41.78 -9.02
N SER D 198 11.93 -42.92 -9.65
CA SER D 198 10.56 -43.33 -9.93
C SER D 198 9.74 -43.54 -8.67
N LEU D 199 10.38 -43.94 -7.58
CA LEU D 199 9.65 -44.15 -6.34
C LEU D 199 9.31 -42.81 -5.73
N ASP D 200 10.16 -41.83 -5.95
CA ASP D 200 9.88 -40.51 -5.40
C ASP D 200 8.66 -39.95 -6.11
N LEU D 201 8.61 -40.09 -7.43
CA LEU D 201 7.48 -39.57 -8.18
C LEU D 201 6.17 -40.20 -7.75
N ALA D 202 6.11 -41.52 -7.75
CA ALA D 202 4.90 -42.19 -7.35
C ALA D 202 4.41 -41.73 -5.98
N LEU D 203 5.34 -41.39 -5.08
CA LEU D 203 4.96 -40.91 -3.76
C LEU D 203 4.45 -39.47 -3.79
N SER D 204 5.16 -38.62 -4.53
CA SER D 204 4.78 -37.22 -4.66
C SER D 204 3.41 -37.10 -5.33
N LYS D 205 3.16 -37.93 -6.36
CA LYS D 205 1.89 -37.90 -7.06
C LYS D 205 0.78 -38.32 -6.13
N TYR D 206 1.03 -39.40 -5.38
CA TYR D 206 0.03 -39.91 -4.44
C TYR D 206 -0.33 -38.80 -3.44
N LEU D 207 0.66 -38.07 -2.98
CA LEU D 207 0.41 -36.98 -2.05
C LEU D 207 -0.40 -35.90 -2.77
N SER D 208 -0.08 -35.64 -4.02
CA SER D 208 -0.79 -34.62 -4.79
C SER D 208 -2.28 -34.87 -4.84
N ASP D 209 -2.67 -36.14 -4.98
CA ASP D 209 -4.09 -36.48 -5.04
C ASP D 209 -4.68 -36.64 -3.65
N LEU D 210 -3.85 -37.11 -2.74
CA LEU D 210 -4.26 -37.32 -1.36
C LEU D 210 -4.61 -36.01 -0.66
N LEU D 211 -3.99 -34.92 -1.12
CA LEU D 211 -4.19 -33.62 -0.51
C LEU D 211 -5.57 -33.01 -0.55
N PHE D 212 -6.46 -33.47 -1.43
CA PHE D 212 -7.73 -32.80 -1.40
C PHE D 212 -8.62 -33.23 -0.26
N VAL D 213 -8.66 -34.52 -0.01
CA VAL D 213 -9.51 -35.00 1.07
C VAL D 213 -8.86 -34.96 2.44
N PHE D 214 -7.54 -35.10 2.53
CA PHE D 214 -6.86 -35.11 3.83
C PHE D 214 -6.04 -33.88 4.15
N GLY D 215 -6.13 -32.87 3.28
CA GLY D 215 -5.38 -31.63 3.43
C GLY D 215 -5.93 -30.64 4.44
N PRO D 216 -5.58 -29.35 4.32
CA PRO D 216 -6.10 -28.37 5.27
C PRO D 216 -7.61 -28.42 5.17
N ASN D 217 -8.08 -29.02 4.08
CA ASN D 217 -9.49 -29.13 3.84
C ASN D 217 -10.22 -29.94 4.90
N LEU D 218 -9.57 -30.99 5.38
CA LEU D 218 -10.16 -31.85 6.39
C LEU D 218 -10.11 -31.14 7.74
N GLN D 219 -10.94 -30.11 7.88
CA GLN D 219 -10.95 -29.34 9.11
C GLN D 219 -11.55 -30.09 10.29
N ASP D 220 -12.66 -30.80 10.07
CA ASP D 220 -13.33 -31.55 11.13
C ASP D 220 -13.33 -33.06 10.83
N PRO D 221 -12.39 -33.80 11.41
CA PRO D 221 -12.24 -35.24 11.24
C PRO D 221 -13.10 -35.98 12.23
N VAL D 222 -13.68 -35.23 13.14
CA VAL D 222 -14.53 -35.82 14.15
C VAL D 222 -15.81 -36.30 13.51
N SER D 223 -16.46 -35.47 12.71
CA SER D 223 -17.70 -35.89 12.03
C SER D 223 -17.55 -37.18 11.20
N ASN D 224 -18.66 -37.84 10.88
CA ASN D 224 -18.57 -39.07 10.10
C ASN D 224 -19.48 -39.01 8.88
N SER D 225 -19.56 -37.83 8.29
CA SER D 225 -20.38 -37.60 7.11
C SER D 225 -19.52 -37.60 5.84
N MET D 226 -18.32 -38.15 5.92
CA MET D 226 -17.43 -38.18 4.78
C MET D 226 -17.66 -39.40 3.88
N THR D 227 -17.88 -39.14 2.60
CA THR D 227 -18.10 -40.22 1.65
C THR D 227 -16.96 -41.23 1.69
N ILE D 228 -17.28 -42.50 1.45
CA ILE D 228 -16.24 -43.56 1.46
C ILE D 228 -15.31 -43.40 0.25
N GLN D 229 -15.85 -42.88 -0.86
CA GLN D 229 -15.06 -42.66 -2.05
C GLN D 229 -14.02 -41.60 -1.76
N ALA D 230 -14.38 -40.66 -0.88
CA ALA D 230 -13.45 -39.59 -0.53
C ALA D 230 -12.29 -40.18 0.26
N ILE D 231 -12.63 -40.97 1.26
CA ILE D 231 -11.63 -41.60 2.10
C ILE D 231 -10.72 -42.51 1.29
N SER D 232 -11.30 -43.24 0.34
CA SER D 232 -10.52 -44.16 -0.48
C SER D 232 -9.40 -43.48 -1.26
N GLN D 233 -9.30 -42.16 -1.20
CA GLN D 233 -8.24 -41.46 -1.90
C GLN D 233 -6.92 -41.85 -1.27
N ALA D 234 -6.97 -42.25 -0.01
CA ALA D 234 -5.79 -42.66 0.71
C ALA D 234 -5.33 -43.96 0.12
N PHE D 235 -6.22 -44.64 -0.59
CA PHE D 235 -5.87 -45.91 -1.22
C PHE D 235 -5.97 -45.80 -2.75
N GLY D 236 -5.65 -44.63 -3.28
CA GLY D 236 -5.69 -44.44 -4.72
C GLY D 236 -7.08 -44.40 -5.32
N GLY D 237 -8.07 -44.10 -4.49
CA GLY D 237 -9.44 -44.02 -4.97
C GLY D 237 -10.04 -45.33 -5.42
N ASN D 238 -9.41 -46.43 -5.04
CA ASN D 238 -9.93 -47.74 -5.42
C ASN D 238 -10.95 -48.14 -4.37
N TYR D 239 -11.99 -47.34 -4.23
CA TYR D 239 -13.01 -47.64 -3.25
C TYR D 239 -13.73 -48.96 -3.55
N GLU D 240 -13.56 -49.50 -4.76
CA GLU D 240 -14.19 -50.79 -5.08
C GLU D 240 -13.52 -51.87 -4.24
N THR D 241 -12.20 -51.96 -4.36
CA THR D 241 -11.46 -52.95 -3.59
C THR D 241 -11.71 -52.76 -2.09
N LEU D 242 -11.67 -51.51 -1.63
CA LEU D 242 -11.87 -51.22 -0.21
C LEU D 242 -13.19 -51.74 0.32
N LEU D 243 -14.23 -51.69 -0.50
CA LEU D 243 -15.51 -52.20 -0.03
C LEU D 243 -15.59 -53.69 -0.31
N ARG D 244 -14.97 -54.13 -1.39
CA ARG D 244 -14.98 -55.53 -1.78
C ARG D 244 -14.48 -56.40 -0.65
N THR D 245 -13.38 -56.01 -0.04
CA THR D 245 -12.80 -56.79 1.03
C THR D 245 -13.67 -56.99 2.27
N LEU D 246 -14.77 -56.26 2.40
CA LEU D 246 -15.64 -56.49 3.56
C LEU D 246 -17.13 -56.31 3.32
N GLY D 247 -17.57 -56.67 2.11
CA GLY D 247 -18.98 -56.53 1.77
C GLY D 247 -19.33 -57.36 0.55
N TYR D 248 -20.00 -56.73 -0.41
CA TYR D 248 -20.44 -57.41 -1.63
C TYR D 248 -20.95 -56.40 -2.69
N ALA D 249 -21.70 -56.87 -3.69
CA ALA D 249 -22.21 -55.96 -4.71
C ALA D 249 -23.71 -56.20 -4.80
N THR D 250 -24.46 -55.80 -3.76
CA THR D 250 -25.93 -55.97 -3.72
C THR D 250 -26.51 -55.04 -4.80
N GLU D 251 -27.84 -55.05 -4.92
CA GLU D 251 -28.52 -54.18 -5.88
C GLU D 251 -28.70 -52.82 -5.20
N ASP D 252 -29.04 -52.85 -3.90
CA ASP D 252 -29.22 -51.63 -3.10
C ASP D 252 -27.85 -51.02 -2.79
N PHE D 253 -26.80 -51.80 -3.00
CA PHE D 253 -25.45 -51.36 -2.74
C PHE D 253 -25.04 -50.20 -3.64
N ASP D 254 -25.12 -50.39 -4.95
CA ASP D 254 -24.73 -49.30 -5.84
C ASP D 254 -25.57 -48.07 -5.57
N ASP D 255 -26.85 -48.26 -5.32
CA ASP D 255 -27.75 -47.15 -5.04
C ASP D 255 -27.33 -46.44 -3.74
N LEU D 256 -26.66 -47.17 -2.86
CA LEU D 256 -26.20 -46.60 -1.60
C LEU D 256 -24.90 -45.85 -1.84
N LEU D 257 -24.11 -46.32 -2.81
CA LEU D 257 -22.85 -45.68 -3.13
C LEU D 257 -23.10 -44.32 -3.77
N GLU D 258 -23.87 -44.33 -4.86
CA GLU D 258 -24.19 -43.11 -5.60
C GLU D 258 -24.96 -42.08 -4.80
N SER D 259 -25.77 -42.52 -3.86
CA SER D 259 -26.57 -41.61 -3.06
C SER D 259 -25.76 -41.06 -1.89
N ASP D 260 -24.47 -41.36 -1.92
CA ASP D 260 -23.56 -40.92 -0.86
C ASP D 260 -24.12 -41.22 0.50
N SER D 261 -24.20 -42.52 0.82
CA SER D 261 -24.71 -42.97 2.10
C SER D 261 -23.67 -43.83 2.81
N ILE D 262 -22.79 -44.43 2.02
CA ILE D 262 -21.74 -45.25 2.59
C ILE D 262 -20.63 -44.32 3.04
N THR D 263 -20.75 -43.81 4.27
CA THR D 263 -19.75 -42.89 4.80
C THR D 263 -18.64 -43.60 5.57
N GLY D 264 -17.62 -42.83 5.96
CA GLY D 264 -16.51 -43.39 6.72
C GLY D 264 -16.06 -42.39 7.78
N GLN D 265 -15.34 -42.86 8.78
CA GLN D 265 -14.87 -41.97 9.84
C GLN D 265 -13.50 -42.36 10.35
N ILE D 266 -12.61 -41.38 10.48
CA ILE D 266 -11.27 -41.65 10.97
C ILE D 266 -11.37 -41.95 12.46
N ILE D 267 -10.86 -43.11 12.86
CA ILE D 267 -10.89 -43.53 14.26
C ILE D 267 -9.56 -43.28 14.94
N TYR D 268 -8.48 -43.65 14.26
CA TYR D 268 -7.15 -43.51 14.81
C TYR D 268 -6.10 -43.17 13.75
N VAL D 269 -5.07 -42.45 14.17
CA VAL D 269 -3.97 -42.04 13.29
C VAL D 269 -2.62 -42.34 13.95
N ASP D 270 -1.84 -43.22 13.35
CA ASP D 270 -0.53 -43.59 13.89
C ASP D 270 0.57 -42.83 13.16
N LEU D 271 1.13 -41.82 13.80
CA LEU D 271 2.19 -41.01 13.21
C LEU D 271 3.58 -41.67 13.14
N SER D 272 3.66 -42.91 13.61
CA SER D 272 4.91 -43.68 13.60
C SER D 272 4.93 -44.55 12.37
N SER D 273 3.99 -45.47 12.32
CA SER D 273 3.88 -46.42 11.23
C SER D 273 3.18 -45.85 10.00
N TYR D 274 2.46 -44.75 10.20
CA TYR D 274 1.73 -44.07 9.12
C TYR D 274 0.59 -44.88 8.50
N TYR D 275 -0.44 -45.12 9.29
CA TYR D 275 -1.63 -45.84 8.85
C TYR D 275 -2.78 -45.26 9.66
N ILE D 276 -3.99 -45.41 9.15
CA ILE D 276 -5.15 -44.91 9.87
C ILE D 276 -6.21 -45.97 9.93
N ILE D 277 -7.08 -45.90 10.92
CA ILE D 277 -8.15 -46.88 11.07
C ILE D 277 -9.47 -46.18 10.78
N VAL D 278 -10.14 -46.55 9.69
CA VAL D 278 -11.42 -45.94 9.33
C VAL D 278 -12.55 -46.89 9.62
N ARG D 279 -13.65 -46.34 10.11
CA ARG D 279 -14.83 -47.13 10.42
C ARG D 279 -15.86 -46.82 9.35
N VAL D 280 -16.10 -47.80 8.47
CA VAL D 280 -17.06 -47.66 7.40
C VAL D 280 -18.49 -47.93 7.87
N TYR D 281 -19.38 -46.97 7.65
CA TYR D 281 -20.78 -47.14 8.04
C TYR D 281 -21.62 -47.58 6.83
N PHE D 282 -22.22 -48.77 6.90
CA PHE D 282 -23.07 -49.29 5.82
C PHE D 282 -24.52 -49.14 6.28
N PRO D 283 -25.32 -48.27 5.65
CA PRO D 283 -26.70 -48.13 6.09
C PRO D 283 -27.67 -48.96 5.28
N ILE D 284 -28.95 -48.85 5.63
CA ILE D 284 -30.02 -49.56 4.95
C ILE D 284 -31.04 -48.49 4.57
N LEU D 285 -31.42 -48.41 3.28
CA LEU D 285 -32.39 -47.41 2.82
C LEU D 285 -33.77 -47.80 3.33
N THR D 286 -34.46 -46.88 3.99
CA THR D 286 -35.80 -47.14 4.50
C THR D 286 -36.78 -46.15 3.89
N GLU D 287 -37.70 -46.63 3.08
CA GLU D 287 -38.66 -45.73 2.45
C GLU D 287 -39.66 -45.13 3.43
N ILE D 288 -39.71 -43.81 3.47
CA ILE D 288 -40.61 -43.09 4.36
C ILE D 288 -42.09 -43.34 4.10
N GLN D 289 -42.80 -43.91 5.08
CA GLN D 289 -44.23 -44.18 4.95
C GLN D 289 -44.98 -42.95 4.45
N GLN D 290 -46.11 -43.16 3.79
CA GLN D 290 -46.96 -42.07 3.27
C GLN D 290 -46.22 -40.91 2.63
N ALA D 291 -45.48 -41.18 1.56
CA ALA D 291 -44.76 -40.12 0.90
C ALA D 291 -44.23 -40.52 -0.46
N TYR D 292 -44.44 -39.65 -1.43
CA TYR D 292 -43.97 -39.90 -2.78
C TYR D 292 -43.41 -38.63 -3.35
N ILE D 293 -42.62 -38.76 -4.41
CA ILE D 293 -42.05 -37.60 -5.08
C ILE D 293 -42.52 -37.60 -6.53
N GLN D 294 -43.49 -36.74 -6.79
CA GLN D 294 -44.07 -36.61 -8.11
C GLN D 294 -43.19 -35.73 -8.97
N GLU D 295 -42.95 -36.15 -10.20
CA GLU D 295 -42.15 -35.36 -11.12
C GLU D 295 -43.05 -34.78 -12.18
N LEU D 296 -42.78 -33.55 -12.57
CA LEU D 296 -43.55 -32.91 -13.61
C LEU D 296 -42.61 -32.76 -14.81
N LEU D 297 -43.14 -33.00 -16.00
CA LEU D 297 -42.37 -32.88 -17.24
C LEU D 297 -42.73 -31.54 -17.85
N PRO D 298 -41.75 -30.66 -18.01
CA PRO D 298 -42.03 -29.35 -18.59
C PRO D 298 -42.27 -29.42 -20.08
N VAL D 299 -43.25 -28.64 -20.55
CA VAL D 299 -43.58 -28.57 -21.95
C VAL D 299 -43.96 -27.15 -22.32
N SER D 300 -43.22 -26.58 -23.28
CA SER D 300 -43.44 -25.22 -23.75
C SER D 300 -44.89 -25.04 -24.15
N PHE D 301 -45.55 -24.03 -23.60
CA PHE D 301 -46.94 -23.82 -23.98
C PHE D 301 -47.12 -22.45 -24.59
N ASN D 302 -48.07 -22.34 -25.52
CA ASN D 302 -48.34 -21.07 -26.20
C ASN D 302 -49.49 -20.30 -25.58
N ASN D 303 -49.28 -19.00 -25.39
CA ASN D 303 -50.33 -18.16 -24.86
C ASN D 303 -50.71 -16.90 -25.57
N ASP D 304 -49.76 -15.96 -25.65
CA ASP D 304 -50.08 -14.70 -26.29
C ASP D 304 -49.73 -15.02 -27.72
N ASP D 305 -48.44 -14.96 -28.03
CA ASP D 305 -47.96 -15.25 -29.37
C ASP D 305 -46.54 -15.64 -29.24
N SER D 306 -46.20 -15.95 -28.01
CA SER D 306 -44.86 -16.37 -27.66
C SER D 306 -44.99 -17.71 -26.94
N GLU D 307 -43.89 -18.46 -26.88
CA GLU D 307 -43.88 -19.73 -26.19
C GLU D 307 -43.62 -19.38 -24.73
N TRP D 308 -44.06 -20.25 -23.83
CA TRP D 308 -43.87 -20.01 -22.39
C TRP D 308 -43.55 -21.30 -21.63
N ILE D 309 -42.96 -21.14 -20.44
CA ILE D 309 -42.67 -22.28 -19.60
C ILE D 309 -43.08 -21.90 -18.21
N SER D 310 -43.86 -22.77 -17.58
CA SER D 310 -44.30 -22.50 -16.23
C SER D 310 -43.11 -22.67 -15.31
N ILE D 311 -42.94 -21.74 -14.38
CA ILE D 311 -41.86 -21.80 -13.40
C ILE D 311 -42.42 -22.38 -12.10
N VAL D 312 -42.44 -23.70 -12.05
CA VAL D 312 -42.94 -24.44 -10.92
C VAL D 312 -42.02 -25.62 -10.64
N PRO D 313 -41.93 -26.04 -9.38
CA PRO D 313 -41.06 -27.17 -9.07
C PRO D 313 -41.25 -28.37 -9.99
N ASN D 314 -40.14 -28.94 -10.46
CA ASN D 314 -40.19 -30.11 -11.33
C ASN D 314 -40.35 -31.39 -10.55
N PHE D 315 -40.10 -31.32 -9.25
CA PHE D 315 -40.22 -32.45 -8.37
C PHE D 315 -40.94 -31.95 -7.15
N ILE D 316 -41.92 -32.72 -6.70
CA ILE D 316 -42.67 -32.32 -5.53
C ILE D 316 -42.74 -33.45 -4.53
N LEU D 317 -42.53 -33.12 -3.26
CA LEU D 317 -42.57 -34.10 -2.18
C LEU D 317 -43.90 -34.03 -1.46
N VAL D 318 -44.61 -35.15 -1.44
CA VAL D 318 -45.89 -35.17 -0.76
C VAL D 318 -45.86 -36.24 0.32
N ARG D 319 -46.15 -35.81 1.54
CA ARG D 319 -46.20 -36.70 2.70
C ARG D 319 -47.57 -36.48 3.34
N ASN D 320 -48.42 -37.48 3.16
CA ASN D 320 -49.78 -37.47 3.67
C ASN D 320 -50.55 -36.48 2.81
N THR D 321 -50.57 -35.24 3.26
CA THR D 321 -51.28 -34.23 2.51
C THR D 321 -50.45 -32.97 2.50
N LEU D 322 -49.20 -33.10 2.92
CA LEU D 322 -48.34 -31.94 2.93
C LEU D 322 -47.45 -31.86 1.69
N ILE D 323 -47.62 -30.78 0.95
CA ILE D 323 -46.85 -30.57 -0.24
C ILE D 323 -45.68 -29.67 0.10
N SER D 324 -44.47 -30.15 -0.20
CA SER D 324 -43.26 -29.38 0.11
C SER D 324 -42.21 -29.56 -0.97
N ASN D 325 -41.33 -28.59 -1.07
CA ASN D 325 -40.24 -28.65 -2.04
C ASN D 325 -39.22 -29.66 -1.53
N ILE D 326 -38.28 -30.01 -2.38
CA ILE D 326 -37.23 -30.96 -2.00
C ILE D 326 -35.99 -30.67 -2.82
N GLU D 327 -34.84 -30.60 -2.16
CA GLU D 327 -33.60 -30.34 -2.86
C GLU D 327 -33.09 -31.63 -3.45
N ILE D 328 -33.92 -32.19 -4.33
CA ILE D 328 -33.63 -33.46 -5.00
C ILE D 328 -32.27 -33.46 -5.70
N GLY D 329 -31.60 -32.31 -5.68
CA GLY D 329 -30.29 -32.24 -6.30
C GLY D 329 -29.32 -33.19 -5.60
N PHE D 330 -29.31 -33.12 -4.27
CA PHE D 330 -28.42 -33.94 -3.45
C PHE D 330 -28.85 -35.38 -3.30
N CYS D 331 -29.77 -35.85 -4.13
CA CYS D 331 -30.20 -37.22 -4.02
C CYS D 331 -29.93 -37.99 -5.28
N LEU D 332 -30.19 -39.29 -5.23
CA LEU D 332 -29.99 -40.16 -6.37
C LEU D 332 -31.35 -40.47 -6.90
N ILE D 333 -31.58 -40.18 -8.18
CA ILE D 333 -32.88 -40.49 -8.75
C ILE D 333 -32.83 -41.72 -9.65
N THR D 334 -33.58 -42.75 -9.26
CA THR D 334 -33.63 -43.97 -10.05
C THR D 334 -35.02 -43.99 -10.69
N LYS D 335 -35.31 -45.01 -11.48
CA LYS D 335 -36.60 -45.04 -12.13
C LYS D 335 -37.72 -45.29 -11.14
N ARG D 336 -37.45 -46.06 -10.11
CA ARG D 336 -38.50 -46.36 -9.15
C ARG D 336 -38.53 -45.52 -7.88
N SER D 337 -37.44 -44.83 -7.57
CA SER D 337 -37.43 -44.01 -6.36
C SER D 337 -36.28 -43.02 -6.20
N VAL D 338 -36.45 -42.06 -5.28
CA VAL D 338 -35.46 -41.04 -4.99
C VAL D 338 -34.75 -41.41 -3.69
N ILE D 339 -33.47 -41.74 -3.79
CA ILE D 339 -32.68 -42.14 -2.65
C ILE D 339 -31.78 -41.04 -2.15
N CYS D 340 -32.00 -40.60 -0.92
CA CYS D 340 -31.19 -39.53 -0.34
C CYS D 340 -30.45 -39.93 0.91
N ASN D 341 -29.28 -39.34 1.12
CA ASN D 341 -28.47 -39.63 2.29
C ASN D 341 -29.02 -38.93 3.55
N GLN D 342 -30.16 -38.27 3.43
CA GLN D 342 -30.80 -37.59 4.56
C GLN D 342 -32.04 -36.87 4.05
N ASP D 343 -32.97 -36.55 4.94
CA ASP D 343 -34.18 -35.85 4.52
C ASP D 343 -33.74 -34.52 3.91
N TYR D 344 -34.25 -34.22 2.71
CA TYR D 344 -33.90 -32.99 2.02
C TYR D 344 -35.12 -32.14 1.71
N ALA D 345 -36.19 -32.34 2.46
CA ALA D 345 -37.40 -31.55 2.22
C ALA D 345 -37.19 -30.11 2.66
N THR D 346 -37.84 -29.19 1.96
CA THR D 346 -37.74 -27.79 2.30
C THR D 346 -39.14 -27.19 2.14
N PRO D 347 -39.39 -26.07 2.81
CA PRO D 347 -40.69 -25.39 2.75
C PRO D 347 -41.07 -24.92 1.35
N MET D 348 -42.33 -24.54 1.19
CA MET D 348 -42.84 -24.05 -0.07
C MET D 348 -43.78 -22.87 0.15
N THR D 349 -43.71 -21.89 -0.75
CA THR D 349 -44.57 -20.71 -0.68
C THR D 349 -45.99 -21.19 -0.54
N ASN D 350 -46.87 -20.33 -0.09
CA ASN D 350 -48.23 -20.79 0.03
C ASN D 350 -48.86 -20.76 -1.36
N ASN D 351 -48.63 -19.67 -2.08
CA ASN D 351 -49.18 -19.53 -3.42
C ASN D 351 -48.73 -20.68 -4.32
N MET D 352 -47.46 -21.01 -4.24
CA MET D 352 -46.92 -22.09 -5.05
C MET D 352 -47.66 -23.40 -4.79
N ARG D 353 -48.09 -23.60 -3.54
CA ARG D 353 -48.81 -24.82 -3.19
C ARG D 353 -50.20 -24.75 -3.81
N GLU D 354 -50.81 -23.57 -3.79
CA GLU D 354 -52.14 -23.42 -4.37
C GLU D 354 -52.08 -23.67 -5.86
N CYS D 355 -51.08 -23.06 -6.51
CA CYS D 355 -50.93 -23.22 -7.94
C CYS D 355 -50.90 -24.71 -8.29
N LEU D 356 -50.08 -25.47 -7.57
CA LEU D 356 -49.97 -26.90 -7.81
C LEU D 356 -51.26 -27.68 -7.61
N THR D 357 -52.26 -27.06 -7.00
CA THR D 357 -53.52 -27.76 -6.75
C THR D 357 -54.71 -27.31 -7.58
N GLY D 358 -54.62 -26.11 -8.16
CA GLY D 358 -55.71 -25.62 -8.97
C GLY D 358 -55.71 -24.14 -9.32
N SER D 359 -55.02 -23.36 -8.49
CA SER D 359 -54.95 -21.91 -8.70
C SER D 359 -53.89 -21.61 -9.76
N THR D 360 -54.16 -21.98 -11.01
CA THR D 360 -53.20 -21.75 -12.09
C THR D 360 -52.83 -20.30 -12.37
N GLU D 361 -53.64 -19.35 -11.92
CA GLU D 361 -53.30 -17.95 -12.16
C GLU D 361 -52.20 -17.53 -11.20
N LYS D 362 -51.87 -18.43 -10.29
CA LYS D 362 -50.82 -18.17 -9.31
C LYS D 362 -49.53 -18.91 -9.70
N CYS D 363 -49.49 -19.46 -10.91
CA CYS D 363 -48.30 -20.15 -11.39
C CYS D 363 -47.53 -19.25 -12.33
N PRO D 364 -46.34 -18.83 -11.95
CA PRO D 364 -45.56 -17.96 -12.82
C PRO D 364 -45.23 -18.67 -14.13
N ARG D 365 -44.76 -17.90 -15.10
CA ARG D 365 -44.37 -18.40 -16.41
C ARG D 365 -43.33 -17.43 -16.95
N GLU D 366 -42.32 -17.95 -17.61
CA GLU D 366 -41.27 -17.10 -18.16
C GLU D 366 -41.26 -17.25 -19.67
N LEU D 367 -40.95 -16.16 -20.34
CA LEU D 367 -40.91 -16.16 -21.79
C LEU D 367 -39.85 -17.13 -22.33
N VAL D 368 -40.17 -17.81 -23.42
CA VAL D 368 -39.23 -18.74 -24.06
C VAL D 368 -38.60 -18.08 -25.27
N VAL D 369 -37.29 -18.05 -25.33
CA VAL D 369 -36.63 -17.42 -26.45
C VAL D 369 -35.51 -18.28 -26.99
N SER D 370 -35.59 -19.57 -26.76
CA SER D 370 -34.54 -20.43 -27.25
C SER D 370 -35.09 -21.47 -28.19
N SER D 371 -34.33 -21.80 -29.23
CA SER D 371 -34.73 -22.81 -30.19
C SER D 371 -35.05 -24.13 -29.47
N HIS D 372 -34.13 -24.56 -28.60
CA HIS D 372 -34.24 -25.80 -27.82
C HIS D 372 -35.00 -25.62 -26.52
N VAL D 373 -36.11 -26.34 -26.39
CA VAL D 373 -36.99 -26.30 -25.23
C VAL D 373 -38.06 -27.37 -25.44
N PRO D 374 -38.28 -28.22 -24.45
CA PRO D 374 -39.30 -29.27 -24.58
C PRO D 374 -40.61 -28.77 -25.21
N ARG D 375 -41.05 -29.43 -26.27
CA ARG D 375 -42.28 -29.03 -26.96
C ARG D 375 -43.45 -29.95 -26.72
N PHE D 376 -43.17 -31.16 -26.24
CA PHE D 376 -44.24 -32.12 -25.96
C PHE D 376 -43.77 -33.22 -25.00
N ALA D 377 -44.71 -33.88 -24.35
CA ALA D 377 -44.36 -34.96 -23.44
C ALA D 377 -45.43 -36.02 -23.48
N LEU D 378 -45.03 -37.25 -23.18
CA LEU D 378 -45.94 -38.39 -23.18
C LEU D 378 -46.26 -38.78 -21.75
N SER D 379 -47.51 -38.61 -21.36
CA SER D 379 -47.95 -38.94 -20.00
C SER D 379 -49.05 -39.99 -20.01
N ASN D 380 -48.67 -41.22 -19.71
CA ASN D 380 -49.64 -42.31 -19.69
C ASN D 380 -50.28 -42.44 -21.09
N GLY D 381 -49.50 -42.92 -22.06
CA GLY D 381 -50.02 -43.09 -23.41
C GLY D 381 -50.56 -41.86 -24.14
N VAL D 382 -50.86 -40.79 -23.41
CA VAL D 382 -51.41 -39.58 -24.02
C VAL D 382 -50.31 -38.54 -24.31
N LEU D 383 -50.53 -37.74 -25.34
CA LEU D 383 -49.59 -36.70 -25.74
C LEU D 383 -50.03 -35.33 -25.31
N PHE D 384 -49.06 -34.47 -24.98
CA PHE D 384 -49.33 -33.09 -24.58
C PHE D 384 -48.32 -32.27 -25.35
N ALA D 385 -48.80 -31.51 -26.34
CA ALA D 385 -47.91 -30.75 -27.18
C ALA D 385 -48.32 -29.35 -27.55
N ASN D 386 -47.29 -28.56 -27.88
CA ASN D 386 -47.42 -27.19 -28.31
C ASN D 386 -47.33 -27.27 -29.82
N CYS D 387 -48.46 -27.50 -30.48
CA CYS D 387 -48.46 -27.61 -31.93
C CYS D 387 -48.25 -26.26 -32.60
N ILE D 388 -48.41 -25.18 -31.84
CA ILE D 388 -48.20 -23.86 -32.41
C ILE D 388 -46.72 -23.78 -32.74
N SER D 389 -45.90 -24.46 -31.94
CA SER D 389 -44.47 -24.45 -32.15
C SER D 389 -43.92 -25.65 -32.94
N VAL D 390 -44.42 -26.85 -32.67
CA VAL D 390 -43.96 -28.03 -33.42
C VAL D 390 -45.05 -28.44 -34.41
N THR D 391 -44.72 -29.33 -35.34
CA THR D 391 -45.70 -29.77 -36.32
C THR D 391 -46.40 -31.04 -35.87
N CYS D 392 -47.73 -30.95 -35.75
CA CYS D 392 -48.54 -32.08 -35.32
C CYS D 392 -49.50 -32.51 -36.41
N GLN D 393 -49.19 -33.61 -37.08
CA GLN D 393 -50.08 -34.10 -38.14
C GLN D 393 -50.50 -35.51 -37.78
N CYS D 394 -51.77 -35.80 -38.05
CA CYS D 394 -52.32 -37.10 -37.71
C CYS D 394 -52.02 -38.24 -38.70
N GLN D 395 -50.93 -38.96 -38.46
CA GLN D 395 -50.54 -40.09 -39.30
C GLN D 395 -51.74 -40.83 -39.89
N THR D 396 -52.57 -41.36 -39.00
CA THR D 396 -53.76 -42.08 -39.40
C THR D 396 -54.65 -41.40 -40.44
N THR D 397 -55.26 -40.28 -40.06
CA THR D 397 -56.18 -39.53 -40.94
C THR D 397 -55.43 -38.76 -42.04
N GLY D 398 -54.10 -38.89 -42.09
CA GLY D 398 -53.32 -38.17 -43.11
C GLY D 398 -53.33 -36.65 -42.91
N ARG D 399 -54.40 -36.13 -42.31
CA ARG D 399 -54.60 -34.71 -42.05
C ARG D 399 -53.65 -34.12 -41.01
N ALA D 400 -53.72 -32.80 -40.86
CA ALA D 400 -52.91 -32.10 -39.88
C ALA D 400 -53.66 -31.69 -38.63
N ILE D 401 -52.97 -31.84 -37.51
CA ILE D 401 -53.50 -31.52 -36.19
C ILE D 401 -53.27 -30.04 -35.92
N SER D 402 -54.35 -29.29 -35.79
CA SER D 402 -54.23 -27.85 -35.55
C SER D 402 -54.54 -27.35 -34.17
N GLN D 403 -53.74 -26.38 -33.76
CA GLN D 403 -53.86 -25.77 -32.44
C GLN D 403 -54.27 -24.32 -32.59
N SER D 404 -55.36 -23.94 -31.91
CA SER D 404 -55.89 -22.59 -31.99
C SER D 404 -54.99 -21.53 -31.37
N GLY D 405 -55.52 -20.31 -31.30
CA GLY D 405 -54.78 -19.19 -30.73
C GLY D 405 -54.87 -19.15 -29.23
N GLU D 406 -55.99 -19.64 -28.72
CA GLU D 406 -56.27 -19.65 -27.30
C GLU D 406 -55.91 -20.98 -26.68
N GLN D 407 -55.29 -21.85 -27.46
CA GLN D 407 -54.95 -23.19 -27.01
C GLN D 407 -53.48 -23.26 -26.60
N THR D 408 -53.27 -23.38 -25.29
CA THR D 408 -51.95 -23.44 -24.72
C THR D 408 -51.21 -24.70 -25.19
N LEU D 409 -51.83 -25.85 -25.02
CA LEU D 409 -51.26 -27.12 -25.43
C LEU D 409 -52.31 -27.87 -26.20
N LEU D 410 -52.00 -29.11 -26.53
CA LEU D 410 -52.96 -29.94 -27.21
C LEU D 410 -52.91 -31.28 -26.50
N MET D 411 -54.01 -32.03 -26.56
CA MET D 411 -54.06 -33.33 -25.93
C MET D 411 -54.38 -34.35 -27.01
N ILE D 412 -53.33 -34.87 -27.62
CA ILE D 412 -53.47 -35.82 -28.70
C ILE D 412 -53.59 -37.25 -28.19
N ASP D 413 -54.79 -37.83 -28.27
CA ASP D 413 -54.99 -39.22 -27.84
C ASP D 413 -55.77 -40.04 -28.88
N ASN D 414 -56.14 -41.28 -28.59
CA ASN D 414 -56.88 -42.06 -29.57
C ASN D 414 -58.10 -41.42 -30.17
N THR D 415 -59.03 -41.08 -29.29
CA THR D 415 -60.27 -40.46 -29.70
C THR D 415 -60.04 -39.48 -30.86
N THR D 416 -59.16 -38.51 -30.68
CA THR D 416 -58.91 -37.57 -31.76
C THR D 416 -58.01 -38.15 -32.84
N CYS D 417 -56.81 -38.57 -32.46
CA CYS D 417 -55.86 -39.13 -33.41
C CYS D 417 -55.16 -40.42 -32.94
N PRO D 418 -55.62 -41.58 -33.42
CA PRO D 418 -55.07 -42.89 -33.07
C PRO D 418 -53.56 -42.98 -33.17
N THR D 419 -52.99 -42.27 -34.13
CA THR D 419 -51.54 -42.28 -34.29
C THR D 419 -51.05 -40.91 -34.76
N ALA D 420 -50.34 -40.20 -33.91
CA ALA D 420 -49.85 -38.89 -34.26
C ALA D 420 -48.38 -38.92 -34.66
N VAL D 421 -47.97 -37.87 -35.37
CA VAL D 421 -46.60 -37.70 -35.82
C VAL D 421 -46.21 -36.24 -35.57
N LEU D 422 -45.26 -36.07 -34.65
CA LEU D 422 -44.74 -34.76 -34.26
C LEU D 422 -43.32 -34.69 -34.76
N GLY D 423 -43.09 -33.82 -35.74
CA GLY D 423 -41.77 -33.69 -36.32
C GLY D 423 -41.31 -34.95 -37.02
N ASN D 424 -40.26 -35.57 -36.50
CA ASN D 424 -39.72 -36.78 -37.09
C ASN D 424 -40.12 -38.00 -36.23
N VAL D 425 -41.08 -37.81 -35.34
CA VAL D 425 -41.49 -38.90 -34.48
C VAL D 425 -42.87 -39.39 -34.87
N ILE D 426 -43.08 -40.70 -34.77
CA ILE D 426 -44.39 -41.25 -35.07
C ILE D 426 -44.76 -42.14 -33.90
N ILE D 427 -45.66 -41.70 -33.03
CA ILE D 427 -46.03 -42.56 -31.91
C ILE D 427 -47.51 -42.84 -31.93
N SER D 428 -47.87 -44.04 -31.48
CA SER D 428 -49.26 -44.47 -31.41
C SER D 428 -49.78 -44.11 -30.03
N LEU D 429 -50.86 -43.34 -29.98
CA LEU D 429 -51.40 -42.91 -28.70
C LEU D 429 -52.40 -43.85 -28.05
N GLY D 430 -52.80 -43.48 -26.85
CA GLY D 430 -53.77 -44.25 -26.09
C GLY D 430 -54.95 -43.34 -25.78
N LYS D 431 -55.80 -43.74 -24.84
CA LYS D 431 -56.98 -42.95 -24.49
C LYS D 431 -56.79 -42.09 -23.24
N TYR D 432 -57.01 -40.79 -23.39
CA TYR D 432 -56.88 -39.87 -22.25
C TYR D 432 -57.98 -40.22 -21.26
N LEU D 433 -57.68 -40.15 -19.97
CA LEU D 433 -58.66 -40.51 -18.95
C LEU D 433 -59.28 -39.34 -18.19
N GLY D 434 -59.11 -38.12 -18.70
CA GLY D 434 -59.66 -36.96 -18.02
C GLY D 434 -60.82 -36.34 -18.77
N SER D 435 -61.11 -35.07 -18.48
CA SER D 435 -62.19 -34.35 -19.16
C SER D 435 -62.08 -34.59 -20.67
N VAL D 436 -63.16 -35.03 -21.29
CA VAL D 436 -63.11 -35.31 -22.72
C VAL D 436 -63.08 -34.04 -23.58
N ASN D 437 -63.11 -32.89 -22.93
CA ASN D 437 -63.08 -31.61 -23.64
C ASN D 437 -61.86 -30.80 -23.24
N TYR D 438 -60.81 -31.48 -22.80
CA TYR D 438 -59.57 -30.86 -22.39
C TYR D 438 -59.15 -29.75 -23.38
N ASN D 439 -59.25 -30.04 -24.67
CA ASN D 439 -58.84 -29.09 -25.70
C ASN D 439 -59.78 -27.95 -26.03
N SER D 440 -60.92 -27.92 -25.36
CA SER D 440 -61.91 -26.87 -25.57
C SER D 440 -62.31 -26.31 -24.20
N GLU D 441 -61.54 -26.73 -23.19
CA GLU D 441 -61.76 -26.31 -21.82
C GLU D 441 -61.17 -24.93 -21.53
N GLY D 442 -59.85 -24.78 -21.62
CA GLY D 442 -59.25 -23.49 -21.35
C GLY D 442 -58.70 -23.42 -19.94
N ILE D 443 -57.91 -22.39 -19.64
CA ILE D 443 -57.31 -22.28 -18.30
C ILE D 443 -56.78 -20.88 -18.04
N ALA D 444 -56.90 -20.43 -16.80
CA ALA D 444 -56.42 -19.10 -16.42
C ALA D 444 -54.90 -19.07 -16.28
N ILE D 445 -54.23 -18.29 -17.12
CA ILE D 445 -52.78 -18.18 -17.09
C ILE D 445 -52.27 -17.34 -15.94
N GLY D 446 -51.06 -17.66 -15.49
CA GLY D 446 -50.45 -16.93 -14.40
C GLY D 446 -49.67 -15.73 -14.88
N PRO D 447 -49.07 -14.97 -13.95
CA PRO D 447 -48.28 -13.79 -14.27
C PRO D 447 -46.91 -14.15 -14.79
N PRO D 448 -46.36 -13.34 -15.70
CA PRO D 448 -45.03 -13.62 -16.24
C PRO D 448 -43.94 -13.11 -15.30
N VAL D 449 -42.76 -13.72 -15.38
CA VAL D 449 -41.62 -13.31 -14.56
C VAL D 449 -40.33 -13.64 -15.25
N PHE D 450 -39.25 -13.09 -14.70
CA PHE D 450 -37.92 -13.32 -15.24
C PHE D 450 -37.03 -13.84 -14.12
N THR D 451 -36.35 -14.95 -14.37
CA THR D 451 -35.51 -15.55 -13.34
C THR D 451 -34.02 -15.33 -13.46
N ASP D 452 -33.58 -14.61 -14.48
CA ASP D 452 -32.16 -14.35 -14.63
C ASP D 452 -31.67 -13.72 -13.33
N LYS D 453 -30.56 -14.23 -12.83
CA LYS D 453 -29.99 -13.73 -11.58
C LYS D 453 -29.90 -12.22 -11.60
N VAL D 454 -29.30 -11.69 -12.64
CA VAL D 454 -29.12 -10.26 -12.78
C VAL D 454 -30.43 -9.51 -12.75
N ASP D 455 -31.43 -10.08 -13.39
CA ASP D 455 -32.75 -9.46 -13.46
C ASP D 455 -33.52 -9.51 -12.13
N ILE D 456 -33.25 -10.52 -11.32
CA ILE D 456 -33.94 -10.59 -10.05
C ILE D 456 -33.51 -9.41 -9.19
N SER D 457 -32.31 -8.91 -9.40
CA SER D 457 -31.82 -7.75 -8.64
C SER D 457 -32.45 -6.52 -9.24
N SER D 458 -32.57 -6.51 -10.56
CA SER D 458 -33.18 -5.40 -11.28
C SER D 458 -34.65 -5.26 -10.88
N GLN D 459 -35.35 -6.38 -10.84
CA GLN D 459 -36.77 -6.36 -10.49
C GLN D 459 -36.98 -6.01 -9.02
N ILE D 460 -36.09 -6.47 -8.15
CA ILE D 460 -36.25 -6.14 -6.73
C ILE D 460 -36.03 -4.65 -6.57
N SER D 461 -35.05 -4.11 -7.29
CA SER D 461 -34.76 -2.68 -7.23
C SER D 461 -35.89 -1.90 -7.88
N SER D 462 -36.31 -2.35 -9.06
CA SER D 462 -37.38 -1.71 -9.79
C SER D 462 -38.65 -1.64 -8.95
N MET D 463 -39.01 -2.76 -8.33
CA MET D 463 -40.20 -2.81 -7.52
C MET D 463 -40.17 -1.89 -6.33
N ASN D 464 -39.04 -1.82 -5.65
CA ASN D 464 -38.92 -0.95 -4.50
C ASN D 464 -39.03 0.51 -4.91
N GLN D 465 -38.62 0.82 -6.13
CA GLN D 465 -38.71 2.18 -6.65
C GLN D 465 -40.18 2.55 -6.63
N SER D 466 -40.96 1.81 -7.41
CA SER D 466 -42.39 2.01 -7.52
C SER D 466 -43.01 2.05 -6.12
N LEU D 467 -42.59 1.15 -5.25
CA LEU D 467 -43.13 1.10 -3.89
C LEU D 467 -42.86 2.35 -3.07
N GLN D 468 -41.67 2.93 -3.22
CA GLN D 468 -41.34 4.16 -2.48
C GLN D 468 -42.19 5.31 -3.00
N GLN D 469 -42.39 5.34 -4.31
CA GLN D 469 -43.18 6.40 -4.94
C GLN D 469 -44.65 6.35 -4.55
N SER D 470 -45.22 5.14 -4.49
CA SER D 470 -46.62 4.99 -4.11
C SER D 470 -46.84 5.20 -2.61
N LYS D 471 -45.76 5.12 -1.84
CA LYS D 471 -45.88 5.34 -0.40
C LYS D 471 -45.95 6.86 -0.19
N ASP D 472 -45.31 7.59 -1.10
CA ASP D 472 -45.31 9.05 -1.07
C ASP D 472 -46.65 9.65 -1.49
N TYR D 473 -47.28 9.03 -2.49
CA TYR D 473 -48.59 9.45 -2.96
C TYR D 473 -49.55 9.22 -1.81
N ILE D 474 -49.46 8.04 -1.19
CA ILE D 474 -50.30 7.69 -0.05
C ILE D 474 -50.01 8.62 1.14
N LYS D 475 -48.73 8.98 1.31
CA LYS D 475 -48.31 9.89 2.39
C LYS D 475 -48.73 11.35 2.14
N GLU D 476 -48.56 11.83 0.91
CA GLU D 476 -48.92 13.22 0.53
C GLU D 476 -50.44 13.40 0.46
N ALA D 477 -51.14 12.38 -0.03
CA ALA D 477 -52.60 12.42 -0.12
C ALA D 477 -53.24 12.26 1.28
N GLN D 478 -52.65 11.40 2.12
CA GLN D 478 -53.14 11.19 3.49
C GLN D 478 -53.02 12.49 4.31
N ARG D 479 -51.86 13.16 4.19
CA ARG D 479 -51.61 14.44 4.88
C ARG D 479 -52.46 15.61 4.35
N LEU D 480 -52.74 15.60 3.04
CA LEU D 480 -53.55 16.62 2.39
C LEU D 480 -55.06 16.39 2.60
N LEU D 481 -55.47 15.12 2.71
CA LEU D 481 -56.88 14.76 2.94
C LEU D 481 -57.39 14.79 4.39
N ASP D 482 -56.63 14.24 5.33
CA ASP D 482 -57.03 14.23 6.74
C ASP D 482 -55.86 14.30 7.72
N ILE E 27 -26.48 -2.61 -30.53
CA ILE E 27 -27.52 -1.53 -30.52
C ILE E 27 -27.64 -1.00 -29.10
N LEU E 28 -26.56 -1.18 -28.33
CA LEU E 28 -26.49 -0.75 -26.94
C LEU E 28 -25.88 0.64 -26.95
N HIS E 29 -26.13 1.41 -25.90
CA HIS E 29 -25.57 2.75 -25.82
C HIS E 29 -24.26 2.72 -25.05
N TYR E 30 -23.23 2.18 -25.69
CA TYR E 30 -21.92 2.03 -25.09
C TYR E 30 -21.35 3.23 -24.35
N GLU E 31 -21.61 4.46 -24.82
CA GLU E 31 -21.05 5.62 -24.12
C GLU E 31 -21.63 5.75 -22.73
N LYS E 32 -22.94 5.84 -22.61
CA LYS E 32 -23.53 5.92 -21.29
C LYS E 32 -23.15 4.71 -20.45
N LEU E 33 -23.15 3.51 -21.04
CA LEU E 33 -22.83 2.32 -20.30
C LEU E 33 -21.44 2.40 -19.68
N SER E 34 -20.47 2.87 -20.45
CA SER E 34 -19.10 2.97 -19.95
C SER E 34 -19.01 3.92 -18.74
N LYS E 35 -19.82 4.98 -18.76
CA LYS E 35 -19.81 5.95 -17.66
C LYS E 35 -20.24 5.32 -16.33
N ILE E 36 -20.87 4.14 -16.38
CA ILE E 36 -21.25 3.50 -15.14
C ILE E 36 -20.51 2.18 -14.98
N GLY E 37 -19.27 2.17 -15.46
CA GLY E 37 -18.41 1.01 -15.32
C GLY E 37 -18.56 -0.20 -16.21
N LEU E 38 -19.31 -0.07 -17.29
CA LEU E 38 -19.49 -1.19 -18.19
C LEU E 38 -18.82 -0.83 -19.52
N VAL E 39 -17.50 -0.96 -19.54
CA VAL E 39 -16.67 -0.67 -20.70
C VAL E 39 -16.94 -1.67 -21.83
N LYS E 40 -16.97 -1.21 -23.07
CA LYS E 40 -17.23 -2.13 -24.17
C LYS E 40 -16.08 -3.07 -24.44
N GLY E 41 -16.36 -4.37 -24.44
CA GLY E 41 -15.31 -5.35 -24.68
C GLY E 41 -15.36 -5.95 -26.07
N VAL E 42 -14.86 -7.17 -26.18
CA VAL E 42 -14.84 -7.89 -27.46
C VAL E 42 -16.22 -8.42 -27.90
N THR E 43 -16.50 -8.34 -29.20
CA THR E 43 -17.77 -8.85 -29.73
C THR E 43 -17.53 -10.19 -30.40
N ARG E 44 -18.22 -11.23 -29.96
CA ARG E 44 -18.04 -12.56 -30.53
C ARG E 44 -19.23 -13.10 -31.30
N LYS E 45 -18.97 -14.07 -32.18
CA LYS E 45 -20.04 -14.69 -32.99
C LYS E 45 -20.74 -15.73 -32.13
N TYR E 46 -21.94 -16.16 -32.55
CA TYR E 46 -22.72 -17.14 -31.79
C TYR E 46 -22.90 -18.42 -32.59
N LYS E 47 -22.06 -19.41 -32.34
CA LYS E 47 -22.13 -20.69 -33.03
C LYS E 47 -22.77 -21.79 -32.17
N ILE E 48 -23.55 -22.67 -32.81
CA ILE E 48 -24.22 -23.77 -32.13
C ILE E 48 -23.99 -25.07 -32.90
N LYS E 49 -24.03 -26.22 -32.22
CA LYS E 49 -23.81 -27.49 -32.91
C LYS E 49 -25.03 -27.88 -33.71
N SER E 50 -24.85 -28.77 -34.70
CA SER E 50 -25.95 -29.22 -35.56
C SER E 50 -25.54 -30.26 -36.61
N ASN E 51 -26.55 -30.85 -37.27
CA ASN E 51 -26.35 -31.84 -38.34
C ASN E 51 -25.25 -32.84 -38.02
N PRO E 52 -25.41 -33.61 -36.95
CA PRO E 52 -24.39 -34.59 -36.59
C PRO E 52 -24.22 -35.69 -37.64
N LEU E 53 -23.08 -36.35 -37.60
CA LEU E 53 -22.76 -37.45 -38.52
C LEU E 53 -22.29 -38.59 -37.65
N THR E 54 -23.10 -39.64 -37.55
CA THR E 54 -22.74 -40.77 -36.71
C THR E 54 -21.59 -41.62 -37.22
N LYS E 55 -21.06 -42.45 -36.34
CA LYS E 55 -19.97 -43.38 -36.60
C LYS E 55 -20.04 -44.30 -35.39
N ASP E 56 -19.93 -45.61 -35.59
CA ASP E 56 -20.05 -46.53 -34.46
C ASP E 56 -18.79 -47.26 -34.08
N ILE E 57 -18.57 -47.45 -32.79
CA ILE E 57 -17.43 -48.25 -32.35
C ILE E 57 -17.82 -49.09 -31.14
N VAL E 58 -17.03 -50.11 -30.90
CA VAL E 58 -17.26 -51.06 -29.82
C VAL E 58 -16.22 -50.87 -28.73
N ILE E 59 -16.68 -50.96 -27.48
CA ILE E 59 -15.81 -50.83 -26.33
C ILE E 59 -15.99 -52.09 -25.49
N LYS E 60 -14.96 -52.93 -25.46
CA LYS E 60 -15.02 -54.16 -24.69
C LYS E 60 -14.49 -53.85 -23.29
N MET E 61 -15.36 -54.01 -22.28
CA MET E 61 -14.99 -53.71 -20.91
C MET E 61 -14.52 -54.92 -20.11
N ILE E 62 -13.75 -55.78 -20.77
CA ILE E 62 -13.18 -56.97 -20.13
C ILE E 62 -11.92 -57.29 -20.92
N PRO E 63 -10.75 -57.13 -20.27
CA PRO E 63 -9.47 -57.40 -20.93
C PRO E 63 -9.33 -58.87 -21.34
N ASN E 64 -8.57 -59.13 -22.40
CA ASN E 64 -8.35 -60.51 -22.83
C ASN E 64 -7.14 -61.06 -22.11
N VAL E 65 -7.38 -62.02 -21.21
CA VAL E 65 -6.31 -62.61 -20.41
C VAL E 65 -5.88 -64.01 -20.83
N SER E 66 -6.19 -64.39 -22.07
CA SER E 66 -5.82 -65.73 -22.55
C SER E 66 -4.31 -65.99 -22.46
N ASP E 67 -3.53 -64.90 -22.52
CA ASP E 67 -2.08 -65.00 -22.47
C ASP E 67 -1.55 -65.38 -21.10
N MET E 68 -2.40 -65.27 -20.08
CA MET E 68 -2.02 -65.65 -18.74
C MET E 68 -3.14 -66.36 -18.00
N SER E 69 -3.81 -67.21 -18.77
CA SER E 69 -4.93 -68.00 -18.28
C SER E 69 -4.65 -68.79 -17.00
N GLN E 70 -3.37 -68.95 -16.66
CA GLN E 70 -3.01 -69.71 -15.46
C GLN E 70 -3.04 -68.87 -14.18
N CYS E 71 -2.50 -67.66 -14.26
CA CYS E 71 -2.47 -66.78 -13.09
C CYS E 71 -3.73 -65.93 -12.98
N THR E 72 -4.86 -66.54 -13.30
CA THR E 72 -6.14 -65.86 -13.24
C THR E 72 -6.78 -66.01 -11.86
N GLY E 73 -7.38 -67.17 -11.62
CA GLY E 73 -8.03 -67.38 -10.35
C GLY E 73 -9.45 -66.87 -10.47
N SER E 74 -10.14 -66.78 -9.34
CA SER E 74 -11.52 -66.32 -9.33
C SER E 74 -11.68 -64.90 -9.87
N VAL E 75 -10.59 -64.13 -9.88
CA VAL E 75 -10.63 -62.75 -10.34
C VAL E 75 -11.55 -62.49 -11.52
N MET E 76 -11.23 -63.06 -12.67
CA MET E 76 -12.04 -62.85 -13.86
C MET E 76 -13.50 -63.24 -13.70
N GLU E 77 -13.77 -64.20 -12.83
CA GLU E 77 -15.13 -64.66 -12.61
C GLU E 77 -15.96 -63.65 -11.85
N ASN E 78 -15.42 -63.17 -10.74
CA ASN E 78 -16.10 -62.20 -9.91
C ASN E 78 -16.28 -60.93 -10.69
N TYR E 79 -15.23 -60.47 -11.36
CA TYR E 79 -15.28 -59.26 -12.15
C TYR E 79 -16.44 -59.32 -13.14
N LYS E 80 -16.66 -60.49 -13.73
CA LYS E 80 -17.76 -60.66 -14.68
C LYS E 80 -19.11 -60.49 -13.97
N THR E 81 -19.21 -60.95 -12.74
CA THR E 81 -20.45 -60.82 -11.98
C THR E 81 -20.70 -59.36 -11.67
N ARG E 82 -19.64 -58.68 -11.22
CA ARG E 82 -19.71 -57.27 -10.87
C ARG E 82 -20.16 -56.43 -12.06
N LEU E 83 -19.48 -56.63 -13.18
CA LEU E 83 -19.75 -55.89 -14.42
C LEU E 83 -21.15 -56.17 -14.95
N ASN E 84 -21.56 -57.43 -14.89
CA ASN E 84 -22.88 -57.80 -15.36
C ASN E 84 -23.89 -57.07 -14.49
N GLY E 85 -23.46 -56.75 -13.27
CA GLY E 85 -24.34 -56.06 -12.35
C GLY E 85 -24.65 -54.66 -12.81
N ILE E 86 -23.61 -53.88 -13.10
CA ILE E 86 -23.78 -52.50 -13.55
C ILE E 86 -24.19 -52.34 -15.00
N LEU E 87 -24.00 -53.38 -15.81
CA LEU E 87 -24.37 -53.33 -17.21
C LEU E 87 -25.82 -53.73 -17.47
N THR E 88 -26.35 -54.61 -16.63
CA THR E 88 -27.73 -55.10 -16.77
C THR E 88 -28.80 -54.01 -16.82
N PRO E 89 -28.82 -53.08 -15.85
CA PRO E 89 -29.84 -52.02 -15.87
C PRO E 89 -29.81 -51.23 -17.16
N ILE E 90 -28.60 -51.04 -17.71
CA ILE E 90 -28.44 -50.30 -18.95
C ILE E 90 -29.07 -51.05 -20.12
N LYS E 91 -28.73 -52.33 -20.24
CA LYS E 91 -29.29 -53.15 -21.32
C LYS E 91 -30.80 -53.15 -21.19
N GLY E 92 -31.28 -53.26 -19.97
CA GLY E 92 -32.71 -53.27 -19.74
C GLY E 92 -33.37 -52.02 -20.27
N ALA E 93 -32.94 -50.87 -19.77
CA ALA E 93 -33.51 -49.59 -20.19
C ALA E 93 -33.55 -49.41 -21.71
N LEU E 94 -32.64 -50.09 -22.42
CA LEU E 94 -32.60 -49.99 -23.88
C LEU E 94 -33.67 -50.85 -24.52
N GLU E 95 -33.96 -52.00 -23.92
CA GLU E 95 -34.98 -52.90 -24.44
C GLU E 95 -36.38 -52.30 -24.27
N ILE E 96 -36.57 -51.52 -23.21
CA ILE E 96 -37.85 -50.89 -22.95
C ILE E 96 -38.25 -50.06 -24.16
N TYR E 97 -37.31 -49.84 -25.06
CA TYR E 97 -37.56 -49.07 -26.27
C TYR E 97 -37.49 -49.94 -27.53
N LYS E 98 -36.62 -50.93 -27.52
CA LYS E 98 -36.52 -51.82 -28.67
C LYS E 98 -37.80 -52.64 -28.81
N ASN E 99 -38.48 -52.89 -27.70
CA ASN E 99 -39.70 -53.68 -27.74
C ASN E 99 -40.94 -52.84 -28.05
N ASN E 100 -40.74 -51.60 -28.45
CA ASN E 100 -41.91 -50.78 -28.75
C ASN E 100 -41.71 -49.93 -29.99
N THR E 101 -40.82 -50.40 -30.87
CA THR E 101 -40.54 -49.70 -32.13
C THR E 101 -40.58 -50.72 -33.27
N HIS E 102 -41.59 -50.58 -34.14
CA HIS E 102 -41.77 -51.48 -35.29
C HIS E 102 -41.76 -50.60 -36.53
N ASP E 103 -41.38 -51.11 -37.70
CA ASP E 103 -41.41 -50.22 -38.86
C ASP E 103 -42.83 -49.72 -39.07
N LEU E 104 -43.04 -48.80 -40.00
CA LEU E 104 -44.36 -48.27 -40.26
C LEU E 104 -44.84 -48.79 -41.61
N VAL E 105 -45.28 -50.05 -41.67
CA VAL E 105 -45.73 -50.63 -42.93
C VAL E 105 -47.11 -50.18 -43.39
N GLY E 106 -47.23 -49.98 -44.70
CA GLY E 106 -48.50 -49.59 -45.28
C GLY E 106 -48.61 -48.11 -45.59
N ASP E 107 -47.50 -47.43 -45.79
CA ASP E 107 -47.58 -45.99 -46.09
C ASP E 107 -46.78 -45.49 -47.29
N VAL E 108 -47.51 -44.84 -48.19
CA VAL E 108 -47.01 -44.26 -49.43
C VAL E 108 -46.17 -43.02 -49.20
N ARG E 109 -46.72 -42.09 -48.42
CA ARG E 109 -46.08 -40.81 -48.11
C ARG E 109 -45.02 -40.82 -47.00
N LEU E 110 -45.40 -41.26 -45.79
CA LEU E 110 -44.48 -41.32 -44.64
C LEU E 110 -43.61 -42.58 -44.66
N ALA E 111 -42.41 -42.49 -44.10
CA ALA E 111 -41.49 -43.63 -44.05
C ALA E 111 -40.71 -43.61 -42.73
N GLY E 112 -40.68 -44.72 -42.00
CA GLY E 112 -39.91 -44.68 -40.76
C GLY E 112 -40.29 -45.66 -39.68
N VAL E 113 -40.13 -45.24 -38.43
CA VAL E 113 -40.44 -46.09 -37.28
C VAL E 113 -41.66 -45.56 -36.54
N ILE E 114 -42.26 -46.40 -35.71
CA ILE E 114 -43.42 -45.99 -34.93
C ILE E 114 -43.28 -46.47 -33.49
N MET E 115 -43.36 -45.53 -32.54
CA MET E 115 -43.23 -45.84 -31.12
C MET E 115 -44.56 -46.24 -30.51
N ALA E 116 -44.51 -47.23 -29.64
CA ALA E 116 -45.71 -47.71 -28.97
C ALA E 116 -46.00 -46.78 -27.80
N GLY E 117 -46.85 -45.79 -28.05
CA GLY E 117 -47.18 -44.82 -27.02
C GLY E 117 -47.74 -45.38 -25.72
N VAL E 118 -48.80 -46.17 -25.82
CA VAL E 118 -49.41 -46.74 -24.63
C VAL E 118 -48.40 -47.58 -23.88
N ALA E 119 -47.60 -48.33 -24.63
CA ALA E 119 -46.58 -49.19 -24.05
C ALA E 119 -45.53 -48.39 -23.30
N ILE E 120 -44.91 -47.44 -23.99
CA ILE E 120 -43.90 -46.59 -23.37
C ILE E 120 -44.47 -45.86 -22.14
N GLY E 121 -45.75 -45.53 -22.17
CA GLY E 121 -46.38 -44.87 -21.04
C GLY E 121 -45.98 -43.42 -20.84
N ILE E 122 -44.95 -43.19 -20.03
CA ILE E 122 -44.48 -41.83 -19.77
C ILE E 122 -43.06 -41.64 -20.30
N ALA E 123 -42.92 -40.66 -21.18
CA ALA E 123 -41.62 -40.38 -21.76
C ALA E 123 -41.54 -38.88 -22.01
N THR E 124 -40.31 -38.38 -22.04
CA THR E 124 -40.09 -36.97 -22.25
C THR E 124 -39.86 -36.74 -23.73
N ALA E 125 -40.12 -35.51 -24.18
CA ALA E 125 -39.92 -35.17 -25.58
C ALA E 125 -38.67 -35.82 -26.14
N ALA E 126 -37.53 -35.39 -25.62
CA ALA E 126 -36.23 -35.86 -26.05
C ALA E 126 -35.99 -37.35 -25.92
N GLN E 127 -36.45 -37.94 -24.82
CA GLN E 127 -36.23 -39.37 -24.60
C GLN E 127 -36.75 -40.20 -25.77
N ILE E 128 -37.94 -39.86 -26.26
CA ILE E 128 -38.53 -40.59 -27.37
C ILE E 128 -37.67 -40.42 -28.62
N THR E 129 -37.30 -39.17 -28.91
CA THR E 129 -36.47 -38.87 -30.08
C THR E 129 -35.18 -39.67 -30.04
N ALA E 130 -34.69 -39.93 -28.83
CA ALA E 130 -33.46 -40.67 -28.64
C ALA E 130 -33.72 -42.14 -28.93
N GLY E 131 -34.96 -42.57 -28.66
CA GLY E 131 -35.33 -43.96 -28.90
C GLY E 131 -35.45 -44.19 -30.40
N VAL E 132 -36.08 -43.25 -31.08
CA VAL E 132 -36.23 -43.32 -32.53
C VAL E 132 -34.83 -43.45 -33.11
N ALA E 133 -33.91 -42.68 -32.55
CA ALA E 133 -32.51 -42.70 -32.99
C ALA E 133 -31.88 -44.05 -32.69
N LEU E 134 -32.28 -44.67 -31.59
CA LEU E 134 -31.73 -45.96 -31.19
C LEU E 134 -32.10 -47.03 -32.20
N TYR E 135 -33.35 -47.01 -32.64
CA TYR E 135 -33.84 -47.98 -33.60
C TYR E 135 -33.03 -48.03 -34.88
N GLU E 136 -32.85 -46.87 -35.48
CA GLU E 136 -32.10 -46.77 -36.72
C GLU E 136 -30.69 -47.30 -36.55
N ALA E 137 -30.18 -47.23 -35.33
CA ALA E 137 -28.85 -47.73 -35.05
C ALA E 137 -28.82 -49.24 -34.97
N MET E 138 -29.89 -49.83 -34.42
CA MET E 138 -30.04 -51.27 -34.28
C MET E 138 -29.59 -51.96 -35.56
N LYS E 139 -30.13 -51.47 -36.67
CA LYS E 139 -29.82 -52.01 -37.98
C LYS E 139 -28.30 -52.25 -38.13
N ASN E 140 -27.54 -51.17 -38.07
CA ASN E 140 -26.09 -51.21 -38.20
C ASN E 140 -25.45 -51.96 -37.03
N ALA E 141 -26.14 -51.95 -35.90
CA ALA E 141 -25.68 -52.60 -34.68
C ALA E 141 -25.55 -54.10 -34.84
N ASP E 142 -26.61 -54.72 -35.35
CA ASP E 142 -26.64 -56.16 -35.58
C ASP E 142 -25.56 -56.55 -36.58
N ASN E 143 -25.30 -55.65 -37.51
CA ASN E 143 -24.28 -55.86 -38.53
C ASN E 143 -22.92 -56.06 -37.86
N ILE E 144 -22.69 -55.29 -36.79
CA ILE E 144 -21.46 -55.35 -36.03
C ILE E 144 -21.44 -56.61 -35.17
N ASN E 145 -22.54 -56.84 -34.46
CA ASN E 145 -22.67 -58.01 -33.59
C ASN E 145 -22.30 -59.32 -34.30
N LYS E 146 -22.42 -59.33 -35.62
CA LYS E 146 -22.08 -60.52 -36.39
C LYS E 146 -20.67 -61.02 -36.06
N LEU E 147 -19.76 -60.09 -35.80
CA LEU E 147 -18.39 -60.45 -35.48
C LEU E 147 -18.21 -60.67 -33.99
N LYS E 148 -19.29 -61.00 -33.30
CA LYS E 148 -19.25 -61.20 -31.85
C LYS E 148 -18.03 -61.99 -31.39
N SER E 149 -17.83 -63.16 -31.97
CA SER E 149 -16.69 -64.00 -31.61
C SER E 149 -15.38 -63.27 -31.90
N SER E 150 -15.35 -62.54 -33.02
CA SER E 150 -14.16 -61.80 -33.45
C SER E 150 -13.83 -60.68 -32.45
N ILE E 151 -14.84 -60.16 -31.77
CA ILE E 151 -14.63 -59.10 -30.79
C ILE E 151 -13.97 -59.67 -29.55
N GLU E 152 -14.43 -60.82 -29.08
CA GLU E 152 -13.87 -61.43 -27.90
C GLU E 152 -12.42 -61.77 -28.16
N SER E 153 -12.14 -62.11 -29.41
CA SER E 153 -10.78 -62.48 -29.84
C SER E 153 -9.76 -61.37 -29.57
N THR E 154 -10.17 -60.13 -29.80
CA THR E 154 -9.31 -58.99 -29.57
C THR E 154 -8.37 -59.27 -28.41
N ASN E 155 -7.11 -58.89 -28.56
CA ASN E 155 -6.15 -59.10 -27.49
C ASN E 155 -5.21 -57.89 -27.42
N GLU E 156 -5.59 -56.85 -28.15
CA GLU E 156 -4.83 -55.60 -28.19
C GLU E 156 -5.67 -54.41 -27.74
N ALA E 157 -4.99 -53.32 -27.41
CA ALA E 157 -5.66 -52.11 -26.96
C ALA E 157 -6.69 -51.70 -27.99
N VAL E 158 -6.19 -51.29 -29.14
CA VAL E 158 -7.05 -50.86 -30.22
C VAL E 158 -6.89 -51.91 -31.29
N VAL E 159 -8.02 -52.44 -31.78
CA VAL E 159 -8.01 -53.45 -32.83
C VAL E 159 -9.01 -53.09 -33.94
N LYS E 160 -8.65 -53.38 -35.18
CA LYS E 160 -9.54 -53.10 -36.29
C LYS E 160 -10.21 -54.35 -36.84
N LEU E 161 -11.54 -54.34 -36.87
CA LEU E 161 -12.34 -55.44 -37.41
C LEU E 161 -12.99 -54.93 -38.70
N GLN E 162 -13.45 -55.87 -39.53
CA GLN E 162 -14.08 -55.55 -40.81
C GLN E 162 -15.62 -55.79 -40.79
N GLU E 163 -16.39 -54.74 -41.06
CA GLU E 163 -17.85 -54.84 -41.04
C GLU E 163 -18.58 -55.31 -42.29
N THR E 164 -18.69 -54.43 -43.29
CA THR E 164 -19.37 -54.73 -44.55
C THR E 164 -18.29 -54.89 -45.64
N ALA E 165 -17.23 -55.61 -45.29
CA ALA E 165 -16.12 -55.84 -46.20
C ALA E 165 -15.27 -54.58 -46.28
N GLU E 166 -15.89 -53.47 -46.70
CA GLU E 166 -15.21 -52.16 -46.84
C GLU E 166 -15.36 -51.27 -45.58
N LYS E 167 -16.59 -51.15 -45.07
CA LYS E 167 -16.86 -50.34 -43.88
C LYS E 167 -16.24 -51.00 -42.64
N THR E 168 -15.37 -50.26 -41.95
CA THR E 168 -14.69 -50.77 -40.78
C THR E 168 -15.40 -50.46 -39.47
N VAL E 169 -15.10 -51.28 -38.46
CA VAL E 169 -15.65 -51.12 -37.12
C VAL E 169 -14.54 -51.49 -36.18
N TYR E 170 -14.21 -50.54 -35.33
CA TYR E 170 -13.13 -50.64 -34.37
C TYR E 170 -13.51 -51.16 -32.99
N VAL E 171 -12.54 -51.74 -32.29
CA VAL E 171 -12.79 -52.28 -30.95
C VAL E 171 -11.71 -51.95 -29.90
N LEU E 172 -12.06 -51.03 -29.00
CA LEU E 172 -11.18 -50.60 -27.91
C LEU E 172 -11.40 -51.51 -26.72
N THR E 173 -10.32 -52.03 -26.15
CA THR E 173 -10.44 -52.90 -25.00
C THR E 173 -9.83 -52.31 -23.75
N ALA E 174 -10.62 -52.31 -22.68
CA ALA E 174 -10.21 -51.76 -21.40
C ALA E 174 -9.12 -52.56 -20.71
N LEU E 175 -8.27 -51.84 -19.98
CA LEU E 175 -7.18 -52.43 -19.25
C LEU E 175 -6.35 -53.40 -20.07
N GLN E 176 -6.44 -53.31 -21.39
CA GLN E 176 -5.66 -54.23 -22.21
C GLN E 176 -4.19 -53.82 -22.19
N ASP E 177 -3.93 -52.53 -22.38
CA ASP E 177 -2.56 -52.05 -22.38
C ASP E 177 -1.83 -52.50 -21.13
N TYR E 178 -2.55 -52.75 -20.03
CA TYR E 178 -1.95 -53.18 -18.77
C TYR E 178 -1.55 -54.64 -18.86
N ILE E 179 -2.54 -55.48 -19.14
CA ILE E 179 -2.35 -56.91 -19.28
C ILE E 179 -1.15 -57.23 -20.17
N ASN E 180 -1.00 -56.49 -21.26
CA ASN E 180 0.09 -56.72 -22.20
C ASN E 180 1.44 -56.12 -21.83
N THR E 181 1.49 -54.83 -21.53
CA THR E 181 2.73 -54.15 -21.19
C THR E 181 3.24 -54.55 -19.80
N ASN E 182 2.35 -54.62 -18.82
CA ASN E 182 2.82 -54.97 -17.50
C ASN E 182 2.61 -56.28 -16.73
N LEU E 183 1.53 -56.98 -17.01
CA LEU E 183 1.27 -58.22 -16.32
C LEU E 183 1.97 -59.40 -17.00
N VAL E 184 1.87 -59.46 -18.32
CA VAL E 184 2.50 -60.52 -19.10
C VAL E 184 4.03 -60.48 -18.99
N PRO E 185 4.64 -59.31 -19.29
CA PRO E 185 6.10 -59.12 -19.22
C PRO E 185 6.75 -59.41 -17.87
N THR E 186 5.95 -59.72 -16.87
CA THR E 186 6.47 -60.04 -15.54
C THR E 186 5.63 -61.18 -15.00
N ILE E 187 5.27 -62.11 -15.88
CA ILE E 187 4.44 -63.26 -15.50
C ILE E 187 5.21 -64.16 -14.52
N ASP E 188 6.54 -64.17 -14.67
CA ASP E 188 7.37 -65.00 -13.82
C ASP E 188 8.26 -64.13 -12.97
N LYS E 189 8.52 -62.91 -13.43
CA LYS E 189 9.36 -61.98 -12.69
C LYS E 189 8.87 -61.81 -11.24
N ILE E 190 7.56 -62.01 -11.04
CA ILE E 190 6.97 -61.90 -9.70
C ILE E 190 6.48 -63.25 -9.17
N SER E 191 5.23 -63.60 -9.44
CA SER E 191 4.70 -64.88 -9.00
C SER E 191 3.43 -65.12 -9.80
N CYS E 192 2.54 -65.95 -9.28
CA CYS E 192 1.28 -66.23 -9.95
C CYS E 192 0.18 -65.79 -9.00
N LYS E 193 0.52 -65.65 -7.74
CA LYS E 193 -0.44 -65.19 -6.74
C LYS E 193 -0.44 -63.67 -6.80
N GLN E 194 0.69 -63.09 -7.24
CA GLN E 194 0.84 -61.66 -7.36
C GLN E 194 0.35 -61.20 -8.72
N THR E 195 0.66 -61.95 -9.76
CA THR E 195 0.18 -61.57 -11.09
C THR E 195 -1.34 -61.58 -11.03
N GLU E 196 -1.88 -62.28 -10.03
CA GLU E 196 -3.32 -62.36 -9.84
C GLU E 196 -3.81 -61.18 -9.02
N LEU E 197 -3.12 -60.89 -7.92
CA LEU E 197 -3.49 -59.77 -7.08
C LEU E 197 -3.52 -58.45 -7.86
N SER E 198 -2.44 -58.19 -8.61
CA SER E 198 -2.33 -56.96 -9.40
C SER E 198 -3.40 -56.82 -10.47
N LEU E 199 -3.88 -57.95 -10.99
CA LEU E 199 -4.92 -57.89 -12.01
C LEU E 199 -6.26 -57.60 -11.34
N ASP E 200 -6.42 -58.04 -10.09
CA ASP E 200 -7.67 -57.77 -9.40
C ASP E 200 -7.76 -56.26 -9.14
N LEU E 201 -6.67 -55.67 -8.68
CA LEU E 201 -6.65 -54.24 -8.41
C LEU E 201 -6.96 -53.43 -9.65
N ALA E 202 -6.22 -53.64 -10.73
CA ALA E 202 -6.46 -52.89 -11.96
C ALA E 202 -7.91 -52.96 -12.39
N LEU E 203 -8.57 -54.08 -12.12
CA LEU E 203 -9.97 -54.24 -12.48
C LEU E 203 -10.88 -53.48 -11.52
N SER E 204 -10.60 -53.60 -10.23
CA SER E 204 -11.38 -52.91 -9.20
C SER E 204 -11.28 -51.39 -9.38
N LYS E 205 -10.08 -50.91 -9.69
CA LYS E 205 -9.87 -49.48 -9.88
C LYS E 205 -10.64 -49.00 -11.09
N TYR E 206 -10.55 -49.76 -12.18
CA TYR E 206 -11.26 -49.41 -13.40
C TYR E 206 -12.76 -49.28 -13.12
N LEU E 207 -13.28 -50.21 -12.32
CA LEU E 207 -14.68 -50.17 -11.96
C LEU E 207 -14.96 -48.94 -11.10
N SER E 208 -14.03 -48.60 -10.21
CA SER E 208 -14.17 -47.44 -9.34
C SER E 208 -14.36 -46.15 -10.14
N ASP E 209 -13.67 -46.01 -11.26
CA ASP E 209 -13.78 -44.81 -12.09
C ASP E 209 -14.92 -44.94 -13.06
N LEU E 210 -15.17 -46.17 -13.51
CA LEU E 210 -16.24 -46.46 -14.45
C LEU E 210 -17.63 -46.24 -13.85
N LEU E 211 -17.74 -46.46 -12.54
CA LEU E 211 -19.02 -46.33 -11.83
C LEU E 211 -19.62 -44.94 -11.78
N PHE E 212 -18.77 -43.91 -11.81
CA PHE E 212 -19.25 -42.53 -11.76
C PHE E 212 -20.16 -42.23 -12.95
N VAL E 213 -19.84 -42.81 -14.11
CA VAL E 213 -20.62 -42.62 -15.33
C VAL E 213 -21.69 -43.66 -15.59
N PHE E 214 -21.29 -44.92 -15.69
CA PHE E 214 -22.22 -46.01 -15.96
C PHE E 214 -22.95 -46.58 -14.75
N GLY E 215 -22.62 -46.06 -13.57
CA GLY E 215 -23.26 -46.52 -12.35
C GLY E 215 -24.73 -46.18 -12.31
N PRO E 216 -25.37 -46.31 -11.15
CA PRO E 216 -26.79 -46.00 -10.99
C PRO E 216 -27.06 -44.56 -11.34
N ASN E 217 -25.98 -43.86 -11.67
CA ASN E 217 -26.06 -42.48 -12.06
C ASN E 217 -26.64 -42.38 -13.47
N LEU E 218 -26.29 -43.36 -14.31
CA LEU E 218 -26.74 -43.45 -15.69
C LEU E 218 -28.18 -43.96 -15.74
N GLN E 219 -29.11 -43.19 -15.18
CA GLN E 219 -30.51 -43.58 -15.14
C GLN E 219 -31.19 -43.71 -16.52
N ASP E 220 -30.92 -42.76 -17.41
CA ASP E 220 -31.52 -42.77 -18.76
C ASP E 220 -30.45 -42.94 -19.84
N PRO E 221 -30.26 -44.18 -20.34
CA PRO E 221 -29.28 -44.52 -21.37
C PRO E 221 -29.86 -44.31 -22.74
N VAL E 222 -31.16 -44.06 -22.76
CA VAL E 222 -31.84 -43.84 -24.00
C VAL E 222 -31.37 -42.53 -24.62
N SER E 223 -31.38 -41.44 -23.85
CA SER E 223 -30.93 -40.14 -24.37
C SER E 223 -29.50 -40.18 -24.97
N ASN E 224 -29.17 -39.20 -25.81
CA ASN E 224 -27.84 -39.19 -26.42
C ASN E 224 -27.13 -37.87 -26.18
N SER E 225 -27.35 -37.31 -24.99
CA SER E 225 -26.74 -36.04 -24.61
C SER E 225 -25.52 -36.25 -23.71
N MET E 226 -24.97 -37.46 -23.73
CA MET E 226 -23.83 -37.75 -22.90
C MET E 226 -22.52 -37.41 -23.58
N THR E 227 -21.70 -36.63 -22.89
CA THR E 227 -20.42 -36.24 -23.43
C THR E 227 -19.60 -37.46 -23.82
N ILE E 228 -18.75 -37.34 -24.85
CA ILE E 228 -17.91 -38.45 -25.30
C ILE E 228 -16.81 -38.75 -24.29
N GLN E 229 -16.35 -37.71 -23.58
CA GLN E 229 -15.32 -37.86 -22.56
C GLN E 229 -15.90 -38.69 -21.42
N ALA E 230 -17.21 -38.57 -21.19
CA ALA E 230 -17.85 -39.33 -20.12
C ALA E 230 -17.83 -40.80 -20.51
N ILE E 231 -18.29 -41.09 -21.72
CA ILE E 231 -18.35 -42.45 -22.22
C ILE E 231 -16.97 -43.08 -22.25
N SER E 232 -15.97 -42.31 -22.64
CA SER E 232 -14.61 -42.83 -22.71
C SER E 232 -14.07 -43.37 -21.38
N GLN E 233 -14.84 -43.21 -20.30
CA GLN E 233 -14.41 -43.73 -19.00
C GLN E 233 -14.36 -45.24 -19.08
N ALA E 234 -15.15 -45.80 -19.99
CA ALA E 234 -15.20 -47.23 -20.21
C ALA E 234 -13.87 -47.65 -20.81
N PHE E 235 -13.17 -46.69 -21.40
CA PHE E 235 -11.87 -46.98 -22.00
C PHE E 235 -10.74 -46.23 -21.26
N GLY E 236 -10.89 -46.06 -19.96
CA GLY E 236 -9.87 -45.39 -19.18
C GLY E 236 -9.76 -43.90 -19.44
N GLY E 237 -10.85 -43.32 -19.93
CA GLY E 237 -10.87 -41.89 -20.19
C GLY E 237 -9.93 -41.42 -21.29
N ASN E 238 -9.44 -42.35 -22.11
CA ASN E 238 -8.56 -41.98 -23.20
C ASN E 238 -9.41 -41.59 -24.39
N TYR E 239 -10.23 -40.57 -24.21
CA TYR E 239 -11.09 -40.13 -25.27
C TYR E 239 -10.31 -39.64 -26.49
N GLU E 240 -9.01 -39.39 -26.32
CA GLU E 240 -8.21 -38.94 -27.46
C GLU E 240 -8.09 -40.09 -28.44
N THR E 241 -7.62 -41.23 -27.96
CA THR E 241 -7.49 -42.42 -28.81
C THR E 241 -8.85 -42.80 -29.41
N LEU E 242 -9.89 -42.78 -28.59
CA LEU E 242 -11.22 -43.13 -29.07
C LEU E 242 -11.68 -42.27 -30.22
N LEU E 243 -11.28 -41.00 -30.23
CA LEU E 243 -11.68 -40.12 -31.32
C LEU E 243 -10.67 -40.16 -32.47
N ARG E 244 -9.39 -40.38 -32.14
CA ARG E 244 -8.36 -40.44 -33.16
C ARG E 244 -8.69 -41.63 -34.05
N THR E 245 -8.60 -42.84 -33.52
CA THR E 245 -8.91 -44.01 -34.33
C THR E 245 -10.32 -43.93 -34.96
N LEU E 246 -11.28 -43.36 -34.25
CA LEU E 246 -12.61 -43.26 -34.83
C LEU E 246 -12.60 -42.21 -35.95
N GLY E 247 -11.47 -41.54 -36.11
CA GLY E 247 -11.33 -40.54 -37.16
C GLY E 247 -12.06 -39.24 -37.43
N TYR E 248 -11.86 -38.26 -36.55
CA TYR E 248 -12.51 -36.96 -36.69
C TYR E 248 -12.32 -36.03 -37.87
N ALA E 249 -13.27 -35.10 -38.06
CA ALA E 249 -13.19 -34.09 -39.12
C ALA E 249 -12.06 -33.15 -38.68
N THR E 250 -11.89 -32.00 -39.34
CA THR E 250 -10.85 -31.06 -38.92
C THR E 250 -11.39 -29.72 -38.46
N GLU E 251 -12.27 -29.17 -39.28
CA GLU E 251 -12.88 -27.89 -38.99
C GLU E 251 -13.67 -27.90 -37.68
N ASP E 252 -13.38 -26.91 -36.84
CA ASP E 252 -14.02 -26.70 -35.53
C ASP E 252 -13.97 -27.93 -34.61
N PHE E 253 -12.85 -28.65 -34.59
CA PHE E 253 -12.83 -29.83 -33.75
C PHE E 253 -12.68 -29.62 -32.24
N ASP E 254 -11.50 -29.23 -31.77
CA ASP E 254 -11.29 -29.01 -30.33
C ASP E 254 -12.41 -28.14 -29.74
N ASP E 255 -12.84 -27.14 -30.50
CA ASP E 255 -13.90 -26.25 -30.06
C ASP E 255 -15.18 -27.04 -29.88
N LEU E 256 -15.30 -28.14 -30.59
CA LEU E 256 -16.50 -28.99 -30.47
C LEU E 256 -16.38 -29.89 -29.25
N LEU E 257 -15.14 -30.26 -28.92
CA LEU E 257 -14.89 -31.12 -27.78
C LEU E 257 -15.19 -30.35 -26.49
N GLU E 258 -14.53 -29.21 -26.34
CA GLU E 258 -14.69 -28.37 -25.15
C GLU E 258 -16.08 -27.82 -24.95
N SER E 259 -16.81 -27.60 -26.03
CA SER E 259 -18.16 -27.07 -25.93
C SER E 259 -19.15 -28.18 -25.68
N ASP E 260 -18.65 -29.37 -25.39
CA ASP E 260 -19.48 -30.53 -25.13
C ASP E 260 -20.55 -30.68 -26.18
N SER E 261 -20.11 -31.01 -27.40
CA SER E 261 -21.01 -31.19 -28.52
C SER E 261 -20.84 -32.57 -29.10
N ILE E 262 -19.65 -33.12 -28.92
CA ILE E 262 -19.37 -34.46 -29.41
C ILE E 262 -19.94 -35.44 -28.40
N THR E 263 -21.22 -35.77 -28.56
CA THR E 263 -21.91 -36.70 -27.66
C THR E 263 -21.85 -38.15 -28.15
N GLY E 264 -22.31 -39.06 -27.29
CA GLY E 264 -22.33 -40.46 -27.64
C GLY E 264 -23.58 -41.13 -27.10
N GLN E 265 -23.93 -42.29 -27.64
CA GLN E 265 -25.13 -42.98 -27.18
C GLN E 265 -24.94 -44.51 -27.18
N ILE E 266 -25.36 -45.15 -26.10
CA ILE E 266 -25.24 -46.59 -25.98
C ILE E 266 -26.30 -47.18 -26.91
N ILE E 267 -25.84 -48.03 -27.83
CA ILE E 267 -26.73 -48.68 -28.79
C ILE E 267 -27.04 -50.10 -28.36
N TYR E 268 -26.00 -50.83 -27.99
CA TYR E 268 -26.17 -52.22 -27.59
C TYR E 268 -25.25 -52.63 -26.43
N VAL E 269 -25.70 -53.59 -25.62
CA VAL E 269 -24.94 -54.09 -24.47
C VAL E 269 -24.95 -55.61 -24.47
N ASP E 270 -23.77 -56.21 -24.63
CA ASP E 270 -23.64 -57.68 -24.65
C ASP E 270 -23.17 -58.18 -23.28
N LEU E 271 -24.08 -58.76 -22.52
CA LEU E 271 -23.79 -59.28 -21.18
C LEU E 271 -23.01 -60.60 -21.16
N SER E 272 -22.71 -61.12 -22.34
CA SER E 272 -21.95 -62.38 -22.47
C SER E 272 -20.48 -62.04 -22.64
N SER E 273 -20.18 -61.37 -23.75
CA SER E 273 -18.83 -60.98 -24.10
C SER E 273 -18.37 -59.72 -23.39
N TYR E 274 -19.32 -58.95 -22.86
CA TYR E 274 -19.03 -57.73 -22.13
C TYR E 274 -18.40 -56.62 -22.95
N TYR E 275 -19.18 -56.10 -23.89
CA TYR E 275 -18.73 -55.01 -24.75
C TYR E 275 -20.00 -54.23 -25.08
N ILE E 276 -19.83 -52.97 -25.47
CA ILE E 276 -20.97 -52.14 -25.82
C ILE E 276 -20.70 -51.44 -27.13
N ILE E 277 -21.77 -51.08 -27.83
CA ILE E 277 -21.63 -50.40 -29.10
C ILE E 277 -22.15 -48.98 -28.92
N VAL E 278 -21.25 -47.99 -29.02
CA VAL E 278 -21.66 -46.59 -28.87
C VAL E 278 -21.67 -45.88 -30.20
N ARG E 279 -22.64 -45.02 -30.38
CA ARG E 279 -22.76 -44.27 -31.60
C ARG E 279 -22.34 -42.84 -31.31
N VAL E 280 -21.18 -42.46 -31.80
CA VAL E 280 -20.66 -41.12 -31.62
C VAL E 280 -21.29 -40.12 -32.60
N TYR E 281 -21.84 -39.04 -32.07
CA TYR E 281 -22.44 -38.02 -32.93
C TYR E 281 -21.45 -36.86 -33.09
N PHE E 282 -20.96 -36.59 -34.31
CA PHE E 282 -20.06 -35.45 -34.54
C PHE E 282 -20.85 -34.35 -35.21
N PRO E 283 -21.29 -33.34 -34.48
CA PRO E 283 -22.05 -32.30 -35.15
C PRO E 283 -21.13 -31.28 -35.83
N ILE E 284 -21.72 -30.20 -36.33
CA ILE E 284 -20.97 -29.14 -36.99
C ILE E 284 -21.68 -27.83 -36.63
N LEU E 285 -20.92 -26.78 -36.39
CA LEU E 285 -21.52 -25.49 -36.00
C LEU E 285 -22.25 -24.70 -37.06
N THR E 286 -23.38 -24.13 -36.67
CA THR E 286 -24.17 -23.26 -37.54
C THR E 286 -24.16 -21.94 -36.81
N GLU E 287 -23.54 -20.91 -37.39
CA GLU E 287 -23.53 -19.64 -36.68
C GLU E 287 -24.75 -18.79 -36.92
N ILE E 288 -25.60 -18.73 -35.89
CA ILE E 288 -26.82 -17.97 -35.95
C ILE E 288 -26.63 -16.63 -36.65
N GLN E 289 -27.34 -16.46 -37.76
CA GLN E 289 -27.25 -15.25 -38.55
C GLN E 289 -27.79 -14.03 -37.84
N GLN E 290 -27.27 -12.86 -38.20
CA GLN E 290 -27.74 -11.61 -37.60
C GLN E 290 -27.66 -11.66 -36.10
N ALA E 291 -26.56 -12.15 -35.54
CA ALA E 291 -26.46 -12.25 -34.10
C ALA E 291 -25.04 -12.22 -33.58
N TYR E 292 -24.83 -11.44 -32.52
CA TYR E 292 -23.52 -11.33 -31.90
C TYR E 292 -23.66 -11.32 -30.40
N ILE E 293 -22.56 -11.62 -29.70
CA ILE E 293 -22.59 -11.59 -28.25
C ILE E 293 -21.57 -10.58 -27.77
N GLN E 294 -22.09 -9.43 -27.36
CA GLN E 294 -21.27 -8.35 -26.88
C GLN E 294 -20.89 -8.57 -25.43
N GLU E 295 -19.62 -8.37 -25.12
CA GLU E 295 -19.17 -8.53 -23.75
C GLU E 295 -18.90 -7.15 -23.18
N LEU E 296 -19.22 -6.96 -21.91
CA LEU E 296 -18.95 -5.69 -21.25
C LEU E 296 -17.86 -5.99 -20.19
N LEU E 297 -16.90 -5.07 -20.07
CA LEU E 297 -15.83 -5.23 -19.09
C LEU E 297 -16.19 -4.36 -17.89
N PRO E 298 -16.38 -4.98 -16.72
CA PRO E 298 -16.74 -4.21 -15.53
C PRO E 298 -15.59 -3.38 -15.00
N VAL E 299 -15.90 -2.17 -14.56
CA VAL E 299 -14.90 -1.27 -13.99
C VAL E 299 -15.51 -0.51 -12.85
N SER E 300 -14.90 -0.62 -11.68
CA SER E 300 -15.37 0.08 -10.48
C SER E 300 -15.50 1.56 -10.76
N PHE E 301 -16.66 2.13 -10.46
CA PHE E 301 -16.83 3.56 -10.68
C PHE E 301 -17.18 4.27 -9.39
N ASN E 302 -16.74 5.52 -9.27
CA ASN E 302 -17.00 6.29 -8.07
C ASN E 302 -18.19 7.21 -8.19
N ASN E 303 -19.01 7.20 -7.16
CA ASN E 303 -20.16 8.09 -7.17
C ASN E 303 -20.53 8.97 -6.02
N ASP E 304 -20.62 8.40 -4.83
CA ASP E 304 -20.99 9.19 -3.69
C ASP E 304 -19.59 9.43 -3.16
N ASP E 305 -19.09 8.44 -2.42
CA ASP E 305 -17.76 8.53 -1.86
C ASP E 305 -17.26 7.13 -1.68
N SER E 306 -18.00 6.23 -2.31
CA SER E 306 -17.70 4.83 -2.27
C SER E 306 -17.54 4.35 -3.71
N GLU E 307 -16.90 3.20 -3.89
CA GLU E 307 -16.71 2.62 -5.20
C GLU E 307 -17.99 1.86 -5.49
N TRP E 308 -18.31 1.68 -6.77
CA TRP E 308 -19.52 0.95 -7.14
C TRP E 308 -19.31 0.07 -8.38
N ILE E 309 -20.20 -0.88 -8.56
CA ILE E 309 -20.13 -1.73 -9.73
C ILE E 309 -21.53 -1.89 -10.24
N SER E 310 -21.72 -1.65 -11.53
CA SER E 310 -23.04 -1.78 -12.12
C SER E 310 -23.39 -3.25 -12.19
N ILE E 311 -24.60 -3.58 -11.81
CA ILE E 311 -25.06 -4.96 -11.86
C ILE E 311 -25.88 -5.15 -13.13
N VAL E 312 -25.16 -5.41 -14.22
CA VAL E 312 -25.75 -5.59 -15.53
C VAL E 312 -25.08 -6.77 -16.22
N PRO E 313 -25.81 -7.47 -17.08
CA PRO E 313 -25.19 -8.61 -17.78
C PRO E 313 -23.83 -8.31 -18.37
N ASN E 314 -22.88 -9.21 -18.16
CA ASN E 314 -21.55 -9.02 -18.70
C ASN E 314 -21.46 -9.50 -20.14
N PHE E 315 -22.46 -10.26 -20.55
CA PHE E 315 -22.53 -10.77 -21.92
C PHE E 315 -23.94 -10.54 -22.39
N ILE E 316 -24.08 -10.02 -23.60
CA ILE E 316 -25.40 -9.76 -24.12
C ILE E 316 -25.54 -10.35 -25.50
N LEU E 317 -26.68 -11.00 -25.72
CA LEU E 317 -26.98 -11.62 -27.00
C LEU E 317 -27.91 -10.72 -27.79
N VAL E 318 -27.46 -10.34 -28.98
CA VAL E 318 -28.27 -9.50 -29.84
C VAL E 318 -28.50 -10.20 -31.17
N ARG E 319 -29.77 -10.38 -31.50
CA ARG E 319 -30.18 -11.00 -32.75
C ARG E 319 -31.12 -10.02 -33.45
N ASN E 320 -30.60 -9.40 -34.51
CA ASN E 320 -31.34 -8.42 -35.28
C ASN E 320 -31.40 -7.16 -34.43
N THR E 321 -32.48 -7.06 -33.65
CA THR E 321 -32.66 -5.92 -32.79
C THR E 321 -33.18 -6.38 -31.44
N LEU E 322 -33.14 -7.69 -31.22
CA LEU E 322 -33.60 -8.23 -29.97
C LEU E 322 -32.46 -8.48 -28.99
N ILE E 323 -32.53 -7.78 -27.87
CA ILE E 323 -31.53 -7.92 -26.83
C ILE E 323 -32.05 -8.91 -25.82
N SER E 324 -31.27 -9.95 -25.55
CA SER E 324 -31.66 -10.98 -24.61
C SER E 324 -30.47 -11.49 -23.85
N ASN E 325 -30.74 -12.05 -22.65
CA ASN E 325 -29.69 -12.61 -21.81
C ASN E 325 -29.26 -13.93 -22.42
N ILE E 326 -28.16 -14.48 -21.94
CA ILE E 326 -27.68 -15.76 -22.45
C ILE E 326 -26.90 -16.46 -21.34
N GLU E 327 -27.18 -17.74 -21.13
CA GLU E 327 -26.48 -18.50 -20.10
C GLU E 327 -25.15 -18.97 -20.64
N ILE E 328 -24.34 -17.99 -21.03
CA ILE E 328 -23.03 -18.21 -21.60
C ILE E 328 -22.16 -19.11 -20.72
N GLY E 329 -22.68 -19.46 -19.55
CA GLY E 329 -21.92 -20.34 -18.67
C GLY E 329 -21.71 -21.67 -19.35
N PHE E 330 -22.78 -22.23 -19.90
CA PHE E 330 -22.74 -23.52 -20.55
C PHE E 330 -22.13 -23.52 -21.95
N CYS E 331 -21.42 -22.47 -22.31
CA CYS E 331 -20.82 -22.42 -23.63
C CYS E 331 -19.31 -22.31 -23.54
N LEU E 332 -18.66 -22.37 -24.70
CA LEU E 332 -17.23 -22.24 -24.78
C LEU E 332 -16.95 -20.87 -25.35
N ILE E 333 -16.17 -20.06 -24.65
CA ILE E 333 -15.87 -18.73 -25.15
C ILE E 333 -14.46 -18.67 -25.68
N THR E 334 -14.34 -18.39 -26.97
CA THR E 334 -13.04 -18.27 -27.61
C THR E 334 -12.84 -16.79 -27.90
N LYS E 335 -11.70 -16.41 -28.45
CA LYS E 335 -11.48 -14.99 -28.72
C LYS E 335 -12.40 -14.49 -29.83
N ARG E 336 -12.69 -15.39 -30.76
CA ARG E 336 -13.53 -15.14 -31.94
C ARG E 336 -15.03 -15.32 -31.73
N SER E 337 -15.41 -16.36 -31.00
CA SER E 337 -16.84 -16.65 -30.85
C SER E 337 -17.25 -17.52 -29.65
N VAL E 338 -18.57 -17.54 -29.39
CA VAL E 338 -19.15 -18.31 -28.31
C VAL E 338 -19.80 -19.55 -28.90
N ILE E 339 -19.22 -20.71 -28.60
CA ILE E 339 -19.72 -21.97 -29.13
C ILE E 339 -20.54 -22.74 -28.10
N CYS E 340 -21.81 -22.98 -28.40
CA CYS E 340 -22.67 -23.71 -27.48
C CYS E 340 -23.25 -24.97 -28.07
N ASN E 341 -23.49 -25.95 -27.22
CA ASN E 341 -24.06 -27.22 -27.66
C ASN E 341 -25.57 -27.11 -27.91
N GLN E 342 -26.11 -25.91 -27.78
CA GLN E 342 -27.54 -25.66 -28.03
C GLN E 342 -27.85 -24.20 -27.72
N ASP E 343 -28.95 -23.68 -28.28
CA ASP E 343 -29.30 -22.29 -28.03
C ASP E 343 -29.47 -22.13 -26.52
N TYR E 344 -28.83 -21.11 -25.96
CA TYR E 344 -28.93 -20.88 -24.52
C TYR E 344 -29.46 -19.51 -24.21
N ALA E 345 -30.17 -18.91 -25.14
CA ALA E 345 -30.71 -17.58 -24.92
C ALA E 345 -31.83 -17.64 -23.90
N THR E 346 -31.97 -16.57 -23.14
CA THR E 346 -33.03 -16.48 -22.14
C THR E 346 -33.55 -15.05 -22.16
N PRO E 347 -34.78 -14.86 -21.68
CA PRO E 347 -35.43 -13.54 -21.64
C PRO E 347 -34.70 -12.52 -20.78
N MET E 348 -35.08 -11.26 -20.95
CA MET E 348 -34.47 -10.19 -20.18
C MET E 348 -35.54 -9.20 -19.73
N THR E 349 -35.37 -8.66 -18.53
CA THR E 349 -36.32 -7.70 -17.96
C THR E 349 -36.46 -6.61 -18.99
N ASN E 350 -37.54 -5.83 -18.89
CA ASN E 350 -37.67 -4.77 -19.86
C ASN E 350 -36.75 -3.62 -19.45
N ASN E 351 -36.75 -3.29 -18.16
CA ASN E 351 -35.89 -2.22 -17.66
C ASN E 351 -34.45 -2.48 -17.97
N MET E 352 -34.03 -3.72 -17.78
CA MET E 352 -32.64 -4.07 -18.05
C MET E 352 -32.28 -3.83 -19.50
N ARG E 353 -33.23 -4.01 -20.39
CA ARG E 353 -32.97 -3.79 -21.80
C ARG E 353 -32.83 -2.29 -22.06
N GLU E 354 -33.67 -1.49 -21.38
CA GLU E 354 -33.61 -0.04 -21.55
C GLU E 354 -32.30 0.48 -21.02
N CYS E 355 -31.91 0.02 -19.84
CA CYS E 355 -30.65 0.45 -19.26
C CYS E 355 -29.51 0.24 -20.26
N LEU E 356 -29.45 -0.95 -20.84
CA LEU E 356 -28.41 -1.27 -21.82
C LEU E 356 -28.42 -0.39 -23.05
N THR E 357 -29.49 0.38 -23.26
CA THR E 357 -29.58 1.23 -24.44
C THR E 357 -29.48 2.72 -24.19
N GLY E 358 -29.66 3.14 -22.94
CA GLY E 358 -29.56 4.56 -22.63
C GLY E 358 -30.15 5.02 -21.32
N SER E 359 -31.07 4.23 -20.77
CA SER E 359 -31.73 4.55 -19.51
C SER E 359 -30.82 4.12 -18.36
N THR E 360 -29.69 4.83 -18.17
CA THR E 360 -28.75 4.48 -17.11
C THR E 360 -29.28 4.58 -15.70
N GLU E 361 -30.36 5.32 -15.49
CA GLU E 361 -30.91 5.42 -14.14
C GLU E 361 -31.65 4.14 -13.79
N LYS E 362 -31.78 3.26 -14.78
CA LYS E 362 -32.45 1.98 -14.58
C LYS E 362 -31.43 0.87 -14.44
N CYS E 363 -30.15 1.22 -14.32
CA CYS E 363 -29.09 0.21 -14.16
C CYS E 363 -28.68 0.13 -12.70
N PRO E 364 -28.96 -1.01 -12.05
CA PRO E 364 -28.58 -1.14 -10.64
C PRO E 364 -27.08 -1.04 -10.48
N ARG E 365 -26.66 -0.87 -9.23
CA ARG E 365 -25.25 -0.78 -8.89
C ARG E 365 -25.14 -1.26 -7.45
N GLU E 366 -24.07 -1.98 -7.14
CA GLU E 366 -23.87 -2.50 -5.80
C GLU E 366 -22.61 -1.92 -5.21
N LEU E 367 -22.63 -1.69 -3.91
CA LEU E 367 -21.49 -1.13 -3.23
C LEU E 367 -20.27 -2.04 -3.31
N VAL E 368 -19.09 -1.46 -3.50
CA VAL E 368 -17.84 -2.24 -3.57
C VAL E 368 -17.14 -2.12 -2.25
N VAL E 369 -16.80 -3.25 -1.64
CA VAL E 369 -16.13 -3.21 -0.36
C VAL E 369 -14.95 -4.15 -0.33
N SER E 370 -14.40 -4.46 -1.49
CA SER E 370 -13.28 -5.36 -1.53
C SER E 370 -12.06 -4.70 -2.15
N SER E 371 -10.90 -5.03 -1.62
CA SER E 371 -9.64 -4.47 -2.13
C SER E 371 -9.52 -4.73 -3.63
N HIS E 372 -9.77 -5.97 -4.03
CA HIS E 372 -9.61 -6.36 -5.41
C HIS E 372 -10.88 -6.30 -6.22
N VAL E 373 -10.87 -5.47 -7.26
CA VAL E 373 -11.99 -5.32 -8.16
C VAL E 373 -11.48 -4.40 -9.27
N PRO E 374 -11.74 -4.74 -10.53
CA PRO E 374 -11.31 -3.97 -11.69
C PRO E 374 -11.43 -2.46 -11.53
N ARG E 375 -10.33 -1.75 -11.76
CA ARG E 375 -10.32 -0.29 -11.61
C ARG E 375 -10.28 0.45 -12.93
N PHE E 376 -9.87 -0.24 -13.99
CA PHE E 376 -9.81 0.37 -15.31
C PHE E 376 -9.83 -0.68 -16.43
N ALA E 377 -10.18 -0.25 -17.63
CA ALA E 377 -10.22 -1.15 -18.77
C ALA E 377 -9.81 -0.42 -20.05
N LEU E 378 -9.25 -1.15 -21.00
CA LEU E 378 -8.82 -0.56 -22.25
C LEU E 378 -9.79 -0.96 -23.35
N SER E 379 -10.52 0.01 -23.88
CA SER E 379 -11.49 -0.25 -24.94
C SER E 379 -11.15 0.53 -26.20
N ASN E 380 -10.59 -0.18 -27.18
CA ASN E 380 -10.22 0.44 -28.43
C ASN E 380 -9.20 1.56 -28.16
N GLY E 381 -7.99 1.19 -27.77
CA GLY E 381 -6.95 2.16 -27.51
C GLY E 381 -7.21 3.21 -26.43
N VAL E 382 -8.46 3.39 -26.03
CA VAL E 382 -8.80 4.36 -25.00
C VAL E 382 -8.91 3.73 -23.60
N LEU E 383 -8.59 4.52 -22.57
CA LEU E 383 -8.64 4.05 -21.19
C LEU E 383 -9.88 4.55 -20.48
N PHE E 384 -10.38 3.74 -19.56
CA PHE E 384 -11.54 4.11 -18.75
C PHE E 384 -11.15 3.70 -17.36
N ALA E 385 -10.90 4.69 -16.50
CA ALA E 385 -10.45 4.40 -15.14
C ALA E 385 -11.07 5.20 -14.02
N ASN E 386 -11.06 4.57 -12.86
CA ASN E 386 -11.58 5.16 -11.66
C ASN E 386 -10.39 5.77 -10.98
N CYS E 387 -9.97 6.91 -11.49
CA CYS E 387 -8.82 7.60 -10.93
C CYS E 387 -9.02 8.15 -9.53
N ILE E 388 -10.16 7.82 -8.93
CA ILE E 388 -10.43 8.25 -7.57
C ILE E 388 -9.92 7.12 -6.70
N SER E 389 -9.83 5.93 -7.29
CA SER E 389 -9.36 4.72 -6.60
C SER E 389 -8.12 4.11 -7.19
N VAL E 390 -7.41 4.83 -8.05
CA VAL E 390 -6.15 4.35 -8.63
C VAL E 390 -5.35 5.56 -9.05
N THR E 391 -4.04 5.54 -8.79
CA THR E 391 -3.20 6.68 -9.16
C THR E 391 -2.93 6.73 -10.65
N CYS E 392 -3.54 7.73 -11.29
CA CYS E 392 -3.45 7.96 -12.73
C CYS E 392 -2.55 9.12 -13.08
N GLN E 393 -1.38 8.85 -13.62
CA GLN E 393 -0.47 9.94 -13.99
C GLN E 393 -0.03 9.89 -15.45
N CYS E 394 0.39 11.04 -15.96
CA CYS E 394 0.82 11.09 -17.35
C CYS E 394 2.32 11.16 -17.54
N GLN E 395 2.89 10.03 -17.92
CA GLN E 395 4.33 9.89 -18.14
C GLN E 395 4.93 11.02 -18.96
N THR E 396 4.09 11.70 -19.73
CA THR E 396 4.53 12.80 -20.57
C THR E 396 4.77 14.04 -19.72
N THR E 397 3.64 14.67 -19.35
CA THR E 397 3.61 15.89 -18.53
C THR E 397 4.20 15.65 -17.14
N GLY E 398 4.11 14.41 -16.67
CA GLY E 398 4.60 14.05 -15.35
C GLY E 398 3.50 14.29 -14.33
N ARG E 399 2.50 15.04 -14.74
CA ARG E 399 1.36 15.41 -13.90
C ARG E 399 0.39 14.29 -13.65
N ALA E 400 -0.36 14.42 -12.57
CA ALA E 400 -1.34 13.44 -12.21
C ALA E 400 -2.66 13.75 -12.89
N ILE E 401 -3.38 12.70 -13.27
CA ILE E 401 -4.70 12.81 -13.92
C ILE E 401 -5.73 12.84 -12.77
N SER E 402 -6.32 14.00 -12.51
CA SER E 402 -7.29 14.13 -11.41
C SER E 402 -8.72 13.78 -11.75
N GLN E 403 -9.49 13.38 -10.73
CA GLN E 403 -10.89 13.03 -10.91
C GLN E 403 -11.76 13.60 -9.79
N SER E 404 -12.61 14.57 -10.09
CA SER E 404 -13.49 15.16 -9.08
C SER E 404 -14.41 14.08 -8.55
N GLY E 405 -15.23 14.43 -7.56
CA GLY E 405 -16.14 13.46 -6.97
C GLY E 405 -17.53 13.50 -7.59
N GLU E 406 -17.61 14.14 -8.75
CA GLU E 406 -18.86 14.26 -9.49
C GLU E 406 -18.70 13.51 -10.79
N GLN E 407 -17.55 12.86 -10.91
CA GLN E 407 -17.24 12.05 -12.09
C GLN E 407 -17.20 10.61 -11.66
N THR E 408 -17.78 9.75 -12.47
CA THR E 408 -17.80 8.34 -12.16
C THR E 408 -16.51 7.67 -12.62
N LEU E 409 -16.12 7.90 -13.86
CA LEU E 409 -14.90 7.34 -14.41
C LEU E 409 -14.15 8.45 -15.09
N LEU E 410 -13.08 8.08 -15.79
CA LEU E 410 -12.32 9.05 -16.55
C LEU E 410 -12.06 8.41 -17.88
N MET E 411 -11.86 9.25 -18.90
CA MET E 411 -11.60 8.74 -20.23
C MET E 411 -10.27 9.30 -20.67
N ILE E 412 -9.23 8.56 -20.35
CA ILE E 412 -7.89 9.00 -20.67
C ILE E 412 -7.47 8.59 -22.08
N ASP E 413 -7.37 9.56 -22.99
CA ASP E 413 -6.95 9.26 -24.37
C ASP E 413 -5.91 10.25 -24.88
N ASN E 414 -5.65 10.19 -26.17
CA ASN E 414 -4.70 11.08 -26.78
C ASN E 414 -4.83 12.49 -26.33
N THR E 415 -5.94 13.10 -26.70
CA THR E 415 -6.20 14.48 -26.33
C THR E 415 -5.68 14.85 -24.93
N THR E 416 -5.98 14.02 -23.93
CA THR E 416 -5.55 14.25 -22.54
C THR E 416 -4.11 13.86 -22.26
N CYS E 417 -3.79 12.61 -22.55
CA CYS E 417 -2.47 12.09 -22.29
C CYS E 417 -2.00 11.08 -23.34
N PRO E 418 -0.81 11.31 -23.92
CA PRO E 418 -0.29 10.38 -24.93
C PRO E 418 0.05 9.07 -24.24
N THR E 419 0.72 9.14 -23.11
CA THR E 419 1.07 7.91 -22.43
C THR E 419 0.71 7.98 -20.95
N ALA E 420 -0.35 7.25 -20.57
CA ALA E 420 -0.83 7.20 -19.20
C ALA E 420 -0.08 6.15 -18.37
N VAL E 421 -0.10 6.34 -17.06
CA VAL E 421 0.55 5.45 -16.12
C VAL E 421 -0.37 5.11 -14.95
N LEU E 422 -1.03 3.96 -15.05
CA LEU E 422 -1.92 3.51 -14.00
C LEU E 422 -1.20 2.49 -13.16
N GLY E 423 -0.90 2.88 -11.93
CA GLY E 423 -0.21 1.99 -11.03
C GLY E 423 1.13 1.50 -11.54
N ASN E 424 1.16 0.24 -11.97
CA ASN E 424 2.38 -0.43 -12.45
C ASN E 424 2.53 -0.41 -13.99
N VAL E 425 1.44 -0.14 -14.67
CA VAL E 425 1.47 -0.15 -16.10
C VAL E 425 1.70 1.22 -16.69
N ILE E 426 2.20 1.22 -17.93
CA ILE E 426 2.41 2.43 -18.69
C ILE E 426 1.90 2.11 -20.08
N ILE E 427 0.75 2.61 -20.49
CA ILE E 427 0.28 2.29 -21.83
C ILE E 427 0.11 3.55 -22.64
N SER E 428 0.34 3.43 -23.95
CA SER E 428 0.19 4.57 -24.85
C SER E 428 -1.22 4.53 -25.40
N LEU E 429 -1.96 5.62 -25.23
CA LEU E 429 -3.36 5.66 -25.67
C LEU E 429 -3.58 6.09 -27.11
N GLY E 430 -4.84 6.02 -27.51
CA GLY E 430 -5.25 6.40 -28.85
C GLY E 430 -6.29 7.50 -28.75
N LYS E 431 -7.01 7.78 -29.83
CA LYS E 431 -8.02 8.83 -29.83
C LYS E 431 -9.44 8.31 -29.62
N TYR E 432 -10.13 8.83 -28.61
CA TYR E 432 -11.50 8.42 -28.33
C TYR E 432 -12.34 8.91 -29.49
N LEU E 433 -13.33 8.13 -29.89
CA LEU E 433 -14.17 8.51 -31.03
C LEU E 433 -15.57 8.99 -30.67
N GLY E 434 -15.82 9.28 -29.40
CA GLY E 434 -17.15 9.73 -29.02
C GLY E 434 -17.18 11.19 -28.62
N SER E 435 -18.20 11.58 -27.85
CA SER E 435 -18.34 12.96 -27.40
C SER E 435 -17.00 13.46 -26.87
N VAL E 436 -16.52 14.58 -27.39
CA VAL E 436 -15.22 15.09 -26.94
C VAL E 436 -15.25 15.67 -25.54
N ASN E 437 -16.43 15.65 -24.90
CA ASN E 437 -16.57 16.18 -23.56
C ASN E 437 -17.09 15.11 -22.61
N TYR E 438 -16.73 13.86 -22.91
CA TYR E 438 -17.12 12.71 -22.12
C TYR E 438 -16.87 12.97 -20.62
N ASN E 439 -15.72 13.54 -20.31
CA ASN E 439 -15.35 13.80 -18.93
C ASN E 439 -15.97 15.00 -18.26
N SER E 440 -16.79 15.74 -18.98
CA SER E 440 -17.45 16.91 -18.43
C SER E 440 -18.92 16.79 -18.75
N GLU E 441 -19.30 15.61 -19.23
CA GLU E 441 -20.67 15.30 -19.61
C GLU E 441 -21.55 14.95 -18.41
N GLY E 442 -21.24 13.85 -17.73
CA GLY E 442 -22.05 13.48 -16.59
C GLY E 442 -23.06 12.42 -16.96
N ILE E 443 -23.69 11.80 -15.96
CA ILE E 443 -24.66 10.74 -16.22
C ILE E 443 -25.53 10.44 -15.00
N ALA E 444 -26.79 10.11 -15.25
CA ALA E 444 -27.73 9.80 -14.18
C ALA E 444 -27.49 8.40 -13.62
N ILE E 445 -27.11 8.33 -12.34
CA ILE E 445 -26.84 7.06 -11.70
C ILE E 445 -28.09 6.29 -11.34
N GLY E 446 -27.98 4.96 -11.35
CA GLY E 446 -29.09 4.10 -11.01
C GLY E 446 -29.21 3.85 -9.52
N PRO E 447 -30.23 3.08 -9.10
CA PRO E 447 -30.47 2.76 -7.70
C PRO E 447 -29.52 1.68 -7.21
N PRO E 448 -29.13 1.74 -5.93
CA PRO E 448 -28.24 0.73 -5.38
C PRO E 448 -29.01 -0.51 -4.95
N VAL E 449 -28.32 -1.65 -4.97
CA VAL E 449 -28.92 -2.91 -4.56
C VAL E 449 -27.88 -3.84 -3.98
N PHE E 450 -28.36 -4.91 -3.36
CA PHE E 450 -27.49 -5.92 -2.77
C PHE E 450 -27.85 -7.28 -3.33
N THR E 451 -26.86 -8.00 -3.84
CA THR E 451 -27.11 -9.28 -4.46
C THR E 451 -26.79 -10.52 -3.65
N ASP E 452 -26.29 -10.34 -2.44
CA ASP E 452 -25.98 -11.49 -1.60
C ASP E 452 -27.26 -12.32 -1.48
N LYS E 453 -27.19 -13.64 -1.66
CA LYS E 453 -28.41 -14.42 -1.56
C LYS E 453 -29.11 -14.26 -0.22
N VAL E 454 -28.36 -14.01 0.85
CA VAL E 454 -28.99 -13.84 2.16
C VAL E 454 -29.78 -12.55 2.19
N ASP E 455 -29.20 -11.51 1.59
CA ASP E 455 -29.83 -10.21 1.55
C ASP E 455 -31.04 -10.15 0.60
N ILE E 456 -31.04 -10.99 -0.43
CA ILE E 456 -32.16 -10.97 -1.35
C ILE E 456 -33.40 -11.46 -0.61
N SER E 457 -33.20 -12.31 0.40
CA SER E 457 -34.32 -12.80 1.19
C SER E 457 -34.74 -11.69 2.15
N SER E 458 -33.74 -11.00 2.70
CA SER E 458 -33.99 -9.90 3.63
C SER E 458 -34.74 -8.78 2.92
N GLN E 459 -34.30 -8.43 1.73
CA GLN E 459 -34.94 -7.36 0.98
C GLN E 459 -36.34 -7.77 0.53
N ILE E 460 -36.53 -9.03 0.17
CA ILE E 460 -37.87 -9.44 -0.25
C ILE E 460 -38.80 -9.36 0.94
N SER E 461 -38.31 -9.78 2.10
CA SER E 461 -39.09 -9.73 3.33
C SER E 461 -39.30 -8.29 3.74
N SER E 462 -38.23 -7.51 3.72
CA SER E 462 -38.30 -6.12 4.08
C SER E 462 -39.33 -5.38 3.23
N MET E 463 -39.27 -5.60 1.92
CA MET E 463 -40.18 -4.94 1.01
C MET E 463 -41.63 -5.29 1.23
N ASN E 464 -41.89 -6.56 1.49
CA ASN E 464 -43.26 -6.98 1.71
C ASN E 464 -43.80 -6.38 3.01
N GLN E 465 -42.91 -6.11 3.95
CA GLN E 465 -43.31 -5.49 5.22
C GLN E 465 -43.92 -4.16 4.88
N SER E 466 -43.09 -3.30 4.29
CA SER E 466 -43.49 -1.97 3.89
C SER E 466 -44.76 -2.03 3.03
N LEU E 467 -44.83 -2.99 2.10
CA LEU E 467 -46.00 -3.12 1.25
C LEU E 467 -47.29 -3.46 2.01
N GLN E 468 -47.20 -4.29 3.04
CA GLN E 468 -48.38 -4.64 3.83
C GLN E 468 -48.85 -3.44 4.61
N GLN E 469 -47.90 -2.67 5.13
CA GLN E 469 -48.20 -1.48 5.89
C GLN E 469 -48.85 -0.38 5.04
N SER E 470 -48.37 -0.18 3.82
CA SER E 470 -48.92 0.83 2.94
C SER E 470 -50.27 0.40 2.36
N LYS E 471 -50.55 -0.90 2.41
CA LYS E 471 -51.82 -1.37 1.92
C LYS E 471 -52.88 -1.11 2.99
N ASP E 472 -52.43 -1.05 4.25
CA ASP E 472 -53.28 -0.74 5.41
C ASP E 472 -53.64 0.72 5.51
N TYR E 473 -52.69 1.58 5.12
CA TYR E 473 -52.90 3.02 5.12
C TYR E 473 -53.83 3.37 3.96
N ILE E 474 -53.74 2.60 2.88
CA ILE E 474 -54.59 2.80 1.71
C ILE E 474 -55.97 2.20 2.04
N LYS E 475 -55.98 1.14 2.84
CA LYS E 475 -57.22 0.48 3.25
C LYS E 475 -57.99 1.22 4.36
N GLU E 476 -57.25 1.82 5.30
CA GLU E 476 -57.85 2.58 6.42
C GLU E 476 -58.28 3.98 5.96
N ALA E 477 -57.51 4.56 5.03
CA ALA E 477 -57.83 5.88 4.49
C ALA E 477 -58.97 5.78 3.47
N GLN E 478 -59.02 4.68 2.71
CA GLN E 478 -60.08 4.45 1.72
C GLN E 478 -61.43 4.23 2.40
N ARG E 479 -61.42 3.52 3.54
CA ARG E 479 -62.64 3.25 4.34
C ARG E 479 -63.11 4.48 5.11
N LEU E 480 -62.14 5.28 5.60
CA LEU E 480 -62.46 6.52 6.34
C LEU E 480 -62.86 7.67 5.40
N LEU E 481 -62.31 7.69 4.18
CA LEU E 481 -62.65 8.72 3.18
C LEU E 481 -63.96 8.50 2.42
N ASP E 482 -64.12 7.34 1.78
CA ASP E 482 -65.34 7.04 1.04
C ASP E 482 -65.84 5.61 1.17
N ILE F 27 -18.78 -7.49 17.34
CA ILE F 27 -19.65 -6.37 17.78
C ILE F 27 -21.10 -6.77 17.49
N LEU F 28 -21.32 -8.08 17.44
CA LEU F 28 -22.63 -8.66 17.18
C LEU F 28 -23.26 -8.90 18.54
N HIS F 29 -24.58 -8.99 18.57
CA HIS F 29 -25.31 -9.24 19.82
C HIS F 29 -25.56 -10.74 19.98
N TYR F 30 -24.50 -11.47 20.25
CA TYR F 30 -24.55 -12.91 20.39
C TYR F 30 -25.68 -13.48 21.24
N GLU F 31 -26.06 -12.81 22.33
CA GLU F 31 -27.13 -13.36 23.16
C GLU F 31 -28.44 -13.43 22.40
N LYS F 32 -28.90 -12.30 21.87
CA LYS F 32 -30.14 -12.31 21.12
C LYS F 32 -30.03 -13.27 19.94
N LEU F 33 -28.88 -13.24 19.26
CA LEU F 33 -28.70 -14.10 18.10
C LEU F 33 -28.88 -15.56 18.45
N SER F 34 -28.30 -15.98 19.58
CA SER F 34 -28.42 -17.37 19.98
C SER F 34 -29.89 -17.76 20.23
N LYS F 35 -30.67 -16.81 20.74
CA LYS F 35 -32.08 -17.09 21.01
C LYS F 35 -32.90 -17.42 19.77
N ILE F 36 -32.34 -17.11 18.60
CA ILE F 36 -33.03 -17.45 17.36
C ILE F 36 -32.22 -18.46 16.54
N GLY F 37 -31.55 -19.36 17.25
CA GLY F 37 -30.79 -20.41 16.59
C GLY F 37 -29.43 -20.12 15.99
N LEU F 38 -28.86 -18.95 16.29
CA LEU F 38 -27.55 -18.63 15.75
C LEU F 38 -26.53 -18.61 16.88
N VAL F 39 -26.13 -19.79 17.32
CA VAL F 39 -25.15 -19.96 18.39
C VAL F 39 -23.76 -19.47 17.98
N LYS F 40 -23.08 -18.77 18.88
CA LYS F 40 -21.75 -18.27 18.56
C LYS F 40 -20.72 -19.40 18.39
N GLY F 41 -20.05 -19.44 17.24
CA GLY F 41 -19.05 -20.45 16.99
C GLY F 41 -17.63 -19.92 17.10
N VAL F 42 -16.71 -20.56 16.37
CA VAL F 42 -15.31 -20.15 16.39
C VAL F 42 -14.98 -18.87 15.62
N THR F 43 -14.07 -18.07 16.17
CA THR F 43 -13.68 -16.84 15.51
C THR F 43 -12.33 -17.04 14.85
N ARG F 44 -12.26 -16.83 13.53
CA ARG F 44 -11.00 -17.02 12.80
C ARG F 44 -10.38 -15.75 12.23
N LYS F 45 -9.07 -15.79 11.96
CA LYS F 45 -8.37 -14.64 11.39
C LYS F 45 -8.64 -14.58 9.89
N TYR F 46 -8.34 -13.45 9.27
CA TYR F 46 -8.58 -13.31 7.84
C TYR F 46 -7.26 -13.07 7.13
N LYS F 47 -6.73 -14.12 6.51
CA LYS F 47 -5.46 -14.02 5.79
C LYS F 47 -5.65 -14.03 4.26
N ILE F 48 -4.83 -13.27 3.54
CA ILE F 48 -4.91 -13.18 2.09
C ILE F 48 -3.51 -13.32 1.52
N LYS F 49 -3.39 -13.82 0.28
CA LYS F 49 -2.07 -13.99 -0.31
C LYS F 49 -1.52 -12.65 -0.72
N SER F 50 -0.19 -12.57 -0.90
CA SER F 50 0.48 -11.33 -1.32
C SER F 50 2.00 -11.45 -1.50
N ASN F 51 2.57 -10.41 -2.10
CA ASN F 51 4.01 -10.34 -2.34
C ASN F 51 4.59 -11.64 -2.87
N PRO F 52 4.15 -12.08 -4.06
CA PRO F 52 4.67 -13.33 -4.60
C PRO F 52 6.16 -13.26 -4.93
N LEU F 53 6.80 -14.41 -5.01
CA LEU F 53 8.22 -14.50 -5.36
C LEU F 53 8.31 -15.52 -6.47
N THR F 54 8.64 -15.07 -7.66
CA THR F 54 8.73 -15.98 -8.80
C THR F 54 9.92 -16.94 -8.78
N LYS F 55 9.82 -17.95 -9.63
CA LYS F 55 10.84 -18.99 -9.82
C LYS F 55 10.39 -19.62 -11.13
N ASP F 56 11.31 -19.92 -12.03
CA ASP F 56 10.90 -20.49 -13.31
C ASP F 56 11.34 -21.91 -13.55
N ILE F 57 10.49 -22.70 -14.20
CA ILE F 57 10.87 -24.06 -14.57
C ILE F 57 10.31 -24.38 -15.93
N VAL F 58 10.91 -25.41 -16.54
CA VAL F 58 10.52 -25.87 -17.87
C VAL F 58 9.81 -27.21 -17.81
N ILE F 59 8.77 -27.35 -18.62
CA ILE F 59 8.01 -28.58 -18.68
C ILE F 59 8.03 -29.04 -20.13
N LYS F 60 8.74 -30.13 -20.40
CA LYS F 60 8.83 -30.68 -21.75
C LYS F 60 7.69 -31.66 -21.91
N MET F 61 6.78 -31.36 -22.85
CA MET F 61 5.63 -32.22 -23.08
C MET F 61 5.80 -33.23 -24.20
N ILE F 62 6.99 -33.82 -24.28
CA ILE F 62 7.32 -34.83 -25.28
C ILE F 62 8.42 -35.69 -24.68
N PRO F 63 8.11 -36.95 -24.35
CA PRO F 63 9.10 -37.84 -23.76
C PRO F 63 10.29 -38.09 -24.68
N ASN F 64 11.46 -38.37 -24.11
CA ASN F 64 12.63 -38.65 -24.93
C ASN F 64 12.67 -40.13 -25.20
N VAL F 65 12.47 -40.50 -26.46
CA VAL F 65 12.45 -41.90 -26.86
C VAL F 65 13.68 -42.38 -27.62
N SER F 66 14.80 -41.67 -27.49
CA SER F 66 16.02 -42.06 -28.19
C SER F 66 16.48 -43.48 -27.81
N ASP F 67 16.10 -43.92 -26.60
CA ASP F 67 16.45 -45.25 -26.11
C ASP F 67 15.74 -46.38 -26.83
N MET F 68 14.68 -46.05 -27.55
CA MET F 68 13.91 -47.05 -28.29
C MET F 68 13.48 -46.52 -29.65
N SER F 69 14.39 -45.76 -30.27
CA SER F 69 14.17 -45.14 -31.56
C SER F 69 13.70 -46.10 -32.64
N GLN F 70 13.85 -47.40 -32.42
CA GLN F 70 13.44 -48.39 -33.40
C GLN F 70 11.95 -48.74 -33.31
N CYS F 71 11.44 -48.92 -32.09
CA CYS F 71 10.03 -49.28 -31.89
C CYS F 71 9.14 -48.05 -31.79
N THR F 72 9.46 -47.03 -32.58
CA THR F 72 8.71 -45.79 -32.60
C THR F 72 7.56 -45.84 -33.59
N GLY F 73 7.88 -45.69 -34.86
CA GLY F 73 6.83 -45.68 -35.85
C GLY F 73 6.29 -44.28 -35.98
N SER F 74 5.18 -44.15 -36.68
CA SER F 74 4.57 -42.84 -36.89
C SER F 74 4.14 -42.18 -35.58
N VAL F 75 3.98 -42.98 -34.53
CA VAL F 75 3.55 -42.45 -33.24
C VAL F 75 4.10 -41.08 -32.87
N MET F 76 5.41 -41.00 -32.69
CA MET F 76 6.01 -39.72 -32.32
C MET F 76 5.74 -38.60 -33.29
N GLU F 77 5.54 -38.93 -34.56
CA GLU F 77 5.30 -37.91 -35.58
C GLU F 77 3.92 -37.29 -35.45
N ASN F 78 2.92 -38.16 -35.33
CA ASN F 78 1.54 -37.72 -35.20
C ASN F 78 1.37 -36.95 -33.90
N TYR F 79 1.91 -37.52 -32.82
CA TYR F 79 1.83 -36.88 -31.53
C TYR F 79 2.35 -35.45 -31.62
N LYS F 80 3.43 -35.24 -32.37
CA LYS F 80 3.99 -33.90 -32.53
C LYS F 80 3.01 -32.99 -33.25
N THR F 81 2.28 -33.53 -34.22
CA THR F 81 1.31 -32.74 -34.95
C THR F 81 0.17 -32.34 -34.02
N ARG F 82 -0.31 -33.32 -33.27
CA ARG F 82 -1.41 -33.12 -32.33
C ARG F 82 -1.08 -32.05 -31.29
N LEU F 83 0.09 -32.19 -30.66
CA LEU F 83 0.56 -31.28 -29.63
C LEU F 83 0.81 -29.87 -30.18
N ASN F 84 1.38 -29.80 -31.38
CA ASN F 84 1.63 -28.51 -32.00
C ASN F 84 0.28 -27.84 -32.23
N GLY F 85 -0.75 -28.67 -32.33
CA GLY F 85 -2.08 -28.15 -32.55
C GLY F 85 -2.60 -27.38 -31.35
N ILE F 86 -2.56 -28.02 -30.19
CA ILE F 86 -3.04 -27.40 -28.95
C ILE F 86 -2.09 -26.37 -28.36
N LEU F 87 -0.82 -26.43 -28.72
CA LEU F 87 0.17 -25.49 -28.22
C LEU F 87 0.23 -24.19 -29.02
N THR F 88 -0.07 -24.27 -30.31
CA THR F 88 -0.02 -23.10 -31.18
C THR F 88 -0.86 -21.90 -30.74
N PRO F 89 -2.15 -22.11 -30.43
CA PRO F 89 -2.98 -20.98 -30.00
C PRO F 89 -2.41 -20.29 -28.76
N ILE F 90 -1.81 -21.08 -27.87
CA ILE F 90 -1.21 -20.54 -26.66
C ILE F 90 -0.03 -19.64 -27.00
N LYS F 91 0.89 -20.15 -27.82
CA LYS F 91 2.05 -19.35 -28.22
C LYS F 91 1.57 -18.08 -28.90
N GLY F 92 0.54 -18.22 -29.73
CA GLY F 92 0.02 -17.07 -30.42
C GLY F 92 -0.42 -16.01 -29.46
N ALA F 93 -1.36 -16.36 -28.58
CA ALA F 93 -1.90 -15.42 -27.60
C ALA F 93 -0.83 -14.70 -26.79
N LEU F 94 0.34 -15.32 -26.65
CA LEU F 94 1.45 -14.71 -25.90
C LEU F 94 2.18 -13.68 -26.74
N GLU F 95 2.27 -13.90 -28.05
CA GLU F 95 2.94 -12.95 -28.94
C GLU F 95 2.15 -11.68 -29.10
N ILE F 96 0.83 -11.80 -29.07
CA ILE F 96 -0.05 -10.65 -29.19
C ILE F 96 0.32 -9.61 -28.12
N TYR F 97 1.13 -10.01 -27.17
CA TYR F 97 1.56 -9.11 -26.11
C TYR F 97 3.04 -8.83 -26.21
N LYS F 98 3.81 -9.80 -26.67
CA LYS F 98 5.25 -9.60 -26.81
C LYS F 98 5.52 -8.58 -27.91
N ASN F 99 4.62 -8.50 -28.88
CA ASN F 99 4.78 -7.56 -29.98
C ASN F 99 4.24 -6.18 -29.67
N ASN F 100 3.91 -5.91 -28.42
CA ASN F 100 3.39 -4.59 -28.08
C ASN F 100 3.93 -4.06 -26.77
N THR F 101 5.10 -4.55 -26.40
CA THR F 101 5.76 -4.12 -25.17
C THR F 101 7.21 -3.82 -25.50
N HIS F 102 7.57 -2.54 -25.39
CA HIS F 102 8.93 -2.10 -25.68
C HIS F 102 9.61 -1.55 -24.43
N ASP F 103 10.90 -1.85 -24.28
CA ASP F 103 11.66 -1.39 -23.12
C ASP F 103 12.30 -0.06 -23.53
N LEU F 104 11.80 1.03 -22.95
CA LEU F 104 12.32 2.36 -23.25
C LEU F 104 12.08 3.27 -22.05
N VAL F 105 13.04 4.15 -21.78
CA VAL F 105 12.94 5.08 -20.67
C VAL F 105 12.87 4.35 -19.33
N GLY F 112 10.91 1.31 -17.12
CA GLY F 112 10.11 0.11 -17.25
C GLY F 112 9.68 -0.20 -18.68
N VAL F 113 8.49 -0.76 -18.83
CA VAL F 113 7.94 -1.12 -20.14
C VAL F 113 6.77 -0.24 -20.52
N ILE F 114 6.42 -0.24 -21.81
CA ILE F 114 5.29 0.55 -22.28
C ILE F 114 4.43 -0.30 -23.24
N MET F 115 3.14 -0.44 -22.91
CA MET F 115 2.22 -1.22 -23.73
C MET F 115 1.63 -0.38 -24.85
N ALA F 116 1.50 -1.00 -26.02
CA ALA F 116 0.92 -0.32 -27.18
C ALA F 116 -0.60 -0.35 -27.08
N GLY F 117 -1.16 0.69 -26.48
CA GLY F 117 -2.59 0.74 -26.30
C GLY F 117 -3.45 0.56 -27.52
N VAL F 118 -3.20 1.37 -28.54
CA VAL F 118 -3.99 1.30 -29.76
C VAL F 118 -3.84 -0.08 -30.37
N ALA F 119 -2.64 -0.62 -30.31
CA ALA F 119 -2.37 -1.95 -30.86
C ALA F 119 -3.16 -3.01 -30.11
N ILE F 120 -2.99 -3.06 -28.81
CA ILE F 120 -3.69 -4.03 -27.98
C ILE F 120 -5.21 -3.92 -28.16
N GLY F 121 -5.69 -2.70 -28.38
CA GLY F 121 -7.11 -2.50 -28.59
C GLY F 121 -7.98 -2.63 -27.36
N ILE F 122 -8.49 -3.83 -27.12
CA ILE F 122 -9.34 -4.07 -25.95
C ILE F 122 -8.66 -5.04 -25.01
N ALA F 123 -8.45 -4.61 -23.77
CA ALA F 123 -7.82 -5.44 -22.77
C ALA F 123 -8.45 -5.11 -21.42
N THR F 124 -8.42 -6.09 -20.52
CA THR F 124 -8.97 -5.90 -19.20
C THR F 124 -7.87 -5.42 -18.27
N ALA F 125 -8.25 -4.78 -17.17
CA ALA F 125 -7.29 -4.26 -16.21
C ALA F 125 -6.15 -5.25 -16.00
N ALA F 126 -6.51 -6.39 -15.43
CA ALA F 126 -5.56 -7.44 -15.10
C ALA F 126 -4.79 -8.05 -16.26
N GLN F 127 -5.45 -8.23 -17.41
CA GLN F 127 -4.78 -8.82 -18.56
C GLN F 127 -3.54 -8.03 -18.93
N ILE F 128 -3.63 -6.70 -18.92
CA ILE F 128 -2.48 -5.85 -19.25
C ILE F 128 -1.38 -6.04 -18.22
N THR F 129 -1.76 -5.99 -16.95
CA THR F 129 -0.78 -6.15 -15.88
C THR F 129 -0.04 -7.47 -16.01
N ALA F 130 -0.73 -8.47 -16.56
CA ALA F 130 -0.16 -9.78 -16.75
C ALA F 130 0.82 -9.74 -17.92
N GLY F 131 0.53 -8.89 -18.89
CA GLY F 131 1.40 -8.74 -20.04
C GLY F 131 2.68 -8.06 -19.61
N VAL F 132 2.55 -7.00 -18.81
CA VAL F 132 3.70 -6.27 -18.31
C VAL F 132 4.57 -7.29 -17.61
N ALA F 133 3.91 -8.18 -16.87
CA ALA F 133 4.61 -9.22 -16.13
C ALA F 133 5.30 -10.18 -17.09
N LEU F 134 4.66 -10.42 -18.23
CA LEU F 134 5.21 -11.34 -19.24
C LEU F 134 6.52 -10.81 -19.80
N TYR F 135 6.53 -9.52 -20.11
CA TYR F 135 7.72 -8.90 -20.67
C TYR F 135 8.91 -9.19 -19.77
N GLU F 136 8.62 -9.22 -18.47
CA GLU F 136 9.62 -9.47 -17.45
C GLU F 136 10.23 -10.87 -17.58
N ALA F 137 9.38 -11.90 -17.65
CA ALA F 137 9.92 -13.23 -17.73
C ALA F 137 10.74 -13.31 -19.01
N MET F 138 10.30 -12.57 -20.03
CA MET F 138 10.99 -12.56 -21.31
C MET F 138 12.50 -12.52 -21.14
N LYS F 139 12.96 -11.60 -20.30
CA LYS F 139 14.38 -11.46 -20.02
C LYS F 139 14.97 -12.82 -19.64
N ASN F 140 14.57 -13.35 -18.48
CA ASN F 140 15.07 -14.64 -18.04
C ASN F 140 14.61 -15.80 -18.93
N ALA F 141 13.67 -15.54 -19.83
CA ALA F 141 13.15 -16.58 -20.72
C ALA F 141 14.16 -16.97 -21.78
N ASP F 142 14.64 -15.97 -22.51
CA ASP F 142 15.62 -16.18 -23.56
C ASP F 142 16.89 -16.75 -22.98
N ASN F 143 17.19 -16.36 -21.75
CA ASN F 143 18.37 -16.84 -21.05
C ASN F 143 18.28 -18.36 -20.91
N ILE F 144 17.06 -18.85 -20.66
CA ILE F 144 16.80 -20.28 -20.50
C ILE F 144 16.84 -20.97 -21.86
N ASN F 145 16.13 -20.38 -22.83
CA ASN F 145 16.09 -20.93 -24.17
C ASN F 145 17.47 -21.24 -24.75
N LYS F 146 18.50 -20.55 -24.25
CA LYS F 146 19.84 -20.79 -24.74
C LYS F 146 20.21 -22.27 -24.65
N LEU F 147 19.72 -22.96 -23.62
CA LEU F 147 20.01 -24.36 -23.46
C LEU F 147 18.99 -25.23 -24.19
N LYS F 148 18.37 -24.68 -25.23
CA LYS F 148 17.35 -25.41 -25.98
C LYS F 148 17.73 -26.85 -26.27
N SER F 149 18.91 -27.04 -26.86
CA SER F 149 19.39 -28.38 -27.19
C SER F 149 19.53 -29.21 -25.92
N SER F 150 20.03 -28.58 -24.85
CA SER F 150 20.23 -29.26 -23.58
C SER F 150 18.91 -29.73 -22.97
N ILE F 151 17.82 -29.03 -23.28
CA ILE F 151 16.50 -29.38 -22.77
C ILE F 151 16.00 -30.65 -23.46
N GLU F 152 16.14 -30.70 -24.78
CA GLU F 152 15.69 -31.87 -25.53
C GLU F 152 16.46 -33.08 -25.05
N SER F 153 17.72 -32.85 -24.67
CA SER F 153 18.59 -33.92 -24.19
C SER F 153 18.10 -34.64 -22.94
N THR F 154 17.33 -33.93 -22.12
CA THR F 154 16.78 -34.50 -20.89
C THR F 154 16.27 -35.89 -21.22
N ASN F 155 16.48 -36.82 -20.31
CA ASN F 155 16.01 -38.18 -20.51
C ASN F 155 15.52 -38.73 -19.17
N GLU F 156 15.40 -37.85 -18.20
CA GLU F 156 14.93 -38.22 -16.87
C GLU F 156 13.75 -37.37 -16.41
N ALA F 157 12.93 -37.93 -15.51
CA ALA F 157 11.77 -37.22 -14.97
C ALA F 157 12.04 -35.78 -14.59
N VAL F 158 12.97 -35.60 -13.67
CA VAL F 158 13.34 -34.28 -13.18
C VAL F 158 14.81 -34.17 -13.49
N VAL F 159 15.21 -33.12 -14.19
CA VAL F 159 16.60 -32.90 -14.54
C VAL F 159 17.03 -31.48 -14.23
N LYS F 160 18.25 -31.31 -13.74
CA LYS F 160 18.75 -29.97 -13.43
C LYS F 160 19.66 -29.58 -14.57
N LEU F 161 19.15 -28.78 -15.48
CA LEU F 161 19.95 -28.37 -16.60
C LEU F 161 20.64 -27.18 -15.97
N GLN F 162 21.89 -27.40 -15.53
CA GLN F 162 22.70 -26.37 -14.90
C GLN F 162 23.78 -26.18 -15.96
N GLU F 163 24.97 -25.76 -15.54
CA GLU F 163 26.09 -25.53 -16.45
C GLU F 163 25.80 -24.16 -17.09
N THR F 164 24.68 -23.56 -16.65
CA THR F 164 24.21 -22.26 -17.09
C THR F 164 25.02 -21.15 -16.42
N ALA F 165 26.26 -21.50 -16.04
CA ALA F 165 27.19 -20.58 -15.36
C ALA F 165 26.67 -20.21 -13.96
N GLU F 166 25.80 -19.20 -13.93
CA GLU F 166 25.18 -18.69 -12.70
C GLU F 166 24.82 -19.83 -11.74
N LYS F 167 23.62 -20.35 -11.91
CA LYS F 167 23.13 -21.45 -11.08
C LYS F 167 22.60 -22.71 -11.80
N THR F 168 21.33 -22.67 -12.20
CA THR F 168 20.69 -23.82 -12.83
C THR F 168 19.42 -23.39 -13.58
N VAL F 169 18.60 -24.39 -13.96
CA VAL F 169 17.32 -24.25 -14.65
C VAL F 169 16.67 -25.62 -14.55
N TYR F 170 15.47 -25.77 -13.98
CA TYR F 170 14.94 -27.13 -13.93
C TYR F 170 14.05 -27.50 -15.12
N VAL F 171 14.08 -28.78 -15.50
CA VAL F 171 13.28 -29.29 -16.62
C VAL F 171 12.55 -30.61 -16.37
N LEU F 172 11.23 -30.49 -16.18
CA LEU F 172 10.34 -31.64 -15.94
C LEU F 172 9.87 -32.19 -17.29
N THR F 173 9.98 -33.49 -17.49
CA THR F 173 9.56 -34.08 -18.75
C THR F 173 8.39 -35.04 -18.58
N ALA F 174 7.36 -34.81 -19.38
CA ALA F 174 6.15 -35.60 -19.34
C ALA F 174 6.33 -37.03 -19.81
N LEU F 175 5.56 -37.93 -19.20
CA LEU F 175 5.60 -39.33 -19.54
C LEU F 175 7.01 -39.91 -19.59
N GLN F 176 7.97 -39.23 -18.97
CA GLN F 176 9.33 -39.76 -19.01
C GLN F 176 9.45 -40.94 -18.07
N ASP F 177 8.90 -40.81 -16.87
CA ASP F 177 8.98 -41.89 -15.92
C ASP F 177 8.45 -43.20 -16.52
N TYR F 178 7.54 -43.08 -17.49
CA TYR F 178 6.97 -44.27 -18.14
C TYR F 178 7.99 -44.89 -19.08
N ILE F 179 8.42 -44.09 -20.05
CA ILE F 179 9.41 -44.51 -21.04
C ILE F 179 10.59 -45.23 -20.38
N ASN F 180 11.04 -44.72 -19.23
CA ASN F 180 12.17 -45.30 -18.54
C ASN F 180 11.88 -46.50 -17.67
N THR F 181 10.91 -46.40 -16.78
CA THR F 181 10.58 -47.49 -15.86
C THR F 181 9.87 -48.62 -16.60
N ASN F 182 8.90 -48.30 -17.43
CA ASN F 182 8.19 -49.38 -18.11
C ASN F 182 8.30 -49.83 -19.57
N LEU F 183 8.63 -48.91 -20.46
CA LEU F 183 8.75 -49.25 -21.86
C LEU F 183 10.13 -49.82 -22.18
N VAL F 184 11.18 -49.16 -21.70
CA VAL F 184 12.55 -49.60 -21.92
C VAL F 184 12.83 -50.97 -21.29
N PRO F 185 12.53 -51.13 -19.98
CA PRO F 185 12.74 -52.39 -19.24
C PRO F 185 12.01 -53.62 -19.80
N THR F 186 11.21 -53.41 -20.82
CA THR F 186 10.49 -54.52 -21.45
C THR F 186 10.50 -54.26 -22.95
N ILE F 187 11.64 -53.78 -23.45
CA ILE F 187 11.79 -53.48 -24.87
C ILE F 187 11.74 -54.77 -25.69
N ASP F 188 12.21 -55.87 -25.08
CA ASP F 188 12.20 -57.15 -25.75
C ASP F 188 11.27 -58.12 -25.07
N LYS F 189 10.99 -57.86 -23.80
CA LYS F 189 10.09 -58.72 -23.03
C LYS F 189 8.74 -58.87 -23.75
N ILE F 190 8.37 -57.88 -24.55
CA ILE F 190 7.11 -57.92 -25.31
C ILE F 190 7.35 -58.02 -26.80
N SER F 191 7.44 -56.90 -27.49
CA SER F 191 7.70 -56.90 -28.92
C SER F 191 8.14 -55.51 -29.29
N CYS F 192 7.97 -55.15 -30.56
CA CYS F 192 8.35 -53.83 -31.02
C CYS F 192 7.09 -53.17 -31.56
N LYS F 193 6.10 -54.00 -31.85
CA LYS F 193 4.83 -53.49 -32.34
C LYS F 193 4.01 -53.13 -31.10
N GLN F 194 4.29 -53.80 -29.99
CA GLN F 194 3.60 -53.56 -28.72
C GLN F 194 4.28 -52.43 -27.96
N THR F 195 5.60 -52.41 -27.98
CA THR F 195 6.31 -51.33 -27.32
C THR F 195 5.87 -50.04 -27.99
N GLU F 196 5.39 -50.16 -29.21
CA GLU F 196 4.92 -49.01 -29.95
C GLU F 196 3.48 -48.68 -29.58
N LEU F 197 2.63 -49.70 -29.53
CA LEU F 197 1.22 -49.49 -29.18
C LEU F 197 1.08 -48.86 -27.81
N SER F 198 1.78 -49.40 -26.82
CA SER F 198 1.72 -48.89 -25.45
C SER F 198 2.21 -47.45 -25.32
N LEU F 199 3.15 -47.04 -26.16
CA LEU F 199 3.65 -45.68 -26.12
C LEU F 199 2.62 -44.74 -26.75
N ASP F 200 1.86 -45.25 -27.71
CA ASP F 200 0.85 -44.40 -28.33
C ASP F 200 -0.25 -44.12 -27.31
N LEU F 201 -0.65 -45.14 -26.58
CA LEU F 201 -1.69 -44.96 -25.57
C LEU F 201 -1.26 -43.96 -24.51
N ALA F 202 -0.11 -44.18 -23.88
CA ALA F 202 0.35 -43.27 -22.84
C ALA F 202 0.37 -41.82 -23.33
N LEU F 203 0.64 -41.61 -24.61
CA LEU F 203 0.67 -40.27 -25.16
C LEU F 203 -0.74 -39.73 -25.36
N SER F 204 -1.61 -40.57 -25.91
CA SER F 204 -3.01 -40.18 -26.16
C SER F 204 -3.72 -39.88 -24.83
N LYS F 205 -3.44 -40.69 -23.80
CA LYS F 205 -4.06 -40.47 -22.50
C LYS F 205 -3.57 -39.16 -21.92
N TYR F 206 -2.27 -38.93 -21.99
CA TYR F 206 -1.69 -37.69 -21.47
C TYR F 206 -2.37 -36.49 -22.13
N LEU F 207 -2.59 -36.58 -23.43
CA LEU F 207 -3.25 -35.51 -24.15
C LEU F 207 -4.69 -35.37 -23.68
N SER F 208 -5.34 -36.49 -23.41
CA SER F 208 -6.72 -36.49 -22.95
C SER F 208 -6.90 -35.69 -21.65
N ASP F 209 -5.92 -35.78 -20.75
CA ASP F 209 -5.98 -35.07 -19.47
C ASP F 209 -5.44 -33.65 -19.62
N LEU F 210 -4.44 -33.51 -20.48
CA LEU F 210 -3.80 -32.23 -20.76
C LEU F 210 -4.74 -31.26 -21.46
N LEU F 211 -5.58 -31.81 -22.31
CA LEU F 211 -6.52 -31.03 -23.10
C LEU F 211 -7.54 -30.31 -22.23
N PHE F 212 -7.78 -30.85 -21.04
CA PHE F 212 -8.75 -30.24 -20.16
C PHE F 212 -8.35 -28.86 -19.68
N VAL F 213 -7.06 -28.66 -19.49
CA VAL F 213 -6.53 -27.38 -19.02
C VAL F 213 -5.96 -26.52 -20.14
N PHE F 214 -5.31 -27.15 -21.12
CA PHE F 214 -4.71 -26.40 -22.23
C PHE F 214 -5.51 -26.39 -23.54
N GLY F 215 -6.72 -26.97 -23.53
CA GLY F 215 -7.53 -27.00 -24.74
C GLY F 215 -8.11 -25.65 -25.10
N PRO F 216 -9.20 -25.61 -25.86
CA PRO F 216 -9.81 -24.35 -26.26
C PRO F 216 -10.15 -23.59 -24.99
N ASN F 217 -10.04 -24.30 -23.89
CA ASN F 217 -10.33 -23.77 -22.59
C ASN F 217 -9.40 -22.66 -22.12
N LEU F 218 -8.13 -22.76 -22.48
CA LEU F 218 -7.17 -21.73 -22.09
C LEU F 218 -7.18 -20.57 -23.09
N GLN F 219 -8.29 -19.83 -23.11
CA GLN F 219 -8.44 -18.69 -24.03
C GLN F 219 -7.44 -17.55 -23.81
N ASP F 220 -7.21 -17.18 -22.55
CA ASP F 220 -6.28 -16.09 -22.24
C ASP F 220 -5.07 -16.59 -21.45
N PRO F 221 -3.95 -16.83 -22.14
CA PRO F 221 -2.71 -17.33 -21.54
C PRO F 221 -1.86 -16.17 -21.04
N VAL F 222 -2.31 -14.97 -21.37
CA VAL F 222 -1.60 -13.79 -20.95
C VAL F 222 -1.75 -13.63 -19.44
N SER F 223 -2.97 -13.71 -18.92
CA SER F 223 -3.19 -13.59 -17.48
C SER F 223 -2.35 -14.56 -16.63
N ASN F 224 -2.16 -14.27 -15.36
CA ASN F 224 -1.37 -15.16 -14.52
C ASN F 224 -2.13 -15.57 -13.27
N SER F 225 -3.42 -15.76 -13.43
CA SER F 225 -4.29 -16.15 -12.33
C SER F 225 -4.59 -17.64 -12.37
N MET F 226 -3.76 -18.39 -13.09
CA MET F 226 -3.98 -19.82 -13.20
C MET F 226 -3.35 -20.61 -12.06
N THR F 227 -4.13 -21.44 -11.40
CA THR F 227 -3.62 -22.23 -10.30
C THR F 227 -2.43 -23.06 -10.74
N ILE F 228 -1.49 -23.33 -9.82
CA ILE F 228 -0.29 -24.12 -10.16
C ILE F 228 -0.67 -25.57 -10.37
N GLN F 229 -1.70 -26.00 -9.67
CA GLN F 229 -2.17 -27.37 -9.80
C GLN F 229 -2.74 -27.58 -11.20
N ALA F 230 -3.31 -26.51 -11.75
CA ALA F 230 -3.87 -26.61 -13.08
C ALA F 230 -2.73 -26.80 -14.08
N ILE F 231 -1.73 -25.93 -13.98
CA ILE F 231 -0.59 -25.99 -14.88
C ILE F 231 0.11 -27.32 -14.77
N SER F 232 0.22 -27.85 -13.56
CA SER F 232 0.91 -29.12 -13.36
C SER F 232 0.27 -30.29 -14.13
N GLN F 233 -0.85 -30.05 -14.82
CA GLN F 233 -1.47 -31.11 -15.59
C GLN F 233 -0.54 -31.49 -16.73
N ALA F 234 0.30 -30.54 -17.13
CA ALA F 234 1.27 -30.76 -18.18
C ALA F 234 2.31 -31.74 -17.69
N PHE F 235 2.39 -31.89 -16.37
CA PHE F 235 3.34 -32.82 -15.78
C PHE F 235 2.62 -33.92 -15.00
N GLY F 236 1.44 -34.31 -15.49
CA GLY F 236 0.70 -35.38 -14.86
C GLY F 236 0.08 -35.01 -13.53
N GLY F 237 -0.12 -33.72 -13.32
CA GLY F 237 -0.73 -33.26 -12.08
C GLY F 237 0.11 -33.48 -10.84
N ASN F 238 1.39 -33.76 -11.04
CA ASN F 238 2.26 -33.99 -9.90
C ASN F 238 2.79 -32.64 -9.45
N TYR F 239 1.86 -31.76 -9.05
CA TYR F 239 2.27 -30.45 -8.61
C TYR F 239 3.14 -30.50 -7.36
N GLU F 240 3.17 -31.63 -6.66
CA GLU F 240 4.01 -31.73 -5.46
C GLU F 240 5.48 -31.68 -5.91
N THR F 241 5.84 -32.57 -6.82
CA THR F 241 7.21 -32.61 -7.33
C THR F 241 7.56 -31.27 -7.95
N LEU F 242 6.65 -30.70 -8.73
CA LEU F 242 6.92 -29.42 -9.38
C LEU F 242 7.28 -28.28 -8.43
N LEU F 243 6.68 -28.24 -7.25
CA LEU F 243 6.99 -27.14 -6.34
C LEU F 243 8.24 -27.48 -5.55
N ARG F 244 8.25 -28.65 -4.94
CA ARG F 244 9.39 -29.09 -4.15
C ARG F 244 10.71 -29.07 -4.90
N THR F 245 10.65 -29.25 -6.22
CA THR F 245 11.85 -29.23 -7.06
C THR F 245 12.41 -27.83 -6.98
N LEU F 246 11.55 -26.85 -7.27
CA LEU F 246 11.93 -25.45 -7.22
C LEU F 246 12.46 -25.02 -5.86
N GLY F 247 12.48 -25.95 -4.91
CA GLY F 247 12.98 -25.65 -3.59
C GLY F 247 12.06 -24.85 -2.69
N TYR F 248 10.75 -24.98 -2.88
CA TYR F 248 9.82 -24.24 -2.02
C TYR F 248 9.62 -25.02 -0.74
N ALA F 249 9.41 -24.30 0.36
CA ALA F 249 9.21 -24.93 1.66
C ALA F 249 8.81 -23.85 2.65
N THR F 250 7.73 -24.10 3.38
CA THR F 250 7.20 -23.16 4.36
C THR F 250 6.09 -23.81 5.15
N GLU F 251 5.88 -23.37 6.38
CA GLU F 251 4.83 -23.96 7.21
C GLU F 251 3.44 -23.73 6.64
N ASP F 252 3.32 -22.99 5.55
CA ASP F 252 2.03 -22.71 4.94
C ASP F 252 1.94 -23.28 3.54
N PHE F 253 2.96 -24.05 3.19
CA PHE F 253 3.05 -24.69 1.88
C PHE F 253 1.74 -25.35 1.55
N ASP F 254 0.99 -25.73 2.58
CA ASP F 254 -0.25 -26.39 2.26
C ASP F 254 -1.42 -25.45 2.25
N ASP F 255 -1.45 -24.54 3.22
CA ASP F 255 -2.54 -23.59 3.31
C ASP F 255 -2.54 -22.70 2.07
N LEU F 256 -1.36 -22.54 1.46
CA LEU F 256 -1.23 -21.71 0.28
C LEU F 256 -1.69 -22.49 -0.93
N LEU F 257 -1.48 -23.79 -0.89
CA LEU F 257 -1.87 -24.64 -2.00
C LEU F 257 -3.37 -24.75 -2.09
N GLU F 258 -4.00 -25.14 -0.99
CA GLU F 258 -5.44 -25.31 -0.92
C GLU F 258 -6.24 -24.04 -1.11
N SER F 259 -5.66 -22.91 -0.73
CA SER F 259 -6.35 -21.64 -0.88
C SER F 259 -6.16 -21.09 -2.29
N ASP F 260 -5.59 -21.91 -3.17
CA ASP F 260 -5.35 -21.50 -4.53
C ASP F 260 -4.66 -20.16 -4.59
N SER F 261 -3.42 -20.14 -4.14
CA SER F 261 -2.64 -18.90 -4.14
C SER F 261 -1.36 -19.13 -4.91
N ILE F 262 -0.93 -20.37 -4.99
CA ILE F 262 0.29 -20.69 -5.71
C ILE F 262 -0.10 -20.79 -7.18
N THR F 263 -0.04 -19.66 -7.88
CA THR F 263 -0.40 -19.61 -9.29
C THR F 263 0.81 -19.76 -10.19
N GLY F 264 0.54 -19.89 -11.49
CA GLY F 264 1.60 -20.02 -12.48
C GLY F 264 1.24 -19.28 -13.75
N GLN F 265 2.24 -18.99 -14.58
CA GLN F 265 1.97 -18.28 -15.82
C GLN F 265 2.87 -18.76 -16.94
N ILE F 266 2.27 -18.97 -18.13
CA ILE F 266 3.03 -19.41 -19.29
C ILE F 266 3.87 -18.23 -19.78
N ILE F 267 5.18 -18.44 -19.86
CA ILE F 267 6.10 -17.40 -20.30
C ILE F 267 6.48 -17.58 -21.75
N TYR F 268 6.83 -18.81 -22.09
CA TYR F 268 7.25 -19.13 -23.46
C TYR F 268 6.78 -20.51 -23.94
N VAL F 269 6.56 -20.63 -25.25
CA VAL F 269 6.11 -21.87 -25.86
C VAL F 269 6.97 -22.18 -27.09
N ASP F 270 7.70 -23.30 -27.04
CA ASP F 270 8.58 -23.70 -28.15
C ASP F 270 7.88 -24.79 -28.97
N LEU F 271 7.40 -24.41 -30.15
CA LEU F 271 6.68 -25.33 -31.04
C LEU F 271 7.59 -26.32 -31.79
N SER F 272 8.89 -26.22 -31.56
CA SER F 272 9.85 -27.12 -32.20
C SER F 272 10.14 -28.27 -31.27
N SER F 273 10.70 -27.94 -30.13
CA SER F 273 11.08 -28.93 -29.12
C SER F 273 9.92 -29.36 -28.24
N TYR F 274 8.85 -28.58 -28.26
CA TYR F 274 7.65 -28.89 -27.48
C TYR F 274 7.84 -28.87 -25.97
N TYR F 275 8.11 -27.69 -25.44
CA TYR F 275 8.28 -27.50 -24.01
C TYR F 275 7.80 -26.08 -23.74
N ILE F 276 7.42 -25.80 -22.50
CA ILE F 276 6.97 -24.46 -22.13
C ILE F 276 7.69 -24.02 -20.88
N ILE F 277 7.80 -22.71 -20.69
CA ILE F 277 8.46 -22.17 -19.50
C ILE F 277 7.40 -21.49 -18.65
N VAL F 278 7.13 -22.04 -17.46
CA VAL F 278 6.13 -21.45 -16.58
C VAL F 278 6.82 -20.75 -15.43
N ARG F 279 6.25 -19.62 -15.03
CA ARG F 279 6.79 -18.85 -13.92
C ARG F 279 5.85 -19.03 -12.74
N VAL F 280 6.32 -19.77 -11.74
CA VAL F 280 5.52 -20.03 -10.56
C VAL F 280 5.58 -18.86 -9.59
N TYR F 281 4.42 -18.35 -9.18
CA TYR F 281 4.36 -17.26 -8.22
C TYR F 281 4.06 -17.83 -6.85
N PHE F 282 4.98 -17.66 -5.92
CA PHE F 282 4.79 -18.19 -4.59
C PHE F 282 4.63 -17.03 -3.60
N PRO F 283 3.47 -16.94 -2.93
CA PRO F 283 3.30 -15.84 -1.99
C PRO F 283 3.40 -16.30 -0.55
N ILE F 284 3.14 -15.38 0.35
CA ILE F 284 3.13 -15.65 1.77
C ILE F 284 1.72 -15.27 2.16
N LEU F 285 1.28 -15.78 3.31
CA LEU F 285 -0.06 -15.45 3.80
C LEU F 285 0.08 -14.38 4.88
N THR F 286 -0.59 -13.23 4.73
CA THR F 286 -0.52 -12.19 5.76
C THR F 286 -1.91 -12.00 6.29
N GLU F 287 -2.03 -11.79 7.60
CA GLU F 287 -3.35 -11.65 8.17
C GLU F 287 -3.75 -10.23 8.28
N ILE F 288 -4.99 -9.98 7.87
CA ILE F 288 -5.50 -8.64 7.92
C ILE F 288 -5.67 -8.24 9.36
N GLN F 289 -4.84 -7.29 9.79
CA GLN F 289 -4.89 -6.81 11.15
C GLN F 289 -6.23 -6.17 11.41
N GLN F 290 -6.77 -6.38 12.61
CA GLN F 290 -8.05 -5.79 12.96
C GLN F 290 -9.15 -6.38 12.12
N ALA F 291 -9.19 -7.70 11.98
CA ALA F 291 -10.27 -8.33 11.21
C ALA F 291 -10.39 -9.78 11.55
N TYR F 292 -11.62 -10.22 11.79
CA TYR F 292 -11.88 -11.60 12.10
C TYR F 292 -13.12 -12.09 11.38
N ILE F 293 -13.27 -13.40 11.28
CA ILE F 293 -14.45 -13.96 10.62
C ILE F 293 -15.17 -14.84 11.62
N GLN F 294 -16.25 -14.29 12.15
CA GLN F 294 -17.08 -14.99 13.14
C GLN F 294 -18.01 -15.95 12.45
N GLU F 295 -18.11 -17.16 12.97
CA GLU F 295 -19.01 -18.13 12.38
C GLU F 295 -20.18 -18.31 13.33
N LEU F 296 -21.36 -18.51 12.78
CA LEU F 296 -22.54 -18.74 13.61
C LEU F 296 -22.97 -20.17 13.33
N LEU F 297 -23.38 -20.89 14.37
CA LEU F 297 -23.84 -22.28 14.24
C LEU F 297 -25.34 -22.25 14.24
N PRO F 298 -25.98 -22.67 13.14
CA PRO F 298 -27.43 -22.65 13.08
C PRO F 298 -28.05 -23.73 13.95
N VAL F 299 -29.15 -23.37 14.61
CA VAL F 299 -29.90 -24.29 15.47
C VAL F 299 -31.38 -24.04 15.35
N SER F 300 -32.11 -25.06 14.96
CA SER F 300 -33.56 -24.98 14.78
C SER F 300 -34.21 -24.44 16.05
N PHE F 301 -35.01 -23.39 15.93
CA PHE F 301 -35.66 -22.85 17.10
C PHE F 301 -37.18 -22.88 16.94
N ASN F 302 -37.87 -23.09 18.06
CA ASN F 302 -39.32 -23.17 18.04
C ASN F 302 -40.01 -21.85 18.36
N ASN F 303 -41.01 -21.52 17.57
CA ASN F 303 -41.75 -20.30 17.83
C ASN F 303 -43.26 -20.32 17.91
N ASP F 304 -43.90 -20.72 16.82
CA ASP F 304 -45.35 -20.71 16.81
C ASP F 304 -45.61 -22.12 17.30
N ASP F 305 -45.51 -23.06 16.38
CA ASP F 305 -45.72 -24.46 16.70
C ASP F 305 -44.99 -25.27 15.69
N SER F 306 -44.13 -24.55 14.97
CA SER F 306 -43.31 -25.11 13.93
C SER F 306 -41.86 -24.79 14.27
N GLU F 307 -40.94 -25.57 13.71
CA GLU F 307 -39.53 -25.32 13.92
C GLU F 307 -39.15 -24.21 12.93
N TRP F 308 -38.09 -23.47 13.24
CA TRP F 308 -37.64 -22.38 12.36
C TRP F 308 -36.12 -22.27 12.31
N ILE F 309 -35.63 -21.59 11.28
CA ILE F 309 -34.20 -21.38 11.14
C ILE F 309 -34.03 -19.96 10.70
N SER F 310 -33.17 -19.23 11.41
CA SER F 310 -32.93 -17.85 11.05
C SER F 310 -32.14 -17.82 9.77
N ILE F 311 -32.52 -16.95 8.85
CA ILE F 311 -31.82 -16.81 7.58
C ILE F 311 -30.87 -15.62 7.68
N VAL F 312 -29.69 -15.90 8.23
CA VAL F 312 -28.67 -14.89 8.44
C VAL F 312 -27.32 -15.47 8.07
N PRO F 313 -26.40 -14.63 7.61
CA PRO F 313 -25.08 -15.13 7.24
C PRO F 313 -24.48 -16.06 8.30
N ASN F 314 -23.91 -17.18 7.85
CA ASN F 314 -23.28 -18.12 8.77
C ASN F 314 -21.86 -17.73 9.07
N PHE F 315 -21.31 -16.82 8.26
CA PHE F 315 -19.97 -16.33 8.45
C PHE F 315 -20.04 -14.83 8.30
N ILE F 316 -19.39 -14.12 9.20
CA ILE F 316 -19.41 -12.67 9.14
C ILE F 316 -18.01 -12.11 9.22
N LEU F 317 -17.72 -11.15 8.35
CA LEU F 317 -16.41 -10.54 8.32
C LEU F 317 -16.46 -9.21 9.05
N VAL F 318 -15.62 -9.04 10.06
CA VAL F 318 -15.60 -7.79 10.80
C VAL F 318 -14.21 -7.20 10.74
N ARG F 319 -14.12 -5.97 10.25
CA ARG F 319 -12.86 -5.24 10.16
C ARG F 319 -13.05 -3.93 10.90
N ASN F 320 -12.45 -3.85 12.08
CA ASN F 320 -12.55 -2.68 12.93
C ASN F 320 -13.95 -2.65 13.54
N THR F 321 -14.87 -2.04 12.82
CA THR F 321 -16.23 -1.96 13.30
C THR F 321 -17.15 -2.08 12.12
N LEU F 322 -16.61 -2.54 11.00
CA LEU F 322 -17.42 -2.71 9.81
C LEU F 322 -17.80 -4.16 9.62
N ILE F 323 -19.10 -4.40 9.63
CA ILE F 323 -19.62 -5.74 9.45
C ILE F 323 -20.01 -5.88 7.99
N SER F 324 -19.48 -6.92 7.35
CA SER F 324 -19.75 -7.16 5.94
C SER F 324 -19.81 -8.64 5.64
N ASN F 325 -20.48 -8.99 4.56
CA ASN F 325 -20.61 -10.37 4.14
C ASN F 325 -19.30 -10.78 3.51
N ILE F 326 -19.13 -12.07 3.29
CA ILE F 326 -17.90 -12.58 2.68
C ILE F 326 -18.23 -13.85 1.92
N GLU F 327 -17.73 -13.95 0.69
CA GLU F 327 -17.98 -15.14 -0.12
C GLU F 327 -16.98 -16.20 0.27
N ILE F 328 -17.06 -16.59 1.55
CA ILE F 328 -16.18 -17.58 2.13
C ILE F 328 -16.18 -18.88 1.34
N GLY F 329 -17.04 -18.96 0.33
CA GLY F 329 -17.07 -20.17 -0.47
C GLY F 329 -15.73 -20.37 -1.16
N PHE F 330 -15.23 -19.32 -1.78
CA PHE F 330 -13.97 -19.36 -2.50
C PHE F 330 -12.73 -19.35 -1.64
N CYS F 331 -12.89 -19.62 -0.34
CA CYS F 331 -11.72 -19.63 0.53
C CYS F 331 -11.53 -20.98 1.19
N LEU F 332 -10.41 -21.09 1.90
CA LEU F 332 -10.07 -22.32 2.61
C LEU F 332 -10.34 -22.05 4.06
N ILE F 333 -11.18 -22.87 4.69
CA ILE F 333 -11.46 -22.69 6.09
C ILE F 333 -10.75 -23.73 6.93
N THR F 334 -9.85 -23.27 7.79
CA THR F 334 -9.12 -24.16 8.68
C THR F 334 -9.69 -23.91 10.08
N LYS F 335 -9.20 -24.61 11.08
CA LYS F 335 -9.73 -24.39 12.40
C LYS F 335 -9.36 -23.04 12.99
N ARG F 336 -8.20 -22.50 12.65
CA ARG F 336 -7.79 -21.24 13.25
C ARG F 336 -8.03 -19.95 12.47
N SER F 337 -8.05 -20.02 11.15
CA SER F 337 -8.28 -18.84 10.32
C SER F 337 -8.82 -19.14 8.92
N VAL F 338 -9.31 -18.11 8.23
CA VAL F 338 -9.86 -18.21 6.88
C VAL F 338 -8.83 -17.67 5.91
N ILE F 339 -8.27 -18.55 5.09
CA ILE F 339 -7.25 -18.16 4.14
C ILE F 339 -7.80 -18.03 2.73
N CYS F 340 -7.71 -16.83 2.16
CA CYS F 340 -8.22 -16.61 0.81
C CYS F 340 -7.16 -16.11 -0.14
N ASN F 341 -7.32 -16.46 -1.41
CA ASN F 341 -6.39 -16.04 -2.46
C ASN F 341 -6.59 -14.60 -2.89
N GLN F 342 -7.50 -13.89 -2.20
CA GLN F 342 -7.78 -12.48 -2.48
C GLN F 342 -8.93 -12.03 -1.60
N ASP F 343 -9.05 -10.72 -1.38
CA ASP F 343 -10.13 -10.22 -0.53
C ASP F 343 -11.44 -10.65 -1.15
N TYR F 344 -12.33 -11.23 -0.34
CA TYR F 344 -13.61 -11.69 -0.86
C TYR F 344 -14.76 -11.07 -0.13
N ALA F 345 -14.54 -9.91 0.47
CA ALA F 345 -15.60 -9.25 1.19
C ALA F 345 -16.63 -8.70 0.23
N THR F 346 -17.88 -8.66 0.67
CA THR F 346 -18.95 -8.13 -0.15
C THR F 346 -19.87 -7.33 0.77
N PRO F 347 -20.64 -6.41 0.22
CA PRO F 347 -21.56 -5.56 0.96
C PRO F 347 -22.66 -6.34 1.68
N MET F 348 -23.33 -5.66 2.59
CA MET F 348 -24.41 -6.27 3.36
C MET F 348 -25.59 -5.30 3.50
N THR F 349 -26.80 -5.83 3.44
CA THR F 349 -28.00 -5.02 3.57
C THR F 349 -27.85 -4.22 4.83
N ASN F 350 -28.62 -3.15 4.96
CA ASN F 350 -28.50 -2.40 6.17
C ASN F 350 -29.26 -3.12 7.27
N ASN F 351 -30.46 -3.59 6.95
CA ASN F 351 -31.28 -4.32 7.91
C ASN F 351 -30.54 -5.54 8.44
N MET F 352 -29.88 -6.26 7.55
CA MET F 352 -29.18 -7.45 7.97
C MET F 352 -28.09 -7.10 8.97
N ARG F 353 -27.50 -5.93 8.84
CA ARG F 353 -26.45 -5.51 9.77
C ARG F 353 -27.06 -5.19 11.12
N GLU F 354 -28.24 -4.59 11.10
CA GLU F 354 -28.94 -4.25 12.34
C GLU F 354 -29.35 -5.51 13.05
N CYS F 355 -29.92 -6.43 12.27
CA CYS F 355 -30.35 -7.70 12.82
C CYS F 355 -29.18 -8.31 13.63
N LEU F 356 -28.02 -8.43 13.00
CA LEU F 356 -26.84 -9.00 13.63
C LEU F 356 -26.39 -8.29 14.89
N THR F 357 -26.90 -7.08 15.14
CA THR F 357 -26.47 -6.33 16.32
C THR F 357 -27.49 -6.21 17.44
N GLY F 358 -28.75 -6.47 17.12
CA GLY F 358 -29.77 -6.37 18.14
C GLY F 358 -31.21 -6.32 17.66
N SER F 359 -31.40 -5.87 16.42
CA SER F 359 -32.74 -5.75 15.84
C SER F 359 -33.20 -7.12 15.35
N THR F 360 -33.47 -8.04 16.27
CA THR F 360 -33.89 -9.39 15.89
C THR F 360 -35.19 -9.49 15.11
N GLU F 361 -36.03 -8.47 15.15
CA GLU F 361 -37.29 -8.52 14.40
C GLU F 361 -37.01 -8.30 12.92
N LYS F 362 -35.76 -7.96 12.61
CA LYS F 362 -35.32 -7.72 11.23
C LYS F 362 -34.54 -8.92 10.71
N CYS F 363 -34.61 -10.01 11.45
CA CYS F 363 -33.92 -11.23 11.11
C CYS F 363 -34.89 -12.22 10.51
N PRO F 364 -34.81 -12.49 9.19
CA PRO F 364 -35.74 -13.45 8.60
C PRO F 364 -35.59 -14.83 9.21
N ARG F 365 -36.57 -15.69 8.96
CA ARG F 365 -36.56 -17.06 9.46
C ARG F 365 -37.40 -17.88 8.47
N GLU F 366 -36.98 -19.11 8.20
CA GLU F 366 -37.70 -19.94 7.26
C GLU F 366 -38.20 -21.16 7.97
N LEU F 367 -39.37 -21.63 7.56
CA LEU F 367 -39.96 -22.79 8.19
C LEU F 367 -39.09 -24.03 8.00
N VAL F 368 -39.02 -24.89 9.01
CA VAL F 368 -38.23 -26.11 8.93
C VAL F 368 -39.18 -27.26 8.71
N VAL F 369 -38.92 -28.07 7.69
CA VAL F 369 -39.79 -29.20 7.41
C VAL F 369 -39.01 -30.46 7.13
N SER F 370 -37.79 -30.51 7.62
CA SER F 370 -36.97 -31.68 7.40
C SER F 370 -36.56 -32.35 8.69
N SER F 371 -36.54 -33.68 8.67
CA SER F 371 -36.15 -34.47 9.84
C SER F 371 -34.78 -33.99 10.33
N HIS F 372 -33.81 -33.97 9.41
CA HIS F 372 -32.46 -33.52 9.74
C HIS F 372 -32.30 -32.01 9.68
N VAL F 373 -31.94 -31.38 10.80
CA VAL F 373 -31.73 -29.94 10.91
C VAL F 373 -31.25 -29.78 12.31
N PRO F 374 -30.13 -29.08 12.51
CA PRO F 374 -29.52 -28.82 13.83
C PRO F 374 -30.53 -28.44 14.92
N ARG F 375 -30.52 -29.18 16.03
CA ARG F 375 -31.44 -28.94 17.14
C ARG F 375 -30.79 -28.29 18.35
N PHE F 376 -29.47 -28.35 18.42
CA PHE F 376 -28.76 -27.75 19.54
C PHE F 376 -27.28 -27.53 19.20
N ALA F 377 -26.64 -26.64 19.94
CA ALA F 377 -25.23 -26.34 19.71
C ALA F 377 -24.55 -26.01 21.03
N LEU F 378 -23.25 -26.28 21.10
CA LEU F 378 -22.49 -26.02 22.31
C LEU F 378 -21.61 -24.79 22.09
N SER F 379 -21.91 -23.73 22.83
CA SER F 379 -21.15 -22.49 22.72
C SER F 379 -20.50 -22.12 24.04
N ASN F 380 -19.20 -22.37 24.14
CA ASN F 380 -18.46 -22.06 25.35
C ASN F 380 -19.08 -22.83 26.52
N GLY F 381 -18.91 -24.15 26.53
CA GLY F 381 -19.45 -24.98 27.61
C GLY F 381 -20.94 -24.95 27.84
N VAL F 382 -21.64 -23.96 27.30
CA VAL F 382 -23.09 -23.86 27.50
C VAL F 382 -23.86 -24.47 26.33
N LEU F 383 -25.05 -24.98 26.62
CA LEU F 383 -25.90 -25.60 25.60
C LEU F 383 -27.02 -24.66 25.18
N PHE F 384 -27.44 -24.78 23.93
CA PHE F 384 -28.54 -23.99 23.38
C PHE F 384 -29.33 -24.99 22.59
N ALA F 385 -30.51 -25.34 23.09
CA ALA F 385 -31.32 -26.34 22.42
C ALA F 385 -32.81 -26.09 22.31
N ASN F 386 -33.39 -26.80 21.34
CA ASN F 386 -34.81 -26.77 21.02
C ASN F 386 -35.37 -27.98 21.73
N CYS F 387 -35.46 -27.88 23.06
CA CYS F 387 -35.94 -28.96 23.89
C CYS F 387 -37.39 -29.31 23.61
N ILE F 388 -38.12 -28.34 23.07
CA ILE F 388 -39.53 -28.55 22.74
C ILE F 388 -39.60 -29.47 21.53
N SER F 389 -38.44 -29.93 21.07
CA SER F 389 -38.34 -30.81 19.91
C SER F 389 -37.48 -32.03 20.17
N VAL F 390 -36.38 -31.84 20.87
CA VAL F 390 -35.50 -32.96 21.19
C VAL F 390 -35.56 -33.28 22.68
N THR F 391 -35.57 -34.56 22.99
CA THR F 391 -35.65 -35.01 24.38
C THR F 391 -34.48 -34.53 25.24
N CYS F 392 -34.77 -33.58 26.14
CA CYS F 392 -33.78 -33.02 27.06
C CYS F 392 -33.91 -33.30 28.55
N GLN F 393 -33.10 -34.22 29.06
CA GLN F 393 -33.13 -34.53 30.49
C GLN F 393 -31.81 -34.43 31.24
N CYS F 394 -31.87 -34.12 32.52
CA CYS F 394 -30.64 -34.00 33.29
C CYS F 394 -30.12 -35.08 34.22
N GLN F 395 -29.05 -35.74 33.78
CA GLN F 395 -28.42 -36.82 34.50
C GLN F 395 -28.22 -36.53 35.98
N THR F 396 -27.86 -35.29 36.30
CA THR F 396 -27.65 -34.88 37.68
C THR F 396 -28.95 -34.80 38.51
N THR F 397 -29.82 -33.87 38.17
CA THR F 397 -31.07 -33.65 38.90
C THR F 397 -32.08 -34.76 38.58
N GLY F 398 -31.66 -35.77 37.83
CA GLY F 398 -32.53 -36.89 37.48
C GLY F 398 -33.86 -36.56 36.80
N ARG F 399 -34.27 -35.29 36.86
CA ARG F 399 -35.53 -34.84 36.25
C ARG F 399 -35.36 -34.63 34.74
N ALA F 400 -36.35 -34.01 34.12
CA ALA F 400 -36.26 -33.74 32.69
C ALA F 400 -36.35 -32.23 32.50
N ILE F 401 -35.65 -31.69 31.50
CA ILE F 401 -35.66 -30.25 31.20
C ILE F 401 -36.76 -29.97 30.19
N SER F 402 -37.66 -29.05 30.52
CA SER F 402 -38.78 -28.77 29.63
C SER F 402 -38.81 -27.36 29.03
N GLN F 403 -39.45 -27.24 27.87
CA GLN F 403 -39.55 -25.97 27.14
C GLN F 403 -41.00 -25.59 26.85
N SER F 404 -41.35 -24.33 27.11
CA SER F 404 -42.71 -23.86 26.86
C SER F 404 -42.84 -23.38 25.42
N GLY F 405 -44.00 -22.84 25.08
CA GLY F 405 -44.24 -22.36 23.74
C GLY F 405 -43.66 -20.99 23.49
N GLU F 406 -43.52 -20.20 24.55
CA GLU F 406 -42.86 -18.91 24.42
C GLU F 406 -41.39 -19.09 24.11
N GLN F 407 -40.81 -20.08 24.75
CA GLN F 407 -39.39 -20.37 24.65
C GLN F 407 -38.97 -20.89 23.28
N THR F 408 -38.20 -20.09 22.57
CA THR F 408 -37.69 -20.45 21.25
C THR F 408 -36.61 -21.54 21.44
N LEU F 409 -35.67 -21.28 22.32
CA LEU F 409 -34.60 -22.24 22.61
C LEU F 409 -34.50 -22.37 24.11
N LEU F 410 -33.48 -23.07 24.56
CA LEU F 410 -33.21 -23.22 25.98
C LEU F 410 -31.73 -23.00 26.16
N MET F 411 -31.35 -22.55 27.35
CA MET F 411 -29.95 -22.30 27.64
C MET F 411 -29.58 -23.18 28.82
N ILE F 412 -29.15 -24.38 28.53
CA ILE F 412 -28.79 -25.33 29.56
C ILE F 412 -27.34 -25.18 30.01
N ASP F 413 -27.12 -24.65 31.22
CA ASP F 413 -25.76 -24.49 31.76
C ASP F 413 -25.68 -24.97 33.22
N ASN F 414 -24.59 -24.63 33.94
CA ASN F 414 -24.43 -25.05 35.35
C ASN F 414 -25.63 -24.69 36.21
N THR F 415 -25.91 -23.40 36.28
CA THR F 415 -27.03 -22.85 37.05
C THR F 415 -28.23 -23.83 37.06
N THR F 416 -28.45 -24.54 35.95
CA THR F 416 -29.54 -25.51 35.83
C THR F 416 -29.19 -27.00 35.83
N CYS F 417 -28.25 -27.40 34.99
CA CYS F 417 -27.83 -28.79 34.96
C CYS F 417 -26.34 -28.77 34.75
N PRO F 418 -25.61 -29.44 35.65
CA PRO F 418 -24.14 -29.52 35.60
C PRO F 418 -23.81 -30.62 34.60
N THR F 419 -24.85 -31.38 34.28
CA THR F 419 -24.80 -32.49 33.33
C THR F 419 -26.13 -32.93 32.72
N ALA F 420 -26.39 -32.47 31.50
CA ALA F 420 -27.62 -32.80 30.78
C ALA F 420 -27.56 -33.99 29.81
N VAL F 421 -28.72 -34.40 29.29
CA VAL F 421 -28.78 -35.52 28.37
C VAL F 421 -29.83 -35.20 27.32
N LEU F 422 -29.36 -34.95 26.09
CA LEU F 422 -30.24 -34.66 24.98
C LEU F 422 -30.05 -35.91 24.14
N GLY F 423 -31.08 -36.76 24.09
CA GLY F 423 -30.95 -38.00 23.33
C GLY F 423 -29.90 -38.86 24.02
N ASN F 424 -29.24 -39.72 23.25
CA ASN F 424 -28.21 -40.59 23.82
C ASN F 424 -26.80 -39.97 23.89
N VAL F 425 -26.74 -38.65 24.08
CA VAL F 425 -25.47 -37.96 24.24
C VAL F 425 -25.59 -37.39 25.65
N ILE F 426 -24.47 -37.23 26.34
CA ILE F 426 -24.46 -36.76 27.71
C ILE F 426 -23.29 -35.82 27.87
N ILE F 427 -23.53 -34.52 28.00
CA ILE F 427 -22.39 -33.63 28.15
C ILE F 427 -22.50 -32.86 29.44
N SER F 428 -21.34 -32.56 30.02
CA SER F 428 -21.25 -31.80 31.27
C SER F 428 -21.11 -30.33 30.91
N LEU F 429 -22.03 -29.50 31.39
CA LEU F 429 -22.00 -28.10 31.05
C LEU F 429 -21.13 -27.22 31.93
N GLY F 430 -21.06 -25.95 31.55
CA GLY F 430 -20.30 -24.96 32.27
C GLY F 430 -21.24 -23.82 32.66
N LYS F 431 -20.68 -22.69 33.07
CA LYS F 431 -21.50 -21.56 33.50
C LYS F 431 -21.69 -20.49 32.41
N TYR F 432 -22.95 -20.22 32.07
CA TYR F 432 -23.25 -19.19 31.07
C TYR F 432 -22.77 -17.86 31.62
N LEU F 433 -22.24 -16.99 30.77
CA LEU F 433 -21.73 -15.71 31.23
C LEU F 433 -22.59 -14.50 30.89
N GLY F 434 -23.84 -14.73 30.47
CA GLY F 434 -24.70 -13.61 30.12
C GLY F 434 -25.84 -13.41 31.09
N SER F 435 -26.89 -12.71 30.65
CA SER F 435 -28.07 -12.45 31.49
C SER F 435 -28.45 -13.74 32.18
N VAL F 436 -28.59 -13.71 33.51
CA VAL F 436 -28.93 -14.94 34.23
C VAL F 436 -30.39 -15.36 34.06
N ASN F 437 -31.15 -14.59 33.29
CA ASN F 437 -32.55 -14.89 33.04
C ASN F 437 -32.82 -15.07 31.56
N TYR F 438 -31.79 -15.52 30.84
CA TYR F 438 -31.86 -15.76 29.40
C TYR F 438 -33.14 -16.54 29.05
N ASN F 439 -33.45 -17.56 29.85
CA ASN F 439 -34.62 -18.39 29.59
C ASN F 439 -35.98 -17.86 29.99
N SER F 440 -36.00 -16.67 30.57
CA SER F 440 -37.24 -16.03 30.99
C SER F 440 -37.24 -14.61 30.44
N GLU F 441 -36.28 -14.34 29.55
CA GLU F 441 -36.12 -13.04 28.91
C GLU F 441 -37.08 -12.83 27.74
N GLY F 442 -36.95 -13.65 26.69
CA GLY F 442 -37.83 -13.49 25.54
C GLY F 442 -37.16 -12.69 24.44
N ILE F 443 -37.75 -12.68 23.24
CA ILE F 443 -37.15 -11.96 22.12
C ILE F 443 -38.14 -11.75 20.99
N ALA F 444 -38.03 -10.60 20.31
CA ALA F 444 -38.92 -10.27 19.21
C ALA F 444 -38.52 -11.04 17.94
N ILE F 445 -39.40 -11.92 17.48
CA ILE F 445 -39.14 -12.72 16.29
C ILE F 445 -39.25 -11.92 15.00
N GLY F 446 -38.50 -12.34 13.99
CA GLY F 446 -38.55 -11.67 12.70
C GLY F 446 -39.62 -12.24 11.78
N PRO F 447 -39.76 -11.66 10.57
CA PRO F 447 -40.74 -12.11 9.58
C PRO F 447 -40.32 -13.39 8.90
N PRO F 448 -41.27 -14.25 8.54
CA PRO F 448 -40.94 -15.51 7.87
C PRO F 448 -40.76 -15.28 6.37
N VAL F 449 -39.96 -16.13 5.74
CA VAL F 449 -39.69 -16.07 4.31
C VAL F 449 -39.39 -17.43 3.74
N PHE F 450 -39.40 -17.50 2.42
CA PHE F 450 -39.11 -18.74 1.73
C PHE F 450 -37.97 -18.48 0.76
N THR F 451 -36.95 -19.32 0.81
CA THR F 451 -35.78 -19.12 -0.05
C THR F 451 -35.67 -20.02 -1.27
N ASP F 452 -36.63 -20.93 -1.45
CA ASP F 452 -36.56 -21.81 -2.62
C ASP F 452 -36.45 -20.91 -3.86
N LYS F 453 -35.44 -21.19 -4.70
CA LYS F 453 -35.18 -20.44 -5.93
C LYS F 453 -36.45 -20.23 -6.73
N VAL F 454 -37.27 -21.26 -6.78
CA VAL F 454 -38.53 -21.21 -7.51
C VAL F 454 -39.48 -20.26 -6.82
N ASP F 455 -39.48 -20.29 -5.49
CA ASP F 455 -40.36 -19.47 -4.69
C ASP F 455 -39.94 -18.01 -4.67
N ILE F 456 -38.66 -17.73 -4.83
CA ILE F 456 -38.24 -16.35 -4.85
C ILE F 456 -38.82 -15.66 -6.09
N SER F 457 -39.07 -16.44 -7.15
CA SER F 457 -39.66 -15.87 -8.37
C SER F 457 -41.14 -15.69 -8.10
N SER F 458 -41.73 -16.67 -7.42
CA SER F 458 -43.15 -16.64 -7.06
C SER F 458 -43.45 -15.46 -6.16
N GLN F 459 -42.60 -15.26 -5.14
CA GLN F 459 -42.79 -14.16 -4.21
C GLN F 459 -42.55 -12.80 -4.87
N ILE F 460 -41.59 -12.74 -5.79
CA ILE F 460 -41.34 -11.46 -6.45
C ILE F 460 -42.53 -11.14 -7.32
N SER F 461 -43.07 -12.16 -7.99
CA SER F 461 -44.24 -11.98 -8.84
C SER F 461 -45.47 -11.68 -7.99
N SER F 462 -45.66 -12.46 -6.94
CA SER F 462 -46.78 -12.27 -6.03
C SER F 462 -46.78 -10.86 -5.45
N MET F 463 -45.63 -10.39 -5.00
CA MET F 463 -45.53 -9.07 -4.42
C MET F 463 -45.83 -7.96 -5.38
N ASN F 464 -45.35 -8.08 -6.60
CA ASN F 464 -45.61 -7.05 -7.58
C ASN F 464 -47.09 -6.99 -7.94
N GLN F 465 -47.77 -8.13 -7.81
CA GLN F 465 -49.22 -8.19 -8.08
C GLN F 465 -49.88 -7.24 -7.09
N SER F 466 -49.71 -7.55 -5.82
CA SER F 466 -50.26 -6.77 -4.74
C SER F 466 -49.89 -5.31 -4.91
N LEU F 467 -48.63 -5.05 -5.26
CA LEU F 467 -48.16 -3.68 -5.44
C LEU F 467 -48.87 -2.94 -6.57
N GLN F 468 -49.16 -3.63 -7.68
CA GLN F 468 -49.85 -2.97 -8.79
C GLN F 468 -51.27 -2.63 -8.38
N GLN F 469 -51.88 -3.54 -7.63
CA GLN F 469 -53.26 -3.37 -7.16
C GLN F 469 -53.40 -2.21 -6.18
N SER F 470 -52.44 -2.08 -5.26
CA SER F 470 -52.48 -1.01 -4.28
C SER F 470 -52.11 0.33 -4.88
N LYS F 471 -51.48 0.30 -6.05
CA LYS F 471 -51.10 1.55 -6.72
C LYS F 471 -52.34 2.07 -7.45
N ASP F 472 -53.25 1.15 -7.76
CA ASP F 472 -54.52 1.48 -8.43
C ASP F 472 -55.59 1.99 -7.46
N TYR F 473 -55.50 1.55 -6.19
CA TYR F 473 -56.41 1.99 -5.14
C TYR F 473 -55.96 3.40 -4.76
N ILE F 474 -54.64 3.60 -4.73
CA ILE F 474 -54.06 4.90 -4.41
C ILE F 474 -54.30 5.85 -5.59
N LYS F 475 -54.30 5.31 -6.82
CA LYS F 475 -54.54 6.10 -8.03
C LYS F 475 -56.01 6.46 -8.22
N GLU F 476 -56.91 5.51 -7.97
CA GLU F 476 -58.37 5.72 -8.10
C GLU F 476 -58.93 6.57 -6.95
N ALA F 477 -58.37 6.41 -5.75
CA ALA F 477 -58.78 7.18 -4.58
C ALA F 477 -58.21 8.60 -4.63
N GLN F 478 -57.00 8.75 -5.18
CA GLN F 478 -56.36 10.06 -5.32
C GLN F 478 -57.09 10.92 -6.37
N ARG F 479 -57.56 10.29 -7.45
CA ARG F 479 -58.30 10.96 -8.52
C ARG F 479 -59.76 11.25 -8.16
N LEU F 480 -60.32 10.44 -7.25
CA LEU F 480 -61.70 10.60 -6.78
C LEU F 480 -61.74 11.61 -5.62
N LEU F 481 -60.69 11.63 -4.79
CA LEU F 481 -60.60 12.56 -3.66
C LEU F 481 -60.19 14.00 -3.98
N ASP F 482 -59.09 14.19 -4.70
CA ASP F 482 -58.62 15.52 -5.07
C ASP F 482 -58.00 15.63 -6.47
#